data_2IAN
#
_entry.id   2IAN
#
_cell.length_a   93.474
_cell.length_b   242.866
_cell.length_c   105.222
_cell.angle_alpha   90.00
_cell.angle_beta   111.32
_cell.angle_gamma   90.00
#
_symmetry.space_group_name_H-M   'P 1 21 1'
#
loop_
_entity.id
_entity.type
_entity.pdbx_description
1 polymer 'HLA class II histocompatibility antigen, DR alpha chain'
2 polymer 'HLA class II histocompatibility antigen, DRB1-1 beta chain'
3 polymer '15-mer peptide from Triosephosphate isomerase'
4 polymer 'CD4+ T cell receptor E8 alpha chain'
5 polymer 'CD4+ T cell receptor E8 beta chain'
6 water water
#
loop_
_entity_poly.entity_id
_entity_poly.type
_entity_poly.pdbx_seq_one_letter_code
_entity_poly.pdbx_strand_id
1 'polypeptide(L)'
;IKEEHVIIQAEFYLNPDQSGEFMFDFDGDEIFHVDMAKKETVWRLEEFGRFASFEAQGALANIAVDKANLEIMTKRSNYT
PITNVPPEVTVLTNSPVELREPNVLICFIDKFTPPVVNVTWLRNGKPVTTGVSETVFLPREDHLFRKFHYLPFLPSTEDV
YDCRVEHWGLDEPLLKHWEFDA
;
A,F,K,P
2 'polypeptide(L)'
;GDTRPRFLWQLKFECHFFNGTERVRLLERCIYNQEESVRFDSDVGEYRAVTELGRPDAEYWNSQKDLLEQRRAAVDTYCR
HNYGVGESFTVQRRVEPKVTVYPSKTQPLQHHNLLVCSVSGFYPGSIEVRWFRNGQEEKAGVVSTGLIQNGDWTFQTLVM
LETVPRSGEVYTCQVEHPSVTSPLTVEWRA
;
B,G,L,Q
3 'polypeptide(L)' GELIGTLNAAKVPAD C,H,M,R
4 'polypeptide(L)'
;IQVEQSPPDLILQEGANSTLRCNFSDSVNNLQWFHQNPWGQLINLFYIPSGTKQNGRLSATTVATERYSLLYISSSQTTD
SGVYFCAALIQGAQKLVFGQGTRLTINPNIQNPDPAVYQLRDSKSSDKSVCLFTDFDSQTNVSQSKDSDVYITDKCVLDM
RSMDFKSNSAVAWSNKSDFACANAFNNSIIPEDTFFPSPESS
;
D,I,N,S
5 'polypeptide(L)'
;NAGVTQTPKFRILKIGQSMTLQCTQDMNHNYMYWYRQDPGMGLKLIYYSVGAGITDKGEVPNGYNVSRSTTEDFPLRLEL
AAPSQTSVYFCASTYHGTGYFGEGSWLTVVEDLNKVFPPEVAVFEPSEAEISHTQKATLVCLATGFFPDHVELSWWVNGK
EVHSGVCTDPQPLKEQPALNDSRYALSSRLRVSATFWQNPRNHFRCQVQFYGLSENDEWTQDRAKPVTQIVSAEAWGRAD
;
E,J,O,T
#
# COMPACT_ATOMS: atom_id res chain seq x y z
N GLU A 4 20.53 1.68 6.13
CA GLU A 4 20.53 2.83 7.09
C GLU A 4 21.23 2.46 8.42
N HIS A 5 20.61 1.62 9.26
CA HIS A 5 21.30 1.18 10.49
C HIS A 5 21.43 -0.33 10.68
N VAL A 6 22.54 -0.72 11.30
CA VAL A 6 22.85 -2.12 11.63
C VAL A 6 23.22 -2.20 13.10
N ILE A 7 22.68 -3.19 13.80
CA ILE A 7 23.00 -3.46 15.22
C ILE A 7 23.46 -4.90 15.32
N ILE A 8 24.70 -5.12 15.74
CA ILE A 8 25.22 -6.46 15.89
C ILE A 8 25.48 -6.81 17.35
N GLN A 9 24.90 -7.91 17.79
CA GLN A 9 25.31 -8.57 19.00
C GLN A 9 26.44 -9.44 18.52
N ALA A 10 27.68 -9.07 18.90
CA ALA A 10 28.91 -9.76 18.45
C ALA A 10 29.62 -10.56 19.55
N GLU A 11 29.85 -11.83 19.25
CA GLU A 11 30.43 -12.72 20.26
C GLU A 11 31.52 -13.59 19.69
N PHE A 12 32.53 -13.85 20.53
CA PHE A 12 33.52 -14.87 20.21
C PHE A 12 33.98 -15.57 21.48
N TYR A 13 34.54 -16.76 21.25
CA TYR A 13 35.39 -17.42 22.22
C TYR A 13 36.73 -17.85 21.54
N LEU A 14 37.85 -17.68 22.26
CA LEU A 14 39.17 -18.03 21.75
C LEU A 14 39.83 -19.26 22.44
N ASN A 15 40.10 -20.33 21.67
CA ASN A 15 40.04 -21.68 22.22
C ASN A 15 40.89 -21.98 23.39
N PRO A 16 42.23 -21.66 23.29
CA PRO A 16 43.26 -21.88 24.33
C PRO A 16 43.40 -20.71 25.31
N ASP A 17 43.25 -19.49 24.80
CA ASP A 17 43.33 -18.30 25.63
C ASP A 17 42.22 -18.26 26.66
N GLN A 18 41.08 -18.84 26.31
CA GLN A 18 39.95 -18.98 27.21
C GLN A 18 39.41 -17.59 27.51
N SER A 19 39.54 -16.74 26.49
CA SER A 19 38.81 -15.49 26.38
C SER A 19 37.58 -15.64 25.52
N GLY A 20 36.48 -15.08 26.01
CA GLY A 20 35.27 -14.90 25.23
C GLY A 20 34.74 -13.51 25.53
N GLU A 21 34.21 -12.82 24.54
CA GLU A 21 33.71 -11.50 24.78
C GLU A 21 32.31 -11.43 24.18
N PHE A 22 31.55 -10.45 24.65
CA PHE A 22 30.19 -10.23 24.21
C PHE A 22 29.98 -8.75 24.18
N MET A 23 29.36 -8.27 23.11
CA MET A 23 29.14 -6.84 22.98
C MET A 23 28.10 -6.49 21.91
N PHE A 24 27.54 -5.29 22.03
CA PHE A 24 26.64 -4.78 21.01
C PHE A 24 27.35 -3.73 20.21
N ASP A 25 27.07 -3.69 18.91
CA ASP A 25 27.72 -2.79 17.99
C ASP A 25 26.62 -2.05 17.21
N PHE A 26 26.67 -0.72 17.22
CA PHE A 26 25.74 0.07 16.40
C PHE A 26 26.52 0.87 15.35
N ASP A 27 26.23 0.55 14.10
CA ASP A 27 26.95 1.10 12.98
C ASP A 27 28.48 1.15 13.18
N GLY A 28 28.97 0.32 14.09
CA GLY A 28 30.40 0.20 14.25
C GLY A 28 30.95 0.85 15.50
N ASP A 29 30.05 1.41 16.31
CA ASP A 29 30.41 1.87 17.65
C ASP A 29 29.85 0.93 18.73
N GLU A 30 30.68 0.47 19.66
CA GLU A 30 30.23 -0.30 20.83
C GLU A 30 29.13 0.49 21.59
N ILE A 31 28.00 -0.15 21.83
CA ILE A 31 27.03 0.37 22.79
C ILE A 31 27.49 -0.05 24.17
N PHE A 32 27.77 -1.35 24.33
CA PHE A 32 28.33 -1.88 25.58
C PHE A 32 28.94 -3.25 25.33
N HIS A 33 29.79 -3.67 26.25
CA HIS A 33 30.25 -5.05 26.29
C HIS A 33 29.94 -5.64 27.67
N VAL A 34 30.07 -6.96 27.79
CA VAL A 34 29.97 -7.57 29.12
C VAL A 34 31.36 -7.91 29.60
N ASP A 35 31.72 -7.44 30.79
CA ASP A 35 32.97 -7.85 31.40
C ASP A 35 32.78 -9.25 31.96
N MET A 36 33.51 -10.21 31.39
CA MET A 36 33.44 -11.61 31.84
C MET A 36 33.86 -11.82 33.29
N ALA A 37 34.88 -11.09 33.72
CA ALA A 37 35.45 -11.31 35.06
C ALA A 37 34.53 -10.81 36.17
N LYS A 38 33.81 -9.72 35.89
CA LYS A 38 32.95 -9.08 36.89
C LYS A 38 31.48 -9.31 36.59
N LYS A 39 31.22 -9.94 35.44
CA LYS A 39 29.87 -10.31 35.06
C LYS A 39 28.99 -9.07 35.20
N GLU A 40 29.51 -7.94 34.77
CA GLU A 40 28.73 -6.72 34.68
C GLU A 40 28.65 -6.20 33.22
N THR A 41 27.55 -5.54 32.91
CA THR A 41 27.41 -4.70 31.72
C THR A 41 28.27 -3.44 31.87
N VAL A 42 29.04 -3.13 30.83
CA VAL A 42 29.93 -1.98 30.83
C VAL A 42 29.61 -1.07 29.65
N TRP A 43 28.75 -0.07 29.90
CA TRP A 43 28.33 0.94 28.91
C TRP A 43 29.48 1.75 28.31
N ARG A 44 29.48 1.90 26.99
CA ARG A 44 30.60 2.51 26.27
C ARG A 44 30.67 3.98 26.53
N LEU A 45 29.51 4.62 26.58
CA LEU A 45 29.39 5.96 27.11
C LEU A 45 28.55 5.82 28.36
N GLU A 46 28.98 6.47 29.44
CA GLU A 46 28.29 6.37 30.74
C GLU A 46 26.79 6.63 30.63
N GLU A 47 26.42 7.67 29.87
CA GLU A 47 25.00 8.00 29.71
C GLU A 47 24.15 6.86 29.16
N PHE A 48 24.73 5.95 28.40
CA PHE A 48 23.93 4.89 27.81
C PHE A 48 23.15 4.13 28.90
N GLY A 49 23.76 4.01 30.08
CA GLY A 49 23.21 3.20 31.17
C GLY A 49 22.00 3.81 31.85
N ARG A 50 21.75 5.08 31.56
CA ARG A 50 20.59 5.76 32.06
C ARG A 50 19.40 5.59 31.13
N PHE A 51 19.65 5.34 29.85
CA PHE A 51 18.55 5.25 28.89
C PHE A 51 18.25 3.81 28.50
N ALA A 52 18.91 2.86 29.15
CA ALA A 52 18.84 1.47 28.78
C ALA A 52 19.45 0.61 29.86
N SER A 53 19.02 -0.65 29.95
CA SER A 53 19.66 -1.61 30.84
C SER A 53 19.93 -2.95 30.15
N PHE A 54 20.89 -3.68 30.70
CA PHE A 54 21.15 -5.04 30.23
C PHE A 54 21.26 -6.01 31.38
N GLU A 55 20.48 -7.07 31.29
CA GLU A 55 20.55 -8.18 32.21
C GLU A 55 21.36 -9.24 31.47
N ALA A 56 22.48 -9.61 32.08
CA ALA A 56 23.57 -10.27 31.35
C ALA A 56 23.60 -11.81 31.38
N GLN A 57 22.69 -12.43 32.12
CA GLN A 57 22.70 -13.88 32.21
C GLN A 57 22.75 -14.54 30.83
N GLY A 58 21.77 -14.25 29.98
CA GLY A 58 21.74 -14.78 28.63
C GLY A 58 23.09 -14.63 27.94
N ALA A 59 23.70 -13.46 28.06
CA ALA A 59 25.01 -13.26 27.46
C ALA A 59 26.03 -14.25 28.04
N LEU A 60 26.09 -14.38 29.36
CA LEU A 60 27.04 -15.29 30.00
C LEU A 60 26.85 -16.72 29.55
N ALA A 61 25.61 -17.14 29.38
CA ALA A 61 25.37 -18.50 28.92
C ALA A 61 25.68 -18.68 27.43
N ASN A 62 25.57 -17.65 26.60
CA ASN A 62 25.96 -17.84 25.22
C ASN A 62 27.46 -18.17 25.08
N ILE A 63 28.30 -17.43 25.79
CA ILE A 63 29.75 -17.65 25.81
C ILE A 63 30.11 -19.09 26.15
N ALA A 64 29.32 -19.69 27.03
CA ALA A 64 29.54 -21.06 27.47
C ALA A 64 29.13 -22.05 26.37
N VAL A 65 28.14 -21.67 25.55
CA VAL A 65 27.77 -22.39 24.34
C VAL A 65 28.81 -22.17 23.23
N ASP A 66 29.24 -20.92 23.10
CA ASP A 66 30.26 -20.57 22.11
C ASP A 66 31.51 -21.45 22.30
N LYS A 67 31.92 -21.62 23.56
CA LYS A 67 32.99 -22.49 23.92
C LYS A 67 32.66 -23.95 23.61
N ALA A 68 31.51 -24.43 24.03
CA ALA A 68 31.14 -25.79 23.65
C ALA A 68 31.25 -25.94 22.12
N ASN A 69 30.63 -25.02 21.37
CA ASN A 69 30.80 -25.03 19.91
C ASN A 69 32.25 -25.04 19.42
N LEU A 70 33.06 -24.12 19.93
CA LEU A 70 34.47 -24.08 19.56
C LEU A 70 35.05 -25.46 19.82
N GLU A 71 34.94 -25.93 21.06
CA GLU A 71 35.36 -27.27 21.36
C GLU A 71 35.00 -28.21 20.18
N ILE A 72 33.75 -28.21 19.74
CA ILE A 72 33.33 -29.12 18.65
C ILE A 72 33.81 -28.70 17.28
N MET A 73 33.89 -27.41 17.00
CA MET A 73 34.37 -27.06 15.65
C MET A 73 35.86 -27.35 15.51
N THR A 74 36.63 -27.02 16.54
CA THR A 74 38.07 -27.35 16.56
C THR A 74 38.35 -28.76 16.05
N LYS A 75 37.56 -29.71 16.51
CA LYS A 75 37.73 -31.11 16.21
C LYS A 75 37.24 -31.46 14.80
N ARG A 76 36.02 -31.04 14.46
CA ARG A 76 35.46 -31.32 13.14
C ARG A 76 36.44 -30.89 12.03
N SER A 77 37.18 -29.80 12.28
CA SER A 77 38.17 -29.31 11.32
C SER A 77 39.47 -30.09 11.36
N ASN A 78 39.49 -31.20 12.09
CA ASN A 78 40.72 -31.95 12.34
C ASN A 78 41.81 -31.04 12.93
N TYR A 79 41.42 -30.22 13.90
CA TYR A 79 42.32 -29.34 14.63
C TYR A 79 43.08 -28.38 13.71
N THR A 80 42.32 -27.68 12.86
CA THR A 80 42.90 -26.65 12.01
C THR A 80 43.09 -25.33 12.77
N PRO A 81 44.36 -24.90 12.94
CA PRO A 81 44.59 -23.60 13.58
C PRO A 81 44.15 -22.43 12.71
N ILE A 82 43.99 -21.26 13.33
CA ILE A 82 43.63 -20.03 12.63
C ILE A 82 44.86 -19.42 11.95
N THR A 83 44.67 -18.88 10.74
CA THR A 83 45.76 -18.19 10.06
C THR A 83 45.86 -16.77 10.57
N ASN A 84 46.84 -16.52 11.47
CA ASN A 84 47.18 -15.17 11.93
C ASN A 84 47.16 -14.18 10.78
N VAL A 85 46.58 -13.01 11.05
CA VAL A 85 46.53 -11.86 10.14
C VAL A 85 46.94 -10.57 10.90
N PRO A 86 48.03 -9.92 10.46
CA PRO A 86 48.63 -8.76 11.13
C PRO A 86 47.79 -7.50 10.97
N PRO A 87 47.76 -6.63 12.00
CA PRO A 87 46.93 -5.41 11.90
C PRO A 87 47.60 -4.24 11.19
N GLU A 88 46.80 -3.42 10.51
CA GLU A 88 47.21 -2.06 10.11
C GLU A 88 47.00 -1.19 11.34
N VAL A 89 47.96 -0.29 11.58
CA VAL A 89 47.89 0.58 12.73
C VAL A 89 48.02 2.01 12.25
N THR A 90 47.29 2.91 12.87
CA THR A 90 47.27 4.30 12.43
C THR A 90 47.20 5.16 13.68
N VAL A 91 47.99 6.23 13.69
CA VAL A 91 48.01 7.14 14.82
C VAL A 91 47.46 8.51 14.41
N LEU A 92 46.40 8.93 15.08
CA LEU A 92 45.69 10.18 14.79
C LEU A 92 45.44 10.91 16.07
N THR A 93 45.17 12.21 15.97
CA THR A 93 44.74 12.96 17.12
C THR A 93 43.23 12.98 17.07
N ASN A 94 42.61 13.49 18.14
CA ASN A 94 41.17 13.74 18.21
C ASN A 94 40.77 14.96 17.39
N SER A 95 41.49 16.06 17.57
CA SER A 95 41.23 17.28 16.79
C SER A 95 42.53 17.93 16.32
N PRO A 96 42.48 18.78 15.27
CA PRO A 96 43.64 19.57 14.83
C PRO A 96 44.54 20.06 15.98
N VAL A 97 45.76 19.51 16.02
CA VAL A 97 46.69 19.70 17.12
C VAL A 97 46.98 21.16 17.41
N GLU A 98 46.54 21.62 18.58
CA GLU A 98 46.78 23.00 19.02
C GLU A 98 47.84 22.99 20.12
N LEU A 99 48.94 23.69 19.89
CA LEU A 99 50.00 23.82 20.88
C LEU A 99 49.42 24.14 22.25
N ARG A 100 49.69 23.27 23.22
CA ARG A 100 49.43 23.61 24.63
C ARG A 100 47.95 23.50 25.03
N GLU A 101 47.11 22.99 24.12
CA GLU A 101 45.70 22.79 24.43
C GLU A 101 45.32 21.31 24.33
N PRO A 102 44.76 20.75 25.42
CA PRO A 102 44.48 19.32 25.57
C PRO A 102 43.89 18.65 24.31
N ASN A 103 44.48 17.52 23.94
CA ASN A 103 44.02 16.71 22.83
C ASN A 103 44.10 15.24 23.22
N VAL A 104 43.69 14.34 22.33
CA VAL A 104 43.77 12.89 22.56
C VAL A 104 44.44 12.24 21.36
N LEU A 105 45.24 11.22 21.62
CA LEU A 105 45.83 10.42 20.57
C LEU A 105 45.03 9.15 20.44
N ILE A 106 44.76 8.76 19.20
CA ILE A 106 44.02 7.53 18.91
C ILE A 106 44.93 6.52 18.20
N CYS A 107 45.06 5.33 18.79
CA CYS A 107 45.71 4.22 18.11
C CYS A 107 44.71 3.22 17.52
N PHE A 108 44.43 3.38 16.23
CA PHE A 108 43.53 2.51 15.46
C PHE A 108 44.24 1.20 15.07
N ILE A 109 43.81 0.10 15.68
CA ILE A 109 44.30 -1.22 15.33
C ILE A 109 43.24 -1.96 14.54
N ASP A 110 43.57 -2.41 13.33
CA ASP A 110 42.60 -2.82 12.31
C ASP A 110 42.99 -4.04 11.48
N LYS A 111 41.98 -4.77 11.00
CA LYS A 111 42.14 -5.85 10.02
C LYS A 111 43.06 -6.98 10.53
N PHE A 112 42.74 -7.51 11.70
CA PHE A 112 43.56 -8.59 12.24
C PHE A 112 42.74 -9.69 12.87
N THR A 113 43.28 -10.90 12.86
CA THR A 113 42.69 -11.97 13.61
C THR A 113 43.75 -12.63 14.51
N PRO A 114 43.37 -13.58 15.36
CA PRO A 114 43.17 -13.69 16.77
C PRO A 114 42.97 -12.32 17.38
N PRO A 115 41.82 -12.13 18.03
CA PRO A 115 41.57 -10.92 18.79
C PRO A 115 42.39 -10.96 20.08
N VAL A 116 43.71 -10.89 19.92
CA VAL A 116 44.66 -10.74 21.03
C VAL A 116 45.79 -9.80 20.59
N VAL A 117 45.92 -8.68 21.29
CA VAL A 117 46.99 -7.71 21.03
C VAL A 117 47.55 -7.11 22.30
N ASN A 118 48.84 -6.78 22.27
CA ASN A 118 49.47 -6.06 23.37
C ASN A 118 49.80 -4.66 22.88
N VAL A 119 49.27 -3.65 23.55
CA VAL A 119 49.39 -2.29 23.07
C VAL A 119 49.90 -1.37 24.16
N THR A 120 51.02 -0.72 23.88
CA THR A 120 51.63 0.16 24.86
C THR A 120 51.91 1.50 24.22
N TRP A 121 51.58 2.57 24.93
CA TRP A 121 51.91 3.92 24.49
C TRP A 121 53.31 4.23 24.97
N LEU A 122 54.08 4.88 24.11
CA LEU A 122 55.45 5.30 24.45
C LEU A 122 55.60 6.78 24.22
N ARG A 123 56.26 7.42 25.16
CA ARG A 123 56.48 8.86 25.16
C ARG A 123 57.98 9.08 25.32
N ASN A 124 58.62 9.52 24.23
CA ASN A 124 60.07 9.70 24.14
C ASN A 124 60.87 8.42 24.33
N GLY A 125 60.18 7.32 24.62
CA GLY A 125 60.83 6.04 24.86
C GLY A 125 60.15 5.30 25.98
N LYS A 126 59.89 5.99 27.08
CA LYS A 126 59.21 5.39 28.24
C LYS A 126 57.73 5.08 27.99
N PRO A 127 57.26 3.89 28.41
CA PRO A 127 55.83 3.58 28.40
C PRO A 127 55.07 4.51 29.31
N VAL A 128 53.99 5.10 28.82
CA VAL A 128 53.18 5.98 29.67
C VAL A 128 51.82 5.39 29.97
N THR A 129 51.67 4.90 31.21
CA THR A 129 50.45 4.20 31.60
C THR A 129 49.33 5.10 32.12
N THR A 130 49.65 6.34 32.50
CA THR A 130 48.63 7.21 33.11
C THR A 130 47.69 7.84 32.09
N GLY A 131 46.40 7.77 32.39
CA GLY A 131 45.36 8.38 31.57
C GLY A 131 44.92 7.54 30.40
N VAL A 132 45.50 6.36 30.25
CA VAL A 132 45.21 5.51 29.10
C VAL A 132 43.82 4.87 29.17
N SER A 133 43.29 4.51 28.00
CA SER A 133 42.04 3.76 27.91
C SER A 133 41.96 2.99 26.57
N GLU A 134 41.04 2.04 26.49
CA GLU A 134 40.96 1.22 25.28
C GLU A 134 39.54 0.68 25.05
N THR A 135 39.25 0.28 23.82
CA THR A 135 38.00 -0.41 23.50
C THR A 135 38.21 -1.92 23.48
N VAL A 136 37.12 -2.67 23.58
CA VAL A 136 37.18 -4.12 23.42
C VAL A 136 37.39 -4.44 21.93
N PHE A 137 37.25 -5.70 21.54
CA PHE A 137 37.51 -6.11 20.16
C PHE A 137 36.21 -6.01 19.36
N LEU A 138 36.14 -5.06 18.43
CA LEU A 138 34.88 -4.78 17.73
C LEU A 138 34.86 -5.51 16.37
N PRO A 139 33.64 -5.77 15.83
CA PRO A 139 33.54 -6.58 14.63
C PRO A 139 33.79 -5.83 13.32
N ARG A 140 34.21 -6.58 12.31
CA ARG A 140 34.31 -6.11 10.95
C ARG A 140 33.47 -7.03 10.03
N GLU A 141 33.05 -6.50 8.89
CA GLU A 141 32.32 -7.29 7.90
C GLU A 141 33.15 -8.48 7.39
N ASP A 142 34.48 -8.31 7.27
CA ASP A 142 35.36 -9.41 6.81
C ASP A 142 35.64 -10.47 7.89
N HIS A 143 35.17 -10.20 9.10
CA HIS A 143 35.33 -11.05 10.29
C HIS A 143 36.67 -10.85 11.02
N LEU A 144 37.43 -9.86 10.58
CA LEU A 144 38.64 -9.46 11.30
C LEU A 144 38.15 -8.52 12.42
N PHE A 145 39.07 -7.93 13.18
CA PHE A 145 38.68 -7.05 14.28
C PHE A 145 39.24 -5.63 14.13
N ARG A 146 38.66 -4.69 14.90
CA ARG A 146 39.18 -3.31 15.09
C ARG A 146 39.44 -3.17 16.59
N LYS A 147 40.09 -2.07 16.99
CA LYS A 147 40.30 -1.77 18.44
C LYS A 147 41.03 -0.43 18.63
N PHE A 148 40.52 0.44 19.50
CA PHE A 148 41.12 1.77 19.70
C PHE A 148 41.85 1.93 21.06
N HIS A 149 43.07 2.45 21.04
CA HIS A 149 43.73 2.93 22.28
C HIS A 149 43.85 4.45 22.31
N TYR A 150 43.68 5.02 23.49
CA TYR A 150 43.68 6.47 23.63
C TYR A 150 44.72 6.92 24.64
N LEU A 151 45.26 8.12 24.39
CA LEU A 151 46.12 8.77 25.35
C LEU A 151 45.90 10.29 25.31
N PRO A 152 45.36 10.88 26.39
CA PRO A 152 45.26 12.34 26.42
C PRO A 152 46.64 12.94 26.69
N PHE A 153 46.95 14.07 26.06
CA PHE A 153 48.26 14.72 26.21
C PHE A 153 48.21 16.22 26.05
N LEU A 154 49.30 16.87 26.49
CA LEU A 154 49.57 18.26 26.16
C LEU A 154 50.47 18.26 24.94
N PRO A 155 49.91 18.61 23.76
CA PRO A 155 50.77 18.77 22.60
C PRO A 155 51.94 19.69 22.96
N SER A 156 53.16 19.23 22.73
CA SER A 156 54.34 20.07 22.87
C SER A 156 55.35 19.78 21.78
N THR A 157 56.22 20.75 21.53
CA THR A 157 57.27 20.65 20.53
C THR A 157 58.29 19.53 20.81
N GLU A 158 58.48 19.17 22.08
CA GLU A 158 59.55 18.22 22.48
C GLU A 158 59.26 16.75 22.17
N ASP A 159 57.98 16.38 22.14
CA ASP A 159 57.57 14.98 22.30
C ASP A 159 57.40 14.12 21.06
N VAL A 160 58.04 12.94 21.11
CA VAL A 160 57.83 11.87 20.16
C VAL A 160 56.91 10.83 20.81
N TYR A 161 55.83 10.45 20.12
CA TYR A 161 54.91 9.41 20.61
C TYR A 161 54.80 8.22 19.64
N ASP A 162 55.09 7.02 20.14
CA ASP A 162 54.84 5.79 19.37
C ASP A 162 53.66 5.03 19.91
N CYS A 163 52.85 4.45 19.01
CA CYS A 163 51.93 3.37 19.37
C CYS A 163 52.62 2.07 19.00
N ARG A 164 52.88 1.24 20.01
CA ARG A 164 53.63 0.00 19.87
C ARG A 164 52.66 -1.17 19.90
N VAL A 165 52.64 -1.94 18.82
CA VAL A 165 51.63 -2.97 18.64
C VAL A 165 52.25 -4.37 18.44
N GLU A 166 51.80 -5.32 19.27
CA GLU A 166 52.29 -6.70 19.28
C GLU A 166 51.22 -7.70 18.85
N HIS A 167 51.63 -8.66 18.02
CA HIS A 167 50.70 -9.60 17.38
C HIS A 167 51.37 -10.83 16.72
N TRP A 168 50.68 -11.97 16.76
CA TRP A 168 51.17 -13.24 16.22
C TRP A 168 51.26 -13.29 14.71
N GLY A 169 51.00 -12.18 14.03
CA GLY A 169 51.10 -12.10 12.58
C GLY A 169 52.31 -11.31 12.16
N LEU A 170 52.78 -10.47 13.09
CA LEU A 170 53.95 -9.62 12.87
C LEU A 170 55.22 -10.34 13.30
N ASP A 171 56.23 -10.26 12.45
CA ASP A 171 57.55 -10.75 12.77
C ASP A 171 58.08 -10.14 14.04
N GLU A 172 57.59 -8.94 14.34
CA GLU A 172 58.17 -8.11 15.38
C GLU A 172 57.19 -7.03 15.83
N PRO A 173 57.37 -6.49 17.05
CA PRO A 173 56.51 -5.40 17.49
C PRO A 173 56.51 -4.22 16.53
N LEU A 174 55.33 -3.69 16.22
CA LEU A 174 55.25 -2.54 15.34
C LEU A 174 55.11 -1.22 16.09
N LEU A 175 56.03 -0.31 15.81
CA LEU A 175 56.02 1.01 16.39
C LEU A 175 55.44 1.95 15.35
N LYS A 176 54.38 2.66 15.70
CA LYS A 176 53.86 3.65 14.78
C LYS A 176 53.99 5.07 15.32
N HIS A 177 54.69 5.92 14.56
CA HIS A 177 55.25 7.18 15.02
C HIS A 177 54.22 8.32 15.06
N TRP A 178 54.40 9.26 16.00
CA TRP A 178 53.67 10.53 16.02
C TRP A 178 54.41 11.66 16.75
N GLU A 179 54.43 12.86 16.14
CA GLU A 179 54.98 14.09 16.76
C GLU A 179 54.38 15.34 16.13
N PHE A 180 54.10 16.36 16.96
CA PHE A 180 53.54 17.62 16.48
C PHE A 180 54.05 17.96 15.08
N ASP A 181 53.13 18.01 14.11
CA ASP A 181 53.43 18.11 12.67
C ASP A 181 54.37 19.25 12.31
N THR B 3 54.72 -18.61 20.93
CA THR B 3 53.34 -18.99 21.30
C THR B 3 52.66 -19.77 20.14
N ARG B 4 51.63 -20.55 20.52
CA ARG B 4 51.14 -21.75 19.82
C ARG B 4 49.75 -21.59 19.10
N PRO B 5 49.21 -22.67 18.50
CA PRO B 5 48.07 -22.50 17.59
C PRO B 5 46.78 -21.98 18.26
N ARG B 6 46.00 -21.20 17.52
CA ARG B 6 44.73 -20.68 18.00
C ARG B 6 43.52 -21.22 17.26
N PHE B 7 42.42 -21.37 18.00
CA PHE B 7 41.12 -21.72 17.44
C PHE B 7 40.10 -20.68 17.88
N LEU B 8 39.35 -20.17 16.90
CA LEU B 8 38.45 -19.06 17.11
C LEU B 8 37.06 -19.40 16.58
N TRP B 9 36.05 -19.12 17.41
CA TRP B 9 34.65 -19.23 17.05
C TRP B 9 34.05 -17.86 17.24
N GLN B 10 33.30 -17.40 16.23
CA GLN B 10 32.55 -16.12 16.30
C GLN B 10 31.06 -16.28 16.02
N LEU B 11 30.22 -15.74 16.91
CA LEU B 11 28.78 -15.60 16.65
C LEU B 11 28.40 -14.14 16.51
N LYS B 12 27.54 -13.87 15.53
CA LYS B 12 27.09 -12.51 15.28
C LYS B 12 25.61 -12.54 14.91
N PHE B 13 24.82 -11.70 15.59
CA PHE B 13 23.43 -11.45 15.19
C PHE B 13 23.32 -10.02 14.65
N GLU B 14 23.05 -9.90 13.36
CA GLU B 14 23.03 -8.59 12.79
C GLU B 14 21.61 -8.29 12.51
N CYS B 15 21.21 -7.08 12.92
CA CYS B 15 19.89 -6.54 12.68
C CYS B 15 20.07 -5.34 11.77
N HIS B 16 19.56 -5.47 10.55
CA HIS B 16 19.78 -4.48 9.53
C HIS B 16 18.49 -3.68 9.37
N PHE B 17 18.59 -2.35 9.43
CA PHE B 17 17.42 -1.48 9.38
C PHE B 17 17.26 -0.60 8.14
N PHE B 18 16.14 -0.76 7.46
CA PHE B 18 15.87 0.06 6.32
C PHE B 18 14.72 1.05 6.60
N ASN B 19 14.82 2.25 6.03
CA ASN B 19 13.84 3.34 6.32
C ASN B 19 13.21 3.25 7.72
N GLY B 20 14.04 3.33 8.77
CA GLY B 20 13.55 3.21 10.13
C GLY B 20 13.46 1.75 10.47
N THR B 21 12.30 1.32 10.98
CA THR B 21 12.03 -0.10 11.29
C THR B 21 11.05 -0.70 10.27
N GLU B 22 10.78 0.04 9.19
CA GLU B 22 9.80 -0.39 8.19
C GLU B 22 10.11 -1.72 7.49
N ARG B 23 11.32 -1.90 6.99
CA ARG B 23 11.77 -3.23 6.60
C ARG B 23 12.95 -3.59 7.49
N VAL B 24 13.03 -4.88 7.86
CA VAL B 24 14.08 -5.35 8.77
C VAL B 24 14.53 -6.77 8.43
N ARG B 25 15.84 -7.00 8.48
CA ARG B 25 16.42 -8.27 8.06
C ARG B 25 17.48 -8.73 9.05
N LEU B 26 17.31 -9.94 9.57
CA LEU B 26 18.18 -10.52 10.60
C LEU B 26 19.12 -11.50 9.95
N LEU B 27 20.39 -11.35 10.27
CA LEU B 27 21.40 -12.24 9.74
C LEU B 27 22.26 -12.77 10.89
N GLU B 28 22.04 -14.05 11.18
CA GLU B 28 22.80 -14.78 12.21
C GLU B 28 23.95 -15.52 11.54
N ARG B 29 25.17 -15.29 12.02
CA ARG B 29 26.39 -15.87 11.42
C ARG B 29 27.32 -16.56 12.41
N CYS B 30 27.88 -17.68 11.96
CA CYS B 30 28.88 -18.43 12.71
C CYS B 30 30.12 -18.42 11.89
N ILE B 31 31.22 -18.13 12.54
CA ILE B 31 32.46 -18.04 11.83
C ILE B 31 33.50 -18.85 12.58
N TYR B 32 34.07 -19.83 11.90
CA TYR B 32 35.18 -20.57 12.47
C TYR B 32 36.49 -20.22 11.78
N ASN B 33 37.48 -19.81 12.58
CA ASN B 33 38.79 -19.39 12.07
C ASN B 33 38.66 -18.43 10.90
N GLN B 34 37.92 -17.35 11.12
CA GLN B 34 37.67 -16.31 10.11
C GLN B 34 36.78 -16.72 8.94
N GLU B 35 36.48 -18.00 8.81
CA GLU B 35 35.64 -18.48 7.71
C GLU B 35 34.22 -18.68 8.24
N GLU B 36 33.28 -17.93 7.68
CA GLU B 36 31.86 -18.15 7.88
C GLU B 36 31.49 -19.55 7.36
N SER B 37 30.66 -20.28 8.10
CA SER B 37 30.39 -21.67 7.78
C SER B 37 28.90 -22.00 7.67
N VAL B 38 28.09 -21.21 8.38
CA VAL B 38 26.63 -21.36 8.39
C VAL B 38 25.94 -20.06 8.87
N ARG B 39 24.69 -19.85 8.45
CA ARG B 39 23.98 -18.60 8.72
C ARG B 39 22.50 -18.78 8.58
N PHE B 40 21.74 -18.13 9.45
CA PHE B 40 20.31 -17.96 9.24
C PHE B 40 20.11 -16.53 8.75
N ASP B 41 19.53 -16.40 7.56
CA ASP B 41 19.18 -15.11 6.98
C ASP B 41 17.64 -14.98 7.07
N SER B 42 17.15 -13.90 7.66
CA SER B 42 15.72 -13.86 7.93
C SER B 42 14.97 -13.62 6.66
N ASP B 43 15.65 -13.23 5.60
CA ASP B 43 14.98 -13.08 4.31
C ASP B 43 15.00 -14.42 3.56
N VAL B 44 15.57 -15.43 4.21
CA VAL B 44 15.57 -16.77 3.66
C VAL B 44 14.61 -17.68 4.47
N GLY B 45 14.67 -17.56 5.79
CA GLY B 45 13.76 -18.27 6.68
C GLY B 45 14.30 -19.54 7.32
N GLU B 46 15.49 -19.97 6.89
CA GLU B 46 16.15 -21.14 7.43
C GLU B 46 17.68 -21.00 7.32
N TYR B 47 18.41 -21.83 8.06
CA TYR B 47 19.86 -21.86 7.97
C TYR B 47 20.32 -22.43 6.62
N ARG B 48 21.42 -21.88 6.10
CA ARG B 48 22.16 -22.42 4.98
C ARG B 48 23.64 -22.53 5.33
N ALA B 49 24.27 -23.60 4.87
CA ALA B 49 25.71 -23.72 4.97
C ALA B 49 26.40 -22.80 3.96
N VAL B 50 27.31 -21.98 4.47
CA VAL B 50 28.08 -21.01 3.70
C VAL B 50 29.30 -21.72 3.14
N THR B 51 29.85 -22.62 3.95
CA THR B 51 30.81 -23.63 3.48
C THR B 51 30.39 -25.00 3.98
N GLU B 52 31.09 -26.03 3.52
CA GLU B 52 30.78 -27.41 3.85
C GLU B 52 30.94 -27.70 5.33
N LEU B 53 31.96 -27.08 5.94
CA LEU B 53 32.14 -27.18 7.38
C LEU B 53 30.80 -27.13 8.12
N GLY B 54 29.95 -26.16 7.75
CA GLY B 54 28.68 -25.96 8.41
C GLY B 54 27.47 -26.76 7.96
N ARG B 55 27.61 -27.59 6.92
CA ARG B 55 26.46 -28.38 6.46
C ARG B 55 25.76 -29.20 7.57
N PRO B 56 26.53 -29.90 8.44
CA PRO B 56 25.88 -30.63 9.56
C PRO B 56 25.05 -29.72 10.47
N ASP B 57 25.49 -28.47 10.64
CA ASP B 57 24.79 -27.48 11.48
C ASP B 57 23.51 -26.90 10.83
N ALA B 58 23.61 -26.55 9.54
CA ALA B 58 22.43 -26.10 8.80
C ALA B 58 21.35 -27.18 8.82
N GLU B 59 21.75 -28.43 8.61
CA GLU B 59 20.83 -29.54 8.58
C GLU B 59 20.16 -29.70 9.92
N TYR B 60 20.97 -29.67 10.97
CA TYR B 60 20.48 -29.95 12.30
C TYR B 60 19.50 -28.91 12.81
N TRP B 61 19.88 -27.64 12.66
CA TRP B 61 19.08 -26.56 13.17
C TRP B 61 17.73 -26.44 12.44
N ASN B 62 17.75 -26.73 11.14
CA ASN B 62 16.53 -26.74 10.32
C ASN B 62 15.51 -27.83 10.73
N SER B 63 15.91 -28.78 11.58
CA SER B 63 14.93 -29.71 12.13
C SER B 63 14.44 -29.28 13.51
N GLN B 64 15.09 -28.30 14.14
CA GLN B 64 14.62 -27.80 15.43
C GLN B 64 13.58 -26.72 15.15
N LYS B 65 12.30 -27.06 15.35
CA LYS B 65 11.16 -26.12 15.16
C LYS B 65 11.17 -24.89 16.06
N ASP B 66 11.37 -25.08 17.36
CA ASP B 66 11.38 -23.94 18.27
C ASP B 66 12.41 -22.93 17.85
N LEU B 67 13.53 -23.42 17.33
CA LEU B 67 14.63 -22.58 16.90
C LEU B 67 14.27 -21.78 15.64
N LEU B 68 13.67 -22.43 14.65
CA LEU B 68 13.29 -21.72 13.42
C LEU B 68 12.27 -20.63 13.74
N GLU B 69 11.24 -20.99 14.49
CA GLU B 69 10.18 -20.07 14.79
C GLU B 69 10.68 -18.85 15.61
N GLN B 70 11.59 -19.09 16.54
CA GLN B 70 12.16 -18.01 17.33
C GLN B 70 12.98 -17.08 16.45
N ARG B 71 13.85 -17.68 15.66
CA ARG B 71 14.63 -16.94 14.66
C ARG B 71 13.73 -16.17 13.68
N ARG B 72 12.62 -16.76 13.24
CA ARG B 72 11.68 -16.06 12.36
C ARG B 72 10.93 -14.91 13.02
N ALA B 73 10.66 -15.01 14.30
CA ALA B 73 10.01 -13.92 14.98
C ALA B 73 11.01 -12.88 15.48
N ALA B 74 12.28 -13.27 15.63
CA ALA B 74 13.28 -12.33 16.15
C ALA B 74 13.19 -10.96 15.44
N VAL B 75 12.79 -10.97 14.17
CA VAL B 75 12.74 -9.72 13.43
C VAL B 75 11.92 -8.67 14.22
N ASP B 76 10.88 -9.14 14.89
CA ASP B 76 10.06 -8.29 15.77
C ASP B 76 10.48 -8.37 17.24
N THR B 77 10.77 -9.59 17.75
CA THR B 77 11.01 -9.79 19.20
C THR B 77 12.35 -9.26 19.69
N TYR B 78 13.24 -9.01 18.75
CA TYR B 78 14.62 -8.73 19.05
C TYR B 78 15.11 -7.54 18.26
N CYS B 79 15.11 -7.65 16.94
CA CYS B 79 15.60 -6.57 16.09
C CYS B 79 14.77 -5.34 16.33
N ARG B 80 13.50 -5.36 15.96
CA ARG B 80 12.65 -4.18 16.18
C ARG B 80 12.64 -3.74 17.63
N HIS B 81 12.66 -4.70 18.57
CA HIS B 81 12.74 -4.41 20.00
C HIS B 81 13.96 -3.54 20.32
N ASN B 82 15.17 -4.04 20.08
CA ASN B 82 16.39 -3.31 20.45
C ASN B 82 16.55 -1.90 19.82
N TYR B 83 16.12 -1.78 18.57
CA TYR B 83 16.08 -0.51 17.92
C TYR B 83 15.24 0.45 18.77
N GLY B 84 14.18 -0.06 19.39
CA GLY B 84 13.28 0.82 20.16
C GLY B 84 13.89 1.30 21.46
N VAL B 85 14.77 0.48 22.02
CA VAL B 85 15.38 0.78 23.30
C VAL B 85 16.50 1.81 23.13
N GLY B 86 17.31 1.59 22.10
CA GLY B 86 18.51 2.39 21.87
C GLY B 86 18.30 3.60 21.01
N GLU B 87 17.18 3.61 20.30
CA GLU B 87 16.83 4.65 19.35
C GLU B 87 17.18 6.07 19.81
N SER B 88 16.57 6.54 20.91
CA SER B 88 16.82 7.91 21.40
C SER B 88 18.30 8.37 21.41
N PHE B 89 19.20 7.51 21.88
CA PHE B 89 20.63 7.85 22.11
C PHE B 89 21.63 7.26 21.10
N THR B 90 21.15 6.38 20.22
CA THR B 90 21.98 5.86 19.14
C THR B 90 21.51 6.59 17.89
N VAL B 91 20.39 6.11 17.37
CA VAL B 91 19.85 6.55 16.10
C VAL B 91 19.67 8.06 16.09
N GLN B 92 19.24 8.63 17.22
CA GLN B 92 19.02 10.06 17.32
C GLN B 92 20.18 10.82 17.93
N ARG B 93 21.38 10.23 17.96
CA ARG B 93 22.49 10.86 18.68
C ARG B 93 23.05 11.99 17.83
N ARG B 94 23.01 13.22 18.35
CA ARG B 94 23.45 14.37 17.58
C ARG B 94 24.59 15.02 18.27
N VAL B 95 25.74 15.04 17.60
CA VAL B 95 26.87 15.85 18.04
C VAL B 95 27.37 16.72 16.89
N GLU B 96 27.22 18.04 17.07
CA GLU B 96 27.56 19.08 16.07
C GLU B 96 29.06 19.22 15.82
N PRO B 97 29.48 19.20 14.54
CA PRO B 97 30.88 19.29 14.15
C PRO B 97 31.50 20.60 14.57
N LYS B 98 32.82 20.58 14.71
CA LYS B 98 33.56 21.78 14.99
C LYS B 98 34.42 22.01 13.77
N VAL B 99 34.32 23.20 13.19
CA VAL B 99 34.82 23.42 11.87
C VAL B 99 35.78 24.58 11.91
N THR B 100 37.06 24.29 11.71
CA THR B 100 38.09 25.32 11.60
C THR B 100 38.70 25.23 10.21
N VAL B 101 39.15 26.38 9.70
CA VAL B 101 39.79 26.42 8.40
C VAL B 101 41.10 27.19 8.50
N TYR B 102 42.18 26.58 8.00
CA TYR B 102 43.53 27.15 8.10
C TYR B 102 44.41 26.70 6.90
N PRO B 103 45.43 27.50 6.54
CA PRO B 103 46.32 27.09 5.44
C PRO B 103 47.16 25.85 5.80
N SER B 104 48.05 25.45 4.89
CA SER B 104 48.87 24.27 5.11
C SER B 104 50.22 24.38 4.40
N HIS B 112 50.64 28.33 2.25
CA HIS B 112 50.19 28.57 0.87
C HIS B 112 49.98 27.28 0.07
N ASN B 113 49.38 27.41 -1.13
CA ASN B 113 48.90 26.31 -1.99
C ASN B 113 47.94 25.20 -1.45
N LEU B 114 47.87 25.00 -0.13
CA LEU B 114 46.98 23.97 0.44
C LEU B 114 46.14 24.55 1.57
N LEU B 115 44.83 24.39 1.44
CA LEU B 115 43.87 24.87 2.43
C LEU B 115 43.16 23.72 3.11
N VAL B 116 42.94 23.84 4.41
CA VAL B 116 42.38 22.72 5.16
C VAL B 116 41.02 23.06 5.80
N CYS B 117 39.99 22.29 5.46
CA CYS B 117 38.74 22.34 6.24
C CYS B 117 38.68 21.17 7.20
N SER B 118 38.96 21.47 8.48
CA SER B 118 39.00 20.47 9.52
C SER B 118 37.62 20.37 10.09
N VAL B 119 37.06 19.17 10.09
CA VAL B 119 35.73 18.97 10.59
C VAL B 119 35.75 17.82 11.60
N SER B 120 35.56 18.12 12.89
CA SER B 120 35.82 17.13 13.95
C SER B 120 34.77 16.99 15.08
N GLY B 121 34.69 15.79 15.66
CA GLY B 121 33.77 15.50 16.77
C GLY B 121 32.27 15.35 16.50
N PHE B 122 31.91 15.14 15.25
CA PHE B 122 30.50 15.10 14.92
C PHE B 122 29.90 13.70 14.98
N TYR B 123 28.57 13.67 14.90
CA TYR B 123 27.87 12.40 14.86
C TYR B 123 26.40 12.38 14.52
N PRO B 124 26.10 11.91 13.30
CA PRO B 124 26.20 10.56 12.73
C PRO B 124 27.39 10.72 11.76
N GLY B 125 27.87 9.69 11.10
CA GLY B 125 28.94 9.84 10.12
C GLY B 125 28.60 10.74 8.93
N SER B 126 27.42 10.55 8.33
CA SER B 126 27.10 11.10 7.01
C SER B 126 27.16 12.63 6.91
N ILE B 127 27.91 13.11 5.93
CA ILE B 127 28.29 14.50 5.90
C ILE B 127 28.63 14.99 4.49
N GLU B 128 28.53 16.30 4.31
CA GLU B 128 29.05 16.97 3.12
C GLU B 128 29.92 18.19 3.49
N VAL B 129 31.11 18.26 2.90
CA VAL B 129 31.96 19.44 2.94
C VAL B 129 32.19 19.92 1.51
N ARG B 130 31.94 21.21 1.29
CA ARG B 130 32.09 21.83 -0.01
C ARG B 130 32.96 23.04 0.20
N TRP B 131 33.71 23.37 -0.85
CA TRP B 131 34.61 24.52 -0.86
C TRP B 131 34.10 25.69 -1.75
N PHE B 132 34.30 26.91 -1.24
CA PHE B 132 33.86 28.15 -1.89
C PHE B 132 34.95 29.20 -1.99
N ARG B 133 35.15 29.67 -3.23
CA ARG B 133 36.05 30.75 -3.55
C ARG B 133 35.19 31.94 -3.97
N ASN B 134 35.19 32.92 -3.08
CA ASN B 134 34.34 34.09 -3.12
C ASN B 134 32.81 33.82 -3.17
N GLY B 135 32.40 32.77 -2.44
CA GLY B 135 31.02 32.29 -2.41
C GLY B 135 30.57 31.59 -3.68
N GLN B 136 31.48 31.40 -4.64
CA GLN B 136 31.27 30.48 -5.76
C GLN B 136 31.96 29.15 -5.45
N GLU B 137 31.23 28.04 -5.63
CA GLU B 137 31.73 26.73 -5.30
C GLU B 137 33.01 26.38 -6.08
N GLU B 138 33.94 25.71 -5.40
CA GLU B 138 35.15 25.26 -6.03
C GLU B 138 35.21 23.76 -5.89
N LYS B 139 35.09 23.07 -7.02
CA LYS B 139 34.99 21.63 -7.06
C LYS B 139 36.28 20.95 -7.50
N ALA B 140 37.14 21.67 -8.23
CA ALA B 140 38.40 21.09 -8.72
C ALA B 140 39.49 21.11 -7.65
N GLY B 141 40.20 19.99 -7.55
CA GLY B 141 41.25 19.88 -6.58
C GLY B 141 40.69 19.80 -5.17
N VAL B 142 39.56 19.11 -5.04
CA VAL B 142 39.09 18.69 -3.71
C VAL B 142 39.61 17.28 -3.37
N VAL B 143 40.45 17.24 -2.34
CA VAL B 143 41.07 16.00 -1.88
C VAL B 143 40.54 15.74 -0.48
N SER B 144 40.27 14.47 -0.20
CA SER B 144 39.62 14.06 1.03
C SER B 144 40.31 12.86 1.70
N THR B 145 40.98 13.15 2.82
CA THR B 145 41.60 12.12 3.64
C THR B 145 40.60 10.99 3.93
N GLY B 146 39.31 11.32 3.89
CA GLY B 146 38.24 10.38 4.23
C GLY B 146 37.52 10.70 5.52
N LEU B 147 36.63 9.79 5.89
CA LEU B 147 35.84 9.90 7.13
C LEU B 147 36.35 8.89 8.16
N ILE B 148 36.73 9.41 9.33
CA ILE B 148 37.35 8.62 10.40
C ILE B 148 36.36 8.42 11.54
N GLN B 149 36.12 7.16 11.90
CA GLN B 149 35.38 6.81 13.09
C GLN B 149 36.36 6.75 14.26
N ASN B 150 36.11 7.51 15.33
CA ASN B 150 37.07 7.60 16.44
C ASN B 150 36.96 6.48 17.51
N GLY B 151 35.88 5.73 17.48
CA GLY B 151 35.64 4.64 18.42
C GLY B 151 34.80 5.08 19.59
N ASP B 152 34.62 6.38 19.72
CA ASP B 152 34.02 6.98 20.91
C ASP B 152 32.68 7.68 20.61
N TRP B 153 32.09 7.38 19.45
CA TRP B 153 30.78 7.92 19.09
C TRP B 153 30.90 9.35 18.52
N THR B 154 32.04 9.61 17.87
CA THR B 154 32.27 10.80 17.07
C THR B 154 33.16 10.45 15.89
N PHE B 155 32.94 11.14 14.78
CA PHE B 155 33.72 11.03 13.55
C PHE B 155 34.56 12.30 13.35
N GLN B 156 35.38 12.31 12.32
CA GLN B 156 36.17 13.50 11.95
C GLN B 156 36.55 13.51 10.47
N THR B 157 36.61 14.69 9.87
CA THR B 157 37.02 14.74 8.48
C THR B 157 37.94 15.90 8.17
N LEU B 158 38.81 15.72 7.19
CA LEU B 158 39.61 16.82 6.71
C LEU B 158 39.51 16.92 5.18
N VAL B 159 38.84 17.94 4.68
CA VAL B 159 38.73 18.07 3.23
C VAL B 159 39.65 19.21 2.77
N MET B 160 40.49 18.89 1.81
CA MET B 160 41.49 19.83 1.33
C MET B 160 40.98 20.55 0.12
N LEU B 161 41.62 21.66 -0.20
CA LEU B 161 41.44 22.33 -1.47
C LEU B 161 42.77 22.86 -1.95
N GLU B 162 43.08 22.63 -3.22
CA GLU B 162 44.32 23.11 -3.87
C GLU B 162 44.10 24.46 -4.59
N THR B 163 44.63 25.53 -4.00
CA THR B 163 44.55 26.87 -4.55
C THR B 163 45.72 27.65 -4.00
N VAL B 164 46.35 28.45 -4.84
CA VAL B 164 47.31 29.45 -4.34
C VAL B 164 46.57 30.77 -4.09
N PRO B 165 46.36 31.10 -2.79
CA PRO B 165 45.68 32.31 -2.35
C PRO B 165 46.36 33.60 -2.76
N ARG B 166 45.53 34.64 -2.94
CA ARG B 166 45.98 36.00 -3.22
C ARG B 166 45.22 37.00 -2.36
N SER B 167 45.75 38.22 -2.24
CA SER B 167 45.16 39.24 -1.39
C SER B 167 43.73 39.55 -1.81
N GLY B 168 42.86 39.75 -0.83
CA GLY B 168 41.46 40.01 -1.08
C GLY B 168 40.67 38.73 -0.89
N GLU B 169 40.80 37.80 -1.85
CA GLU B 169 40.14 36.48 -1.86
C GLU B 169 39.52 36.01 -0.54
N VAL B 170 38.24 35.68 -0.59
CA VAL B 170 37.52 35.12 0.55
C VAL B 170 37.26 33.63 0.33
N TYR B 171 37.72 32.80 1.25
CA TYR B 171 37.49 31.37 1.14
C TYR B 171 36.52 30.93 2.21
N THR B 172 35.74 29.90 1.91
CA THR B 172 34.68 29.46 2.80
C THR B 172 34.48 27.95 2.68
N CYS B 173 34.31 27.31 3.84
CA CYS B 173 33.98 25.90 3.95
C CYS B 173 32.56 25.76 4.46
N GLN B 174 31.76 24.94 3.79
CA GLN B 174 30.38 24.67 4.21
C GLN B 174 30.19 23.22 4.61
N VAL B 175 29.50 23.00 5.72
CA VAL B 175 29.37 21.68 6.28
C VAL B 175 27.91 21.42 6.54
N GLU B 176 27.34 20.44 5.86
CA GLU B 176 25.96 20.06 6.14
C GLU B 176 25.93 18.91 7.10
N HIS B 177 24.98 18.94 8.03
CA HIS B 177 24.93 17.93 9.06
C HIS B 177 23.56 17.75 9.70
N PRO B 178 23.20 16.50 9.98
CA PRO B 178 21.91 16.38 10.63
C PRO B 178 21.82 17.14 12.00
N SER B 179 22.96 17.37 12.67
CA SER B 179 22.97 18.10 13.95
C SER B 179 22.64 19.61 13.84
N VAL B 180 22.65 20.16 12.63
CA VAL B 180 22.30 21.55 12.42
C VAL B 180 21.33 21.77 11.26
N THR B 181 20.26 22.54 11.47
CA THR B 181 19.24 22.64 10.42
C THR B 181 19.78 23.37 9.19
N SER B 182 20.70 24.29 9.44
CA SER B 182 21.35 25.04 8.40
C SER B 182 22.85 24.73 8.40
N PRO B 183 23.52 24.89 7.25
CA PRO B 183 24.87 24.36 7.17
C PRO B 183 25.88 25.35 7.75
N LEU B 184 26.97 24.84 8.30
CA LEU B 184 27.94 25.72 8.86
C LEU B 184 28.73 26.25 7.71
N THR B 185 28.90 27.57 7.65
CA THR B 185 29.91 28.15 6.80
C THR B 185 30.95 28.81 7.73
N VAL B 186 32.19 28.33 7.66
CA VAL B 186 33.32 29.04 8.24
C VAL B 186 34.20 29.59 7.14
N GLU B 187 34.52 30.86 7.23
CA GLU B 187 35.34 31.45 6.21
C GLU B 187 36.80 31.56 6.67
N TRP B 188 37.70 31.74 5.71
CA TRP B 188 39.09 32.11 5.90
C TRP B 188 39.51 33.19 4.89
N ARG B 189 40.22 34.22 5.37
CA ARG B 189 40.64 35.37 4.54
C ARG B 189 42.15 35.38 4.26
N ALA B 190 42.51 35.66 3.02
CA ALA B 190 43.91 35.79 2.64
C ALA B 190 44.42 37.18 3.01
N GLY C 1 16.97 2.00 32.62
CA GLY C 1 15.75 2.01 31.75
C GLY C 1 15.48 0.69 31.04
N GLU C 2 14.93 0.75 29.83
CA GLU C 2 14.40 -0.46 29.17
C GLU C 2 15.46 -1.53 28.79
N LEU C 3 15.11 -2.80 29.02
CA LEU C 3 15.99 -3.96 28.78
C LEU C 3 16.31 -4.22 27.33
N ILE C 4 17.60 -4.23 27.01
CA ILE C 4 18.05 -4.70 25.69
C ILE C 4 18.03 -6.22 25.70
N GLY C 5 17.47 -6.81 24.66
CA GLY C 5 17.40 -8.25 24.59
C GLY C 5 18.56 -8.90 23.87
N THR C 6 18.49 -10.22 23.86
CA THR C 6 19.53 -11.11 23.42
C THR C 6 18.86 -12.15 22.55
N LEU C 7 19.63 -12.79 21.69
CA LEU C 7 19.17 -13.99 21.06
C LEU C 7 20.21 -15.04 21.47
N ASN C 8 19.73 -16.20 21.95
CA ASN C 8 20.61 -17.25 22.45
C ASN C 8 21.32 -18.07 21.40
N ALA C 9 22.56 -18.40 21.74
CA ALA C 9 23.42 -19.21 20.89
C ALA C 9 22.82 -20.60 20.66
N ALA C 10 22.92 -21.07 19.43
CA ALA C 10 22.40 -22.36 19.08
C ALA C 10 23.51 -23.36 19.26
N LYS C 11 23.18 -24.51 19.82
CA LYS C 11 24.15 -25.56 20.06
C LYS C 11 24.38 -26.31 18.76
N VAL C 12 25.63 -26.53 18.37
CA VAL C 12 25.91 -27.36 17.19
C VAL C 12 25.66 -28.79 17.65
N PRO C 13 25.31 -29.73 16.74
CA PRO C 13 24.93 -31.05 17.22
C PRO C 13 26.10 -31.71 17.90
N ALA C 14 25.81 -32.51 18.92
CA ALA C 14 26.76 -33.42 19.54
C ALA C 14 27.30 -34.39 18.48
N ASP C 15 28.62 -34.53 18.46
CA ASP C 15 29.33 -35.27 17.44
C ASP C 15 28.70 -36.65 17.30
N ILE D 1 9.28 -7.14 32.77
CA ILE D 1 8.82 -7.37 34.17
C ILE D 1 7.64 -8.34 34.23
N GLN D 2 6.49 -7.92 33.66
CA GLN D 2 5.19 -8.54 33.96
C GLN D 2 4.21 -8.80 32.80
N VAL D 3 3.11 -9.48 33.17
CA VAL D 3 2.27 -10.28 32.29
C VAL D 3 0.81 -10.20 32.83
N GLU D 4 -0.02 -9.34 32.23
CA GLU D 4 -1.37 -9.06 32.74
C GLU D 4 -2.42 -9.87 31.99
N GLN D 5 -3.10 -10.76 32.69
CA GLN D 5 -4.02 -11.66 32.01
C GLN D 5 -5.45 -11.29 32.25
N SER D 6 -6.27 -11.27 31.20
CA SER D 6 -7.66 -10.76 31.30
C SER D 6 -8.78 -11.80 31.02
N PRO D 7 -10.01 -11.55 31.51
CA PRO D 7 -10.80 -12.10 32.62
C PRO D 7 -9.99 -12.99 33.55
N PRO D 8 -9.73 -12.53 34.78
CA PRO D 8 -9.29 -13.53 35.75
C PRO D 8 -10.19 -14.78 35.71
N ASP D 9 -11.49 -14.61 35.48
CA ASP D 9 -12.47 -15.70 35.56
C ASP D 9 -13.44 -15.71 34.41
N LEU D 10 -13.72 -16.90 33.90
CA LEU D 10 -14.63 -17.09 32.79
C LEU D 10 -15.40 -18.37 33.00
N ILE D 11 -16.73 -18.28 32.99
CA ILE D 11 -17.60 -19.44 32.95
C ILE D 11 -18.48 -19.38 31.71
N LEU D 12 -18.36 -20.38 30.83
CA LEU D 12 -19.14 -20.39 29.57
C LEU D 12 -19.78 -21.75 29.31
N GLN D 13 -20.84 -21.78 28.50
CA GLN D 13 -21.45 -23.06 28.14
C GLN D 13 -20.60 -23.79 27.09
N GLU D 14 -20.66 -25.13 27.08
CA GLU D 14 -19.93 -25.91 26.06
C GLU D 14 -20.29 -25.43 24.66
N GLY D 15 -19.37 -25.58 23.73
CA GLY D 15 -19.64 -25.22 22.34
C GLY D 15 -19.50 -23.72 22.04
N ALA D 16 -19.41 -22.92 23.09
CA ALA D 16 -19.14 -21.50 22.96
C ALA D 16 -17.66 -21.22 22.63
N ASN D 17 -17.43 -20.02 22.07
CA ASN D 17 -16.10 -19.54 21.78
C ASN D 17 -15.66 -18.60 22.88
N SER D 18 -14.40 -18.74 23.29
CA SER D 18 -13.87 -18.02 24.41
C SER D 18 -12.59 -17.34 23.91
N THR D 19 -12.41 -16.07 24.28
CA THR D 19 -11.18 -15.33 23.98
C THR D 19 -10.42 -14.92 25.26
N LEU D 20 -9.15 -15.28 25.31
CA LEU D 20 -8.31 -14.97 26.49
C LEU D 20 -7.25 -13.95 26.10
N ARG D 21 -7.04 -12.96 26.96
CA ARG D 21 -6.12 -11.85 26.70
C ARG D 21 -4.99 -11.84 27.69
N CYS D 22 -3.80 -11.65 27.15
CA CYS D 22 -2.62 -11.55 27.95
C CYS D 22 -1.82 -10.39 27.41
N ASN D 23 -1.78 -9.29 28.17
CA ASN D 23 -0.94 -8.13 27.86
C ASN D 23 0.45 -8.13 28.55
N PHE D 24 1.52 -7.95 27.76
CA PHE D 24 2.90 -8.03 28.26
C PHE D 24 3.69 -6.73 28.08
N SER D 25 4.36 -6.31 29.14
CA SER D 25 5.25 -5.15 29.13
C SER D 25 6.48 -5.34 28.25
N ASP D 26 7.09 -4.21 27.87
CA ASP D 26 8.31 -4.15 27.04
C ASP D 26 9.41 -5.05 27.51
N SER D 27 9.51 -5.25 28.83
CA SER D 27 10.57 -6.07 29.43
C SER D 27 10.51 -7.57 29.14
N VAL D 28 9.52 -8.03 28.40
CA VAL D 28 9.41 -9.46 28.16
C VAL D 28 9.03 -9.78 26.72
N ASN D 29 9.28 -11.01 26.27
CA ASN D 29 8.75 -11.41 24.98
C ASN D 29 8.69 -12.91 24.81
N ASN D 30 8.44 -13.30 23.58
CA ASN D 30 8.56 -14.70 23.21
C ASN D 30 7.51 -15.56 23.87
N LEU D 31 6.30 -15.03 23.80
CA LEU D 31 5.11 -15.53 24.44
C LEU D 31 4.75 -16.98 24.28
N GLN D 32 4.01 -17.47 25.26
CA GLN D 32 3.67 -18.86 25.36
C GLN D 32 2.29 -18.99 25.98
N TRP D 33 1.60 -20.08 25.69
CA TRP D 33 0.38 -20.37 26.41
C TRP D 33 0.39 -21.76 27.05
N PHE D 34 -0.05 -21.80 28.31
CA PHE D 34 -0.15 -23.03 29.06
C PHE D 34 -1.55 -23.25 29.53
N HIS D 35 -1.92 -24.52 29.62
CA HIS D 35 -3.14 -24.98 30.30
C HIS D 35 -2.74 -25.76 31.54
N GLN D 36 -2.89 -25.29 32.75
CA GLN D 36 -2.86 -26.25 33.86
C GLN D 36 -4.17 -27.06 33.82
N ASN D 37 -4.30 -28.17 34.49
CA ASN D 37 -5.62 -28.76 34.56
C ASN D 37 -5.97 -28.90 36.02
N PRO D 38 -7.22 -29.27 36.34
CA PRO D 38 -7.57 -29.19 37.76
C PRO D 38 -6.83 -30.20 38.65
N TRP D 39 -5.80 -30.86 38.11
CA TRP D 39 -4.92 -31.70 38.95
C TRP D 39 -3.48 -31.21 38.95
N GLY D 40 -3.27 -29.96 38.53
CA GLY D 40 -1.95 -29.33 38.61
C GLY D 40 -1.01 -29.61 37.45
N GLN D 41 -1.43 -30.41 36.49
CA GLN D 41 -0.63 -30.75 35.32
C GLN D 41 -0.58 -29.58 34.32
N LEU D 42 0.58 -29.34 33.69
CA LEU D 42 0.79 -28.22 32.78
C LEU D 42 1.39 -28.71 31.44
N ILE D 43 0.79 -28.29 30.33
CA ILE D 43 1.33 -28.56 29.02
C ILE D 43 1.43 -27.22 28.27
N ASN D 44 2.35 -27.15 27.32
CA ASN D 44 2.40 -26.01 26.47
C ASN D 44 1.28 -26.12 25.44
N LEU D 45 0.68 -24.97 25.11
CA LEU D 45 -0.33 -24.95 24.08
C LEU D 45 0.31 -24.40 22.81
N PHE D 46 1.04 -23.30 22.97
CA PHE D 46 1.77 -22.69 21.89
C PHE D 46 3.05 -22.03 22.41
N TYR D 47 4.09 -22.13 21.61
CA TYR D 47 5.13 -21.14 21.61
C TYR D 47 4.69 -20.26 20.45
N ILE D 48 4.41 -18.99 20.74
CA ILE D 48 3.79 -18.12 19.75
C ILE D 48 4.31 -16.65 19.80
N PRO D 49 5.61 -16.44 19.53
CA PRO D 49 6.19 -15.12 19.76
C PRO D 49 5.64 -14.06 18.82
N SER D 50 5.10 -14.48 17.68
CA SER D 50 4.60 -13.56 16.66
C SER D 50 3.76 -14.31 15.62
N GLY D 51 2.61 -13.75 15.26
CA GLY D 51 1.76 -14.28 14.20
C GLY D 51 0.60 -15.11 14.69
N THR D 52 -0.01 -15.84 13.78
CA THR D 52 -1.10 -16.71 14.17
C THR D 52 -0.70 -18.20 14.10
N LYS D 53 -1.01 -18.95 15.14
CA LYS D 53 -0.75 -20.40 15.19
C LYS D 53 -1.99 -21.14 15.67
N GLN D 54 -2.20 -22.32 15.11
CA GLN D 54 -3.44 -23.05 15.28
C GLN D 54 -3.23 -24.56 15.53
N ASN D 55 -3.98 -25.10 16.48
CA ASN D 55 -3.89 -26.51 16.84
C ASN D 55 -5.25 -27.02 17.29
N GLY D 56 -5.95 -27.66 16.36
CA GLY D 56 -7.34 -28.08 16.57
C GLY D 56 -8.27 -26.92 16.83
N ARG D 57 -9.07 -27.03 17.89
CA ARG D 57 -9.98 -25.96 18.31
C ARG D 57 -9.24 -24.75 18.90
N LEU D 58 -7.94 -24.87 19.18
CA LEU D 58 -7.17 -23.73 19.69
C LEU D 58 -6.45 -22.96 18.57
N SER D 59 -6.39 -21.63 18.74
CA SER D 59 -5.52 -20.75 17.93
C SER D 59 -5.06 -19.60 18.80
N ALA D 60 -3.90 -19.05 18.47
CA ALA D 60 -3.26 -17.95 19.21
C ALA D 60 -2.73 -16.88 18.27
N THR D 61 -2.88 -15.62 18.63
CA THR D 61 -2.20 -14.56 17.91
C THR D 61 -1.39 -13.75 18.89
N THR D 62 -0.19 -13.37 18.48
CA THR D 62 0.61 -12.40 19.21
C THR D 62 1.01 -11.28 18.27
N VAL D 63 0.79 -10.05 18.69
CA VAL D 63 1.41 -8.94 17.99
C VAL D 63 2.52 -8.37 18.86
N ALA D 64 3.73 -8.86 18.60
CA ALA D 64 4.91 -8.36 19.30
C ALA D 64 5.00 -6.83 19.29
N THR D 65 4.82 -6.20 18.12
CA THR D 65 4.73 -4.73 18.03
C THR D 65 3.90 -4.17 19.20
N GLU D 66 2.67 -4.67 19.35
CA GLU D 66 1.62 -4.05 20.20
C GLU D 66 1.41 -4.67 21.59
N ARG D 67 2.22 -5.67 21.90
CA ARG D 67 2.45 -6.13 23.28
C ARG D 67 1.32 -6.99 23.89
N TYR D 68 0.54 -7.64 23.01
CA TYR D 68 -0.55 -8.50 23.44
C TYR D 68 -0.54 -9.85 22.75
N SER D 69 -1.06 -10.85 23.47
CA SER D 69 -1.34 -12.16 22.92
C SER D 69 -2.81 -12.54 23.19
N LEU D 70 -3.32 -13.47 22.40
CA LEU D 70 -4.72 -13.87 22.46
C LEU D 70 -4.90 -15.37 22.15
N LEU D 71 -5.41 -16.12 23.14
CA LEU D 71 -5.72 -17.52 22.95
C LEU D 71 -7.18 -17.61 22.57
N TYR D 72 -7.48 -18.31 21.48
CA TYR D 72 -8.88 -18.52 21.06
C TYR D 72 -9.24 -19.99 21.23
N ILE D 73 -10.41 -20.25 21.79
CA ILE D 73 -10.90 -21.61 21.92
C ILE D 73 -12.27 -21.62 21.28
N SER D 74 -12.39 -22.30 20.16
CA SER D 74 -13.67 -22.48 19.54
C SER D 74 -14.33 -23.74 20.11
N SER D 75 -15.66 -23.74 20.13
CA SER D 75 -16.43 -24.92 20.46
C SER D 75 -15.92 -25.56 21.75
N SER D 76 -15.92 -24.76 22.82
CA SER D 76 -15.33 -25.12 24.11
C SER D 76 -15.84 -26.45 24.64
N GLN D 77 -14.95 -27.29 25.14
CA GLN D 77 -15.40 -28.54 25.74
C GLN D 77 -15.19 -28.48 27.24
N THR D 78 -16.05 -29.17 28.00
CA THR D 78 -15.97 -29.26 29.46
C THR D 78 -14.55 -29.61 29.92
N THR D 79 -13.89 -30.41 29.10
CA THR D 79 -12.55 -30.89 29.38
C THR D 79 -11.48 -29.78 29.35
N ASP D 80 -11.79 -28.67 28.66
CA ASP D 80 -10.89 -27.50 28.60
C ASP D 80 -10.87 -26.71 29.90
N SER D 81 -11.71 -27.03 30.87
CA SER D 81 -11.68 -26.34 32.16
C SER D 81 -10.27 -26.37 32.70
N GLY D 82 -10.00 -25.53 33.70
CA GLY D 82 -8.67 -25.39 34.25
C GLY D 82 -8.17 -23.96 34.15
N VAL D 83 -6.87 -23.80 34.22
CA VAL D 83 -6.32 -22.49 34.30
C VAL D 83 -5.44 -22.32 33.10
N TYR D 84 -5.63 -21.20 32.42
CA TYR D 84 -4.84 -20.86 31.27
C TYR D 84 -3.84 -19.81 31.65
N PHE D 85 -2.57 -20.20 31.59
CA PHE D 85 -1.48 -19.28 31.86
C PHE D 85 -0.80 -18.81 30.60
N CYS D 86 -0.53 -17.50 30.53
CA CYS D 86 0.36 -16.95 29.50
C CYS D 86 1.70 -16.63 30.17
N ALA D 87 2.78 -16.71 29.40
CA ALA D 87 4.10 -16.52 29.98
C ALA D 87 5.07 -15.99 28.95
N ALA D 88 6.00 -15.18 29.40
CA ALA D 88 6.95 -14.61 28.50
C ALA D 88 8.35 -14.77 29.04
N LEU D 89 9.32 -14.31 28.25
CA LEU D 89 10.70 -14.40 28.63
C LEU D 89 11.24 -12.98 28.77
N ILE D 90 11.60 -12.61 30.01
CA ILE D 90 12.30 -11.34 30.31
C ILE D 90 13.46 -11.16 29.33
N GLN D 91 13.59 -9.98 28.73
CA GLN D 91 14.69 -9.72 27.82
C GLN D 91 16.01 -9.64 28.58
N GLY D 92 16.95 -10.47 28.19
CA GLY D 92 18.28 -10.41 28.75
C GLY D 92 18.43 -11.57 29.71
N ALA D 93 17.96 -11.40 30.94
CA ALA D 93 17.81 -12.50 31.86
C ALA D 93 16.82 -13.36 31.12
N GLN D 94 17.01 -14.67 31.06
CA GLN D 94 16.01 -15.48 30.36
C GLN D 94 15.13 -16.11 31.42
N LYS D 95 14.65 -15.22 32.27
CA LYS D 95 13.73 -15.55 33.31
C LYS D 95 12.37 -15.66 32.64
N LEU D 96 11.86 -16.89 32.62
CA LEU D 96 10.51 -17.22 32.21
C LEU D 96 9.63 -16.77 33.34
N VAL D 97 8.43 -16.30 33.03
CA VAL D 97 7.70 -15.48 33.96
C VAL D 97 6.21 -15.57 33.68
N PHE D 98 5.42 -15.83 34.73
CA PHE D 98 3.98 -16.20 34.54
C PHE D 98 2.97 -15.21 35.09
N GLY D 99 1.96 -14.89 34.28
CA GLY D 99 0.81 -14.10 34.74
C GLY D 99 -0.08 -14.86 35.73
N GLN D 100 -1.00 -14.15 36.38
CA GLN D 100 -1.93 -14.78 37.30
C GLN D 100 -2.90 -15.81 36.69
N GLY D 101 -3.11 -15.82 35.37
CA GLY D 101 -3.93 -16.85 34.70
C GLY D 101 -5.44 -16.62 34.58
N THR D 102 -6.12 -17.40 33.75
CA THR D 102 -7.56 -17.28 33.62
C THR D 102 -8.25 -18.60 33.99
N ARG D 103 -8.89 -18.66 35.16
CA ARG D 103 -9.70 -19.83 35.52
C ARG D 103 -10.80 -19.94 34.46
N LEU D 104 -10.74 -20.97 33.64
CA LEU D 104 -11.82 -21.23 32.70
C LEU D 104 -12.66 -22.41 33.18
N THR D 105 -13.98 -22.23 33.22
CA THR D 105 -14.89 -23.31 33.55
C THR D 105 -15.88 -23.43 32.43
N ILE D 106 -15.96 -24.63 31.84
CA ILE D 106 -16.90 -24.89 30.76
C ILE D 106 -18.01 -25.85 31.23
N ASN D 107 -19.19 -25.27 31.46
CA ASN D 107 -20.33 -26.01 31.93
C ASN D 107 -21.02 -26.82 30.85
N PRO D 108 -21.58 -27.98 31.24
CA PRO D 108 -22.30 -28.83 30.31
C PRO D 108 -23.66 -28.27 30.02
N ASN D 109 -24.19 -28.70 28.88
CA ASN D 109 -25.46 -28.19 28.39
C ASN D 109 -26.58 -29.18 28.62
N ILE D 110 -27.19 -29.10 29.81
CA ILE D 110 -28.26 -30.02 30.21
C ILE D 110 -29.55 -29.75 29.41
N GLN D 111 -29.69 -30.43 28.28
CA GLN D 111 -30.87 -30.26 27.42
C GLN D 111 -32.20 -30.51 28.15
N ASN D 112 -32.35 -31.71 28.72
CA ASN D 112 -33.54 -32.05 29.51
C ASN D 112 -33.20 -32.12 30.98
N PRO D 113 -33.21 -30.97 31.66
CA PRO D 113 -32.90 -31.00 33.07
C PRO D 113 -33.94 -31.83 33.77
N ASP D 114 -33.53 -32.51 34.82
CA ASP D 114 -34.43 -33.35 35.58
C ASP D 114 -33.91 -33.33 37.01
N PRO D 115 -33.88 -32.16 37.67
CA PRO D 115 -33.25 -32.06 38.99
C PRO D 115 -33.89 -33.04 39.98
N ALA D 116 -33.05 -33.70 40.77
CA ALA D 116 -33.49 -34.69 41.76
C ALA D 116 -32.49 -34.91 42.91
N VAL D 117 -33.01 -35.21 44.10
CA VAL D 117 -32.17 -35.55 45.24
C VAL D 117 -32.43 -36.99 45.68
N TYR D 118 -31.45 -37.88 45.46
CA TYR D 118 -31.62 -39.30 45.80
C TYR D 118 -30.83 -39.68 47.03
N GLN D 119 -31.31 -40.68 47.76
CA GLN D 119 -30.57 -41.21 48.91
C GLN D 119 -29.92 -42.55 48.62
N LEU D 120 -28.66 -42.68 49.03
CA LEU D 120 -27.87 -43.86 48.72
C LEU D 120 -27.24 -44.41 49.97
N ARG D 121 -27.18 -45.73 50.10
CA ARG D 121 -26.65 -46.34 51.32
C ARG D 121 -25.32 -47.04 51.08
N ASP D 122 -24.54 -47.17 52.15
CA ASP D 122 -23.34 -48.01 52.15
C ASP D 122 -23.75 -49.48 51.93
N SER D 123 -23.05 -50.18 51.04
CA SER D 123 -23.23 -51.63 50.91
C SER D 123 -22.68 -52.39 52.12
N LYS D 124 -21.66 -51.81 52.77
CA LYS D 124 -21.12 -52.31 54.03
C LYS D 124 -21.91 -51.79 55.24
N SER D 125 -22.90 -52.54 55.71
CA SER D 125 -23.66 -52.15 56.92
C SER D 125 -24.36 -50.79 56.72
N SER D 126 -25.68 -50.86 56.58
CA SER D 126 -26.51 -49.79 55.99
C SER D 126 -26.91 -48.62 56.92
N ASP D 127 -26.05 -48.30 57.90
CA ASP D 127 -26.27 -47.12 58.73
C ASP D 127 -25.81 -45.85 58.00
N LYS D 128 -24.71 -45.92 57.26
CA LYS D 128 -24.19 -44.78 56.49
C LYS D 128 -25.05 -44.51 55.26
N SER D 129 -25.40 -43.24 55.05
CA SER D 129 -25.98 -42.78 53.77
C SER D 129 -25.43 -41.43 53.24
N VAL D 130 -25.60 -41.26 51.93
CA VAL D 130 -25.05 -40.15 51.17
C VAL D 130 -26.26 -39.58 50.41
N CYS D 131 -26.32 -38.25 50.26
CA CYS D 131 -27.36 -37.62 49.44
C CYS D 131 -26.77 -37.13 48.12
N LEU D 132 -27.31 -37.65 47.02
CA LEU D 132 -26.88 -37.27 45.70
C LEU D 132 -27.91 -36.30 45.15
N PHE D 133 -27.46 -35.10 44.83
CA PHE D 133 -28.26 -34.12 44.12
C PHE D 133 -27.74 -34.17 42.72
N THR D 134 -28.62 -34.47 41.77
CA THR D 134 -28.18 -34.79 40.42
C THR D 134 -29.11 -34.20 39.37
N ASP D 135 -28.53 -33.89 38.22
CA ASP D 135 -29.24 -33.61 36.96
C ASP D 135 -29.82 -32.20 36.82
N PHE D 136 -29.38 -31.28 37.67
CA PHE D 136 -29.80 -29.88 37.56
C PHE D 136 -29.01 -29.22 36.44
N ASP D 137 -29.53 -28.13 35.87
CA ASP D 137 -28.83 -27.48 34.78
C ASP D 137 -27.63 -26.76 35.35
N SER D 138 -26.83 -26.15 34.48
CA SER D 138 -25.54 -25.65 34.90
C SER D 138 -25.62 -24.29 35.62
N GLN D 139 -26.81 -23.70 35.71
CA GLN D 139 -27.00 -22.43 36.41
C GLN D 139 -27.41 -22.64 37.86
N THR D 140 -27.79 -23.87 38.18
CA THR D 140 -28.18 -24.24 39.52
C THR D 140 -26.95 -24.18 40.42
N ASN D 141 -27.00 -23.33 41.44
CA ASN D 141 -25.85 -23.20 42.34
C ASN D 141 -25.90 -23.85 43.71
N VAL D 142 -25.02 -24.84 43.89
CA VAL D 142 -24.91 -25.63 45.10
C VAL D 142 -24.07 -24.93 46.17
N SER D 143 -24.76 -24.37 47.18
CA SER D 143 -24.07 -23.69 48.27
C SER D 143 -23.41 -24.66 49.26
N GLN D 144 -22.57 -24.09 50.12
CA GLN D 144 -21.96 -24.79 51.24
C GLN D 144 -22.95 -24.79 52.41
N SER D 145 -22.63 -25.52 53.49
CA SER D 145 -23.62 -25.74 54.57
C SER D 145 -23.58 -24.76 55.75
N LYS D 146 -24.77 -24.46 56.27
CA LYS D 146 -24.96 -23.76 57.55
C LYS D 146 -24.19 -24.43 58.69
N ASP D 147 -24.26 -25.76 58.71
CA ASP D 147 -23.71 -26.60 59.77
C ASP D 147 -22.31 -27.06 59.40
N SER D 148 -21.40 -27.01 60.37
CA SER D 148 -20.02 -27.44 60.15
C SER D 148 -19.91 -28.97 60.18
N ASP D 149 -20.92 -29.60 60.75
CA ASP D 149 -21.02 -31.05 60.78
C ASP D 149 -21.70 -31.64 59.54
N VAL D 150 -22.17 -30.77 58.64
CA VAL D 150 -22.78 -31.22 57.38
C VAL D 150 -21.86 -30.93 56.18
N TYR D 151 -21.58 -31.98 55.41
CA TYR D 151 -20.62 -31.90 54.29
C TYR D 151 -21.31 -31.82 52.92
N ILE D 152 -20.92 -30.83 52.11
CA ILE D 152 -21.43 -30.68 50.74
C ILE D 152 -20.32 -30.40 49.74
N THR D 153 -20.26 -31.19 48.67
CA THR D 153 -19.26 -31.06 47.62
C THR D 153 -19.63 -30.07 46.51
N ASP D 154 -18.64 -29.40 45.92
CA ASP D 154 -18.88 -28.67 44.69
C ASP D 154 -19.44 -29.65 43.69
N LYS D 155 -20.30 -29.15 42.81
CA LYS D 155 -20.81 -29.96 41.74
C LYS D 155 -19.61 -30.36 40.93
N CYS D 156 -19.70 -31.51 40.28
CA CYS D 156 -18.80 -31.83 39.19
C CYS D 156 -19.52 -32.56 38.03
N VAL D 157 -18.83 -32.67 36.89
CA VAL D 157 -19.45 -33.00 35.61
C VAL D 157 -19.08 -34.43 35.10
N LEU D 158 -20.05 -35.32 35.06
CA LEU D 158 -19.74 -36.67 34.56
C LEU D 158 -20.26 -36.87 33.14
N ASP D 159 -19.46 -37.57 32.33
CA ASP D 159 -19.75 -37.79 30.93
C ASP D 159 -20.00 -39.26 30.67
N MET D 160 -21.23 -39.59 30.27
CA MET D 160 -21.56 -40.95 29.85
C MET D 160 -21.42 -41.06 28.33
N ARG D 161 -20.19 -41.30 27.88
CA ARG D 161 -19.79 -41.15 26.46
C ARG D 161 -20.63 -41.88 25.44
N SER D 162 -20.98 -43.11 25.75
CA SER D 162 -21.72 -43.93 24.81
C SER D 162 -23.12 -43.36 24.52
N MET D 163 -23.69 -42.66 25.50
CA MET D 163 -24.99 -42.01 25.36
C MET D 163 -24.89 -40.50 25.06
N ASP D 164 -23.70 -40.03 24.68
CA ASP D 164 -23.39 -38.60 24.65
C ASP D 164 -24.32 -37.85 25.60
N PHE D 165 -24.11 -38.10 26.89
CA PHE D 165 -24.95 -37.58 27.96
C PHE D 165 -24.06 -37.13 29.12
N LYS D 166 -23.99 -35.81 29.34
CA LYS D 166 -23.35 -35.23 30.52
C LYS D 166 -24.37 -34.90 31.63
N SER D 167 -23.96 -34.98 32.88
CA SER D 167 -24.83 -34.75 34.02
C SER D 167 -24.02 -34.13 35.15
N ASN D 168 -24.70 -33.33 35.98
CA ASN D 168 -24.10 -32.62 37.12
C ASN D 168 -24.53 -33.28 38.41
N SER D 169 -23.62 -33.36 39.38
CA SER D 169 -23.98 -33.90 40.69
C SER D 169 -23.22 -33.21 41.84
N ALA D 170 -23.87 -33.03 42.98
CA ALA D 170 -23.16 -32.67 44.21
C ALA D 170 -23.54 -33.70 45.25
N VAL D 171 -22.57 -34.18 46.01
CA VAL D 171 -22.85 -35.10 47.09
C VAL D 171 -22.90 -34.34 48.42
N ALA D 172 -23.89 -34.65 49.25
CA ALA D 172 -23.90 -34.13 50.61
C ALA D 172 -23.96 -35.28 51.62
N TRP D 173 -23.32 -35.10 52.76
CA TRP D 173 -23.41 -36.09 53.83
C TRP D 173 -23.06 -35.49 55.22
N SER D 174 -23.41 -36.25 56.25
CA SER D 174 -23.16 -35.94 57.67
C SER D 174 -23.55 -37.17 58.49
N ASN D 175 -23.23 -37.16 59.78
CA ASN D 175 -23.69 -38.23 60.66
C ASN D 175 -24.41 -37.72 61.90
N LYS D 176 -24.65 -36.41 61.95
CA LYS D 176 -25.62 -35.83 62.87
C LYS D 176 -26.98 -36.47 62.61
N SER D 177 -27.63 -36.95 63.67
CA SER D 177 -28.90 -37.68 63.54
C SER D 177 -30.08 -36.82 63.02
N ASP D 178 -29.96 -35.50 63.13
CA ASP D 178 -30.97 -34.60 62.56
C ASP D 178 -30.59 -34.07 61.14
N PHE D 179 -30.15 -35.01 60.29
CA PHE D 179 -29.84 -34.71 58.90
C PHE D 179 -30.55 -35.71 57.97
N ALA D 180 -31.37 -35.19 57.07
CA ALA D 180 -31.97 -35.99 56.01
C ALA D 180 -31.77 -35.31 54.66
N CYS D 181 -32.04 -36.02 53.58
CA CYS D 181 -31.81 -35.51 52.24
C CYS D 181 -32.84 -34.47 51.79
N ALA D 182 -33.93 -34.34 52.54
CA ALA D 182 -34.93 -33.34 52.24
C ALA D 182 -34.34 -31.93 52.33
N ASN D 183 -33.56 -31.69 53.37
CA ASN D 183 -32.98 -30.38 53.62
C ASN D 183 -31.45 -30.35 53.48
N ALA D 184 -30.87 -31.48 53.10
CA ALA D 184 -29.44 -31.56 52.86
C ALA D 184 -28.98 -30.37 52.03
N PHE D 185 -29.77 -30.06 51.01
CA PHE D 185 -29.43 -29.01 50.05
C PHE D 185 -30.31 -27.76 50.11
N ASN D 186 -31.40 -27.80 50.87
CA ASN D 186 -32.35 -26.66 50.87
C ASN D 186 -31.73 -25.38 51.44
N ASN D 187 -30.53 -25.52 52.01
CA ASN D 187 -29.63 -24.42 52.38
C ASN D 187 -28.99 -23.78 51.13
N SER D 188 -29.07 -24.49 50.01
CA SER D 188 -28.64 -23.99 48.70
C SER D 188 -29.88 -23.46 47.98
N ILE D 189 -29.72 -23.05 46.73
CA ILE D 189 -30.86 -22.57 45.92
C ILE D 189 -31.21 -23.58 44.82
N ILE D 190 -32.13 -24.49 45.14
CA ILE D 190 -32.47 -25.61 44.27
C ILE D 190 -33.83 -25.38 43.58
N PRO D 191 -33.99 -25.91 42.34
CA PRO D 191 -35.20 -25.75 41.53
C PRO D 191 -36.48 -26.18 42.25
N GLU D 192 -37.53 -25.38 42.10
CA GLU D 192 -38.82 -25.63 42.74
C GLU D 192 -39.35 -27.07 42.62
N ASP D 193 -39.12 -27.70 41.47
CA ASP D 193 -39.67 -29.02 41.18
C ASP D 193 -38.66 -30.18 41.25
N THR D 194 -37.66 -30.04 42.12
CA THR D 194 -36.68 -31.10 42.40
C THR D 194 -37.33 -32.38 42.95
N PHE D 195 -37.04 -33.52 42.34
CA PHE D 195 -37.58 -34.82 42.79
C PHE D 195 -37.04 -35.22 44.18
N PHE D 196 -37.96 -35.28 45.14
CA PHE D 196 -37.66 -35.74 46.49
C PHE D 196 -38.51 -36.98 46.76
N PRO D 197 -37.94 -38.18 46.48
CA PRO D 197 -38.65 -39.46 46.72
C PRO D 197 -38.67 -39.86 48.21
N SER D 198 -39.75 -40.57 48.62
CA SER D 198 -40.05 -40.96 50.02
C SER D 198 -40.69 -39.81 50.80
N GLY E 3 11.02 -35.22 27.82
CA GLY E 3 10.42 -34.11 28.59
C GLY E 3 11.18 -33.86 29.88
N VAL E 4 10.56 -33.15 30.82
CA VAL E 4 11.15 -32.93 32.14
C VAL E 4 10.62 -33.95 33.12
N THR E 5 11.48 -34.55 33.93
CA THR E 5 10.97 -35.47 34.92
C THR E 5 11.40 -34.96 36.34
N GLN E 6 10.47 -34.89 37.30
CA GLN E 6 10.80 -34.49 38.69
C GLN E 6 10.29 -35.47 39.73
N THR E 7 11.11 -35.71 40.77
CA THR E 7 10.83 -36.69 41.84
C THR E 7 10.69 -35.99 43.20
N PRO E 8 10.17 -36.71 44.19
CA PRO E 8 8.86 -36.72 44.77
C PRO E 8 7.80 -36.10 43.90
N LYS E 9 6.90 -36.95 43.42
CA LYS E 9 5.62 -36.45 43.06
C LYS E 9 4.91 -36.00 44.35
N PHE E 10 5.11 -36.79 45.43
CA PHE E 10 4.58 -36.54 46.81
C PHE E 10 5.61 -36.77 47.90
N ARG E 11 5.59 -35.93 48.93
CA ARG E 11 6.46 -36.08 50.11
C ARG E 11 5.82 -35.43 51.33
N ILE E 12 5.86 -36.12 52.45
CA ILE E 12 5.55 -35.51 53.73
C ILE E 12 6.86 -35.30 54.49
N LEU E 13 7.12 -34.04 54.85
CA LEU E 13 8.32 -33.63 55.61
C LEU E 13 7.94 -33.09 56.96
N LYS E 14 8.71 -33.44 57.97
CA LYS E 14 8.53 -32.89 59.31
C LYS E 14 9.24 -31.54 59.33
N ILE E 15 8.89 -30.68 60.29
CA ILE E 15 9.56 -29.39 60.43
C ILE E 15 11.02 -29.65 60.78
N GLY E 16 11.91 -28.87 60.17
CA GLY E 16 13.33 -28.94 60.46
C GLY E 16 14.06 -29.93 59.57
N GLN E 17 13.33 -30.82 58.94
CA GLN E 17 13.95 -31.80 58.09
C GLN E 17 14.51 -31.11 56.83
N SER E 18 15.41 -31.79 56.14
CA SER E 18 15.87 -31.32 54.84
C SER E 18 15.35 -32.28 53.75
N MET E 19 15.58 -31.93 52.49
CA MET E 19 15.04 -32.68 51.34
C MET E 19 15.61 -32.19 50.02
N THR E 20 15.60 -33.07 49.01
CA THR E 20 16.02 -32.73 47.66
C THR E 20 15.00 -33.16 46.60
N LEU E 21 14.60 -32.21 45.77
CA LEU E 21 13.74 -32.51 44.64
C LEU E 21 14.60 -32.54 43.41
N GLN E 22 14.65 -33.68 42.73
CA GLN E 22 15.41 -33.81 41.48
C GLN E 22 14.63 -33.28 40.30
N CYS E 23 15.34 -32.79 39.29
CA CYS E 23 14.69 -32.38 38.07
C CYS E 23 15.60 -32.61 36.91
N THR E 24 15.13 -33.36 35.92
CA THR E 24 16.02 -33.74 34.83
C THR E 24 15.35 -33.58 33.48
N GLN E 25 16.18 -33.43 32.48
CA GLN E 25 15.66 -33.11 31.18
C GLN E 25 16.70 -33.54 30.17
N ASP E 26 16.25 -34.34 29.22
CA ASP E 26 17.14 -34.92 28.22
C ASP E 26 17.11 -34.13 26.90
N MET E 27 16.52 -32.94 26.92
CA MET E 27 16.32 -32.15 25.70
C MET E 27 17.46 -31.20 25.31
N ASN E 28 18.48 -31.14 26.15
CA ASN E 28 19.54 -30.14 26.01
C ASN E 28 19.16 -28.69 26.26
N HIS E 29 18.05 -28.43 26.93
CA HIS E 29 17.76 -27.05 27.24
C HIS E 29 18.80 -26.54 28.25
N ASN E 30 19.25 -25.31 28.04
CA ASN E 30 20.23 -24.71 28.93
C ASN E 30 19.56 -24.01 30.07
N TYR E 31 18.30 -23.62 29.88
CA TYR E 31 17.64 -22.81 30.90
C TYR E 31 16.68 -23.70 31.65
N MET E 32 16.75 -23.62 32.99
CA MET E 32 15.83 -24.36 33.84
C MET E 32 15.36 -23.56 35.03
N TYR E 33 14.13 -23.85 35.47
CA TYR E 33 13.54 -23.08 36.56
C TYR E 33 12.80 -23.96 37.54
N TRP E 34 12.82 -23.57 38.82
CA TRP E 34 11.89 -24.10 39.81
C TRP E 34 10.85 -23.06 40.11
N TYR E 35 9.58 -23.49 40.09
CA TYR E 35 8.40 -22.68 40.48
C TYR E 35 7.74 -23.24 41.75
N ARG E 36 6.98 -22.42 42.46
CA ARG E 36 6.04 -22.97 43.44
C ARG E 36 4.65 -22.48 43.17
N GLN E 37 3.67 -23.17 43.73
CA GLN E 37 2.30 -22.77 43.54
C GLN E 37 1.49 -23.07 44.79
N ASP E 38 0.76 -22.07 45.26
CA ASP E 38 -0.13 -22.21 46.39
C ASP E 38 -1.54 -22.46 45.90
N PRO E 39 -2.37 -23.20 46.67
CA PRO E 39 -3.65 -23.70 46.16
C PRO E 39 -4.46 -22.59 45.46
N GLY E 40 -4.85 -22.86 44.20
CA GLY E 40 -5.54 -21.87 43.36
C GLY E 40 -4.91 -20.47 43.26
N MET E 41 -3.59 -20.41 43.07
CA MET E 41 -2.86 -19.16 42.93
C MET E 41 -1.87 -19.20 41.73
N GLY E 42 -0.93 -18.26 41.73
CA GLY E 42 -0.03 -18.07 40.61
C GLY E 42 1.24 -18.88 40.80
N LEU E 43 1.99 -19.07 39.72
CA LEU E 43 3.29 -19.70 39.78
C LEU E 43 4.31 -18.64 40.11
N LYS E 44 4.92 -18.76 41.29
CA LYS E 44 5.98 -17.85 41.71
C LYS E 44 7.37 -18.49 41.50
N LEU E 45 8.37 -17.68 41.21
CA LEU E 45 9.70 -18.22 40.86
C LEU E 45 10.63 -18.33 42.07
N ILE E 46 11.16 -19.53 42.29
CA ILE E 46 12.11 -19.73 43.40
C ILE E 46 13.53 -19.45 42.95
N TYR E 47 13.92 -20.08 41.85
CA TYR E 47 15.32 -20.09 41.42
C TYR E 47 15.36 -20.38 39.96
N TYR E 48 16.47 -20.03 39.33
CA TYR E 48 16.62 -20.37 37.91
C TYR E 48 18.07 -20.38 37.48
N SER E 49 18.29 -21.01 36.33
CA SER E 49 19.61 -21.24 35.78
C SER E 49 19.61 -21.33 34.25
N VAL E 50 20.48 -20.50 33.67
CA VAL E 50 20.61 -20.39 32.22
C VAL E 50 21.74 -21.29 31.70
N GLY E 51 22.44 -22.00 32.60
CA GLY E 51 23.49 -22.93 32.19
C GLY E 51 24.34 -23.45 33.34
N ALA E 52 25.22 -24.38 33.04
CA ALA E 52 26.09 -24.96 34.04
C ALA E 52 26.83 -23.84 34.82
N GLY E 53 26.82 -23.94 36.15
CA GLY E 53 27.54 -23.02 37.03
C GLY E 53 26.98 -21.60 37.14
N ILE E 54 25.79 -21.37 36.61
CA ILE E 54 25.13 -20.06 36.68
C ILE E 54 23.77 -20.26 37.35
N THR E 55 23.64 -19.75 38.58
CA THR E 55 22.36 -19.77 39.31
C THR E 55 21.99 -18.36 39.76
N ASP E 56 20.69 -18.09 39.82
CA ASP E 56 20.13 -16.77 40.08
C ASP E 56 18.79 -16.84 40.78
N LYS E 57 18.68 -16.05 41.83
CA LYS E 57 17.48 -15.93 42.66
C LYS E 57 16.23 -15.57 41.86
N GLY E 58 15.07 -15.95 42.40
CA GLY E 58 13.79 -15.62 41.79
C GLY E 58 13.10 -14.65 42.72
N GLU E 59 11.77 -14.58 42.66
CA GLU E 59 11.03 -13.78 43.63
C GLU E 59 11.09 -14.34 45.04
N VAL E 60 11.05 -15.66 45.18
CA VAL E 60 10.80 -16.25 46.49
C VAL E 60 11.89 -17.21 47.01
N PRO E 61 13.19 -16.84 46.82
CA PRO E 61 14.28 -17.81 46.94
C PRO E 61 14.63 -18.20 48.38
N ASN E 62 14.13 -17.42 49.34
CA ASN E 62 14.49 -17.52 50.75
C ASN E 62 14.11 -18.81 51.48
N GLY E 63 15.11 -19.64 51.78
CA GLY E 63 14.91 -20.97 52.38
C GLY E 63 15.27 -22.12 51.44
N TYR E 64 15.39 -21.83 50.14
CA TYR E 64 15.83 -22.83 49.16
C TYR E 64 17.23 -22.57 48.59
N ASN E 65 18.00 -23.63 48.37
CA ASN E 65 19.20 -23.55 47.53
C ASN E 65 19.01 -24.41 46.27
N VAL E 66 19.98 -24.27 45.35
CA VAL E 66 19.94 -24.79 44.02
C VAL E 66 21.38 -24.85 43.46
N SER E 67 21.66 -25.87 42.66
CA SER E 67 22.94 -25.95 41.96
C SER E 67 22.74 -26.58 40.60
N ARG E 68 23.65 -26.30 39.68
CA ARG E 68 23.51 -26.73 38.30
C ARG E 68 24.90 -27.05 37.78
N SER E 69 25.48 -28.17 38.23
CA SER E 69 26.77 -28.61 37.69
C SER E 69 26.66 -29.20 36.26
N THR E 70 25.46 -29.66 35.89
CA THR E 70 25.19 -30.08 34.50
C THR E 70 23.92 -29.45 33.88
N THR E 71 24.02 -29.18 32.58
CA THR E 71 22.90 -28.86 31.72
C THR E 71 21.61 -29.63 32.05
N GLU E 72 21.76 -30.91 32.38
CA GLU E 72 20.64 -31.85 32.47
C GLU E 72 19.83 -31.75 33.70
N ASP E 73 20.51 -31.56 34.84
CA ASP E 73 19.92 -31.69 36.17
C ASP E 73 19.88 -30.39 36.92
N PHE E 74 18.80 -30.20 37.67
CA PHE E 74 18.60 -28.96 38.38
C PHE E 74 17.96 -29.20 39.74
N PRO E 75 18.72 -29.81 40.68
CA PRO E 75 18.17 -30.22 41.97
C PRO E 75 17.80 -29.03 42.84
N LEU E 76 16.61 -29.08 43.44
CA LEU E 76 16.19 -28.11 44.44
C LEU E 76 16.36 -28.74 45.79
N ARG E 77 16.82 -27.97 46.76
CA ARG E 77 17.15 -28.49 48.06
C ARG E 77 16.54 -27.59 49.11
N LEU E 78 15.67 -28.16 49.95
CA LEU E 78 15.09 -27.46 51.07
C LEU E 78 15.96 -27.64 52.32
N GLU E 79 16.58 -26.57 52.80
CA GLU E 79 17.43 -26.74 53.98
C GLU E 79 16.66 -27.16 55.21
N LEU E 80 15.71 -26.32 55.63
CA LEU E 80 14.93 -26.57 56.85
C LEU E 80 13.44 -26.35 56.62
N ALA E 81 12.65 -27.39 56.86
CA ALA E 81 11.24 -27.33 56.49
C ALA E 81 10.46 -26.41 57.41
N ALA E 82 9.76 -25.46 56.81
CA ALA E 82 8.82 -24.67 57.56
C ALA E 82 7.44 -24.82 56.90
N PRO E 83 6.34 -24.75 57.69
CA PRO E 83 4.98 -24.94 57.17
C PRO E 83 4.73 -24.14 55.90
N SER E 84 5.31 -22.93 55.86
CA SER E 84 5.16 -22.02 54.75
C SER E 84 5.64 -22.66 53.44
N GLN E 85 6.40 -23.74 53.56
CA GLN E 85 6.89 -24.47 52.39
C GLN E 85 5.96 -25.57 51.91
N THR E 86 4.80 -25.73 52.53
CA THR E 86 3.77 -26.61 51.99
C THR E 86 3.24 -26.02 50.69
N SER E 87 3.56 -26.67 49.56
CA SER E 87 3.29 -26.11 48.25
C SER E 87 3.37 -27.21 47.19
N VAL E 88 2.94 -26.89 45.98
CA VAL E 88 3.21 -27.75 44.85
C VAL E 88 4.35 -27.07 44.11
N TYR E 89 5.43 -27.81 43.93
CA TYR E 89 6.60 -27.31 43.23
C TYR E 89 6.61 -27.75 41.75
N PHE E 90 7.09 -26.87 40.86
CA PHE E 90 7.20 -27.19 39.42
C PHE E 90 8.53 -26.77 38.83
N CYS E 91 9.10 -27.68 38.05
CA CYS E 91 10.36 -27.45 37.37
C CYS E 91 10.09 -27.29 35.86
N ALA E 92 10.94 -26.52 35.18
CA ALA E 92 10.72 -26.24 33.78
C ALA E 92 12.01 -26.08 32.98
N SER E 93 11.90 -26.27 31.68
CA SER E 93 13.01 -26.05 30.78
C SER E 93 12.51 -25.54 29.44
N THR E 94 13.27 -24.60 28.89
CA THR E 94 13.13 -24.16 27.50
C THR E 94 14.53 -23.83 27.06
N TYR E 95 14.67 -23.46 25.80
CA TYR E 95 15.84 -22.76 25.39
C TYR E 95 15.48 -21.79 24.28
N HIS E 96 15.02 -22.31 23.14
CA HIS E 96 14.70 -21.50 22.00
C HIS E 96 13.20 -21.18 21.88
N GLY E 97 12.34 -21.89 22.59
CA GLY E 97 10.89 -21.77 22.36
C GLY E 97 9.98 -22.33 23.43
N THR E 98 9.37 -23.48 23.16
CA THR E 98 8.43 -24.16 24.05
C THR E 98 8.99 -24.43 25.45
N GLY E 99 8.21 -24.14 26.48
CA GLY E 99 8.59 -24.46 27.84
C GLY E 99 7.99 -25.78 28.22
N TYR E 100 8.70 -26.51 29.05
CA TYR E 100 8.36 -27.89 29.38
C TYR E 100 8.28 -28.01 30.88
N PHE E 101 7.20 -28.62 31.39
CA PHE E 101 7.03 -28.79 32.85
C PHE E 101 7.05 -30.23 33.39
N GLY E 102 7.67 -30.39 34.54
CA GLY E 102 7.62 -31.64 35.27
C GLY E 102 6.22 -31.86 35.78
N GLU E 103 5.94 -33.11 36.19
CA GLU E 103 4.61 -33.55 36.56
C GLU E 103 4.10 -32.99 37.84
N GLY E 104 4.99 -32.35 38.61
CA GLY E 104 4.64 -31.70 39.87
C GLY E 104 5.25 -32.33 41.12
N SER E 105 5.50 -31.53 42.15
CA SER E 105 5.81 -32.10 43.45
C SER E 105 4.88 -31.53 44.48
N TRP E 106 4.00 -32.37 45.00
CA TRP E 106 3.14 -32.00 46.11
C TRP E 106 3.87 -32.22 47.47
N LEU E 107 4.19 -31.15 48.19
CA LEU E 107 4.91 -31.28 49.46
C LEU E 107 4.16 -30.60 50.58
N THR E 108 3.87 -31.38 51.61
CA THR E 108 3.31 -30.89 52.87
C THR E 108 4.34 -31.01 53.98
N VAL E 109 4.60 -29.89 54.65
CA VAL E 109 5.43 -29.82 55.86
C VAL E 109 4.54 -29.89 57.08
N VAL E 110 4.83 -30.83 57.97
CA VAL E 110 3.97 -31.05 59.14
C VAL E 110 4.61 -30.76 60.51
N GLU E 111 3.78 -30.19 61.37
CA GLU E 111 4.06 -29.94 62.80
C GLU E 111 4.76 -31.15 63.41
N ASP E 112 4.05 -32.27 63.45
CA ASP E 112 4.70 -33.56 63.64
C ASP E 112 3.91 -34.63 62.89
N LEU E 113 4.60 -35.74 62.56
CA LEU E 113 3.99 -36.83 61.80
C LEU E 113 2.65 -37.40 62.31
N ASN E 114 2.33 -37.22 63.58
CA ASN E 114 1.03 -37.67 64.08
C ASN E 114 -0.16 -37.00 63.35
N LYS E 115 0.12 -35.89 62.65
CA LYS E 115 -0.89 -35.20 61.86
C LYS E 115 -1.29 -35.92 60.55
N VAL E 116 -0.56 -36.97 60.18
CA VAL E 116 -0.81 -37.73 58.93
C VAL E 116 -1.85 -38.85 59.09
N PHE E 117 -2.84 -38.87 58.20
CA PHE E 117 -3.96 -39.79 58.37
C PHE E 117 -4.26 -40.41 57.04
N PRO E 118 -4.63 -41.70 57.01
CA PRO E 118 -5.12 -42.32 55.77
C PRO E 118 -6.59 -41.96 55.47
N PRO E 119 -7.10 -42.22 54.24
CA PRO E 119 -8.53 -42.10 54.08
C PRO E 119 -9.23 -43.38 54.54
N GLU E 120 -10.45 -43.24 55.06
CA GLU E 120 -11.41 -44.34 55.10
C GLU E 120 -12.13 -44.24 53.76
N VAL E 121 -12.59 -45.36 53.22
CA VAL E 121 -13.28 -45.32 51.93
C VAL E 121 -14.49 -46.20 51.93
N ALA E 122 -15.64 -45.58 51.69
CA ALA E 122 -16.92 -46.28 51.63
C ALA E 122 -17.45 -46.22 50.19
N VAL E 123 -18.29 -47.18 49.80
CA VAL E 123 -19.04 -47.07 48.55
C VAL E 123 -20.56 -47.20 48.77
N PHE E 124 -21.31 -46.33 48.12
CA PHE E 124 -22.77 -46.25 48.31
C PHE E 124 -23.50 -46.68 47.04
N GLU E 125 -24.35 -47.69 47.15
CA GLU E 125 -25.04 -48.28 46.02
C GLU E 125 -26.06 -47.29 45.43
N PRO E 126 -26.28 -47.34 44.10
CA PRO E 126 -27.29 -46.42 43.51
C PRO E 126 -28.72 -46.62 44.07
N SER E 127 -29.60 -45.64 43.85
CA SER E 127 -30.87 -45.67 44.53
C SER E 127 -31.95 -46.23 43.63
N GLU E 128 -32.81 -47.05 44.24
CA GLU E 128 -33.95 -47.67 43.61
C GLU E 128 -34.74 -46.60 42.86
N ALA E 129 -34.83 -45.41 43.47
CA ALA E 129 -35.61 -44.30 42.92
C ALA E 129 -35.02 -43.67 41.65
N GLU E 130 -33.69 -43.56 41.59
CA GLU E 130 -33.01 -43.05 40.41
C GLU E 130 -33.13 -44.03 39.24
N ILE E 131 -32.96 -45.32 39.54
CA ILE E 131 -33.10 -46.35 38.53
C ILE E 131 -34.47 -46.22 37.86
N SER E 132 -35.51 -46.07 38.67
CA SER E 132 -36.87 -45.89 38.17
C SER E 132 -37.06 -44.65 37.31
N HIS E 133 -36.54 -43.52 37.78
CA HIS E 133 -36.86 -42.21 37.23
C HIS E 133 -35.94 -41.78 36.08
N THR E 134 -34.87 -42.52 35.84
CA THR E 134 -33.90 -42.15 34.78
C THR E 134 -33.40 -43.32 33.96
N GLN E 135 -33.63 -44.55 34.41
CA GLN E 135 -32.95 -45.74 33.87
C GLN E 135 -31.42 -45.65 34.02
N LYS E 136 -30.94 -44.76 34.88
CA LYS E 136 -29.51 -44.67 35.19
C LYS E 136 -29.26 -44.88 36.68
N ALA E 137 -28.05 -45.32 37.02
CA ALA E 137 -27.70 -45.68 38.38
C ALA E 137 -26.35 -45.10 38.64
N THR E 138 -26.20 -44.46 39.80
CA THR E 138 -25.01 -43.70 40.10
C THR E 138 -24.40 -44.24 41.34
N LEU E 139 -23.15 -44.67 41.24
CA LEU E 139 -22.42 -45.06 42.45
C LEU E 139 -21.66 -43.86 43.04
N VAL E 140 -21.71 -43.68 44.36
CA VAL E 140 -20.91 -42.64 45.06
C VAL E 140 -19.87 -43.27 45.96
N CYS E 141 -18.65 -42.72 45.91
CA CYS E 141 -17.49 -43.13 46.72
C CYS E 141 -16.97 -41.95 47.55
N LEU E 142 -16.93 -42.10 48.87
CA LEU E 142 -16.36 -41.03 49.71
C LEU E 142 -15.01 -41.46 50.23
N ALA E 143 -13.99 -40.63 50.07
CA ALA E 143 -12.78 -40.85 50.83
C ALA E 143 -12.78 -39.86 51.98
N THR E 144 -12.77 -40.36 53.22
CA THR E 144 -12.85 -39.43 54.36
C THR E 144 -11.70 -39.52 55.38
N GLY E 145 -11.33 -38.37 55.94
CA GLY E 145 -10.43 -38.32 57.08
C GLY E 145 -8.97 -38.53 56.78
N PHE E 146 -8.55 -38.17 55.58
CA PHE E 146 -7.15 -38.26 55.21
C PHE E 146 -6.46 -36.90 55.27
N PHE E 147 -5.37 -36.82 56.03
CA PHE E 147 -4.48 -35.68 55.90
C PHE E 147 -3.28 -36.24 55.15
N PRO E 148 -2.33 -35.40 54.73
CA PRO E 148 -1.96 -34.84 53.48
C PRO E 148 -3.06 -35.03 52.47
N ASP E 149 -3.28 -34.00 51.68
CA ASP E 149 -4.22 -34.08 50.60
C ASP E 149 -3.51 -34.78 49.44
N HIS E 150 -3.09 -36.01 49.64
CA HIS E 150 -2.30 -36.75 48.65
C HIS E 150 -2.97 -38.05 48.25
N VAL E 151 -4.04 -37.93 47.44
CA VAL E 151 -4.89 -39.07 47.02
C VAL E 151 -5.03 -39.20 45.50
N GLU E 152 -5.13 -40.42 44.99
CA GLU E 152 -5.54 -40.62 43.58
C GLU E 152 -6.62 -41.67 43.53
N LEU E 153 -7.80 -41.23 43.12
CA LEU E 153 -9.02 -41.98 43.20
C LEU E 153 -9.30 -42.46 41.81
N SER E 154 -9.63 -43.74 41.72
CA SER E 154 -9.88 -44.42 40.49
C SER E 154 -11.03 -45.39 40.65
N TRP E 155 -11.70 -45.73 39.52
CA TRP E 155 -12.82 -46.66 39.44
C TRP E 155 -12.47 -47.89 38.60
N TRP E 156 -12.84 -49.07 39.09
CA TRP E 156 -12.52 -50.32 38.40
C TRP E 156 -13.79 -51.13 38.27
N VAL E 157 -14.10 -51.48 37.04
CA VAL E 157 -15.28 -52.27 36.76
C VAL E 157 -14.77 -53.60 36.21
N ASN E 158 -15.12 -54.69 36.90
CA ASN E 158 -14.66 -56.03 36.51
C ASN E 158 -13.17 -56.11 36.25
N GLY E 159 -12.38 -55.49 37.13
CA GLY E 159 -10.91 -55.61 37.05
C GLY E 159 -10.17 -54.72 36.05
N LYS E 160 -10.92 -53.88 35.33
CA LYS E 160 -10.31 -52.89 34.45
C LYS E 160 -10.74 -51.48 34.87
N GLU E 161 -9.79 -50.56 34.91
CA GLU E 161 -10.09 -49.18 35.24
C GLU E 161 -10.96 -48.53 34.16
N VAL E 162 -11.85 -47.66 34.59
CA VAL E 162 -12.86 -47.12 33.71
C VAL E 162 -12.81 -45.59 33.81
N HIS E 163 -13.15 -44.88 32.74
CA HIS E 163 -13.06 -43.40 32.74
C HIS E 163 -14.41 -42.75 32.39
N SER E 164 -15.05 -43.19 31.32
CA SER E 164 -16.43 -42.81 31.02
C SER E 164 -17.38 -42.92 32.22
N GLY E 165 -18.18 -41.90 32.45
CA GLY E 165 -19.19 -41.96 33.49
C GLY E 165 -18.65 -41.71 34.87
N VAL E 166 -17.36 -41.36 34.95
CA VAL E 166 -16.75 -40.95 36.23
C VAL E 166 -16.62 -39.44 36.44
N CYS E 167 -16.89 -38.96 37.64
CA CYS E 167 -16.50 -37.61 38.06
C CYS E 167 -15.88 -37.69 39.45
N THR E 168 -14.78 -36.97 39.66
CA THR E 168 -14.16 -36.90 40.98
C THR E 168 -13.94 -35.43 41.32
N ASP E 169 -14.34 -35.03 42.53
CA ASP E 169 -14.13 -33.64 42.95
C ASP E 169 -12.68 -33.25 42.65
N PRO E 170 -12.48 -32.15 41.89
CA PRO E 170 -11.12 -31.65 41.66
C PRO E 170 -10.55 -30.95 42.90
N GLN E 171 -11.43 -30.34 43.73
CA GLN E 171 -11.07 -29.79 45.03
C GLN E 171 -11.52 -30.72 46.18
N PRO E 172 -10.63 -31.03 47.13
CA PRO E 172 -11.10 -31.72 48.31
C PRO E 172 -11.72 -30.68 49.24
N LEU E 173 -12.36 -31.11 50.32
CA LEU E 173 -12.90 -30.13 51.27
C LEU E 173 -12.39 -30.43 52.68
N LYS E 174 -12.37 -29.39 53.51
CA LYS E 174 -11.88 -29.53 54.89
C LYS E 174 -12.98 -30.08 55.80
N GLU E 175 -12.63 -31.05 56.63
CA GLU E 175 -13.57 -31.57 57.63
C GLU E 175 -13.68 -30.63 58.84
N GLN E 176 -12.62 -29.88 59.08
CA GLN E 176 -12.69 -28.75 59.98
C GLN E 176 -12.11 -27.52 59.27
N PRO E 177 -13.00 -26.78 58.55
CA PRO E 177 -12.63 -25.57 57.80
C PRO E 177 -11.83 -24.62 58.66
N ALA E 178 -12.27 -24.46 59.91
CA ALA E 178 -11.58 -23.62 60.87
C ALA E 178 -10.17 -24.17 61.14
N LEU E 179 -10.07 -25.46 61.46
CA LEU E 179 -8.80 -26.08 61.87
C LEU E 179 -7.72 -25.89 60.82
N ASN E 180 -6.52 -25.62 61.32
CA ASN E 180 -5.40 -25.18 60.49
C ASN E 180 -4.99 -26.23 59.46
N ASP E 181 -4.64 -27.43 59.93
CA ASP E 181 -4.34 -28.55 59.03
C ASP E 181 -5.36 -29.70 59.18
N SER E 182 -6.63 -29.35 59.01
CA SER E 182 -7.74 -30.28 59.04
C SER E 182 -7.61 -31.40 58.01
N ARG E 183 -8.30 -32.51 58.29
CA ARG E 183 -8.39 -33.64 57.37
C ARG E 183 -9.37 -33.29 56.25
N TYR E 184 -9.50 -34.22 55.32
CA TYR E 184 -10.16 -33.94 54.08
C TYR E 184 -11.15 -35.04 53.72
N ALA E 185 -12.20 -34.64 53.02
CA ALA E 185 -13.13 -35.56 52.41
C ALA E 185 -13.04 -35.34 50.91
N LEU E 186 -13.51 -36.30 50.14
CA LEU E 186 -13.50 -36.19 48.69
C LEU E 186 -14.49 -37.17 48.11
N SER E 187 -15.28 -36.70 47.15
CA SER E 187 -16.32 -37.55 46.56
C SER E 187 -16.10 -37.81 45.06
N SER E 188 -16.60 -38.96 44.61
CA SER E 188 -16.52 -39.41 43.22
C SER E 188 -17.85 -40.05 42.81
N ARG E 189 -18.11 -40.11 41.51
CA ARG E 189 -19.32 -40.74 40.99
C ARG E 189 -18.94 -41.61 39.81
N LEU E 190 -19.61 -42.74 39.70
CA LEU E 190 -19.59 -43.56 38.50
C LEU E 190 -21.04 -43.83 38.18
N ARG E 191 -21.50 -43.32 37.05
CA ARG E 191 -22.86 -43.57 36.66
C ARG E 191 -22.76 -44.56 35.54
N VAL E 192 -23.61 -45.58 35.59
CA VAL E 192 -23.74 -46.56 34.54
C VAL E 192 -25.24 -46.69 34.22
N SER E 193 -25.58 -47.37 33.14
CA SER E 193 -26.99 -47.65 32.83
C SER E 193 -27.55 -48.60 33.89
N ALA E 194 -28.87 -48.50 34.14
CA ALA E 194 -29.55 -49.34 35.16
C ALA E 194 -29.33 -50.82 34.91
N THR E 195 -29.43 -51.21 33.65
CA THR E 195 -29.26 -52.59 33.21
C THR E 195 -27.93 -53.16 33.65
N PHE E 196 -26.90 -52.33 33.53
CA PHE E 196 -25.54 -52.71 33.88
C PHE E 196 -25.48 -52.92 35.37
N TRP E 197 -26.07 -52.00 36.13
CA TRP E 197 -26.05 -52.14 37.58
C TRP E 197 -26.84 -53.37 38.03
N GLN E 198 -27.82 -53.79 37.24
CA GLN E 198 -28.72 -54.88 37.65
C GLN E 198 -28.12 -56.28 37.45
N ASN E 199 -26.98 -56.32 36.78
CA ASN E 199 -26.26 -57.57 36.52
C ASN E 199 -25.43 -57.98 37.74
N PRO E 200 -25.76 -59.12 38.36
CA PRO E 200 -25.10 -59.51 39.60
C PRO E 200 -23.70 -60.04 39.39
N ARG E 201 -23.21 -60.02 38.15
CA ARG E 201 -21.89 -60.57 37.83
C ARG E 201 -20.92 -59.42 37.54
N ASN E 202 -21.41 -58.20 37.70
CA ASN E 202 -20.62 -56.99 37.64
C ASN E 202 -20.18 -56.56 39.02
N HIS E 203 -18.90 -56.23 39.09
CA HIS E 203 -18.24 -55.84 40.31
C HIS E 203 -17.67 -54.44 40.14
N PHE E 204 -17.85 -53.61 41.16
CA PHE E 204 -17.44 -52.23 41.11
C PHE E 204 -16.52 -51.94 42.27
N ARG E 205 -15.27 -51.60 41.97
CA ARG E 205 -14.33 -51.21 43.02
C ARG E 205 -13.99 -49.73 42.87
N CYS E 206 -14.01 -49.04 43.99
CA CYS E 206 -13.52 -47.69 44.11
C CYS E 206 -12.19 -47.69 44.88
N GLN E 207 -11.17 -47.08 44.28
CA GLN E 207 -9.79 -47.35 44.66
C GLN E 207 -8.99 -46.07 44.86
N VAL E 208 -8.42 -45.89 46.05
CA VAL E 208 -7.78 -44.63 46.42
C VAL E 208 -6.32 -44.85 46.82
N GLN E 209 -5.40 -44.22 46.10
CA GLN E 209 -3.98 -44.38 46.39
C GLN E 209 -3.60 -43.16 47.21
N PHE E 210 -3.17 -43.42 48.43
CA PHE E 210 -2.73 -42.42 49.39
C PHE E 210 -1.21 -42.42 49.50
N TYR E 211 -0.61 -41.24 49.48
CA TYR E 211 0.83 -41.19 49.67
C TYR E 211 1.18 -40.66 51.05
N GLY E 212 1.71 -41.55 51.88
CA GLY E 212 1.98 -41.27 53.27
C GLY E 212 3.45 -41.44 53.59
N LEU E 213 3.70 -41.91 54.81
CA LEU E 213 5.04 -42.02 55.36
C LEU E 213 5.80 -43.17 54.74
N SER E 214 7.11 -43.15 54.95
CA SER E 214 8.01 -44.08 54.32
C SER E 214 8.53 -45.11 55.31
N GLU E 215 9.17 -46.16 54.79
CA GLU E 215 9.79 -47.20 55.62
C GLU E 215 10.82 -46.57 56.58
N ASN E 216 11.14 -45.29 56.37
CA ASN E 216 12.21 -44.63 57.12
C ASN E 216 11.78 -43.72 58.27
N ASP E 217 10.49 -43.36 58.31
CA ASP E 217 9.98 -42.53 59.39
C ASP E 217 9.59 -43.38 60.58
N GLU E 218 10.05 -42.95 61.75
CA GLU E 218 9.70 -43.55 63.03
C GLU E 218 8.17 -43.45 63.23
N TRP E 219 7.60 -44.36 64.02
CA TRP E 219 6.17 -44.29 64.36
C TRP E 219 5.86 -44.97 65.69
N THR E 220 5.20 -44.22 66.58
CA THR E 220 5.03 -44.60 68.00
C THR E 220 3.55 -44.87 68.37
N GLN E 221 2.64 -44.28 67.61
CA GLN E 221 1.21 -44.23 67.96
C GLN E 221 0.48 -45.59 67.92
N ASP E 222 -0.58 -45.70 68.73
CA ASP E 222 -1.43 -46.90 68.74
C ASP E 222 -1.94 -47.30 67.33
N ARG E 223 -2.56 -46.37 66.61
CA ARG E 223 -3.13 -46.69 65.28
C ARG E 223 -2.08 -47.11 64.24
N ALA E 224 -2.54 -47.69 63.14
CA ALA E 224 -1.65 -48.06 62.03
C ALA E 224 -0.80 -46.87 61.59
N LYS E 225 0.49 -47.13 61.36
CA LYS E 225 1.38 -46.16 60.75
C LYS E 225 0.82 -45.91 59.37
N PRO E 226 0.54 -44.63 59.02
CA PRO E 226 -0.02 -44.17 57.73
C PRO E 226 0.99 -44.10 56.55
N VAL E 227 1.38 -45.28 56.09
CA VAL E 227 2.28 -45.44 54.96
C VAL E 227 1.54 -45.23 53.64
N THR E 228 2.28 -45.03 52.56
CA THR E 228 1.68 -45.07 51.22
C THR E 228 0.89 -46.39 51.13
N GLN E 229 -0.30 -46.33 50.56
CA GLN E 229 -1.19 -47.48 50.54
C GLN E 229 -2.39 -47.24 49.67
N ILE E 230 -2.98 -48.36 49.26
CA ILE E 230 -4.26 -48.39 48.55
C ILE E 230 -5.36 -48.83 49.50
N VAL E 231 -6.42 -48.03 49.57
CA VAL E 231 -7.64 -48.38 50.33
C VAL E 231 -8.82 -48.36 49.38
N SER E 232 -9.79 -49.25 49.61
CA SER E 232 -10.88 -49.46 48.65
C SER E 232 -12.20 -49.87 49.29
N ALA E 233 -13.24 -49.85 48.44
CA ALA E 233 -14.57 -50.35 48.77
C ALA E 233 -15.19 -50.75 47.42
N GLU E 234 -16.07 -51.74 47.47
CA GLU E 234 -16.57 -52.38 46.27
C GLU E 234 -18.06 -52.65 46.39
N ALA E 235 -18.79 -52.65 45.28
CA ALA E 235 -20.13 -53.27 45.27
C ALA E 235 -20.27 -54.19 44.09
N TRP E 236 -21.14 -55.18 44.27
CA TRP E 236 -21.66 -55.98 43.17
C TRP E 236 -23.06 -55.47 42.83
N GLY E 237 -23.38 -55.41 41.54
CA GLY E 237 -24.72 -55.07 41.10
C GLY E 237 -25.71 -56.07 41.62
N ARG E 238 -26.96 -55.64 41.76
CA ARG E 238 -28.02 -56.45 42.34
C ARG E 238 -29.15 -56.70 41.36
N ALA E 239 -29.73 -57.90 41.44
CA ALA E 239 -30.81 -58.31 40.57
C ALA E 239 -32.17 -57.81 41.02
N ASP E 240 -32.37 -57.75 42.33
CA ASP E 240 -33.60 -57.15 42.92
C ASP E 240 -33.45 -55.65 43.19
N GLU F 3 -16.06 7.50 12.35
CA GLU F 3 -14.84 8.31 12.66
C GLU F 3 -14.13 7.70 13.82
N GLU F 4 -13.32 8.51 14.47
CA GLU F 4 -12.74 8.15 15.72
C GLU F 4 -12.83 9.42 16.54
N HIS F 5 -12.39 10.55 15.98
CA HIS F 5 -12.61 11.84 16.61
C HIS F 5 -13.04 12.91 15.63
N VAL F 6 -13.67 13.95 16.18
CA VAL F 6 -14.02 15.15 15.41
C VAL F 6 -13.65 16.37 16.25
N ILE F 7 -12.93 17.30 15.64
CA ILE F 7 -12.62 18.59 16.27
C ILE F 7 -13.30 19.70 15.49
N ILE F 8 -14.25 20.41 16.08
CA ILE F 8 -14.95 21.50 15.38
C ILE F 8 -14.61 22.88 15.93
N GLN F 9 -14.22 23.79 15.05
CA GLN F 9 -14.13 25.22 15.37
C GLN F 9 -15.44 25.88 15.00
N ALA F 10 -16.18 26.31 16.01
CA ALA F 10 -17.59 26.66 15.80
C ALA F 10 -17.93 28.08 16.26
N GLU F 11 -18.42 28.85 15.30
CA GLU F 11 -18.63 30.29 15.47
C GLU F 11 -20.06 30.69 15.16
N PHE F 12 -20.59 31.62 15.94
CA PHE F 12 -21.83 32.24 15.55
C PHE F 12 -21.79 33.73 15.80
N TYR F 13 -22.67 34.44 15.12
CA TYR F 13 -23.01 35.79 15.47
C TYR F 13 -24.56 35.95 15.52
N LEU F 14 -25.09 36.57 16.58
CA LEU F 14 -26.54 36.76 16.65
C LEU F 14 -27.01 38.23 16.71
N ASN F 15 -27.91 38.60 15.80
CA ASN F 15 -28.42 39.99 15.77
C ASN F 15 -29.60 40.30 16.71
N PRO F 16 -30.08 41.55 16.71
CA PRO F 16 -30.14 42.48 17.80
C PRO F 16 -29.23 42.24 19.00
N ASP F 17 -29.01 41.00 19.40
CA ASP F 17 -28.24 40.73 20.61
C ASP F 17 -26.78 41.15 20.49
N GLN F 18 -26.21 40.97 19.31
CA GLN F 18 -24.83 41.30 19.05
C GLN F 18 -23.95 40.41 19.91
N SER F 19 -24.37 39.14 20.00
CA SER F 19 -23.60 38.04 20.57
C SER F 19 -22.87 37.29 19.48
N GLY F 20 -21.54 37.30 19.60
CA GLY F 20 -20.65 36.49 18.81
C GLY F 20 -20.13 35.44 19.76
N GLU F 21 -19.58 34.34 19.24
CA GLU F 21 -18.93 33.33 20.06
C GLU F 21 -18.00 32.42 19.21
N PHE F 22 -16.88 31.99 19.80
CA PHE F 22 -15.85 31.19 19.15
C PHE F 22 -15.38 30.16 20.17
N MET F 23 -15.40 28.91 19.78
CA MET F 23 -14.93 27.84 20.64
C MET F 23 -14.40 26.70 19.80
N PHE F 24 -13.63 25.82 20.42
CA PHE F 24 -13.27 24.57 19.79
C PHE F 24 -13.99 23.48 20.50
N ASP F 25 -14.48 22.51 19.74
CA ASP F 25 -15.18 21.34 20.27
C ASP F 25 -14.38 20.10 19.94
N PHE F 26 -14.30 19.16 20.88
CA PHE F 26 -13.66 17.85 20.60
C PHE F 26 -14.62 16.78 21.04
N ASP F 27 -15.19 16.09 20.05
CA ASP F 27 -16.17 15.07 20.30
C ASP F 27 -17.26 15.54 21.29
N GLY F 28 -17.68 16.78 21.16
CA GLY F 28 -18.76 17.30 21.97
C GLY F 28 -18.33 18.07 23.19
N ASP F 29 -17.10 17.84 23.66
CA ASP F 29 -16.60 18.60 24.80
C ASP F 29 -15.88 19.87 24.32
N GLU F 30 -15.99 20.96 25.08
CA GLU F 30 -15.38 22.24 24.70
C GLU F 30 -13.89 22.16 25.05
N ILE F 31 -13.01 22.53 24.13
CA ILE F 31 -11.59 22.55 24.45
C ILE F 31 -11.31 23.90 25.11
N PHE F 32 -11.72 24.97 24.43
CA PHE F 32 -11.71 26.33 24.96
C PHE F 32 -12.69 27.15 24.15
N HIS F 33 -13.09 28.29 24.72
CA HIS F 33 -13.79 29.35 23.97
C HIS F 33 -12.97 30.64 24.06
N VAL F 34 -13.33 31.65 23.28
CA VAL F 34 -12.73 32.98 23.47
C VAL F 34 -13.72 33.94 24.09
N ASP F 35 -13.29 34.56 25.18
CA ASP F 35 -14.10 35.46 25.99
C ASP F 35 -14.11 36.83 25.29
N MET F 36 -15.15 37.13 24.51
CA MET F 36 -15.16 38.38 23.70
C MET F 36 -14.90 39.65 24.51
N ALA F 37 -15.39 39.71 25.74
CA ALA F 37 -15.26 40.95 26.49
C ALA F 37 -13.78 41.23 26.75
N LYS F 38 -13.11 40.28 27.39
CA LYS F 38 -11.70 40.45 27.77
C LYS F 38 -10.74 40.06 26.65
N LYS F 39 -11.31 39.58 25.55
CA LYS F 39 -10.54 39.08 24.42
C LYS F 39 -9.40 38.18 24.92
N GLU F 40 -9.73 37.20 25.75
CA GLU F 40 -8.75 36.20 26.07
C GLU F 40 -9.25 34.78 25.80
N THR F 41 -8.32 33.85 25.60
CA THR F 41 -8.66 32.42 25.54
C THR F 41 -9.10 31.95 26.93
N VAL F 42 -10.22 31.22 26.96
CA VAL F 42 -10.68 30.57 28.17
C VAL F 42 -10.72 29.06 28.01
N TRP F 43 -9.65 28.42 28.45
CA TRP F 43 -9.52 26.95 28.52
C TRP F 43 -10.59 26.27 29.37
N ARG F 44 -11.17 25.19 28.83
CA ARG F 44 -12.31 24.53 29.48
C ARG F 44 -11.96 23.89 30.79
N LEU F 45 -10.84 23.18 30.77
CA LEU F 45 -10.21 22.62 31.94
C LEU F 45 -8.87 23.31 31.98
N GLU F 46 -8.45 23.67 33.19
CA GLU F 46 -7.30 24.53 33.43
C GLU F 46 -5.98 24.01 32.85
N GLU F 47 -5.77 22.70 32.84
CA GLU F 47 -4.50 22.18 32.34
C GLU F 47 -4.27 22.34 30.82
N PHE F 48 -5.34 22.42 30.02
CA PHE F 48 -5.15 22.47 28.56
C PHE F 48 -4.26 23.65 28.19
N GLY F 49 -4.28 24.68 29.04
CA GLY F 49 -3.45 25.86 28.85
C GLY F 49 -1.98 25.56 29.09
N ARG F 50 -1.72 24.58 29.94
CA ARG F 50 -0.35 24.16 30.20
C ARG F 50 0.12 23.21 29.11
N PHE F 51 -0.75 22.89 28.17
CA PHE F 51 -0.35 21.99 27.10
C PHE F 51 -0.61 22.57 25.72
N ALA F 52 -1.29 23.70 25.66
CA ALA F 52 -1.54 24.38 24.38
C ALA F 52 -1.72 25.90 24.58
N SER F 53 -1.65 26.65 23.49
CA SER F 53 -1.86 28.08 23.55
C SER F 53 -2.73 28.45 22.39
N PHE F 54 -3.41 29.58 22.53
CA PHE F 54 -4.21 30.13 21.47
C PHE F 54 -4.04 31.65 21.38
N GLU F 55 -3.41 32.06 20.30
CA GLU F 55 -3.43 33.43 19.85
C GLU F 55 -4.77 33.70 19.14
N ALA F 56 -5.50 34.71 19.62
CA ALA F 56 -6.94 34.87 19.35
C ALA F 56 -7.30 35.83 18.21
N GLN F 57 -6.32 36.55 17.71
CA GLN F 57 -6.57 37.64 16.78
C GLN F 57 -7.35 37.17 15.55
N GLY F 58 -6.96 36.04 14.99
CA GLY F 58 -7.68 35.46 13.91
C GLY F 58 -9.12 35.08 14.24
N ALA F 59 -9.42 34.93 15.53
CA ALA F 59 -10.73 34.47 15.95
C ALA F 59 -11.65 35.63 16.08
N LEU F 60 -11.11 36.76 16.55
CA LEU F 60 -11.91 38.00 16.68
C LEU F 60 -12.18 38.61 15.33
N ALA F 61 -11.21 38.49 14.43
CA ALA F 61 -11.41 38.82 13.04
C ALA F 61 -12.56 38.01 12.43
N ASN F 62 -12.67 36.70 12.71
CA ASN F 62 -13.76 35.89 12.14
C ASN F 62 -15.12 36.37 12.65
N ILE F 63 -15.17 36.77 13.91
CA ILE F 63 -16.40 37.28 14.46
C ILE F 63 -16.89 38.49 13.67
N ALA F 64 -16.00 39.46 13.41
CA ALA F 64 -16.34 40.59 12.55
C ALA F 64 -16.89 40.09 11.20
N VAL F 65 -16.20 39.15 10.57
CA VAL F 65 -16.66 38.61 9.32
C VAL F 65 -18.02 37.91 9.44
N ASP F 66 -18.17 37.18 10.55
CA ASP F 66 -19.43 36.47 10.78
C ASP F 66 -20.58 37.48 10.84
N LYS F 67 -20.29 38.67 11.37
CA LYS F 67 -21.27 39.72 11.46
C LYS F 67 -21.63 40.29 10.08
N ALA F 68 -20.66 40.80 9.33
CA ALA F 68 -20.97 41.26 8.00
C ALA F 68 -21.79 40.22 7.24
N ASN F 69 -21.39 38.96 7.35
CA ASN F 69 -22.07 37.90 6.63
C ASN F 69 -23.52 37.72 7.05
N LEU F 70 -23.78 37.69 8.35
CA LEU F 70 -25.14 37.71 8.85
C LEU F 70 -25.93 38.86 8.20
N GLU F 71 -25.43 40.08 8.35
CA GLU F 71 -26.15 41.23 7.86
C GLU F 71 -26.57 41.13 6.38
N ILE F 72 -25.64 40.71 5.54
CA ILE F 72 -25.93 40.56 4.13
C ILE F 72 -26.92 39.43 3.95
N MET F 73 -26.71 38.33 4.68
CA MET F 73 -27.60 37.18 4.56
C MET F 73 -29.00 37.52 5.01
N THR F 74 -29.11 38.28 6.08
CA THR F 74 -30.42 38.71 6.53
C THR F 74 -31.14 39.38 5.40
N LYS F 75 -30.47 40.32 4.76
CA LYS F 75 -31.06 41.16 3.72
C LYS F 75 -31.47 40.33 2.47
N ARG F 76 -30.63 39.39 2.08
CA ARG F 76 -30.89 38.52 0.92
C ARG F 76 -32.08 37.59 1.20
N SER F 77 -32.24 37.21 2.47
CA SER F 77 -33.37 36.37 2.90
C SER F 77 -34.69 37.18 2.97
N ASN F 78 -34.61 38.49 2.75
CA ASN F 78 -35.77 39.38 2.87
C ASN F 78 -36.21 39.48 4.32
N TYR F 79 -35.23 39.38 5.20
CA TYR F 79 -35.43 39.52 6.64
C TYR F 79 -36.33 38.43 7.20
N THR F 80 -36.11 37.18 6.75
CA THR F 80 -36.77 36.04 7.36
C THR F 80 -36.10 35.77 8.70
N PRO F 81 -36.83 35.96 9.82
CA PRO F 81 -36.24 35.68 11.14
C PRO F 81 -36.11 34.19 11.45
N ILE F 82 -35.47 33.86 12.57
CA ILE F 82 -35.29 32.47 12.94
C ILE F 82 -36.55 31.92 13.61
N THR F 83 -36.91 30.67 13.29
CA THR F 83 -37.96 29.97 14.02
C THR F 83 -37.29 29.62 15.35
N ASN F 84 -37.93 29.99 16.46
CA ASN F 84 -37.48 29.55 17.78
C ASN F 84 -37.77 28.06 17.94
N VAL F 85 -36.79 27.35 18.47
CA VAL F 85 -36.92 25.95 18.87
C VAL F 85 -36.59 25.78 20.39
N PRO F 86 -37.60 25.37 21.20
CA PRO F 86 -37.49 25.29 22.66
C PRO F 86 -36.60 24.14 23.06
N PRO F 87 -35.87 24.27 24.18
CA PRO F 87 -35.00 23.19 24.63
C PRO F 87 -35.68 22.06 25.38
N GLU F 88 -35.10 20.87 25.27
CA GLU F 88 -35.37 19.84 26.26
C GLU F 88 -34.43 20.17 27.39
N VAL F 89 -34.89 20.01 28.60
CA VAL F 89 -34.04 20.18 29.74
C VAL F 89 -34.14 18.89 30.52
N THR F 90 -33.00 18.43 31.00
CA THR F 90 -32.99 17.29 31.88
C THR F 90 -32.04 17.66 33.01
N VAL F 91 -32.39 17.24 34.22
CA VAL F 91 -31.55 17.49 35.37
C VAL F 91 -31.16 16.17 36.02
N LEU F 92 -29.85 16.01 36.19
CA LEU F 92 -29.27 14.87 36.88
C LEU F 92 -28.02 15.28 37.66
N THR F 93 -27.40 14.29 38.31
CA THR F 93 -26.25 14.52 39.15
C THR F 93 -24.96 14.03 38.48
N ASN F 94 -23.82 14.28 39.13
CA ASN F 94 -22.51 13.80 38.68
C ASN F 94 -22.28 12.34 39.07
N SER F 95 -22.52 12.03 40.35
CA SER F 95 -22.32 10.67 40.87
C SER F 95 -23.60 10.16 41.56
N PRO F 96 -23.65 8.85 41.94
CA PRO F 96 -24.80 8.37 42.73
C PRO F 96 -24.98 9.19 44.01
N VAL F 97 -26.16 9.77 44.16
CA VAL F 97 -26.44 10.68 45.27
C VAL F 97 -26.20 9.98 46.60
N GLU F 98 -25.18 10.44 47.32
CA GLU F 98 -24.88 9.93 48.65
C GLU F 98 -25.29 10.97 49.69
N LEU F 99 -26.19 10.58 50.60
CA LEU F 99 -26.60 11.45 51.70
C LEU F 99 -25.41 12.13 52.35
N ARG F 100 -25.41 13.45 52.35
CA ARG F 100 -24.47 14.22 53.17
C ARG F 100 -23.03 14.25 52.61
N GLU F 101 -22.85 13.74 51.39
CA GLU F 101 -21.54 13.80 50.73
C GLU F 101 -21.61 14.59 49.43
N PRO F 102 -20.74 15.62 49.29
CA PRO F 102 -20.73 16.59 48.19
C PRO F 102 -20.97 15.99 46.80
N ASN F 103 -21.91 16.58 46.07
CA ASN F 103 -22.22 16.20 44.70
C ASN F 103 -22.45 17.47 43.87
N VAL F 104 -22.70 17.28 42.58
CA VAL F 104 -23.03 18.40 41.68
C VAL F 104 -24.30 18.08 40.90
N LEU F 105 -25.12 19.12 40.68
CA LEU F 105 -26.29 18.99 39.84
C LEU F 105 -25.95 19.55 38.48
N ILE F 106 -26.40 18.85 37.44
CA ILE F 106 -26.17 19.27 36.07
C ILE F 106 -27.50 19.60 35.39
N CYS F 107 -27.60 20.82 34.86
CA CYS F 107 -28.74 21.18 34.03
C CYS F 107 -28.40 21.17 32.55
N PHE F 108 -28.72 20.06 31.90
CA PHE F 108 -28.48 19.87 30.46
C PHE F 108 -29.56 20.57 29.61
N ILE F 109 -29.18 21.66 28.96
CA ILE F 109 -30.09 22.36 28.07
C ILE F 109 -29.75 22.05 26.61
N ASP F 110 -30.70 21.49 25.86
CA ASP F 110 -30.41 20.79 24.59
C ASP F 110 -31.41 21.07 23.45
N LYS F 111 -30.93 20.96 22.20
CA LYS F 111 -31.76 20.98 20.99
C LYS F 111 -32.58 22.28 20.85
N PHE F 112 -31.91 23.42 20.94
CA PHE F 112 -32.61 24.69 20.84
C PHE F 112 -31.87 25.70 20.00
N THR F 113 -32.64 26.59 19.37
CA THR F 113 -32.02 27.72 18.68
C THR F 113 -32.72 29.01 19.11
N PRO F 114 -32.21 30.17 18.66
CA PRO F 114 -31.41 31.21 19.21
C PRO F 114 -30.63 30.72 20.39
N PRO F 115 -29.29 30.88 20.34
CA PRO F 115 -28.47 30.59 21.48
C PRO F 115 -28.57 31.69 22.51
N VAL F 116 -29.77 31.86 23.07
CA VAL F 116 -30.02 32.77 24.21
C VAL F 116 -30.96 32.08 25.20
N VAL F 117 -30.48 31.91 26.43
CA VAL F 117 -31.32 31.33 27.48
C VAL F 117 -31.07 32.02 28.81
N ASN F 118 -32.11 32.05 29.65
CA ASN F 118 -31.97 32.50 31.02
C ASN F 118 -32.16 31.30 31.92
N VAL F 119 -31.14 31.00 32.72
CA VAL F 119 -31.15 29.80 33.56
C VAL F 119 -30.90 30.10 35.03
N THR F 120 -31.88 29.76 35.87
CA THR F 120 -31.76 30.00 37.29
C THR F 120 -31.94 28.72 38.07
N TRP F 121 -31.07 28.51 39.05
CA TRP F 121 -31.24 27.40 39.98
C TRP F 121 -32.16 27.84 41.08
N LEU F 122 -33.08 26.97 41.47
CA LEU F 122 -33.99 27.23 42.57
C LEU F 122 -33.88 26.11 43.60
N ARG F 123 -33.88 26.52 44.87
CA ARG F 123 -33.74 25.63 46.01
C ARG F 123 -34.91 25.91 46.95
N ASN F 124 -35.84 24.96 47.01
CA ASN F 124 -37.10 25.09 47.77
C ASN F 124 -38.00 26.23 47.31
N GLY F 125 -37.53 27.01 46.35
CA GLY F 125 -38.29 28.17 45.88
C GLY F 125 -37.36 29.31 45.56
N LYS F 126 -36.48 29.63 46.51
CA LYS F 126 -35.49 30.71 46.36
C LYS F 126 -34.39 30.40 45.36
N PRO F 127 -33.93 31.43 44.63
CA PRO F 127 -32.72 31.28 43.79
C PRO F 127 -31.47 31.12 44.65
N VAL F 128 -30.40 30.60 44.03
CA VAL F 128 -29.10 30.43 44.66
C VAL F 128 -27.97 30.71 43.65
N THR F 129 -27.28 31.84 43.85
CA THR F 129 -26.19 32.22 42.96
C THR F 129 -24.92 31.42 43.23
N THR F 130 -24.71 31.08 44.50
CA THR F 130 -23.40 30.59 44.94
C THR F 130 -22.95 29.31 44.24
N GLY F 131 -21.77 29.41 43.62
CA GLY F 131 -21.01 28.27 43.11
C GLY F 131 -21.31 27.82 41.70
N VAL F 132 -22.30 28.42 41.04
CA VAL F 132 -22.72 27.85 39.75
C VAL F 132 -21.59 27.92 38.71
N SER F 133 -21.79 27.24 37.59
CA SER F 133 -20.90 27.40 36.45
C SER F 133 -21.65 27.02 35.20
N GLU F 134 -21.08 27.37 34.07
CA GLU F 134 -21.77 27.16 32.83
C GLU F 134 -20.84 27.10 31.63
N THR F 135 -21.17 26.19 30.73
CA THR F 135 -20.48 26.10 29.46
C THR F 135 -21.08 27.11 28.54
N VAL F 136 -20.35 27.42 27.48
CA VAL F 136 -20.88 28.29 26.45
C VAL F 136 -21.93 27.52 25.62
N PHE F 137 -22.27 28.03 24.44
CA PHE F 137 -23.19 27.30 23.59
C PHE F 137 -22.39 26.33 22.77
N LEU F 138 -22.69 25.05 22.89
CA LEU F 138 -21.89 24.01 22.25
C LEU F 138 -22.63 23.52 20.98
N PRO F 139 -21.89 23.13 19.93
CA PRO F 139 -22.50 22.79 18.66
C PRO F 139 -23.21 21.42 18.60
N ARG F 140 -24.19 21.33 17.70
CA ARG F 140 -24.88 20.09 17.37
C ARG F 140 -24.93 19.79 15.84
N GLU F 141 -25.00 18.52 15.47
CA GLU F 141 -25.06 18.13 14.07
C GLU F 141 -26.31 18.68 13.34
N ASP F 142 -27.40 18.89 14.08
CA ASP F 142 -28.60 19.50 13.46
C ASP F 142 -28.59 21.02 13.52
N HIS F 143 -27.52 21.59 14.07
CA HIS F 143 -27.27 23.05 14.18
C HIS F 143 -28.07 23.77 15.25
N LEU F 144 -28.73 23.00 16.10
CA LEU F 144 -29.31 23.52 17.32
C LEU F 144 -28.16 23.64 18.33
N PHE F 145 -28.44 24.08 19.54
CA PHE F 145 -27.39 24.28 20.54
C PHE F 145 -27.52 23.40 21.78
N ARG F 146 -26.39 23.15 22.44
CA ARG F 146 -26.31 22.48 23.75
C ARG F 146 -25.75 23.52 24.72
N LYS F 147 -25.89 23.27 26.03
CA LYS F 147 -25.31 24.16 27.08
C LYS F 147 -25.49 23.53 28.48
N PHE F 148 -24.44 23.54 29.32
CA PHE F 148 -24.47 22.89 30.65
C PHE F 148 -24.36 23.90 31.80
N HIS F 149 -25.37 23.93 32.66
CA HIS F 149 -25.25 24.62 33.93
C HIS F 149 -24.96 23.63 35.07
N TYR F 150 -24.20 24.10 36.06
CA TYR F 150 -23.85 23.26 37.21
C TYR F 150 -24.23 23.94 38.48
N LEU F 151 -24.47 23.12 39.49
CA LEU F 151 -24.62 23.56 40.86
C LEU F 151 -24.03 22.49 41.78
N PRO F 152 -22.97 22.84 42.56
CA PRO F 152 -22.59 21.93 43.63
C PRO F 152 -23.61 22.08 44.74
N PHE F 153 -23.66 21.11 45.66
CA PHE F 153 -24.64 21.06 46.77
C PHE F 153 -24.37 19.87 47.71
N LEU F 154 -24.95 19.94 48.91
CA LEU F 154 -24.99 18.82 49.83
C LEU F 154 -26.35 18.18 49.75
N PRO F 155 -26.40 16.88 49.42
CA PRO F 155 -27.69 16.23 49.34
C PRO F 155 -28.31 16.20 50.73
N SER F 156 -29.63 16.36 50.80
CA SER F 156 -30.36 16.29 52.06
C SER F 156 -31.74 15.72 51.83
N THR F 157 -32.32 15.19 52.90
CA THR F 157 -33.65 14.60 52.89
C THR F 157 -34.70 15.57 52.34
N GLU F 158 -34.67 16.83 52.78
CA GLU F 158 -35.78 17.78 52.53
C GLU F 158 -35.52 18.95 51.54
N ASP F 159 -34.57 18.77 50.60
CA ASP F 159 -34.34 19.75 49.54
C ASP F 159 -34.88 19.31 48.17
N VAL F 160 -35.69 20.18 47.56
CA VAL F 160 -36.19 19.98 46.19
C VAL F 160 -35.72 21.11 45.28
N TYR F 161 -34.68 20.86 44.48
CA TYR F 161 -34.11 21.85 43.55
C TYR F 161 -34.84 21.90 42.21
N ASP F 162 -34.90 23.07 41.59
CA ASP F 162 -35.50 23.20 40.25
C ASP F 162 -34.50 23.87 39.31
N CYS F 163 -34.48 23.45 38.04
CA CYS F 163 -33.73 24.21 37.03
C CYS F 163 -34.71 25.05 36.20
N ARG F 164 -34.71 26.36 36.43
CA ARG F 164 -35.61 27.30 35.73
C ARG F 164 -34.95 27.79 34.44
N VAL F 165 -35.43 27.26 33.33
CA VAL F 165 -34.88 27.58 32.02
C VAL F 165 -35.86 28.47 31.26
N GLU F 166 -35.32 29.46 30.54
CA GLU F 166 -36.14 30.47 29.88
C GLU F 166 -35.66 30.68 28.44
N HIS F 167 -36.61 30.83 27.53
CA HIS F 167 -36.36 30.84 26.08
C HIS F 167 -37.58 31.19 25.19
N TRP F 168 -37.30 31.85 24.06
CA TRP F 168 -38.34 32.38 23.14
C TRP F 168 -39.25 31.33 22.52
N GLY F 169 -38.76 30.11 22.40
CA GLY F 169 -39.60 29.00 21.98
C GLY F 169 -40.50 28.47 23.09
N LEU F 170 -40.27 28.90 24.34
CA LEU F 170 -41.14 28.47 25.42
C LEU F 170 -42.20 29.48 25.79
N ASP F 171 -43.45 28.99 25.88
CA ASP F 171 -44.62 29.79 26.21
C ASP F 171 -44.54 30.43 27.57
N GLU F 172 -43.92 29.71 28.49
CA GLU F 172 -43.71 30.20 29.83
C GLU F 172 -42.45 29.57 30.38
N PRO F 173 -41.89 30.11 31.48
CA PRO F 173 -40.66 29.57 32.05
C PRO F 173 -40.78 28.10 32.39
N LEU F 174 -39.79 27.32 32.01
CA LEU F 174 -39.82 25.88 32.27
C LEU F 174 -39.06 25.53 33.54
N LEU F 175 -39.73 24.80 34.41
CA LEU F 175 -39.16 24.35 35.68
C LEU F 175 -38.93 22.85 35.61
N LYS F 176 -37.72 22.42 35.97
CA LYS F 176 -37.42 20.99 36.03
C LYS F 176 -36.99 20.53 37.43
N HIS F 177 -37.92 19.84 38.09
CA HIS F 177 -37.82 19.30 39.45
C HIS F 177 -36.60 18.39 39.66
N TRP F 178 -35.95 18.51 40.81
CA TRP F 178 -35.05 17.46 41.30
C TRP F 178 -35.08 17.34 42.81
N GLU F 179 -35.18 16.10 43.29
CA GLU F 179 -35.12 15.77 44.73
C GLU F 179 -34.54 14.36 44.91
N PHE F 180 -34.13 14.04 46.14
CA PHE F 180 -33.48 12.75 46.38
C PHE F 180 -34.45 11.59 46.72
N ASP F 181 -34.30 10.47 46.02
CA ASP F 181 -35.19 9.31 46.18
C ASP F 181 -34.90 8.36 47.36
N ASP G 2 -39.73 41.09 26.42
CA ASP G 2 -40.29 40.15 25.41
C ASP G 2 -39.37 40.01 24.18
N THR G 3 -39.91 39.76 22.98
CA THR G 3 -39.04 39.34 21.88
C THR G 3 -39.43 39.60 20.42
N ARG G 4 -38.47 40.18 19.71
CA ARG G 4 -38.55 40.51 18.30
C ARG G 4 -37.65 39.59 17.47
N PRO G 5 -37.55 39.85 16.14
CA PRO G 5 -36.93 38.86 15.29
C PRO G 5 -35.42 38.69 15.52
N ARG G 6 -35.01 37.43 15.58
CA ARG G 6 -33.62 37.03 15.64
C ARG G 6 -33.13 36.56 14.30
N PHE G 7 -31.90 36.94 13.97
CA PHE G 7 -31.21 36.45 12.80
C PHE G 7 -29.86 35.82 13.21
N LEU G 8 -29.70 34.54 12.92
CA LEU G 8 -28.52 33.79 13.34
C LEU G 8 -27.67 33.38 12.15
N TRP G 9 -26.35 33.51 12.33
CA TRP G 9 -25.36 33.00 11.39
C TRP G 9 -24.37 32.18 12.16
N GLN G 10 -24.23 30.92 11.76
CA GLN G 10 -23.27 29.99 12.38
C GLN G 10 -22.23 29.61 11.36
N LEU G 11 -20.96 29.60 11.77
CA LEU G 11 -19.91 29.00 10.92
C LEU G 11 -19.15 27.90 11.66
N LYS G 12 -18.83 26.84 10.95
CA LYS G 12 -18.28 25.65 11.59
C LYS G 12 -17.15 25.09 10.75
N PHE G 13 -16.03 24.79 11.38
CA PHE G 13 -15.01 24.01 10.68
C PHE G 13 -14.87 22.65 11.35
N GLU G 14 -15.24 21.60 10.64
CA GLU G 14 -15.22 20.27 11.24
C GLU G 14 -14.05 19.51 10.66
N CYS G 15 -13.12 19.12 11.52
CA CYS G 15 -12.09 18.15 11.14
C CYS G 15 -12.47 16.76 11.60
N HIS G 16 -12.45 15.83 10.67
CA HIS G 16 -12.85 14.47 10.95
C HIS G 16 -11.65 13.56 10.80
N PHE G 17 -11.49 12.67 11.78
CA PHE G 17 -10.31 11.84 11.87
C PHE G 17 -10.62 10.33 11.90
N PHE G 18 -10.28 9.64 10.82
CA PHE G 18 -10.44 8.20 10.78
C PHE G 18 -9.09 7.54 11.04
N ASN G 19 -9.10 6.53 11.89
CA ASN G 19 -7.88 5.76 12.17
C ASN G 19 -6.67 6.68 12.52
N GLY G 20 -6.86 7.59 13.47
CA GLY G 20 -5.84 8.60 13.78
C GLY G 20 -5.89 9.71 12.74
N THR G 21 -4.74 10.07 12.18
CA THR G 21 -4.68 11.14 11.16
C THR G 21 -4.33 10.65 9.75
N GLU G 22 -4.62 9.39 9.45
CA GLU G 22 -4.19 8.82 8.18
C GLU G 22 -5.18 9.14 7.06
N ARG G 23 -6.47 9.09 7.38
CA ARG G 23 -7.47 9.70 6.53
C ARG G 23 -8.05 10.87 7.30
N VAL G 24 -8.16 12.02 6.64
CA VAL G 24 -8.65 13.23 7.26
C VAL G 24 -9.56 13.96 6.28
N ARG G 25 -10.65 14.52 6.80
CA ARG G 25 -11.70 15.14 5.98
C ARG G 25 -12.18 16.43 6.62
N LEU G 26 -12.09 17.53 5.87
CA LEU G 26 -12.55 18.82 6.39
C LEU G 26 -13.92 19.12 5.82
N LEU G 27 -14.85 19.44 6.70
CA LEU G 27 -16.14 19.97 6.26
C LEU G 27 -16.38 21.32 6.92
N GLU G 28 -16.27 22.37 6.10
CA GLU G 28 -16.58 23.74 6.47
C GLU G 28 -18.05 24.01 6.14
N ARG G 29 -18.80 24.57 7.09
CA ARG G 29 -20.24 24.79 6.90
C ARG G 29 -20.76 26.18 7.30
N CYS G 30 -21.62 26.73 6.45
CA CYS G 30 -22.36 27.95 6.76
C CYS G 30 -23.84 27.71 7.00
N ILE G 31 -24.34 28.18 8.14
CA ILE G 31 -25.74 27.98 8.49
C ILE G 31 -26.43 29.30 8.84
N TYR G 32 -27.54 29.57 8.15
CA TYR G 32 -28.34 30.75 8.41
C TYR G 32 -29.65 30.33 9.01
N ASN G 33 -29.98 30.90 10.17
CA ASN G 33 -31.21 30.56 10.89
C ASN G 33 -31.51 29.08 10.82
N GLN G 34 -30.56 28.25 11.24
CA GLN G 34 -30.73 26.77 11.32
C GLN G 34 -30.60 25.98 10.02
N GLU G 35 -30.71 26.67 8.89
CA GLU G 35 -30.70 26.05 7.58
C GLU G 35 -29.34 26.24 6.88
N GLU G 36 -28.52 25.19 6.88
CA GLU G 36 -27.19 25.20 6.24
C GLU G 36 -27.32 25.54 4.75
N SER G 37 -26.50 26.49 4.28
CA SER G 37 -26.73 27.02 2.91
C SER G 37 -25.64 26.70 1.90
N VAL G 38 -24.41 26.55 2.39
CA VAL G 38 -23.27 26.26 1.55
C VAL G 38 -22.16 25.59 2.39
N ARG G 39 -21.37 24.74 1.77
CA ARG G 39 -20.32 24.05 2.50
C ARG G 39 -19.06 23.91 1.65
N PHE G 40 -17.92 23.76 2.32
CA PHE G 40 -16.73 23.21 1.66
C PHE G 40 -16.48 21.85 2.24
N ASP G 41 -16.38 20.86 1.36
CA ASP G 41 -16.06 19.48 1.75
C ASP G 41 -14.72 19.14 1.10
N SER G 42 -13.70 18.85 1.89
CA SER G 42 -12.42 18.52 1.29
C SER G 42 -12.52 17.25 0.48
N ASP G 43 -13.50 16.41 0.75
CA ASP G 43 -13.64 15.21 -0.08
C ASP G 43 -14.28 15.54 -1.45
N VAL G 44 -14.76 16.78 -1.59
CA VAL G 44 -15.32 17.27 -2.85
C VAL G 44 -14.31 18.21 -3.55
N GLY G 45 -13.60 18.99 -2.75
CA GLY G 45 -12.52 19.82 -3.27
C GLY G 45 -12.89 21.25 -3.63
N GLU G 46 -14.16 21.61 -3.45
CA GLU G 46 -14.68 22.95 -3.75
C GLU G 46 -16.05 23.14 -3.06
N TYR G 47 -16.58 24.36 -3.10
CA TYR G 47 -17.80 24.69 -2.38
C TYR G 47 -19.03 24.22 -3.14
N ARG G 48 -20.07 23.89 -2.40
CA ARG G 48 -21.33 23.50 -3.01
C ARG G 48 -22.45 24.12 -2.22
N ALA G 49 -23.46 24.57 -2.94
CA ALA G 49 -24.64 25.12 -2.31
C ALA G 49 -25.47 23.96 -1.75
N VAL G 50 -25.72 24.05 -0.45
CA VAL G 50 -26.56 23.06 0.21
C VAL G 50 -27.99 23.45 -0.08
N THR G 51 -28.35 24.72 0.12
CA THR G 51 -29.60 25.26 -0.44
C THR G 51 -29.32 26.39 -1.43
N GLU G 52 -30.38 26.90 -2.04
CA GLU G 52 -30.29 28.03 -2.97
C GLU G 52 -29.74 29.28 -2.32
N LEU G 53 -30.10 29.51 -1.06
CA LEU G 53 -29.74 30.74 -0.40
C LEU G 53 -28.23 30.83 -0.53
N GLY G 54 -27.60 29.67 -0.61
CA GLY G 54 -26.15 29.56 -0.64
C GLY G 54 -25.48 29.66 -1.99
N ARG G 55 -26.24 29.44 -3.08
CA ARG G 55 -25.72 29.50 -4.45
C ARG G 55 -24.80 30.70 -4.79
N PRO G 56 -25.27 31.95 -4.62
CA PRO G 56 -24.32 33.03 -4.85
C PRO G 56 -22.97 32.87 -4.10
N ASP G 57 -23.00 32.28 -2.90
CA ASP G 57 -21.79 32.13 -2.09
C ASP G 57 -20.81 31.10 -2.66
N ALA G 58 -21.33 29.91 -2.95
CA ALA G 58 -20.51 28.84 -3.52
C ALA G 58 -19.85 29.30 -4.81
N GLU G 59 -20.57 30.08 -5.61
CA GLU G 59 -20.05 30.58 -6.87
C GLU G 59 -18.85 31.53 -6.70
N TYR G 60 -19.02 32.50 -5.82
CA TYR G 60 -17.99 33.48 -5.62
C TYR G 60 -16.71 32.84 -5.09
N TRP G 61 -16.89 31.94 -4.13
CA TRP G 61 -15.79 31.34 -3.40
C TRP G 61 -15.03 30.38 -4.31
N ASN G 62 -15.77 29.65 -5.13
CA ASN G 62 -15.16 28.78 -6.12
C ASN G 62 -14.29 29.52 -7.16
N SER G 63 -14.37 30.84 -7.20
CA SER G 63 -13.59 31.60 -8.19
C SER G 63 -12.35 32.17 -7.54
N GLN G 64 -12.32 32.10 -6.19
CA GLN G 64 -11.26 32.66 -5.37
C GLN G 64 -10.18 31.60 -5.15
N LYS G 65 -9.30 31.42 -6.14
CA LYS G 65 -8.07 30.58 -6.08
C LYS G 65 -7.38 30.42 -4.71
N ASP G 66 -7.09 31.53 -4.03
CA ASP G 66 -6.33 31.46 -2.79
C ASP G 66 -7.15 30.72 -1.75
N LEU G 67 -8.46 31.00 -1.73
CA LEU G 67 -9.42 30.39 -0.80
C LEU G 67 -9.50 28.85 -1.02
N LEU G 68 -9.68 28.46 -2.28
CA LEU G 68 -9.70 27.06 -2.65
C LEU G 68 -8.44 26.37 -2.19
N GLU G 69 -7.30 26.89 -2.61
CA GLU G 69 -6.02 26.29 -2.37
C GLU G 69 -5.71 26.15 -0.89
N GLN G 70 -6.20 27.08 -0.09
CA GLN G 70 -6.01 27.06 1.36
C GLN G 70 -6.84 26.02 2.09
N ARG G 71 -8.14 25.97 1.77
CA ARG G 71 -9.04 24.98 2.38
C ARG G 71 -8.60 23.60 1.93
N ARG G 72 -8.23 23.48 0.64
CA ARG G 72 -7.68 22.24 0.12
C ARG G 72 -6.41 21.80 0.83
N ALA G 73 -5.63 22.72 1.38
CA ALA G 73 -4.50 22.31 2.18
C ALA G 73 -4.78 22.24 3.71
N ALA G 74 -5.92 22.75 4.15
CA ALA G 74 -6.20 22.82 5.60
C ALA G 74 -6.12 21.43 6.24
N VAL G 75 -6.22 20.42 5.40
CA VAL G 75 -6.28 19.08 5.88
C VAL G 75 -4.97 18.79 6.59
N ASP G 76 -3.88 19.37 6.06
CA ASP G 76 -2.55 19.32 6.65
C ASP G 76 -2.29 20.52 7.57
N THR G 77 -2.48 21.73 7.03
CA THR G 77 -2.13 22.99 7.71
C THR G 77 -2.94 23.28 8.98
N TYR G 78 -4.07 22.61 9.12
CA TYR G 78 -5.07 22.90 10.14
C TYR G 78 -5.53 21.66 10.96
N CYS G 79 -6.19 20.73 10.28
CA CYS G 79 -6.74 19.55 10.92
C CYS G 79 -5.64 18.72 11.57
N ARG G 80 -4.71 18.21 10.75
CA ARG G 80 -3.63 17.40 11.30
C ARG G 80 -2.75 18.22 12.24
N HIS G 81 -2.69 19.52 12.03
CA HIS G 81 -1.96 20.39 12.94
C HIS G 81 -2.54 20.35 14.37
N ASN G 82 -3.75 20.88 14.50
CA ASN G 82 -4.50 20.91 15.74
C ASN G 82 -4.67 19.55 16.44
N TYR G 83 -4.64 18.47 15.67
CA TYR G 83 -4.64 17.13 16.25
C TYR G 83 -3.34 16.91 17.05
N GLY G 84 -2.20 17.29 16.46
CA GLY G 84 -0.90 17.09 17.07
C GLY G 84 -0.72 17.90 18.33
N VAL G 85 -1.25 19.11 18.28
CA VAL G 85 -1.23 20.02 19.42
C VAL G 85 -2.05 19.44 20.59
N GLY G 86 -3.30 19.08 20.30
CA GLY G 86 -4.23 18.71 21.36
C GLY G 86 -4.30 17.24 21.66
N GLU G 87 -3.33 16.48 21.16
CA GLU G 87 -3.42 15.03 21.14
C GLU G 87 -3.20 14.41 22.50
N SER G 88 -2.10 14.78 23.16
CA SER G 88 -1.85 14.37 24.54
C SER G 88 -3.11 14.41 25.42
N PHE G 89 -3.79 15.57 25.48
CA PHE G 89 -4.87 15.82 26.46
C PHE G 89 -6.31 15.62 25.99
N THR G 90 -6.51 15.40 24.69
CA THR G 90 -7.83 15.14 24.17
C THR G 90 -7.91 13.67 23.78
N VAL G 91 -7.25 13.34 22.68
CA VAL G 91 -7.23 11.99 22.11
C VAL G 91 -6.73 10.96 23.12
N GLN G 92 -5.70 11.31 23.89
CA GLN G 92 -5.11 10.37 24.86
C GLN G 92 -5.61 10.63 26.27
N ARG G 93 -6.72 11.35 26.40
CA ARG G 93 -7.24 11.63 27.74
C ARG G 93 -7.82 10.31 28.26
N ARG G 94 -7.34 9.87 29.43
CA ARG G 94 -7.85 8.67 30.12
C ARG G 94 -8.27 9.08 31.51
N VAL G 95 -9.54 8.95 31.84
CA VAL G 95 -9.98 9.10 33.22
C VAL G 95 -10.76 7.86 33.63
N GLU G 96 -10.25 7.14 34.63
CA GLU G 96 -10.81 5.85 35.08
C GLU G 96 -12.17 5.95 35.80
N PRO G 97 -13.15 5.10 35.42
CA PRO G 97 -14.48 5.12 36.06
C PRO G 97 -14.45 4.74 37.53
N LYS G 98 -15.41 5.25 38.30
CA LYS G 98 -15.72 4.73 39.62
C LYS G 98 -16.99 3.91 39.45
N VAL G 99 -16.92 2.64 39.82
CA VAL G 99 -18.01 1.71 39.61
C VAL G 99 -18.50 1.20 40.95
N THR G 100 -19.68 1.63 41.40
CA THR G 100 -20.36 0.96 42.52
C THR G 100 -21.57 0.19 42.03
N VAL G 101 -21.85 -0.94 42.67
CA VAL G 101 -23.06 -1.69 42.40
C VAL G 101 -23.88 -1.83 43.67
N TYR G 102 -25.19 -1.60 43.56
CA TYR G 102 -26.14 -1.65 44.70
C TYR G 102 -27.58 -1.91 44.19
N PRO G 103 -28.49 -2.43 45.04
CA PRO G 103 -29.88 -2.61 44.60
C PRO G 103 -30.64 -1.28 44.44
N SER G 104 -31.80 -1.31 43.78
CA SER G 104 -32.50 -0.09 43.37
C SER G 104 -33.75 0.23 44.18
N HIS G 112 -34.89 -4.77 45.95
CA HIS G 112 -35.16 -6.00 45.21
C HIS G 112 -35.67 -5.76 43.77
N ASN G 113 -35.78 -6.86 43.00
CA ASN G 113 -36.02 -6.87 41.52
C ASN G 113 -35.15 -6.01 40.55
N LEU G 114 -34.50 -4.95 41.02
CA LEU G 114 -33.71 -4.10 40.14
C LEU G 114 -32.32 -3.87 40.72
N LEU G 115 -31.32 -4.16 39.91
CA LEU G 115 -29.93 -4.00 40.31
C LEU G 115 -29.27 -2.93 39.48
N VAL G 116 -28.45 -2.11 40.11
CA VAL G 116 -27.82 -0.99 39.40
C VAL G 116 -26.28 -1.11 39.31
N CYS G 117 -25.76 -1.07 38.09
CA CYS G 117 -24.33 -0.82 37.92
C CYS G 117 -24.07 0.63 37.52
N SER G 118 -23.59 1.39 38.51
CA SER G 118 -23.36 2.81 38.35
C SER G 118 -21.91 2.95 37.91
N VAL G 119 -21.71 3.68 36.80
CA VAL G 119 -20.39 3.79 36.21
C VAL G 119 -20.15 5.24 35.85
N SER G 120 -19.31 5.94 36.63
CA SER G 120 -19.28 7.41 36.55
C SER G 120 -17.87 8.03 36.50
N GLY G 121 -17.77 9.23 35.90
CA GLY G 121 -16.52 10.02 35.85
C GLY G 121 -15.42 9.55 34.89
N PHE G 122 -15.78 8.79 33.88
CA PHE G 122 -14.78 8.23 33.04
C PHE G 122 -14.55 9.04 31.80
N TYR G 123 -13.49 8.67 31.08
CA TYR G 123 -13.22 9.28 29.79
C TYR G 123 -12.18 8.64 28.91
N PRO G 124 -12.66 8.04 27.82
CA PRO G 124 -13.28 8.57 26.61
C PRO G 124 -14.72 8.03 26.77
N GLY G 125 -15.65 8.36 25.90
CA GLY G 125 -16.99 7.82 26.02
C GLY G 125 -17.11 6.30 25.99
N SER G 126 -16.48 5.64 25.01
CA SER G 126 -16.75 4.23 24.67
C SER G 126 -16.48 3.25 25.78
N ILE G 127 -17.53 2.58 26.22
CA ILE G 127 -17.41 1.71 27.36
C ILE G 127 -18.13 0.40 27.12
N GLU G 128 -17.92 -0.56 28.01
CA GLU G 128 -18.73 -1.76 28.02
C GLU G 128 -19.00 -2.23 29.44
N VAL G 129 -20.27 -2.46 29.75
CA VAL G 129 -20.69 -3.00 31.05
C VAL G 129 -21.49 -4.30 30.89
N ARG G 130 -20.90 -5.44 31.23
CA ARG G 130 -21.59 -6.74 31.18
C ARG G 130 -21.95 -7.17 32.58
N TRP G 131 -23.11 -7.82 32.71
CA TRP G 131 -23.56 -8.35 34.01
C TRP G 131 -23.20 -9.83 34.29
N PHE G 132 -23.11 -10.19 35.56
CA PHE G 132 -22.80 -11.56 35.97
C PHE G 132 -23.57 -12.04 37.18
N ARG G 133 -23.98 -13.30 37.13
CA ARG G 133 -24.68 -13.98 38.19
C ARG G 133 -23.91 -15.25 38.39
N ASN G 134 -23.22 -15.29 39.53
CA ASN G 134 -22.29 -16.35 39.91
C ASN G 134 -21.16 -16.57 38.88
N GLY G 135 -20.74 -15.51 38.19
CA GLY G 135 -19.63 -15.60 37.23
C GLY G 135 -19.94 -15.91 35.76
N GLN G 136 -21.19 -16.30 35.48
CA GLN G 136 -21.73 -16.52 34.11
C GLN G 136 -22.50 -15.30 33.62
N GLU G 137 -22.27 -14.86 32.40
CA GLU G 137 -22.89 -13.64 31.93
C GLU G 137 -24.40 -13.64 31.95
N GLU G 138 -24.98 -12.52 32.36
CA GLU G 138 -26.43 -12.40 32.30
C GLU G 138 -26.80 -11.45 31.20
N LYS G 139 -27.43 -11.99 30.18
CA LYS G 139 -27.71 -11.29 28.94
C LYS G 139 -29.06 -10.57 28.95
N ALA G 140 -30.06 -11.21 29.56
CA ALA G 140 -31.45 -10.75 29.47
C ALA G 140 -31.87 -9.87 30.62
N GLY G 141 -32.70 -8.89 30.31
CA GLY G 141 -33.17 -7.98 31.32
C GLY G 141 -32.07 -7.01 31.68
N VAL G 142 -31.31 -6.59 30.67
CA VAL G 142 -30.23 -5.63 30.86
C VAL G 142 -30.66 -4.33 30.20
N VAL G 143 -30.79 -3.28 31.01
CA VAL G 143 -31.39 -2.04 30.54
C VAL G 143 -30.40 -0.94 30.84
N SER G 144 -30.32 0.04 29.93
CA SER G 144 -29.40 1.15 30.09
C SER G 144 -30.02 2.51 29.79
N THR G 145 -29.95 3.37 30.80
CA THR G 145 -30.24 4.80 30.70
C THR G 145 -29.54 5.43 29.47
N GLY G 146 -28.63 4.66 28.85
CA GLY G 146 -27.74 5.16 27.82
C GLY G 146 -26.52 5.88 28.36
N LEU G 147 -25.67 6.31 27.44
CA LEU G 147 -24.38 6.93 27.76
C LEU G 147 -24.48 8.46 27.83
N ILE G 148 -24.10 9.03 28.97
CA ILE G 148 -24.30 10.45 29.27
C ILE G 148 -22.99 11.26 29.32
N GLN G 149 -22.90 12.25 28.41
CA GLN G 149 -21.81 13.20 28.36
C GLN G 149 -22.06 14.29 29.39
N ASN G 150 -21.15 14.49 30.34
CA ASN G 150 -21.41 15.45 31.43
C ASN G 150 -21.22 16.97 31.08
N GLY G 151 -20.35 17.28 30.13
CA GLY G 151 -20.04 18.68 29.81
C GLY G 151 -18.64 19.10 30.21
N ASP G 152 -18.02 18.31 31.07
CA ASP G 152 -16.84 18.69 31.86
C ASP G 152 -15.67 17.71 31.61
N TRP G 153 -15.82 16.93 30.53
CA TRP G 153 -14.83 15.98 30.01
C TRP G 153 -14.88 14.64 30.73
N THR G 154 -16.06 14.32 31.27
CA THR G 154 -16.30 13.02 31.90
C THR G 154 -17.65 12.52 31.46
N PHE G 155 -17.77 11.20 31.37
CA PHE G 155 -19.05 10.53 31.10
C PHE G 155 -19.50 9.74 32.33
N GLN G 156 -20.73 9.24 32.24
CA GLN G 156 -21.30 8.37 33.27
C GLN G 156 -22.52 7.61 32.76
N THR G 157 -22.62 6.34 33.14
CA THR G 157 -23.74 5.51 32.73
C THR G 157 -24.24 4.66 33.90
N LEU G 158 -25.55 4.43 33.93
CA LEU G 158 -26.11 3.40 34.79
C LEU G 158 -26.67 2.25 33.93
N VAL G 159 -26.11 1.03 34.04
CA VAL G 159 -26.75 -0.15 33.41
C VAL G 159 -27.35 -1.06 34.48
N MET G 160 -28.65 -1.33 34.35
CA MET G 160 -29.42 -2.08 35.31
C MET G 160 -29.60 -3.54 34.88
N LEU G 161 -29.66 -4.46 35.85
CA LEU G 161 -30.09 -5.83 35.62
C LEU G 161 -31.32 -6.26 36.46
N GLU G 162 -32.34 -6.79 35.79
CA GLU G 162 -33.59 -7.29 36.40
C GLU G 162 -33.46 -8.73 36.89
N THR G 163 -33.51 -8.89 38.21
CA THR G 163 -33.41 -10.20 38.85
C THR G 163 -33.82 -10.05 40.28
N VAL G 164 -34.77 -10.88 40.72
CA VAL G 164 -35.11 -10.99 42.14
C VAL G 164 -34.06 -11.90 42.81
N PRO G 165 -33.13 -11.28 43.55
CA PRO G 165 -32.03 -11.92 44.26
C PRO G 165 -32.47 -12.95 45.28
N ARG G 166 -31.61 -13.94 45.51
CA ARG G 166 -31.80 -14.90 46.59
C ARG G 166 -30.51 -15.11 47.38
N SER G 167 -30.64 -15.66 48.58
CA SER G 167 -29.49 -15.90 49.46
C SER G 167 -28.42 -16.75 48.78
N GLY G 168 -27.16 -16.33 48.95
CA GLY G 168 -26.03 -17.00 48.35
C GLY G 168 -25.58 -16.23 47.13
N GLU G 169 -26.39 -16.28 46.07
CA GLU G 169 -26.13 -15.63 44.78
C GLU G 169 -25.08 -14.54 44.82
N VAL G 170 -24.12 -14.62 43.90
CA VAL G 170 -23.09 -13.60 43.75
C VAL G 170 -23.32 -12.88 42.44
N TYR G 171 -23.46 -11.56 42.52
CA TYR G 171 -23.63 -10.73 41.34
C TYR G 171 -22.41 -9.87 41.10
N THR G 172 -22.11 -9.63 39.83
CA THR G 172 -20.86 -8.99 39.47
C THR G 172 -21.11 -8.14 38.24
N CYS G 173 -20.59 -6.91 38.27
CA CYS G 173 -20.60 -5.99 37.13
C CYS G 173 -19.19 -5.82 36.56
N GLN G 174 -19.05 -5.92 35.24
CA GLN G 174 -17.74 -5.82 34.58
C GLN G 174 -17.68 -4.62 33.65
N VAL G 175 -16.58 -3.90 33.69
CA VAL G 175 -16.51 -2.67 32.95
C VAL G 175 -15.24 -2.69 32.13
N GLU G 176 -15.39 -2.93 30.83
CA GLU G 176 -14.24 -2.91 29.95
C GLU G 176 -14.08 -1.49 29.47
N HIS G 177 -12.90 -0.92 29.72
CA HIS G 177 -12.65 0.48 29.41
C HIS G 177 -11.22 0.71 28.92
N PRO G 178 -11.02 1.72 28.08
CA PRO G 178 -9.62 1.98 27.73
C PRO G 178 -8.72 2.60 28.83
N SER G 179 -9.31 3.16 29.89
CA SER G 179 -8.50 3.62 31.05
C SER G 179 -7.74 2.48 31.79
N VAL G 180 -8.35 1.31 31.93
CA VAL G 180 -7.71 0.19 32.62
C VAL G 180 -7.21 -0.91 31.65
N THR G 181 -6.03 -1.48 31.90
CA THR G 181 -5.60 -2.55 30.99
C THR G 181 -6.37 -3.85 31.22
N SER G 182 -6.82 -4.06 32.45
CA SER G 182 -7.81 -5.10 32.71
C SER G 182 -9.11 -4.57 33.32
N PRO G 183 -10.26 -5.02 32.77
CA PRO G 183 -11.65 -4.77 33.20
C PRO G 183 -11.87 -4.77 34.71
N LEU G 184 -12.57 -3.75 35.18
CA LEU G 184 -12.95 -3.67 36.57
C LEU G 184 -14.10 -4.61 36.76
N THR G 185 -14.02 -5.41 37.83
CA THR G 185 -15.16 -6.17 38.31
C THR G 185 -15.47 -5.72 39.74
N VAL G 186 -16.75 -5.41 39.99
CA VAL G 186 -17.23 -5.08 41.34
C VAL G 186 -18.41 -6.02 41.68
N GLU G 187 -18.26 -6.79 42.75
CA GLU G 187 -19.34 -7.69 43.14
C GLU G 187 -20.29 -7.07 44.18
N TRP G 188 -21.50 -7.64 44.24
CA TRP G 188 -22.48 -7.38 45.31
C TRP G 188 -23.13 -8.71 45.79
N ARG G 189 -23.11 -8.97 47.09
CA ARG G 189 -23.62 -10.22 47.67
C ARG G 189 -25.04 -10.11 48.23
N ALA G 190 -25.96 -10.95 47.76
CA ALA G 190 -27.33 -10.91 48.25
C ALA G 190 -27.42 -11.57 49.61
N GLY H 1 1.39 25.84 25.21
CA GLY H 1 2.69 25.29 24.75
C GLY H 1 2.78 25.40 23.24
N GLU H 2 1.94 24.65 22.54
CA GLU H 2 1.89 24.76 21.09
C GLU H 2 0.62 25.49 20.63
N LEU H 3 0.75 26.25 19.54
CA LEU H 3 -0.30 27.13 19.04
C LEU H 3 -1.39 26.46 18.23
N ILE H 4 -2.62 26.54 18.73
CA ILE H 4 -3.81 26.10 17.97
C ILE H 4 -4.19 26.97 16.73
N GLY H 5 -4.39 26.33 15.59
CA GLY H 5 -4.70 27.04 14.35
C GLY H 5 -6.18 27.33 14.12
N THR H 6 -6.39 28.40 13.35
CA THR H 6 -7.71 28.89 12.97
C THR H 6 -7.82 28.82 11.46
N LEU H 7 -8.97 28.45 10.96
CA LEU H 7 -9.20 28.65 9.55
C LEU H 7 -10.03 29.93 9.48
N ASN H 8 -9.61 30.89 8.66
CA ASN H 8 -10.26 32.22 8.66
C ASN H 8 -11.61 32.30 7.91
N ALA H 9 -12.54 33.06 8.44
CA ALA H 9 -13.88 33.08 7.85
C ALA H 9 -13.89 33.60 6.39
N ALA H 10 -14.77 33.07 5.56
CA ALA H 10 -14.85 33.55 4.18
C ALA H 10 -15.92 34.63 4.05
N LYS H 11 -15.59 35.68 3.30
CA LYS H 11 -16.53 36.76 3.09
C LYS H 11 -17.53 36.39 2.02
N VAL H 12 -18.83 36.52 2.34
CA VAL H 12 -19.88 36.45 1.32
C VAL H 12 -19.56 37.56 0.32
N PRO H 13 -19.90 37.36 -0.97
CA PRO H 13 -19.71 38.52 -1.83
C PRO H 13 -20.51 39.70 -1.26
N ALA H 14 -20.01 40.90 -1.48
CA ALA H 14 -20.69 42.10 -1.06
C ALA H 14 -21.97 42.29 -1.88
N ASP H 15 -22.95 42.90 -1.23
CA ASP H 15 -24.28 43.05 -1.79
C ASP H 15 -24.27 43.03 -3.33
N ILE I 1 6.56 30.47 15.70
CA ILE I 1 7.84 31.24 15.76
C ILE I 1 8.54 31.33 14.38
N GLN I 2 9.64 30.61 14.17
CA GLN I 2 10.59 30.90 13.08
C GLN I 2 10.50 30.19 11.70
N VAL I 3 11.48 30.55 10.87
CA VAL I 3 11.51 30.33 9.45
C VAL I 3 13.00 30.37 9.02
N GLU I 4 13.65 29.21 8.92
CA GLU I 4 15.09 29.17 8.61
C GLU I 4 15.37 28.97 7.14
N GLN I 5 16.06 29.91 6.50
CA GLN I 5 16.36 29.72 5.08
C GLN I 5 17.82 29.33 4.88
N SER I 6 18.06 28.27 4.09
CA SER I 6 19.40 27.79 3.81
C SER I 6 19.83 28.32 2.44
N PRO I 7 21.09 28.11 2.02
CA PRO I 7 22.30 28.94 2.09
C PRO I 7 21.86 30.38 2.20
N PRO I 8 22.35 31.10 3.23
CA PRO I 8 22.11 32.53 3.18
C PRO I 8 22.57 33.09 1.82
N ASP I 9 23.57 32.45 1.22
CA ASP I 9 24.25 32.97 -0.01
C ASP I 9 24.50 31.96 -1.10
N LEU I 10 24.19 32.32 -2.33
CA LEU I 10 24.29 31.42 -3.47
C LEU I 10 24.69 32.20 -4.73
N ILE I 11 25.78 31.75 -5.35
CA ILE I 11 26.26 32.35 -6.56
C ILE I 11 26.44 31.22 -7.54
N LEU I 12 25.67 31.22 -8.63
CA LEU I 12 25.71 30.13 -9.62
C LEU I 12 25.87 30.66 -11.01
N GLN I 13 26.33 29.78 -11.90
CA GLN I 13 26.44 30.09 -13.31
C GLN I 13 25.04 30.07 -13.92
N GLU I 14 24.79 30.94 -14.90
CA GLU I 14 23.54 30.88 -15.68
C GLU I 14 23.39 29.52 -16.29
N GLY I 15 22.16 29.03 -16.30
CA GLY I 15 21.86 27.71 -16.85
C GLY I 15 21.67 26.71 -15.75
N ALA I 16 22.25 27.02 -14.59
CA ALA I 16 22.32 26.12 -13.46
C ALA I 16 20.98 25.99 -12.70
N ASN I 17 20.68 24.79 -12.21
CA ASN I 17 19.47 24.58 -11.40
C ASN I 17 19.77 24.86 -9.92
N SER I 18 19.03 25.78 -9.32
CA SER I 18 19.20 26.22 -7.92
C SER I 18 18.10 25.63 -7.04
N THR I 19 18.45 25.15 -5.85
CA THR I 19 17.49 24.69 -4.82
C THR I 19 17.57 25.55 -3.55
N LEU I 20 16.46 26.15 -3.15
CA LEU I 20 16.43 26.94 -1.90
C LEU I 20 15.60 26.24 -0.83
N ARG I 21 16.10 26.24 0.40
CA ARG I 21 15.49 25.50 1.51
C ARG I 21 14.87 26.45 2.50
N CYS I 22 13.77 26.04 3.09
CA CYS I 22 13.12 26.86 4.09
C CYS I 22 12.49 25.94 5.14
N ASN I 23 12.98 26.03 6.35
CA ASN I 23 12.45 25.23 7.47
C ASN I 23 11.64 26.05 8.46
N PHE I 24 10.39 25.63 8.71
CA PHE I 24 9.46 26.36 9.57
C PHE I 24 9.01 25.63 10.83
N SER I 25 8.93 26.35 11.92
CA SER I 25 8.51 25.76 13.20
C SER I 25 7.06 25.27 13.20
N ASP I 26 6.74 24.54 14.25
CA ASP I 26 5.39 24.03 14.52
C ASP I 26 4.37 25.14 14.50
N SER I 27 4.76 26.29 15.07
CA SER I 27 3.88 27.44 15.29
C SER I 27 3.56 28.33 14.09
N VAL I 28 3.98 27.93 12.89
CA VAL I 28 3.64 28.71 11.72
C VAL I 28 3.32 27.79 10.55
N ASN I 29 2.56 28.31 9.57
CA ASN I 29 2.20 27.54 8.40
C ASN I 29 1.73 28.40 7.22
N ASN I 30 1.10 27.74 6.24
CA ASN I 30 0.57 28.37 5.05
C ASN I 30 1.62 29.12 4.20
N LEU I 31 2.66 28.38 3.86
CA LEU I 31 3.93 28.95 3.46
C LEU I 31 4.00 29.60 2.04
N GLN I 32 4.87 30.61 1.88
CA GLN I 32 4.92 31.42 0.65
C GLN I 32 6.34 31.65 0.16
N TRP I 33 6.50 32.17 -1.04
CA TRP I 33 7.83 32.57 -1.49
C TRP I 33 7.83 33.93 -2.17
N PHE I 34 8.84 34.74 -1.84
CA PHE I 34 8.95 36.07 -2.42
C PHE I 34 10.25 36.28 -3.10
N HIS I 35 10.19 37.04 -4.19
CA HIS I 35 11.40 37.56 -4.83
C HIS I 35 12.03 38.88 -4.36
N GLN I 36 11.45 40.02 -4.10
CA GLN I 36 12.42 41.21 -3.93
C GLN I 36 13.36 41.35 -5.16
N ASN I 37 14.24 42.33 -5.24
CA ASN I 37 15.02 42.45 -6.47
C ASN I 37 15.89 43.56 -6.08
N PRO I 38 16.97 43.80 -6.83
CA PRO I 38 17.99 44.62 -6.22
C PRO I 38 17.54 46.07 -6.08
N TRP I 39 16.29 46.36 -6.42
CA TRP I 39 15.72 47.70 -6.22
C TRP I 39 14.61 47.75 -5.20
N GLY I 40 14.51 46.68 -4.41
CA GLY I 40 13.63 46.62 -3.25
C GLY I 40 12.20 46.21 -3.48
N GLN I 41 11.83 45.74 -4.66
CA GLN I 41 10.46 45.32 -4.89
C GLN I 41 10.12 43.86 -4.54
N LEU I 42 8.99 43.65 -3.86
CA LEU I 42 8.57 42.32 -3.47
C LEU I 42 7.45 41.76 -4.39
N ILE I 43 7.63 40.53 -4.80
CA ILE I 43 6.64 39.83 -5.59
C ILE I 43 6.53 38.44 -4.98
N ASN I 44 5.29 38.01 -4.79
CA ASN I 44 5.00 36.64 -4.44
C ASN I 44 5.32 35.71 -5.63
N LEU I 45 5.97 34.59 -5.32
CA LEU I 45 6.29 33.56 -6.29
C LEU I 45 5.24 32.46 -6.23
N PHE I 46 4.91 32.05 -5.01
CA PHE I 46 3.89 31.05 -4.84
C PHE I 46 3.28 31.25 -3.51
N TYR I 47 2.00 30.95 -3.43
CA TYR I 47 1.40 30.57 -2.17
C TYR I 47 1.46 29.05 -2.29
N ILE I 48 2.07 28.37 -1.32
CA ILE I 48 2.27 26.91 -1.50
C ILE I 48 2.21 26.17 -0.14
N PRO I 49 0.99 26.10 0.45
CA PRO I 49 0.85 25.57 1.80
C PRO I 49 1.13 24.09 1.88
N SER I 50 1.02 23.39 0.76
CA SER I 50 1.16 21.94 0.74
C SER I 50 1.10 21.39 -0.68
N GLY I 51 2.12 20.64 -1.07
CA GLY I 51 2.17 20.02 -2.40
C GLY I 51 3.22 20.62 -3.33
N THR I 52 2.97 20.47 -4.64
CA THR I 52 3.83 21.07 -5.66
C THR I 52 3.11 22.08 -6.57
N LYS I 53 3.80 23.12 -6.98
CA LYS I 53 3.25 24.09 -7.92
C LYS I 53 4.37 24.47 -8.85
N GLN I 54 3.98 24.93 -10.02
CA GLN I 54 4.91 25.18 -11.12
C GLN I 54 4.54 26.50 -11.82
N ASN I 55 5.53 27.31 -12.09
CA ASN I 55 5.35 28.56 -12.81
C ASN I 55 6.59 28.83 -13.67
N GLY I 56 6.53 28.28 -14.89
CA GLY I 56 7.66 28.26 -15.81
C GLY I 56 8.86 27.50 -15.27
N ARG I 57 10.00 28.20 -15.21
CA ARG I 57 11.23 27.65 -14.62
C ARG I 57 11.14 27.41 -13.11
N LEU I 58 10.32 28.19 -12.38
CA LEU I 58 10.23 28.04 -10.91
C LEU I 58 9.21 26.98 -10.53
N SER I 59 9.47 26.27 -9.43
CA SER I 59 8.51 25.30 -8.86
C SER I 59 8.81 25.15 -7.39
N ALA I 60 7.76 25.03 -6.57
CA ALA I 60 7.93 24.78 -5.13
C ALA I 60 7.22 23.52 -4.66
N THR I 61 7.88 22.79 -3.77
CA THR I 61 7.21 21.73 -3.01
C THR I 61 7.31 22.14 -1.56
N THR I 62 6.15 22.19 -0.90
CA THR I 62 6.07 22.23 0.54
C THR I 62 5.52 20.88 1.01
N VAL I 63 6.24 20.19 1.90
CA VAL I 63 5.61 19.06 2.60
C VAL I 63 5.17 19.60 3.93
N ALA I 64 3.86 19.80 4.10
CA ALA I 64 3.33 20.33 5.36
C ALA I 64 3.55 19.40 6.57
N THR I 65 3.21 18.10 6.41
CA THR I 65 3.47 17.10 7.45
C THR I 65 4.83 17.39 8.10
N GLU I 66 5.89 17.34 7.28
CA GLU I 66 7.26 17.70 7.67
C GLU I 66 7.38 19.21 7.50
N ARG I 67 8.35 19.85 8.14
CA ARG I 67 8.21 21.30 8.29
C ARG I 67 9.20 22.06 7.41
N TYR I 68 8.89 22.10 6.10
CA TYR I 68 9.87 22.55 5.13
C TYR I 68 9.32 22.84 3.73
N SER I 69 9.91 23.81 3.08
CA SER I 69 9.54 24.13 1.72
C SER I 69 10.78 24.29 0.86
N LEU I 70 10.58 24.10 -0.43
CA LEU I 70 11.67 24.02 -1.39
C LEU I 70 11.27 24.83 -2.62
N LEU I 71 12.07 25.83 -2.94
CA LEU I 71 11.87 26.60 -4.16
C LEU I 71 13.00 26.15 -5.08
N TYR I 72 12.61 25.66 -6.27
CA TYR I 72 13.57 25.21 -7.27
C TYR I 72 13.57 26.20 -8.40
N ILE I 73 14.74 26.57 -8.87
CA ILE I 73 14.85 27.39 -10.08
C ILE I 73 15.60 26.58 -11.14
N SER I 74 14.98 26.38 -12.29
CA SER I 74 15.63 25.64 -13.35
C SER I 74 16.18 26.63 -14.33
N SER I 75 17.30 26.26 -14.97
CA SER I 75 17.87 27.04 -16.05
C SER I 75 17.96 28.52 -15.63
N SER I 76 18.65 28.75 -14.52
CA SER I 76 18.83 30.09 -13.94
C SER I 76 19.19 31.18 -14.96
N GLN I 77 18.63 32.37 -14.77
CA GLN I 77 18.92 33.53 -15.61
C GLN I 77 19.38 34.68 -14.74
N THR I 78 20.26 35.53 -15.27
CA THR I 78 20.89 36.60 -14.48
C THR I 78 19.86 37.48 -13.79
N THR I 79 18.69 37.62 -14.44
CA THR I 79 17.60 38.47 -13.97
C THR I 79 16.90 37.93 -12.71
N ASP I 80 16.87 36.62 -12.55
CA ASP I 80 16.51 35.97 -11.26
C ASP I 80 17.33 36.46 -10.04
N SER I 81 18.33 37.32 -10.22
CA SER I 81 19.17 37.74 -9.08
C SER I 81 18.40 38.52 -8.03
N GLY I 82 18.77 38.35 -6.77
CA GLY I 82 18.21 39.18 -5.71
C GLY I 82 18.10 38.37 -4.44
N VAL I 83 17.05 38.61 -3.68
CA VAL I 83 16.89 37.93 -2.42
C VAL I 83 15.59 37.15 -2.45
N TYR I 84 15.67 35.86 -2.11
CA TYR I 84 14.47 35.04 -1.98
C TYR I 84 14.10 34.86 -0.52
N PHE I 85 12.86 35.22 -0.21
CA PHE I 85 12.26 35.09 1.09
C PHE I 85 11.16 34.06 1.07
N CYS I 86 11.15 33.13 2.02
CA CYS I 86 9.95 32.36 2.33
C CYS I 86 9.29 33.03 3.54
N ALA I 87 7.99 32.85 3.64
CA ALA I 87 7.22 33.48 4.67
C ALA I 87 6.05 32.56 5.07
N ALA I 88 5.62 32.66 6.31
CA ALA I 88 4.60 31.79 6.83
C ALA I 88 3.71 32.59 7.76
N LEU I 89 2.52 32.05 8.05
CA LEU I 89 1.56 32.69 8.94
C LEU I 89 1.63 31.99 10.27
N ILE I 90 1.96 32.74 11.33
CA ILE I 90 1.93 32.21 12.71
C ILE I 90 0.53 31.66 12.96
N GLN I 91 0.42 30.43 13.49
CA GLN I 91 -0.89 29.81 13.71
C GLN I 91 -1.66 30.61 14.73
N GLY I 92 -2.90 30.96 14.39
CA GLY I 92 -3.79 31.64 15.33
C GLY I 92 -3.71 33.14 15.17
N ALA I 93 -2.58 33.74 15.53
CA ALA I 93 -2.34 35.15 15.27
C ALA I 93 -2.14 35.21 13.76
N GLN I 94 -2.79 36.11 13.07
CA GLN I 94 -2.61 35.95 11.62
C GLN I 94 -1.40 36.73 11.11
N LYS I 95 -0.29 36.48 11.80
CA LYS I 95 0.91 37.27 11.73
C LYS I 95 1.83 36.67 10.68
N LEU I 96 2.18 37.48 9.69
CA LEU I 96 3.03 37.07 8.60
C LEU I 96 4.47 37.44 8.92
N VAL I 97 5.37 36.52 8.61
CA VAL I 97 6.67 36.49 9.24
C VAL I 97 7.66 35.93 8.23
N PHE I 98 8.78 36.62 8.09
CA PHE I 98 9.78 36.35 7.04
C PHE I 98 11.02 35.67 7.59
N GLY I 99 11.56 34.76 6.80
CA GLY I 99 12.89 34.21 7.06
C GLY I 99 13.94 35.25 6.66
N GLN I 100 15.21 34.92 6.91
CA GLN I 100 16.30 35.82 6.56
C GLN I 100 16.67 35.94 5.07
N GLY I 101 16.10 35.08 4.22
CA GLY I 101 16.32 35.11 2.78
C GLY I 101 17.57 34.40 2.30
N THR I 102 17.54 33.90 1.06
CA THR I 102 18.75 33.50 0.38
C THR I 102 19.08 34.61 -0.62
N ARG I 103 20.21 35.27 -0.44
CA ARG I 103 20.70 36.20 -1.45
C ARG I 103 21.23 35.34 -2.62
N LEU I 104 20.62 35.51 -3.79
CA LEU I 104 20.97 34.71 -4.96
C LEU I 104 21.69 35.59 -6.00
N THR I 105 22.85 35.15 -6.48
CA THR I 105 23.49 35.77 -7.64
C THR I 105 23.58 34.80 -8.81
N ILE I 106 23.06 35.20 -9.97
CA ILE I 106 23.32 34.40 -11.17
C ILE I 106 24.24 35.18 -12.09
N ASN I 107 25.41 34.58 -12.39
CA ASN I 107 26.46 35.21 -13.20
C ASN I 107 26.38 34.81 -14.65
N PRO I 108 26.79 35.72 -15.54
CA PRO I 108 26.77 35.42 -16.96
C PRO I 108 27.82 34.39 -17.32
N ASN I 109 27.62 33.79 -18.48
CA ASN I 109 28.48 32.74 -18.99
C ASN I 109 29.39 33.27 -20.08
N ILE I 110 30.48 33.91 -19.67
CA ILE I 110 31.41 34.56 -20.62
C ILE I 110 32.10 33.55 -21.54
N GLN I 111 31.50 33.32 -22.71
CA GLN I 111 32.06 32.38 -23.72
C GLN I 111 33.57 32.63 -23.96
N ASN I 112 33.90 33.79 -24.52
CA ASN I 112 35.28 34.13 -24.87
C ASN I 112 35.70 35.45 -24.23
N PRO I 113 36.25 35.37 -23.01
CA PRO I 113 36.72 36.50 -22.22
C PRO I 113 37.70 37.38 -22.97
N ASP I 114 37.64 38.68 -22.72
CA ASP I 114 38.51 39.61 -23.40
C ASP I 114 38.89 40.72 -22.40
N PRO I 115 39.43 40.34 -21.25
CA PRO I 115 39.55 41.32 -20.16
C PRO I 115 40.41 42.51 -20.57
N ALA I 116 39.83 43.71 -20.50
CA ALA I 116 40.50 44.95 -20.90
C ALA I 116 40.16 46.10 -19.95
N VAL I 117 40.99 47.13 -19.91
CA VAL I 117 40.62 48.37 -19.22
C VAL I 117 40.68 49.50 -20.20
N TYR I 118 39.58 50.23 -20.36
CA TYR I 118 39.56 51.37 -21.28
C TYR I 118 39.36 52.70 -20.56
N GLN I 119 40.02 53.73 -21.06
CA GLN I 119 39.79 55.07 -20.55
C GLN I 119 38.75 55.80 -21.38
N LEU I 120 37.86 56.52 -20.71
CA LEU I 120 36.77 57.25 -21.35
C LEU I 120 36.75 58.69 -20.86
N ARG I 121 36.76 59.64 -21.80
CA ARG I 121 36.63 61.04 -21.42
C ARG I 121 35.19 61.57 -21.45
N ASP I 122 34.93 62.53 -20.56
CA ASP I 122 33.72 63.34 -20.55
C ASP I 122 33.44 63.87 -21.95
N SER I 123 32.18 63.86 -22.36
CA SER I 123 31.83 64.47 -23.65
C SER I 123 31.86 65.99 -23.50
N LYS I 124 31.32 66.45 -22.37
CA LYS I 124 31.35 67.84 -21.96
C LYS I 124 32.65 68.12 -21.23
N SER I 125 33.54 68.91 -21.83
CA SER I 125 34.82 69.28 -21.17
C SER I 125 35.78 68.08 -21.02
N SER I 126 36.87 68.11 -21.80
CA SER I 126 37.74 66.94 -21.99
C SER I 126 38.51 66.42 -20.76
N ASP I 127 38.62 67.25 -19.72
CA ASP I 127 39.48 66.93 -18.55
C ASP I 127 39.06 65.78 -17.62
N LYS I 128 37.76 65.64 -17.36
CA LYS I 128 37.27 64.55 -16.52
C LYS I 128 37.30 63.22 -17.29
N SER I 129 37.70 62.13 -16.62
CA SER I 129 37.68 60.79 -17.24
C SER I 129 37.34 59.63 -16.29
N VAL I 130 37.30 58.43 -16.87
CA VAL I 130 36.80 57.23 -16.21
C VAL I 130 37.52 55.99 -16.73
N CYS I 131 37.77 55.04 -15.84
CA CYS I 131 38.31 53.75 -16.28
C CYS I 131 37.21 52.67 -16.28
N LEU I 132 37.04 52.02 -17.42
CA LEU I 132 36.08 50.93 -17.55
C LEU I 132 36.83 49.60 -17.71
N PHE I 133 36.77 48.78 -16.65
CA PHE I 133 37.28 47.42 -16.67
C PHE I 133 36.12 46.56 -17.11
N THR I 134 36.24 45.96 -18.28
CA THR I 134 35.14 45.20 -18.89
C THR I 134 35.61 43.86 -19.53
N ASP I 135 34.64 42.97 -19.76
CA ASP I 135 34.81 41.74 -20.58
C ASP I 135 35.59 40.61 -19.92
N PHE I 136 35.64 40.63 -18.60
CA PHE I 136 36.25 39.60 -17.79
C PHE I 136 35.26 38.48 -17.42
N ASP I 137 35.77 37.30 -17.09
CA ASP I 137 34.90 36.19 -16.75
C ASP I 137 34.29 36.41 -15.36
N SER I 138 33.32 35.59 -15.01
CA SER I 138 32.51 35.84 -13.83
C SER I 138 33.19 35.52 -12.49
N GLN I 139 34.32 34.82 -12.54
CA GLN I 139 35.08 34.40 -11.35
C GLN I 139 36.06 35.48 -10.96
N THR I 140 36.25 36.44 -11.85
CA THR I 140 37.13 37.57 -11.60
C THR I 140 36.49 38.45 -10.55
N ASN I 141 37.21 38.66 -9.45
CA ASN I 141 36.68 39.45 -8.36
C ASN I 141 37.26 40.85 -8.30
N VAL I 142 36.38 41.84 -8.41
CA VAL I 142 36.76 43.25 -8.44
C VAL I 142 36.89 43.79 -7.03
N SER I 143 38.13 44.05 -6.63
CA SER I 143 38.41 44.52 -5.28
C SER I 143 38.05 46.00 -5.07
N GLN I 144 38.31 46.49 -3.87
CA GLN I 144 38.06 47.87 -3.54
C GLN I 144 39.37 48.64 -3.54
N SER I 145 39.29 49.94 -3.70
CA SER I 145 40.50 50.76 -3.60
C SER I 145 40.83 51.01 -2.12
N LYS I 146 42.10 50.99 -1.78
CA LYS I 146 42.49 51.44 -0.44
C LYS I 146 42.45 52.97 -0.36
N ASP I 147 43.04 53.63 -1.36
CA ASP I 147 42.94 55.09 -1.48
C ASP I 147 41.49 55.50 -1.39
N SER I 148 41.13 56.19 -0.30
CA SER I 148 39.73 56.57 -0.06
C SER I 148 39.31 57.76 -0.93
N ASP I 149 40.28 58.29 -1.68
CA ASP I 149 40.00 59.31 -2.66
C ASP I 149 39.72 58.67 -4.05
N VAL I 150 39.96 57.36 -4.17
CA VAL I 150 39.71 56.60 -5.41
C VAL I 150 38.48 55.68 -5.27
N TYR I 151 37.57 55.75 -6.24
CA TYR I 151 36.36 54.93 -6.21
C TYR I 151 36.29 53.87 -7.31
N ILE I 152 36.03 52.63 -6.89
CA ILE I 152 35.74 51.53 -7.82
C ILE I 152 34.39 50.89 -7.47
N THR I 153 33.55 50.62 -8.47
CA THR I 153 32.23 50.03 -8.24
C THR I 153 32.22 48.51 -8.29
N ASP I 154 31.39 47.86 -7.48
CA ASP I 154 31.07 46.47 -7.70
C ASP I 154 30.75 46.25 -9.18
N LYS I 155 31.01 45.06 -9.69
CA LYS I 155 30.68 44.77 -11.06
C LYS I 155 29.16 44.81 -11.27
N CYS I 156 28.74 44.90 -12.53
CA CYS I 156 27.36 44.73 -12.90
C CYS I 156 27.32 44.21 -14.34
N VAL I 157 26.21 43.55 -14.69
CA VAL I 157 26.13 42.68 -15.87
C VAL I 157 25.20 43.26 -16.93
N LEU I 158 25.68 43.51 -18.15
CA LEU I 158 24.73 43.98 -19.16
C LEU I 158 24.39 42.98 -20.27
N ASP I 159 23.24 43.19 -20.91
CA ASP I 159 22.68 42.27 -21.89
C ASP I 159 22.46 42.96 -23.23
N MET I 160 23.32 42.71 -24.22
CA MET I 160 23.05 43.17 -25.58
C MET I 160 22.15 42.14 -26.27
N ARG I 161 20.86 42.18 -25.92
CA ARG I 161 19.89 41.13 -26.26
C ARG I 161 19.96 40.64 -27.69
N SER I 162 20.04 41.56 -28.63
CA SER I 162 20.00 41.24 -30.06
C SER I 162 21.26 40.51 -30.53
N MET I 163 22.38 40.84 -29.89
CA MET I 163 23.65 40.15 -30.15
C MET I 163 23.77 38.91 -29.26
N ASP I 164 22.77 38.70 -28.41
CA ASP I 164 22.73 37.59 -27.44
C ASP I 164 24.07 37.51 -26.73
N PHE I 165 24.52 38.63 -26.22
CA PHE I 165 25.86 38.72 -25.67
C PHE I 165 25.86 39.47 -24.34
N LYS I 166 26.15 38.78 -23.26
CA LYS I 166 26.33 39.43 -21.97
C LYS I 166 27.79 39.82 -21.68
N SER I 167 27.97 40.83 -20.85
CA SER I 167 29.31 41.30 -20.47
C SER I 167 29.32 41.85 -19.02
N ASN I 168 30.48 41.74 -18.37
CA ASN I 168 30.73 42.27 -17.04
C ASN I 168 31.46 43.59 -17.18
N SER I 169 31.26 44.47 -16.21
CA SER I 169 31.80 45.81 -16.30
C SER I 169 31.96 46.34 -14.90
N ALA I 170 33.15 46.86 -14.60
CA ALA I 170 33.40 47.57 -13.34
C ALA I 170 33.94 48.94 -13.69
N VAL I 171 33.63 49.93 -12.86
CA VAL I 171 34.05 51.30 -13.17
C VAL I 171 34.87 51.93 -12.05
N ALA I 172 35.85 52.73 -12.45
CA ALA I 172 36.74 53.39 -11.51
C ALA I 172 36.99 54.85 -11.83
N TRP I 173 37.16 55.64 -10.79
CA TRP I 173 37.54 57.02 -10.95
C TRP I 173 38.02 57.66 -9.66
N SER I 174 38.67 58.81 -9.86
CA SER I 174 38.93 59.81 -8.84
C SER I 174 39.37 61.04 -9.62
N ASN I 175 39.50 62.16 -8.94
CA ASN I 175 40.28 63.28 -9.47
C ASN I 175 41.39 63.58 -8.50
N LYS I 176 42.60 63.19 -8.90
CA LYS I 176 43.82 63.47 -8.17
C LYS I 176 44.87 63.97 -9.16
N SER I 177 46.14 63.62 -8.91
CA SER I 177 47.19 63.76 -9.91
C SER I 177 47.83 62.38 -10.18
N ASP I 178 48.01 61.59 -9.13
CA ASP I 178 48.55 60.22 -9.27
C ASP I 178 47.51 59.08 -9.19
N PHE I 179 46.49 59.17 -10.04
CA PHE I 179 45.61 58.03 -10.34
C PHE I 179 45.55 57.81 -11.85
N ALA I 180 45.78 56.57 -12.28
CA ALA I 180 45.72 56.22 -13.70
C ALA I 180 44.99 54.90 -13.92
N CYS I 181 44.48 54.75 -15.14
CA CYS I 181 43.80 53.53 -15.57
C CYS I 181 44.68 52.28 -15.53
N ALA I 182 45.99 52.49 -15.45
CA ALA I 182 46.94 51.39 -15.38
C ALA I 182 46.81 50.71 -14.02
N ASN I 183 47.10 51.46 -12.96
CA ASN I 183 47.04 50.92 -11.61
C ASN I 183 45.70 51.14 -10.91
N ALA I 184 44.67 51.39 -11.71
CA ALA I 184 43.31 51.60 -11.20
C ALA I 184 42.77 50.34 -10.52
N PHE I 185 43.00 49.20 -11.16
CA PHE I 185 42.54 47.93 -10.65
C PHE I 185 43.75 47.03 -10.34
N ASN I 186 44.93 47.62 -10.15
CA ASN I 186 46.12 46.84 -9.85
C ASN I 186 46.07 46.31 -8.42
N ASN I 187 45.21 46.93 -7.61
CA ASN I 187 44.86 46.41 -6.29
C ASN I 187 43.83 45.28 -6.38
N SER I 188 43.23 45.13 -7.56
CA SER I 188 42.36 43.99 -7.84
C SER I 188 43.17 42.88 -8.50
N ILE I 189 42.68 41.64 -8.36
CA ILE I 189 43.31 40.47 -8.98
C ILE I 189 42.98 40.44 -10.47
N ILE I 190 43.96 40.83 -11.29
CA ILE I 190 43.78 41.01 -12.73
C ILE I 190 44.11 39.75 -13.54
N PRO I 191 43.33 39.48 -14.60
CA PRO I 191 43.82 38.55 -15.63
C PRO I 191 45.10 39.09 -16.26
N GLU I 192 46.18 38.31 -16.20
CA GLU I 192 47.53 38.77 -16.55
C GLU I 192 47.66 39.41 -17.95
N ASP I 193 46.84 38.98 -18.90
CA ASP I 193 46.89 39.50 -20.27
C ASP I 193 45.88 40.63 -20.57
N THR I 194 45.31 41.22 -19.50
CA THR I 194 44.40 42.36 -19.64
C THR I 194 44.97 43.45 -20.57
N PHE I 195 44.25 43.70 -21.65
CA PHE I 195 44.66 44.66 -22.66
C PHE I 195 44.58 46.11 -22.18
N PHE I 196 45.73 46.77 -22.13
CA PHE I 196 45.84 48.20 -21.86
C PHE I 196 46.17 48.95 -23.16
N PRO I 197 45.39 50.00 -23.48
CA PRO I 197 45.55 50.81 -24.69
C PRO I 197 46.73 51.79 -24.60
N SER I 198 47.06 52.43 -25.72
CA SER I 198 48.17 53.40 -25.83
C SER I 198 49.52 52.75 -25.54
N ALA J 2 -5.74 44.14 -8.55
CA ALA J 2 -4.91 45.40 -8.67
C ALA J 2 -4.09 45.90 -7.39
N GLY J 3 -3.77 45.00 -6.44
CA GLY J 3 -2.65 45.24 -5.50
C GLY J 3 -2.68 46.24 -4.34
N VAL J 4 -1.58 46.33 -3.60
CA VAL J 4 -1.43 47.34 -2.52
C VAL J 4 -0.75 48.61 -3.02
N THR J 5 -1.23 49.77 -2.57
CA THR J 5 -0.61 51.05 -2.86
C THR J 5 -0.08 51.69 -1.54
N GLN J 6 1.15 52.21 -1.54
CA GLN J 6 1.69 52.92 -0.36
C GLN J 6 2.36 54.22 -0.74
N THR J 7 2.23 55.25 0.09
CA THR J 7 2.66 56.61 -0.28
C THR J 7 3.71 57.23 0.68
N PRO J 8 4.40 58.27 0.20
CA PRO J 8 5.62 58.49 -0.48
C PRO J 8 6.29 57.20 -0.86
N LYS J 9 6.73 57.12 -2.09
CA LYS J 9 7.79 56.25 -2.44
C LYS J 9 9.11 56.74 -1.76
N PHE J 10 9.26 58.06 -1.67
CA PHE J 10 10.48 58.67 -1.08
C PHE J 10 10.15 59.85 -0.16
N ARG J 11 10.90 59.96 0.93
CA ARG J 11 10.69 61.08 1.86
C ARG J 11 11.91 61.38 2.73
N ILE J 12 12.30 62.66 2.75
CA ILE J 12 13.28 63.15 3.72
C ILE J 12 12.56 63.80 4.90
N LEU J 13 12.89 63.33 6.09
CA LEU J 13 12.33 63.89 7.33
C LEU J 13 13.43 64.45 8.19
N LYS J 14 13.12 65.46 8.98
CA LYS J 14 14.11 66.06 9.88
C LYS J 14 13.84 65.63 11.31
N ILE J 15 14.90 65.22 12.01
CA ILE J 15 14.82 64.88 13.44
C ILE J 15 13.80 65.72 14.22
N GLY J 16 12.80 65.04 14.78
CA GLY J 16 11.74 65.69 15.56
C GLY J 16 10.41 65.79 14.84
N GLN J 17 10.44 65.81 13.51
CA GLN J 17 9.23 66.07 12.72
C GLN J 17 8.38 64.81 12.66
N SER J 18 7.12 64.93 12.24
CA SER J 18 6.28 63.76 12.06
C SER J 18 5.86 63.54 10.60
N MET J 19 5.18 62.42 10.35
CA MET J 19 4.94 61.94 9.01
C MET J 19 4.01 60.73 9.04
N THR J 20 3.27 60.54 7.95
CA THR J 20 2.33 59.45 7.80
C THR J 20 2.63 58.72 6.50
N LEU J 21 2.64 57.39 6.60
CA LEU J 21 2.85 56.50 5.49
C LEU J 21 1.53 55.81 5.21
N GLN J 22 0.95 56.10 4.04
CA GLN J 22 -0.37 55.60 3.66
C GLN J 22 -0.31 54.24 3.03
N CYS J 23 -1.29 53.39 3.32
CA CYS J 23 -1.32 52.13 2.63
C CYS J 23 -2.75 51.74 2.36
N THR J 24 -3.05 51.52 1.10
CA THR J 24 -4.42 51.19 0.71
C THR J 24 -4.40 49.95 -0.16
N GLN J 25 -5.54 49.35 -0.31
CA GLN J 25 -5.64 48.05 -0.94
C GLN J 25 -7.11 47.81 -1.16
N ASP J 26 -7.42 47.40 -2.38
CA ASP J 26 -8.78 47.34 -2.83
C ASP J 26 -9.23 45.89 -3.02
N MET J 27 -8.60 44.98 -2.28
CA MET J 27 -8.87 43.55 -2.50
C MET J 27 -9.78 42.92 -1.43
N ASN J 28 -10.24 43.75 -0.49
CA ASN J 28 -10.86 43.28 0.76
C ASN J 28 -9.99 42.44 1.73
N HIS J 29 -8.68 42.38 1.53
CA HIS J 29 -7.86 41.66 2.50
C HIS J 29 -8.03 42.29 3.90
N ASN J 30 -8.22 41.43 4.87
CA ASN J 30 -8.58 41.83 6.18
C ASN J 30 -7.32 41.95 7.02
N TYR J 31 -6.27 41.23 6.62
CA TYR J 31 -5.01 41.30 7.33
C TYR J 31 -4.12 42.23 6.54
N MET J 32 -3.51 43.18 7.27
CA MET J 32 -2.55 44.14 6.71
C MET J 32 -1.33 44.28 7.61
N TYR J 33 -0.17 44.62 7.04
CA TYR J 33 1.10 44.60 7.78
C TYR J 33 2.11 45.68 7.34
N TRP J 34 2.85 46.22 8.32
CA TRP J 34 3.92 47.19 8.05
C TRP J 34 5.27 46.69 8.49
N TYR J 35 6.14 46.40 7.51
CA TYR J 35 7.50 46.02 7.83
C TYR J 35 8.50 47.19 7.65
N ARG J 36 9.73 46.98 8.13
CA ARG J 36 10.85 47.86 7.76
C ARG J 36 12.05 47.06 7.32
N GLN J 37 12.86 47.64 6.47
CA GLN J 37 14.04 46.94 6.00
C GLN J 37 15.30 47.81 6.02
N ASP J 38 16.29 47.35 6.78
CA ASP J 38 17.60 47.96 6.81
C ASP J 38 18.42 47.35 5.71
N PRO J 39 19.39 48.11 5.15
CA PRO J 39 20.04 47.62 3.92
C PRO J 39 20.76 46.28 4.15
N GLY J 40 20.51 45.31 3.25
CA GLY J 40 21.09 43.98 3.36
C GLY J 40 20.50 43.10 4.45
N MET J 41 19.48 43.60 5.14
CA MET J 41 18.90 42.89 6.26
C MET J 41 17.57 42.23 5.93
N GLY J 42 16.90 41.77 6.99
CA GLY J 42 15.63 41.05 6.88
C GLY J 42 14.45 41.97 7.08
N LEU J 43 13.25 41.46 6.80
CA LEU J 43 12.03 42.21 7.02
C LEU J 43 11.63 42.02 8.49
N LYS J 44 11.52 43.14 9.19
CA LYS J 44 11.08 43.13 10.58
C LYS J 44 9.72 43.85 10.68
N LEU J 45 8.81 43.32 11.47
CA LEU J 45 7.43 43.82 11.55
C LEU J 45 7.25 44.92 12.63
N ILE J 46 6.54 45.99 12.26
CA ILE J 46 6.21 47.09 13.16
C ILE J 46 4.84 46.90 13.84
N TYR J 47 3.80 46.71 13.01
CA TYR J 47 2.40 46.59 13.44
C TYR J 47 1.64 45.80 12.41
N TYR J 48 0.55 45.18 12.85
CA TYR J 48 -0.34 44.53 11.90
C TYR J 48 -1.78 44.62 12.37
N SER J 49 -2.69 44.22 11.50
CA SER J 49 -4.11 44.30 11.78
C SER J 49 -4.90 43.23 11.02
N VAL J 50 -5.63 42.44 11.81
CA VAL J 50 -6.40 41.33 11.27
C VAL J 50 -7.77 41.74 10.72
N GLY J 51 -8.22 42.96 11.04
CA GLY J 51 -9.47 43.52 10.52
C GLY J 51 -9.81 44.86 11.15
N ALA J 52 -10.82 45.55 10.64
CA ALA J 52 -11.10 46.89 11.14
C ALA J 52 -11.18 46.85 12.64
N GLY J 53 -10.44 47.75 13.29
CA GLY J 53 -10.53 48.03 14.72
C GLY J 53 -9.61 47.18 15.58
N ILE J 54 -8.91 46.25 14.94
CA ILE J 54 -8.00 45.38 15.67
C ILE J 54 -6.60 45.71 15.18
N THR J 55 -5.72 46.10 16.11
CA THR J 55 -4.28 46.28 15.86
C THR J 55 -3.45 45.66 16.99
N ASP J 56 -2.26 45.15 16.62
CA ASP J 56 -1.32 44.51 17.53
C ASP J 56 0.09 44.83 17.10
N LYS J 57 0.97 44.93 18.09
CA LYS J 57 2.37 45.23 17.83
C LYS J 57 3.07 44.10 17.10
N GLY J 58 4.20 44.44 16.46
CA GLY J 58 5.14 43.45 15.96
C GLY J 58 6.38 43.40 16.84
N GLU J 59 7.52 43.05 16.25
CA GLU J 59 8.79 43.01 16.97
C GLU J 59 9.44 44.39 17.16
N VAL J 60 9.15 45.34 16.28
CA VAL J 60 9.80 46.65 16.37
C VAL J 60 8.79 47.81 16.31
N PRO J 61 7.98 47.99 17.37
CA PRO J 61 6.91 48.99 17.32
C PRO J 61 7.22 50.36 17.95
N ASN J 62 8.44 50.55 18.47
CA ASN J 62 8.80 51.78 19.18
C ASN J 62 9.01 53.01 18.29
N GLY J 63 8.28 54.08 18.61
CA GLY J 63 8.37 55.36 17.91
C GLY J 63 7.24 55.45 16.91
N TYR J 64 6.84 54.28 16.42
CA TYR J 64 5.78 54.14 15.46
C TYR J 64 4.44 53.95 16.16
N ASN J 65 3.37 53.86 15.37
CA ASN J 65 2.01 53.95 15.85
C ASN J 65 1.04 53.69 14.70
N VAL J 66 -0.15 53.16 14.98
CA VAL J 66 -1.03 52.72 13.88
C VAL J 66 -2.55 52.75 14.18
N SER J 67 -3.35 52.77 13.12
CA SER J 67 -4.83 52.67 13.22
C SER J 67 -5.45 52.04 11.95
N ARG J 68 -6.63 51.46 12.11
CA ARG J 68 -7.34 50.77 11.01
C ARG J 68 -8.85 50.91 11.24
N SER J 69 -9.48 51.97 10.72
CA SER J 69 -10.95 52.09 10.81
C SER J 69 -11.65 51.47 9.59
N THR J 70 -10.93 51.36 8.50
CA THR J 70 -11.45 50.70 7.33
C THR J 70 -10.62 49.49 7.08
N THR J 71 -11.24 48.54 6.42
CA THR J 71 -10.54 47.39 5.90
C THR J 71 -9.52 47.84 4.83
N GLU J 72 -9.78 48.95 4.14
CA GLU J 72 -8.99 49.33 2.97
C GLU J 72 -7.63 49.83 3.34
N ASP J 73 -7.62 50.72 4.34
CA ASP J 73 -6.48 51.56 4.67
C ASP J 73 -5.81 51.11 5.91
N PHE J 74 -4.50 51.35 5.97
CA PHE J 74 -3.66 51.03 7.11
C PHE J 74 -2.52 52.07 7.32
N PRO J 75 -2.87 53.31 7.71
CA PRO J 75 -1.91 54.41 7.91
C PRO J 75 -0.85 54.06 8.94
N LEU J 76 0.41 54.45 8.69
CA LEU J 76 1.48 54.34 9.68
C LEU J 76 1.94 55.72 10.11
N ARG J 77 2.02 55.94 11.44
CA ARG J 77 2.36 57.24 12.00
C ARG J 77 3.76 57.26 12.63
N LEU J 78 4.66 58.10 12.08
CA LEU J 78 5.97 58.37 12.69
C LEU J 78 5.84 59.68 13.47
N GLU J 79 5.57 59.57 14.76
CA GLU J 79 5.23 60.75 15.56
C GLU J 79 6.36 61.76 15.76
N LEU J 80 7.58 61.25 15.88
CA LEU J 80 8.70 62.05 16.33
C LEU J 80 10.01 61.51 15.72
N ALA J 81 10.27 61.88 14.47
CA ALA J 81 11.34 61.27 13.69
C ALA J 81 12.69 61.30 14.37
N ALA J 82 13.35 60.15 14.41
CA ALA J 82 14.68 59.98 15.00
C ALA J 82 15.59 59.23 14.00
N PRO J 83 16.91 59.50 14.03
CA PRO J 83 17.88 58.89 13.10
C PRO J 83 17.71 57.39 12.84
N SER J 84 17.55 56.62 13.91
CA SER J 84 17.31 55.15 13.85
C SER J 84 16.25 54.70 12.83
N GLN J 85 15.24 55.55 12.60
CA GLN J 85 14.13 55.20 11.71
C GLN J 85 14.48 55.21 10.23
N THR J 86 15.62 55.77 9.85
CA THR J 86 16.03 55.74 8.45
C THR J 86 15.95 54.29 7.95
N SER J 87 15.08 53.99 6.98
CA SER J 87 14.81 52.59 6.60
C SER J 87 13.93 52.50 5.34
N VAL J 88 13.66 51.28 4.84
CA VAL J 88 12.64 51.11 3.80
C VAL J 88 11.46 50.42 4.45
N TYR J 89 10.26 50.94 4.16
CA TYR J 89 9.06 50.37 4.74
C TYR J 89 8.22 49.73 3.69
N PHE J 90 7.62 48.62 4.07
CA PHE J 90 6.72 47.89 3.19
C PHE J 90 5.40 47.62 3.91
N CYS J 91 4.36 47.91 3.15
CA CYS J 91 3.03 47.50 3.51
C CYS J 91 2.76 46.15 2.90
N ALA J 92 1.95 45.32 3.56
CA ALA J 92 1.57 43.99 3.02
C ALA J 92 0.13 43.62 3.33
N SER J 93 -0.47 42.80 2.46
CA SER J 93 -1.80 42.31 2.74
C SER J 93 -2.04 40.91 2.16
N THR J 94 -2.56 40.02 3.01
CA THR J 94 -3.16 38.75 2.59
C THR J 94 -4.50 38.56 3.27
N TYR J 95 -5.05 37.39 3.07
CA TYR J 95 -6.12 36.94 3.88
C TYR J 95 -6.06 35.40 3.82
N HIS J 96 -6.51 34.82 2.71
CA HIS J 96 -6.58 33.39 2.58
C HIS J 96 -5.27 32.77 2.15
N GLY J 97 -4.47 33.46 1.35
CA GLY J 97 -3.28 32.85 0.76
C GLY J 97 -2.11 33.75 0.47
N THR J 98 -2.01 34.18 -0.80
CA THR J 98 -0.98 35.03 -1.35
C THR J 98 -0.87 36.41 -0.69
N GLY J 99 0.35 36.80 -0.32
CA GLY J 99 0.64 38.13 0.20
C GLY J 99 1.18 39.10 -0.82
N TYR J 100 0.61 40.30 -0.79
CA TYR J 100 0.89 41.36 -1.75
C TYR J 100 1.59 42.46 -1.00
N PHE J 101 2.70 42.94 -1.55
CA PHE J 101 3.34 44.10 -0.96
C PHE J 101 3.09 45.38 -1.74
N GLY J 102 3.16 46.50 -1.03
CA GLY J 102 3.32 47.79 -1.68
C GLY J 102 4.74 47.95 -2.20
N GLU J 103 4.95 49.06 -2.92
CA GLU J 103 6.20 49.34 -3.66
C GLU J 103 7.34 49.91 -2.87
N GLY J 104 7.10 50.15 -1.58
CA GLY J 104 8.14 50.59 -0.68
C GLY J 104 8.20 52.09 -0.44
N SER J 105 8.77 52.41 0.72
CA SER J 105 8.92 53.78 1.13
C SER J 105 10.31 53.92 1.73
N TRP J 106 11.19 54.44 0.89
CA TRP J 106 12.52 54.85 1.31
C TRP J 106 12.40 56.12 2.17
N LEU J 107 12.79 56.03 3.43
CA LEU J 107 12.65 57.12 4.35
C LEU J 107 13.99 57.34 5.00
N THR J 108 14.60 58.47 4.66
CA THR J 108 15.83 58.93 5.29
C THR J 108 15.51 60.04 6.27
N VAL J 109 16.17 59.99 7.43
CA VAL J 109 15.98 60.97 8.50
C VAL J 109 17.30 61.70 8.73
N VAL J 110 17.24 63.02 8.69
CA VAL J 110 18.45 63.83 8.64
C VAL J 110 18.70 64.75 9.84
N GLU J 111 19.98 64.94 10.11
CA GLU J 111 20.49 65.87 11.13
C GLU J 111 19.82 67.22 10.98
N ASP J 112 19.89 67.75 9.75
CA ASP J 112 19.19 68.94 9.29
C ASP J 112 19.28 68.94 7.75
N LEU J 113 18.37 69.63 7.09
CA LEU J 113 18.24 69.59 5.62
C LEU J 113 19.47 70.02 4.82
N ASN J 114 20.37 70.78 5.44
CA ASN J 114 21.65 71.15 4.83
C ASN J 114 22.47 69.93 4.40
N LYS J 115 22.04 68.74 4.81
CA LYS J 115 22.69 67.50 4.35
C LYS J 115 22.19 66.95 3.00
N VAL J 116 21.04 67.44 2.50
CA VAL J 116 20.47 66.90 1.24
C VAL J 116 21.15 67.53 0.05
N PHE J 117 21.58 66.70 -0.89
CA PHE J 117 22.38 67.18 -2.03
C PHE J 117 21.92 66.54 -3.31
N PRO J 118 21.90 67.29 -4.42
CA PRO J 118 21.57 66.69 -5.71
C PRO J 118 22.74 65.94 -6.35
N PRO J 119 22.46 64.99 -7.26
CA PRO J 119 23.55 64.35 -7.99
C PRO J 119 24.06 65.31 -9.09
N GLU J 120 25.36 65.29 -9.36
CA GLU J 120 25.90 65.89 -10.59
C GLU J 120 25.91 64.71 -11.54
N VAL J 121 25.73 64.92 -12.84
CA VAL J 121 25.72 63.78 -13.77
C VAL J 121 26.63 64.00 -14.98
N ALA J 122 27.54 63.08 -15.19
CA ALA J 122 28.38 63.16 -16.37
C ALA J 122 28.23 61.88 -17.19
N VAL J 123 28.34 62.03 -18.52
CA VAL J 123 28.42 60.91 -19.46
C VAL J 123 29.79 60.89 -20.15
N PHE J 124 30.38 59.70 -20.24
CA PHE J 124 31.70 59.53 -20.83
C PHE J 124 31.58 58.75 -22.13
N GLU J 125 32.20 59.27 -23.18
CA GLU J 125 32.08 58.67 -24.50
C GLU J 125 32.90 57.39 -24.52
N PRO J 126 32.54 56.41 -25.38
CA PRO J 126 33.35 55.20 -25.46
C PRO J 126 34.74 55.51 -26.00
N SER J 127 35.64 54.53 -25.93
CA SER J 127 37.01 54.73 -26.35
C SER J 127 37.21 54.16 -27.75
N GLU J 128 38.22 54.67 -28.46
CA GLU J 128 38.63 54.11 -29.76
C GLU J 128 39.18 52.72 -29.57
N ALA J 129 39.94 52.55 -28.48
CA ALA J 129 40.58 51.30 -28.18
C ALA J 129 39.52 50.22 -28.10
N GLU J 130 38.47 50.45 -27.32
CA GLU J 130 37.39 49.48 -27.23
C GLU J 130 36.71 49.28 -28.57
N ILE J 131 36.39 50.38 -29.24
CA ILE J 131 35.73 50.33 -30.55
C ILE J 131 36.54 49.50 -31.53
N SER J 132 37.84 49.73 -31.56
CA SER J 132 38.69 49.05 -32.54
C SER J 132 38.86 47.56 -32.27
N HIS J 133 38.69 47.17 -31.00
CA HIS J 133 39.04 45.85 -30.50
C HIS J 133 37.85 44.88 -30.39
N THR J 134 36.69 45.40 -30.02
CA THR J 134 35.48 44.59 -29.84
C THR J 134 34.39 44.85 -30.90
N GLN J 135 34.53 45.97 -31.63
CA GLN J 135 33.46 46.50 -32.47
C GLN J 135 32.27 46.87 -31.59
N LYS J 136 32.57 47.13 -30.31
CA LYS J 136 31.57 47.54 -29.35
C LYS J 136 31.97 48.83 -28.65
N ALA J 137 30.97 49.63 -28.28
CA ALA J 137 31.20 50.93 -27.67
C ALA J 137 30.44 50.96 -26.39
N THR J 138 31.10 51.38 -25.32
CA THR J 138 30.40 51.48 -24.06
C THR J 138 30.35 52.91 -23.56
N LEU J 139 29.14 53.40 -23.34
CA LEU J 139 28.98 54.67 -22.66
C LEU J 139 28.87 54.46 -21.15
N VAL J 140 29.50 55.33 -20.37
CA VAL J 140 29.38 55.27 -18.92
C VAL J 140 28.77 56.56 -18.43
N CYS J 141 27.81 56.43 -17.52
CA CYS J 141 27.20 57.56 -16.83
C CYS J 141 27.59 57.52 -15.35
N LEU J 142 27.91 58.67 -14.77
CA LEU J 142 28.22 58.73 -13.33
C LEU J 142 27.38 59.71 -12.56
N ALA J 143 26.69 59.23 -11.53
CA ALA J 143 25.96 60.14 -10.67
C ALA J 143 26.86 60.41 -9.49
N THR J 144 26.87 61.63 -8.96
CA THR J 144 27.91 62.01 -8.00
C THR J 144 27.49 63.04 -6.93
N GLY J 145 27.82 62.77 -5.67
CA GLY J 145 27.57 63.70 -4.57
C GLY J 145 26.14 63.92 -4.12
N PHE J 146 25.22 63.00 -4.47
CA PHE J 146 23.84 63.08 -3.98
C PHE J 146 23.67 62.42 -2.62
N PHE J 147 23.07 63.12 -1.67
CA PHE J 147 22.60 62.48 -0.43
C PHE J 147 21.08 62.50 -0.52
N PRO J 148 20.36 61.82 0.37
CA PRO J 148 19.59 60.60 0.26
C PRO J 148 19.94 59.82 -0.96
N ASP J 149 20.11 58.52 -0.75
CA ASP J 149 20.30 57.56 -1.81
C ASP J 149 18.93 57.35 -2.45
N HIS J 150 18.38 58.38 -3.10
CA HIS J 150 17.01 58.34 -3.61
C HIS J 150 17.02 58.76 -5.05
N VAL J 151 17.64 57.93 -5.90
CA VAL J 151 17.85 58.25 -7.32
C VAL J 151 17.21 57.23 -8.21
N GLU J 152 16.86 57.64 -9.42
CA GLU J 152 16.46 56.69 -10.46
C GLU J 152 17.17 56.99 -11.75
N LEU J 153 17.91 56.02 -12.25
CA LEU J 153 18.78 56.25 -13.39
C LEU J 153 18.17 55.57 -14.58
N SER J 154 18.15 56.31 -15.69
CA SER J 154 17.59 55.81 -16.94
C SER J 154 18.40 56.32 -18.12
N TRP J 155 18.43 55.54 -19.20
CA TRP J 155 19.13 55.92 -20.40
C TRP J 155 18.10 56.20 -21.44
N TRP J 156 18.40 57.15 -22.32
CA TRP J 156 17.50 57.53 -23.38
C TRP J 156 18.26 57.59 -24.68
N VAL J 157 17.70 56.96 -25.70
CA VAL J 157 18.34 56.95 -27.01
C VAL J 157 17.36 57.49 -28.07
N ASN J 158 17.77 58.57 -28.72
CA ASN J 158 16.91 59.33 -29.62
C ASN J 158 15.54 59.70 -29.02
N GLY J 159 15.55 60.11 -27.75
CA GLY J 159 14.34 60.50 -27.03
C GLY J 159 13.38 59.38 -26.64
N LYS J 160 13.91 58.15 -26.57
CA LYS J 160 13.14 56.96 -26.18
C LYS J 160 13.95 56.15 -25.17
N GLU J 161 13.32 55.71 -24.07
CA GLU J 161 14.07 54.94 -23.08
C GLU J 161 14.49 53.59 -23.66
N VAL J 162 15.72 53.20 -23.37
CA VAL J 162 16.22 51.90 -23.82
C VAL J 162 16.55 50.98 -22.61
N HIS J 163 16.56 49.66 -22.81
CA HIS J 163 16.89 48.74 -21.71
C HIS J 163 17.96 47.72 -22.09
N SER J 164 17.87 47.19 -23.31
CA SER J 164 18.83 46.24 -23.83
C SER J 164 20.21 46.93 -23.87
N GLY J 165 21.19 46.29 -23.24
CA GLY J 165 22.57 46.77 -23.27
C GLY J 165 22.89 47.73 -22.15
N VAL J 166 21.93 47.89 -21.24
CA VAL J 166 22.10 48.77 -20.09
C VAL J 166 22.40 48.00 -18.80
N CYS J 167 23.15 48.63 -17.91
CA CYS J 167 23.41 48.08 -16.58
C CYS J 167 23.79 49.15 -15.58
N THR J 168 23.05 49.22 -14.49
CA THR J 168 23.23 50.22 -13.46
C THR J 168 23.53 49.59 -12.12
N ASP J 169 24.55 50.12 -11.43
CA ASP J 169 24.94 49.60 -10.12
C ASP J 169 23.73 49.34 -9.24
N PRO J 170 23.59 48.09 -8.76
CA PRO J 170 22.50 47.72 -7.84
C PRO J 170 22.55 48.59 -6.58
N GLN J 171 23.75 48.87 -6.07
CA GLN J 171 23.86 49.83 -5.01
C GLN J 171 24.99 50.87 -5.19
N PRO J 172 24.74 52.10 -4.73
CA PRO J 172 25.74 53.17 -4.76
C PRO J 172 26.72 53.08 -3.59
N LEU J 173 27.93 53.56 -3.81
CA LEU J 173 28.92 53.64 -2.74
C LEU J 173 29.06 55.07 -2.23
N LYS J 174 29.67 55.19 -1.05
CA LYS J 174 29.85 56.46 -0.37
C LYS J 174 31.18 57.06 -0.79
N GLU J 175 31.20 58.37 -1.07
CA GLU J 175 32.44 59.06 -1.46
C GLU J 175 33.39 59.21 -0.26
N GLN J 176 32.81 59.07 0.94
CA GLN J 176 33.55 59.09 2.17
C GLN J 176 33.02 57.98 3.10
N PRO J 177 33.37 56.69 2.80
CA PRO J 177 32.74 55.57 3.51
C PRO J 177 32.98 55.60 5.02
N ALA J 178 33.99 56.39 5.43
CA ALA J 178 34.28 56.59 6.85
C ALA J 178 33.19 57.44 7.51
N LEU J 179 32.89 58.59 6.91
CA LEU J 179 31.91 59.53 7.47
C LEU J 179 30.50 58.93 7.61
N ASN J 180 29.91 59.18 8.78
CA ASN J 180 28.51 58.83 9.10
C ASN J 180 27.54 58.73 7.90
N ASP J 181 27.13 59.89 7.35
CA ASP J 181 26.22 59.92 6.20
C ASP J 181 26.82 60.56 4.92
N SER J 182 27.94 59.97 4.49
CA SER J 182 28.61 60.32 3.24
C SER J 182 27.70 60.27 2.03
N ARG J 183 27.93 61.22 1.14
CA ARG J 183 27.21 61.33 -0.11
C ARG J 183 27.63 60.20 -1.04
N TYR J 184 26.96 60.10 -2.17
CA TYR J 184 26.92 58.85 -2.88
C TYR J 184 27.31 58.95 -4.34
N ALA J 185 27.90 57.87 -4.85
CA ALA J 185 28.26 57.78 -6.26
C ALA J 185 27.61 56.57 -6.90
N LEU J 186 27.22 56.68 -8.16
CA LEU J 186 26.61 55.55 -8.85
C LEU J 186 26.94 55.57 -10.32
N SER J 187 27.22 54.39 -10.86
CA SER J 187 27.59 54.28 -12.26
C SER J 187 26.54 53.49 -13.01
N SER J 188 26.53 53.63 -14.33
CA SER J 188 25.69 52.85 -15.22
C SER J 188 26.41 52.72 -16.54
N ARG J 189 26.14 51.65 -17.30
CA ARG J 189 26.75 51.48 -18.61
C ARG J 189 25.69 51.34 -19.68
N LEU J 190 25.98 51.87 -20.87
CA LEU J 190 25.16 51.57 -22.03
C LEU J 190 26.09 51.14 -23.14
N ARG J 191 25.93 49.90 -23.57
CA ARG J 191 26.82 49.36 -24.58
C ARG J 191 26.04 49.22 -25.85
N VAL J 192 26.51 49.89 -26.88
CA VAL J 192 25.95 49.75 -28.22
C VAL J 192 27.03 49.24 -29.15
N SER J 193 26.60 48.81 -30.34
CA SER J 193 27.52 48.44 -31.40
C SER J 193 28.32 49.65 -31.87
N ALA J 194 29.54 49.41 -32.31
CA ALA J 194 30.40 50.43 -32.87
C ALA J 194 29.71 51.22 -33.98
N THR J 195 28.93 50.53 -34.81
CA THR J 195 28.24 51.23 -35.89
C THR J 195 27.28 52.22 -35.28
N PHE J 196 26.40 51.74 -34.41
CA PHE J 196 25.46 52.62 -33.75
C PHE J 196 26.13 53.89 -33.22
N TRP J 197 27.14 53.73 -32.36
CA TRP J 197 27.91 54.86 -31.84
C TRP J 197 28.47 55.80 -32.93
N GLN J 198 28.94 55.26 -34.04
CA GLN J 198 29.56 56.08 -35.10
C GLN J 198 28.58 56.91 -35.95
N ASN J 199 27.28 56.71 -35.72
CA ASN J 199 26.24 57.52 -36.38
C ASN J 199 26.04 58.89 -35.72
N PRO J 200 26.48 59.96 -36.41
CA PRO J 200 26.44 61.34 -35.90
C PRO J 200 25.03 61.81 -35.50
N ARG J 201 24.01 61.15 -36.04
CA ARG J 201 22.60 61.51 -35.79
C ARG J 201 22.02 60.88 -34.51
N ASN J 202 22.75 59.93 -33.92
CA ASN J 202 22.30 59.23 -32.73
C ASN J 202 22.57 60.03 -31.47
N HIS J 203 21.49 60.31 -30.74
CA HIS J 203 21.55 61.08 -29.50
C HIS J 203 21.36 60.17 -28.28
N PHE J 204 22.32 60.23 -27.35
CA PHE J 204 22.27 59.45 -26.12
C PHE J 204 22.17 60.39 -24.92
N ARG J 205 21.17 60.18 -24.05
CA ARG J 205 21.06 60.93 -22.79
C ARG J 205 20.98 60.00 -21.59
N CYS J 206 21.76 60.33 -20.57
CA CYS J 206 21.67 59.69 -19.29
C CYS J 206 20.89 60.59 -18.34
N GLN J 207 19.82 60.02 -17.79
CA GLN J 207 18.83 60.77 -17.03
C GLN J 207 18.66 60.22 -15.63
N VAL J 208 18.77 61.10 -14.65
CA VAL J 208 18.77 60.66 -13.25
C VAL J 208 17.76 61.43 -12.42
N GLN J 209 16.69 60.77 -12.01
CA GLN J 209 15.65 61.44 -11.21
C GLN J 209 15.95 61.35 -9.73
N PHE J 210 16.16 62.52 -9.11
CA PHE J 210 16.44 62.68 -7.67
C PHE J 210 15.18 63.04 -6.89
N TYR J 211 14.98 62.39 -5.75
CA TYR J 211 13.89 62.76 -4.87
C TYR J 211 14.46 63.50 -3.67
N GLY J 212 14.06 64.76 -3.52
CA GLY J 212 14.62 65.66 -2.52
C GLY J 212 13.53 66.46 -1.84
N LEU J 213 13.80 67.73 -1.59
CA LEU J 213 12.95 68.57 -0.74
C LEU J 213 11.68 69.01 -1.42
N SER J 214 10.61 69.12 -0.64
CA SER J 214 9.26 69.42 -1.13
C SER J 214 9.03 70.92 -1.25
N GLU J 215 8.09 71.34 -2.11
CA GLU J 215 7.82 72.76 -2.32
C GLU J 215 7.62 73.44 -0.95
N ASN J 216 7.30 72.63 0.06
CA ASN J 216 6.91 73.11 1.39
C ASN J 216 8.04 73.19 2.40
N ASP J 217 9.29 73.26 1.93
CA ASP J 217 10.43 73.08 2.82
C ASP J 217 11.32 74.32 2.95
N GLU J 218 11.41 74.88 4.16
CA GLU J 218 12.30 76.03 4.43
C GLU J 218 13.74 75.75 3.92
N TRP J 219 14.30 76.72 3.20
CA TRP J 219 15.67 76.59 2.66
C TRP J 219 16.49 77.89 2.76
N THR J 220 17.69 77.77 3.34
CA THR J 220 18.42 78.95 3.81
C THR J 220 19.84 79.14 3.22
N GLN J 221 20.39 78.13 2.56
CA GLN J 221 21.78 78.20 2.05
C GLN J 221 21.93 78.83 0.67
N ASP J 222 23.16 79.20 0.35
CA ASP J 222 23.48 79.86 -0.92
C ASP J 222 23.23 78.95 -2.14
N ARG J 223 23.66 77.69 -2.06
CA ARG J 223 23.44 76.75 -3.15
C ARG J 223 21.94 76.48 -3.40
N ALA J 224 21.63 76.05 -4.63
CA ALA J 224 20.24 75.81 -5.04
C ALA J 224 19.55 74.80 -4.13
N LYS J 225 18.27 75.06 -3.83
CA LYS J 225 17.48 74.16 -3.01
C LYS J 225 17.35 72.83 -3.71
N PRO J 226 17.80 71.73 -3.03
CA PRO J 226 17.77 70.33 -3.45
C PRO J 226 16.36 69.74 -3.51
N VAL J 227 15.53 70.35 -4.33
CA VAL J 227 14.21 69.83 -4.65
C VAL J 227 14.31 68.50 -5.39
N THR J 228 13.19 67.78 -5.45
CA THR J 228 13.05 66.68 -6.39
C THR J 228 13.35 67.24 -7.78
N GLN J 229 14.18 66.54 -8.55
CA GLN J 229 14.58 67.05 -9.85
C GLN J 229 15.24 65.99 -10.70
N ILE J 230 15.25 66.24 -12.00
CA ILE J 230 15.98 65.47 -12.99
C ILE J 230 17.26 66.19 -13.37
N VAL J 231 18.38 65.46 -13.35
CA VAL J 231 19.69 65.99 -13.79
C VAL J 231 20.17 65.07 -14.89
N SER J 232 20.78 65.62 -15.94
CA SER J 232 21.14 64.78 -17.11
C SER J 232 22.44 65.15 -17.80
N ALA J 233 22.94 64.20 -18.59
CA ALA J 233 24.11 64.41 -19.43
C ALA J 233 23.92 63.64 -20.73
N GLU J 234 24.45 64.22 -21.80
CA GLU J 234 24.17 63.73 -23.12
C GLU J 234 25.43 63.72 -23.96
N ALA J 235 25.45 62.84 -24.96
CA ALA J 235 26.48 62.83 -25.98
C ALA J 235 25.85 62.35 -27.27
N TRP J 236 26.26 62.99 -28.38
CA TRP J 236 25.98 62.49 -29.71
C TRP J 236 27.14 61.59 -30.16
N GLY J 237 26.81 60.49 -30.84
CA GLY J 237 27.84 59.66 -31.48
C GLY J 237 28.62 60.49 -32.50
N ARG J 238 29.82 60.03 -32.84
CA ARG J 238 30.69 60.74 -33.78
C ARG J 238 31.13 59.81 -34.88
N ALA J 239 31.37 60.37 -36.07
CA ALA J 239 31.79 59.63 -37.25
C ALA J 239 33.27 59.22 -37.21
N ASP J 240 34.15 60.20 -37.05
CA ASP J 240 35.61 59.99 -36.91
C ASP J 240 36.04 58.90 -35.92
N GLU K 3 28.29 22.72 -30.29
CA GLU K 3 26.87 22.32 -30.56
C GLU K 3 26.76 21.11 -31.53
N GLU K 4 25.53 20.68 -31.83
CA GLU K 4 25.35 19.45 -32.59
C GLU K 4 24.47 19.57 -33.85
N HIS K 5 23.19 19.91 -33.73
CA HIS K 5 22.32 20.12 -34.91
C HIS K 5 21.28 21.22 -34.70
N VAL K 6 20.75 21.76 -35.79
CA VAL K 6 19.78 22.84 -35.68
C VAL K 6 18.69 22.69 -36.73
N ILE K 7 17.44 22.50 -36.29
CA ILE K 7 16.28 22.49 -37.19
C ILE K 7 15.58 23.85 -37.14
N ILE K 8 15.36 24.48 -38.29
CA ILE K 8 14.72 25.80 -38.29
C ILE K 8 13.43 25.85 -39.12
N GLN K 9 12.32 26.18 -38.46
CA GLN K 9 11.10 26.46 -39.16
C GLN K 9 11.10 27.97 -39.46
N ALA K 10 11.34 28.31 -40.72
CA ALA K 10 11.60 29.70 -41.13
C ALA K 10 10.57 30.24 -42.11
N GLU K 11 9.92 31.30 -41.64
CA GLU K 11 8.80 31.93 -42.32
C GLU K 11 9.08 33.39 -42.55
N PHE K 12 8.76 33.88 -43.76
CA PHE K 12 8.71 35.32 -43.99
C PHE K 12 7.42 35.80 -44.66
N TYR K 13 7.15 37.10 -44.52
CA TYR K 13 6.15 37.79 -45.34
C TYR K 13 6.64 39.16 -45.75
N LEU K 14 6.44 39.47 -47.04
CA LEU K 14 7.01 40.65 -47.69
C LEU K 14 5.97 41.55 -48.30
N ASN K 15 5.91 42.77 -47.79
CA ASN K 15 4.97 43.76 -48.28
C ASN K 15 5.56 44.95 -49.03
N PRO K 16 5.17 45.06 -50.31
CA PRO K 16 4.03 45.44 -51.11
C PRO K 16 3.81 44.23 -52.04
N ASP K 17 4.86 43.41 -52.20
CA ASP K 17 4.88 42.21 -53.06
C ASP K 17 3.86 41.17 -52.64
N GLN K 18 3.51 41.18 -51.36
CA GLN K 18 2.56 40.23 -50.78
C GLN K 18 3.04 38.83 -51.11
N SER K 19 4.28 38.59 -50.66
CA SER K 19 5.01 37.37 -50.92
C SER K 19 5.30 36.70 -49.58
N GLY K 20 5.01 35.40 -49.51
CA GLY K 20 5.18 34.67 -48.27
C GLY K 20 5.86 33.36 -48.56
N GLU K 21 6.59 32.86 -47.58
CA GLU K 21 7.30 31.60 -47.72
C GLU K 21 7.44 30.87 -46.37
N PHE K 22 7.49 29.56 -46.45
CA PHE K 22 7.52 28.71 -45.29
C PHE K 22 8.44 27.59 -45.67
N MET K 23 9.38 27.29 -44.78
CA MET K 23 10.33 26.22 -45.09
C MET K 23 10.88 25.62 -43.82
N PHE K 24 11.56 24.48 -43.96
CA PHE K 24 12.30 23.91 -42.82
C PHE K 24 13.77 23.75 -43.19
N ASP K 25 14.61 23.93 -42.18
CA ASP K 25 16.07 24.04 -42.38
C ASP K 25 16.92 23.20 -41.43
N PHE K 26 17.34 22.03 -41.89
CA PHE K 26 18.30 21.23 -41.15
C PHE K 26 19.72 21.65 -41.51
N ASP K 27 20.47 22.05 -40.48
CA ASP K 27 21.88 22.42 -40.62
C ASP K 27 22.17 23.21 -41.88
N GLY K 28 21.30 24.18 -42.18
CA GLY K 28 21.48 25.09 -43.29
C GLY K 28 21.07 24.52 -44.64
N ASP K 29 20.41 23.36 -44.62
CA ASP K 29 19.89 22.75 -45.83
C ASP K 29 18.38 22.72 -45.79
N GLU K 30 17.77 23.03 -46.93
CA GLU K 30 16.33 22.93 -47.05
C GLU K 30 15.97 21.46 -46.93
N ILE K 31 15.03 21.14 -46.04
CA ILE K 31 14.37 19.83 -45.99
C ILE K 31 13.17 19.89 -46.93
N PHE K 32 12.43 21.00 -46.85
CA PHE K 32 11.27 21.26 -47.73
C PHE K 32 10.75 22.68 -47.51
N HIS K 33 10.03 23.19 -48.51
CA HIS K 33 9.22 24.39 -48.39
C HIS K 33 7.77 24.04 -48.70
N VAL K 34 6.91 25.04 -48.69
CA VAL K 34 5.50 24.84 -49.01
C VAL K 34 5.16 25.74 -50.16
N ASP K 35 4.72 25.15 -51.28
CA ASP K 35 4.38 25.95 -52.42
C ASP K 35 3.09 26.68 -52.13
N MET K 36 3.14 28.02 -52.13
CA MET K 36 2.02 28.81 -51.66
C MET K 36 0.89 28.85 -52.67
N ALA K 37 1.25 28.81 -53.94
CA ALA K 37 0.28 28.80 -55.01
C ALA K 37 -0.51 27.49 -54.99
N LYS K 38 0.20 26.35 -55.06
CA LYS K 38 -0.45 25.02 -55.12
C LYS K 38 -0.71 24.43 -53.73
N LYS K 39 -0.32 25.19 -52.71
CA LYS K 39 -0.63 24.85 -51.33
C LYS K 39 -0.31 23.38 -51.00
N GLU K 40 0.86 22.95 -51.46
CA GLU K 40 1.35 21.57 -51.24
C GLU K 40 2.84 21.56 -50.89
N THR K 41 3.21 20.65 -49.99
CA THR K 41 4.60 20.39 -49.60
C THR K 41 5.50 20.06 -50.80
N VAL K 42 6.71 20.63 -50.81
CA VAL K 42 7.71 20.34 -51.86
C VAL K 42 9.04 19.89 -51.24
N TRP K 43 9.41 18.63 -51.45
CA TRP K 43 10.59 18.07 -50.82
C TRP K 43 11.85 18.47 -51.55
N ARG K 44 12.84 18.87 -50.76
CA ARG K 44 14.16 19.22 -51.32
C ARG K 44 14.78 18.10 -52.13
N LEU K 45 14.64 16.86 -51.65
CA LEU K 45 15.14 15.66 -52.34
C LEU K 45 14.08 14.57 -52.29
N GLU K 46 13.81 13.92 -53.42
CA GLU K 46 12.68 13.00 -53.53
C GLU K 46 12.43 12.13 -52.28
N GLU K 47 13.47 11.41 -51.84
CA GLU K 47 13.34 10.43 -50.76
C GLU K 47 12.76 10.99 -49.46
N PHE K 48 13.21 12.17 -49.07
CA PHE K 48 12.66 12.86 -47.92
C PHE K 48 11.18 12.58 -47.81
N GLY K 49 10.49 12.69 -48.96
CA GLY K 49 9.06 12.46 -49.08
C GLY K 49 8.57 11.02 -48.89
N ARG K 50 9.44 10.03 -49.07
CA ARG K 50 9.09 8.66 -48.65
C ARG K 50 9.30 8.43 -47.14
N PHE K 51 10.17 9.19 -46.50
CA PHE K 51 10.54 8.87 -45.13
C PHE K 51 9.77 9.72 -44.11
N ALA K 52 9.14 10.77 -44.60
CA ALA K 52 8.44 11.75 -43.79
C ALA K 52 7.36 12.39 -44.64
N SER K 53 6.34 12.91 -43.99
CA SER K 53 5.27 13.64 -44.66
C SER K 53 4.88 14.85 -43.83
N PHE K 54 4.08 15.73 -44.42
CA PHE K 54 3.79 17.02 -43.83
C PHE K 54 2.46 17.55 -44.30
N GLU K 55 1.58 17.82 -43.34
CA GLU K 55 0.29 18.39 -43.63
C GLU K 55 0.48 19.90 -43.69
N ALA K 56 0.01 20.51 -44.77
CA ALA K 56 0.32 21.90 -45.04
C ALA K 56 -0.54 22.95 -44.28
N GLN K 57 -1.57 22.48 -43.57
CA GLN K 57 -2.62 23.39 -43.13
C GLN K 57 -2.11 24.45 -42.16
N GLY K 58 -1.35 24.00 -41.16
CA GLY K 58 -0.81 24.89 -40.15
C GLY K 58 0.14 25.92 -40.78
N ALA K 59 0.90 25.46 -41.77
CA ALA K 59 1.80 26.33 -42.49
C ALA K 59 1.02 27.42 -43.23
N LEU K 60 -0.01 27.00 -43.96
CA LEU K 60 -0.78 27.96 -44.72
C LEU K 60 -1.31 29.08 -43.81
N ALA K 61 -1.92 28.71 -42.68
CA ALA K 61 -2.49 29.66 -41.70
C ALA K 61 -1.46 30.51 -40.95
N ASN K 62 -0.28 29.96 -40.77
CA ASN K 62 0.84 30.68 -40.20
C ASN K 62 1.19 31.89 -41.05
N ILE K 63 1.08 31.75 -42.37
CA ILE K 63 1.42 32.80 -43.29
C ILE K 63 0.40 33.92 -43.18
N ALA K 64 -0.86 33.56 -42.96
CA ALA K 64 -1.86 34.57 -42.81
C ALA K 64 -1.59 35.34 -41.53
N VAL K 65 -1.18 34.65 -40.45
CA VAL K 65 -0.91 35.33 -39.20
C VAL K 65 0.30 36.24 -39.38
N ASP K 66 1.28 35.75 -40.14
CA ASP K 66 2.47 36.51 -40.47
C ASP K 66 2.07 37.74 -41.25
N LYS K 67 1.25 37.56 -42.30
CA LYS K 67 0.78 38.70 -43.09
C LYS K 67 0.17 39.80 -42.22
N ALA K 68 -0.67 39.40 -41.27
CA ALA K 68 -1.38 40.34 -40.45
C ALA K 68 -0.38 41.02 -39.55
N ASN K 69 0.50 40.21 -38.94
CA ASN K 69 1.45 40.68 -37.96
C ASN K 69 2.37 41.76 -38.47
N LEU K 70 2.66 41.75 -39.76
CA LEU K 70 3.58 42.72 -40.36
C LEU K 70 2.85 44.01 -40.56
N GLU K 71 1.62 43.91 -41.05
CA GLU K 71 0.85 45.10 -41.34
C GLU K 71 0.68 45.94 -40.10
N ILE K 72 0.50 45.29 -38.95
CA ILE K 72 0.41 45.99 -37.66
C ILE K 72 1.77 46.53 -37.23
N MET K 73 2.81 45.71 -37.36
CA MET K 73 4.17 46.12 -37.06
C MET K 73 4.71 47.18 -37.99
N THR K 74 4.04 47.38 -39.12
CA THR K 74 4.49 48.33 -40.10
C THR K 74 3.92 49.72 -39.84
N LYS K 75 2.63 49.74 -39.49
CA LYS K 75 2.05 50.92 -38.86
C LYS K 75 2.81 51.31 -37.60
N ARG K 76 3.26 50.34 -36.83
CA ARG K 76 3.87 50.68 -35.55
C ARG K 76 5.23 51.34 -35.67
N SER K 77 6.05 50.94 -36.65
CA SER K 77 7.36 51.59 -36.84
C SER K 77 7.21 52.92 -37.58
N ASN K 78 5.95 53.35 -37.75
CA ASN K 78 5.56 54.55 -38.47
C ASN K 78 5.94 54.43 -39.93
N TYR K 79 5.54 53.31 -40.53
CA TYR K 79 5.73 53.06 -41.97
C TYR K 79 7.20 53.24 -42.42
N THR K 80 8.03 52.31 -41.97
CA THR K 80 9.47 52.42 -42.06
C THR K 80 9.99 51.22 -42.84
N PRO K 81 10.64 51.49 -43.97
CA PRO K 81 11.00 50.39 -44.85
C PRO K 81 12.34 49.81 -44.51
N ILE K 82 12.51 48.56 -44.89
CA ILE K 82 13.74 47.82 -44.74
C ILE K 82 14.81 48.50 -45.55
N THR K 83 15.98 48.68 -44.94
CA THR K 83 17.19 49.01 -45.69
C THR K 83 17.55 47.82 -46.60
N ASN K 84 17.61 48.06 -47.91
CA ASN K 84 18.20 47.05 -48.80
C ASN K 84 19.61 46.64 -48.32
N VAL K 85 19.95 45.35 -48.46
CA VAL K 85 21.32 44.89 -48.24
C VAL K 85 21.73 44.06 -49.44
N PRO K 86 22.82 44.44 -50.14
CA PRO K 86 23.23 43.76 -51.37
C PRO K 86 23.88 42.40 -51.08
N PRO K 87 23.64 41.41 -51.96
CA PRO K 87 24.20 40.09 -51.82
C PRO K 87 25.68 39.97 -52.12
N GLU K 88 26.25 38.85 -51.68
CA GLU K 88 27.51 38.38 -52.21
C GLU K 88 27.10 37.27 -53.16
N VAL K 89 27.84 37.12 -54.26
CA VAL K 89 27.57 36.08 -55.23
C VAL K 89 28.88 35.37 -55.54
N THR K 90 28.84 34.04 -55.51
CA THR K 90 29.96 33.23 -55.95
C THR K 90 29.49 32.15 -56.91
N VAL K 91 30.24 31.97 -57.99
CA VAL K 91 30.06 30.84 -58.87
C VAL K 91 31.08 29.77 -58.51
N LEU K 92 30.61 28.54 -58.33
CA LEU K 92 31.48 27.41 -58.06
C LEU K 92 31.03 26.19 -58.86
N THR K 93 31.85 25.15 -58.88
CA THR K 93 31.51 23.94 -59.60
C THR K 93 30.95 22.93 -58.61
N ASN K 94 30.35 21.86 -59.12
CA ASN K 94 29.89 20.76 -58.29
C ASN K 94 31.10 19.89 -57.93
N SER K 95 31.74 19.33 -58.95
CA SER K 95 32.99 18.56 -58.77
C SER K 95 34.14 19.16 -59.60
N PRO K 96 35.42 18.85 -59.24
CA PRO K 96 36.53 19.33 -60.06
C PRO K 96 36.22 19.10 -61.52
N VAL K 97 36.35 20.17 -62.29
CA VAL K 97 35.91 20.22 -63.68
C VAL K 97 36.70 19.26 -64.55
N GLU K 98 35.98 18.27 -65.09
CA GLU K 98 36.57 17.28 -66.01
C GLU K 98 36.09 17.57 -67.42
N LEU K 99 37.03 17.81 -68.33
CA LEU K 99 36.71 18.03 -69.74
C LEU K 99 35.72 16.99 -70.24
N ARG K 100 34.56 17.46 -70.70
CA ARG K 100 33.66 16.59 -71.47
C ARG K 100 32.86 15.60 -70.60
N GLU K 101 32.96 15.74 -69.27
CA GLU K 101 32.20 14.91 -68.34
C GLU K 101 31.24 15.76 -67.48
N PRO K 102 29.93 15.41 -67.52
CA PRO K 102 28.84 16.18 -66.90
C PRO K 102 29.16 16.71 -65.51
N ASN K 103 28.86 17.99 -65.31
CA ASN K 103 29.07 18.66 -64.03
C ASN K 103 27.91 19.62 -63.81
N VAL K 104 27.91 20.32 -62.67
CA VAL K 104 26.89 21.32 -62.37
C VAL K 104 27.57 22.61 -61.93
N LEU K 105 26.99 23.75 -62.32
CA LEU K 105 27.43 25.04 -61.82
C LEU K 105 26.50 25.47 -60.72
N ILE K 106 27.06 26.00 -59.64
CA ILE K 106 26.30 26.49 -58.51
C ILE K 106 26.45 28.00 -58.36
N CYS K 107 25.33 28.71 -58.38
CA CYS K 107 25.33 30.14 -58.07
C CYS K 107 24.85 30.45 -56.64
N PHE K 108 25.83 30.61 -55.74
CA PHE K 108 25.58 30.92 -54.33
C PHE K 108 25.27 32.41 -54.13
N ILE K 109 24.02 32.72 -53.79
CA ILE K 109 23.59 34.09 -53.52
C ILE K 109 23.38 34.24 -52.02
N ASP K 110 24.08 35.20 -51.41
CA ASP K 110 24.29 35.19 -49.95
C ASP K 110 24.24 36.58 -49.32
N LYS K 111 23.85 36.62 -48.05
CA LYS K 111 23.93 37.82 -47.18
C LYS K 111 23.14 39.01 -47.72
N PHE K 112 21.87 38.79 -48.01
CA PHE K 112 21.05 39.85 -48.59
C PHE K 112 19.64 39.91 -47.99
N THR K 113 19.09 41.11 -47.93
CA THR K 113 17.69 41.26 -47.54
C THR K 113 16.98 42.08 -48.62
N PRO K 114 15.66 42.23 -48.54
CA PRO K 114 14.53 41.68 -49.24
C PRO K 114 14.84 40.36 -49.91
N PRO K 115 14.10 39.31 -49.55
CA PRO K 115 14.21 38.05 -50.25
C PRO K 115 13.53 38.11 -51.60
N VAL K 116 14.06 38.94 -52.48
CA VAL K 116 13.63 39.01 -53.87
C VAL K 116 14.87 39.17 -54.74
N VAL K 117 15.09 38.25 -55.67
CA VAL K 117 16.21 38.33 -56.62
C VAL K 117 15.80 37.82 -57.99
N ASN K 118 16.41 38.42 -59.01
CA ASN K 118 16.26 37.94 -60.38
C ASN K 118 17.58 37.34 -60.81
N VAL K 119 17.56 36.06 -61.18
CA VAL K 119 18.79 35.34 -61.48
C VAL K 119 18.71 34.64 -62.83
N THR K 120 19.66 34.97 -63.68
CA THR K 120 19.72 34.37 -65.00
C THR K 120 21.09 33.81 -65.30
N TRP K 121 21.10 32.60 -65.84
CA TRP K 121 22.34 31.99 -66.30
C TRP K 121 22.60 32.50 -67.70
N LEU K 122 23.85 32.83 -67.96
CA LEU K 122 24.28 33.27 -69.29
C LEU K 122 25.43 32.42 -69.82
N ARG K 123 25.33 32.05 -71.08
CA ARG K 123 26.29 31.17 -71.74
C ARG K 123 26.77 31.88 -72.99
N ASN K 124 28.02 32.35 -72.94
CA ASN K 124 28.63 33.14 -74.01
C ASN K 124 27.93 34.49 -74.25
N GLY K 125 26.84 34.73 -73.54
CA GLY K 125 26.07 35.95 -73.75
C GLY K 125 24.58 35.68 -73.62
N LYS K 126 24.11 34.65 -74.33
CA LYS K 126 22.70 34.25 -74.33
C LYS K 126 22.24 33.62 -73.02
N PRO K 127 20.99 33.88 -72.64
CA PRO K 127 20.36 33.18 -71.53
C PRO K 127 20.25 31.68 -71.78
N VAL K 128 20.38 30.89 -70.71
CA VAL K 128 20.12 29.46 -70.75
C VAL K 128 19.28 29.02 -69.54
N THR K 129 18.19 28.33 -69.82
CA THR K 129 17.33 27.79 -68.77
C THR K 129 17.26 26.25 -68.72
N THR K 130 17.91 25.56 -69.65
CA THR K 130 17.65 24.12 -69.80
C THR K 130 18.11 23.34 -68.57
N GLY K 131 17.17 22.57 -68.00
CA GLY K 131 17.46 21.68 -66.88
C GLY K 131 17.90 22.37 -65.60
N VAL K 132 17.65 23.67 -65.53
CA VAL K 132 18.02 24.48 -64.36
C VAL K 132 17.09 24.20 -63.19
N SER K 133 17.64 24.29 -61.99
CA SER K 133 16.84 24.32 -60.76
C SER K 133 17.28 25.48 -59.88
N GLU K 134 16.51 25.75 -58.84
CA GLU K 134 16.87 26.76 -57.84
C GLU K 134 16.34 26.35 -56.47
N THR K 135 16.82 27.00 -55.43
CA THR K 135 16.23 26.81 -54.10
C THR K 135 15.32 27.99 -53.80
N VAL K 136 14.46 27.83 -52.80
CA VAL K 136 13.77 28.98 -52.21
C VAL K 136 14.76 29.75 -51.35
N PHE K 137 14.30 30.76 -50.63
CA PHE K 137 15.19 31.55 -49.79
C PHE K 137 15.48 30.86 -48.46
N LEU K 138 16.73 30.97 -48.00
CA LEU K 138 17.21 30.26 -46.81
C LEU K 138 17.62 31.28 -45.73
N PRO K 139 17.36 30.98 -44.43
CA PRO K 139 17.63 31.85 -43.26
C PRO K 139 19.09 31.90 -42.75
N ARG K 140 19.49 33.05 -42.23
CA ARG K 140 20.80 33.22 -41.60
C ARG K 140 20.68 33.81 -40.20
N GLU K 141 21.70 33.56 -39.37
CA GLU K 141 21.80 34.06 -38.01
C GLU K 141 21.52 35.57 -37.88
N ASP K 142 22.12 36.38 -38.74
CA ASP K 142 21.88 37.82 -38.73
C ASP K 142 20.70 38.20 -39.62
N HIS K 143 19.87 37.19 -39.89
CA HIS K 143 18.52 37.37 -40.45
C HIS K 143 18.47 37.84 -41.91
N LEU K 144 19.58 37.66 -42.64
CA LEU K 144 19.63 37.89 -44.07
C LEU K 144 19.25 36.61 -44.78
N PHE K 145 19.52 36.50 -46.07
CA PHE K 145 19.07 35.33 -46.84
C PHE K 145 20.12 34.63 -47.71
N ARG K 146 19.93 33.31 -47.91
CA ARG K 146 20.74 32.50 -48.83
C ARG K 146 19.86 31.92 -49.95
N LYS K 147 20.50 31.57 -51.08
CA LYS K 147 19.81 31.07 -52.25
C LYS K 147 20.80 30.49 -53.26
N PHE K 148 20.42 29.36 -53.85
CA PHE K 148 21.24 28.64 -54.82
C PHE K 148 20.52 28.43 -56.17
N HIS K 149 21.25 28.64 -57.27
CA HIS K 149 20.81 28.28 -58.63
C HIS K 149 21.79 27.28 -59.24
N TYR K 150 21.26 26.27 -59.93
CA TYR K 150 22.05 25.15 -60.43
C TYR K 150 21.94 25.03 -61.94
N LEU K 151 23.05 24.71 -62.61
CA LEU K 151 23.07 24.51 -64.06
C LEU K 151 23.89 23.28 -64.46
N PRO K 152 23.23 22.28 -65.07
CA PRO K 152 23.92 21.13 -65.67
C PRO K 152 24.49 21.47 -67.04
N PHE K 153 25.76 21.13 -67.25
CA PHE K 153 26.46 21.45 -68.48
C PHE K 153 27.55 20.44 -68.74
N LEU K 154 27.85 20.21 -70.02
CA LEU K 154 29.09 19.59 -70.40
C LEU K 154 30.13 20.71 -70.49
N PRO K 155 31.28 20.52 -69.82
CA PRO K 155 32.33 21.53 -69.83
C PRO K 155 33.09 21.55 -71.15
N SER K 156 33.48 22.76 -71.59
CA SER K 156 34.33 22.93 -72.77
C SER K 156 35.10 24.26 -72.72
N THR K 157 36.08 24.39 -73.61
CA THR K 157 36.93 25.58 -73.66
C THR K 157 36.30 26.73 -74.46
N GLU K 158 35.32 26.43 -75.30
CA GLU K 158 34.63 27.47 -76.09
C GLU K 158 33.60 28.28 -75.29
N ASP K 159 33.20 27.76 -74.15
CA ASP K 159 32.09 28.36 -73.40
C ASP K 159 32.56 29.27 -72.26
N VAL K 160 31.92 30.43 -72.18
CA VAL K 160 32.08 31.33 -71.06
C VAL K 160 30.70 31.47 -70.36
N TYR K 161 30.69 31.27 -69.05
CA TYR K 161 29.44 31.27 -68.27
C TYR K 161 29.33 32.45 -67.32
N ASP K 162 28.11 32.91 -67.09
CA ASP K 162 27.83 34.05 -66.23
C ASP K 162 26.56 33.86 -65.42
N CYS K 163 26.65 34.13 -64.11
CA CYS K 163 25.48 34.21 -63.24
C CYS K 163 25.19 35.68 -62.99
N ARG K 164 24.19 36.21 -63.70
CA ARG K 164 23.79 37.61 -63.49
C ARG K 164 22.70 37.64 -62.45
N VAL K 165 22.91 38.50 -61.44
CA VAL K 165 21.94 38.72 -60.37
C VAL K 165 21.62 40.21 -60.26
N GLU K 166 20.35 40.51 -60.07
CA GLU K 166 19.88 41.85 -59.78
C GLU K 166 19.24 41.87 -58.41
N HIS K 167 19.63 42.85 -57.62
CA HIS K 167 19.06 43.05 -56.30
C HIS K 167 18.98 44.55 -56.03
N TRP K 168 17.84 44.99 -55.51
CA TRP K 168 17.58 46.41 -55.24
C TRP K 168 18.67 47.10 -54.42
N GLY K 169 19.54 46.32 -53.79
CA GLY K 169 20.65 46.84 -52.99
C GLY K 169 21.88 47.15 -53.82
N LEU K 170 22.01 46.44 -54.94
CA LEU K 170 23.04 46.65 -55.94
C LEU K 170 22.59 47.75 -56.89
N ASP K 171 23.52 48.63 -57.22
CA ASP K 171 23.27 49.79 -58.07
C ASP K 171 23.13 49.38 -59.54
N GLU K 172 23.99 48.45 -59.95
CA GLU K 172 23.84 47.78 -61.24
C GLU K 172 23.74 46.28 -60.99
N PRO K 173 23.24 45.51 -61.98
CA PRO K 173 23.25 44.05 -61.87
C PRO K 173 24.66 43.51 -61.68
N LEU K 174 24.81 42.39 -60.98
CA LEU K 174 26.12 41.79 -60.78
C LEU K 174 26.34 40.57 -61.68
N LEU K 175 27.26 40.70 -62.62
CA LEU K 175 27.71 39.58 -63.43
C LEU K 175 28.86 38.92 -62.71
N LYS K 176 28.72 37.62 -62.41
CA LYS K 176 29.87 36.85 -61.92
C LYS K 176 30.31 35.71 -62.86
N HIS K 177 31.41 35.98 -63.57
CA HIS K 177 32.02 35.17 -64.63
C HIS K 177 32.45 33.77 -64.20
N TRP K 178 32.44 32.83 -65.15
CA TRP K 178 33.12 31.55 -65.00
C TRP K 178 33.43 30.91 -66.34
N GLU K 179 34.72 30.68 -66.60
CA GLU K 179 35.18 29.90 -67.76
C GLU K 179 35.98 28.71 -67.25
N PHE K 180 36.53 27.92 -68.15
CA PHE K 180 37.42 26.83 -67.76
C PHE K 180 38.88 27.21 -68.05
N ASP K 181 39.81 26.69 -67.24
CA ASP K 181 41.23 27.09 -67.30
C ASP K 181 42.03 26.40 -68.41
N THR L 3 11.70 50.92 -58.46
CA THR L 3 10.60 50.22 -57.75
C THR L 3 10.59 50.58 -56.25
N ARG L 4 9.50 50.22 -55.57
CA ARG L 4 9.05 50.87 -54.34
C ARG L 4 9.40 50.15 -53.02
N PRO L 5 9.50 50.92 -51.91
CA PRO L 5 10.04 50.45 -50.63
C PRO L 5 9.35 49.20 -50.06
N ARG L 6 10.11 48.37 -49.33
CA ARG L 6 9.58 47.11 -48.80
C ARG L 6 9.44 47.06 -47.28
N PHE L 7 8.55 46.18 -46.84
CA PHE L 7 8.39 45.87 -45.42
C PHE L 7 8.44 44.36 -45.26
N LEU L 8 9.10 43.89 -44.20
CA LEU L 8 9.36 42.47 -44.00
C LEU L 8 9.21 41.98 -42.57
N TRP L 9 8.58 40.82 -42.43
CA TRP L 9 8.39 40.21 -41.15
C TRP L 9 8.88 38.80 -41.23
N GLN L 10 9.58 38.36 -40.18
CA GLN L 10 10.19 37.06 -40.16
C GLN L 10 9.92 36.35 -38.86
N LEU L 11 9.43 35.12 -38.99
CA LEU L 11 9.18 34.25 -37.86
C LEU L 11 10.08 33.01 -38.02
N LYS L 12 10.99 32.81 -37.09
CA LYS L 12 11.85 31.64 -37.13
C LYS L 12 11.62 30.81 -35.88
N PHE L 13 11.56 29.49 -36.07
CA PHE L 13 11.47 28.53 -34.96
C PHE L 13 12.70 27.65 -35.04
N GLU L 14 13.67 27.95 -34.18
CA GLU L 14 14.90 27.19 -34.13
C GLU L 14 14.81 26.13 -33.03
N CYS L 15 15.10 24.89 -33.40
CA CYS L 15 15.25 23.82 -32.44
C CYS L 15 16.73 23.42 -32.38
N HIS L 16 17.34 23.66 -31.22
CA HIS L 16 18.74 23.33 -31.00
C HIS L 16 18.91 22.02 -30.23
N PHE L 17 19.82 21.18 -30.70
CA PHE L 17 20.04 19.88 -30.08
C PHE L 17 21.50 19.73 -29.71
N PHE L 18 21.76 19.55 -28.41
CA PHE L 18 23.11 19.32 -27.87
C PHE L 18 23.19 17.84 -27.47
N ASN L 19 24.23 17.13 -27.91
CA ASN L 19 24.39 15.68 -27.62
C ASN L 19 23.13 14.81 -27.89
N GLY L 20 22.85 14.50 -29.16
CA GLY L 20 21.60 13.83 -29.51
C GLY L 20 20.40 14.70 -29.25
N THR L 21 19.38 14.13 -28.58
CA THR L 21 18.23 14.87 -28.05
C THR L 21 18.35 15.00 -26.54
N GLU L 22 19.59 15.01 -26.03
CA GLU L 22 19.78 15.10 -24.57
C GLU L 22 19.40 16.49 -24.07
N ARG L 23 20.05 17.51 -24.61
CA ARG L 23 19.71 18.87 -24.30
C ARG L 23 19.11 19.50 -25.57
N VAL L 24 17.90 20.04 -25.41
CA VAL L 24 17.18 20.63 -26.51
C VAL L 24 16.77 22.03 -26.10
N ARG L 25 16.78 22.96 -27.04
CA ARG L 25 16.41 24.33 -26.74
C ARG L 25 15.66 24.93 -27.91
N LEU L 26 14.50 25.52 -27.65
CA LEU L 26 13.71 26.26 -28.66
C LEU L 26 13.89 27.78 -28.54
N LEU L 27 14.35 28.37 -29.63
CA LEU L 27 14.41 29.82 -29.75
C LEU L 27 13.43 30.27 -30.84
N GLU L 28 12.38 30.94 -30.42
CA GLU L 28 11.39 31.45 -31.36
C GLU L 28 11.76 32.90 -31.58
N ARG L 29 11.74 33.34 -32.83
CA ARG L 29 12.27 34.64 -33.17
C ARG L 29 11.33 35.42 -34.07
N CYS L 30 10.99 36.63 -33.65
CA CYS L 30 10.32 37.56 -34.54
C CYS L 30 11.29 38.61 -35.05
N ILE L 31 11.20 38.94 -36.33
CA ILE L 31 12.11 39.92 -36.94
C ILE L 31 11.35 40.92 -37.82
N TYR L 32 11.52 42.21 -37.56
CA TYR L 32 10.97 43.26 -38.44
C TYR L 32 12.08 44.00 -39.19
N ASN L 33 12.11 43.84 -40.50
CA ASN L 33 13.10 44.50 -41.32
C ASN L 33 14.50 44.20 -40.82
N GLN L 34 14.86 42.93 -40.78
CA GLN L 34 16.22 42.55 -40.37
C GLN L 34 16.57 42.91 -38.89
N GLU L 35 15.58 43.37 -38.14
CA GLU L 35 15.76 43.71 -36.74
C GLU L 35 14.99 42.72 -35.85
N GLU L 36 15.68 42.01 -34.96
CA GLU L 36 14.97 41.12 -34.03
C GLU L 36 14.26 41.86 -32.87
N SER L 37 12.94 41.68 -32.76
CA SER L 37 12.16 42.51 -31.84
C SER L 37 11.73 41.81 -30.53
N VAL L 38 11.16 40.63 -30.67
CA VAL L 38 10.66 39.86 -29.53
C VAL L 38 11.01 38.40 -29.70
N ARG L 39 11.40 37.73 -28.61
CA ARG L 39 11.72 36.29 -28.66
C ARG L 39 11.12 35.56 -27.48
N PHE L 40 11.13 34.23 -27.57
CA PHE L 40 10.87 33.33 -26.48
C PHE L 40 11.99 32.29 -26.59
N ASP L 41 12.90 32.27 -25.61
CA ASP L 41 13.91 31.24 -25.52
C ASP L 41 13.48 30.21 -24.48
N SER L 42 13.50 28.92 -24.82
CA SER L 42 13.02 27.92 -23.82
C SER L 42 13.87 27.89 -22.54
N ASP L 43 15.07 28.46 -22.60
CA ASP L 43 15.97 28.50 -21.44
C ASP L 43 15.56 29.62 -20.50
N VAL L 44 14.71 30.51 -21.02
CA VAL L 44 14.18 31.59 -20.23
C VAL L 44 12.79 31.16 -19.75
N GLY L 45 12.00 30.64 -20.68
CA GLY L 45 10.71 30.09 -20.32
C GLY L 45 9.57 31.08 -20.47
N GLU L 46 9.87 32.25 -21.01
CA GLU L 46 8.87 33.28 -21.27
C GLU L 46 9.34 34.20 -22.41
N TYR L 47 8.45 34.95 -23.03
CA TYR L 47 8.84 35.89 -24.06
C TYR L 47 9.60 37.07 -23.47
N ARG L 48 10.63 37.51 -24.18
CA ARG L 48 11.40 38.71 -23.84
C ARG L 48 11.44 39.64 -25.03
N ALA L 49 11.44 40.93 -24.73
CA ALA L 49 11.60 41.96 -25.74
C ALA L 49 13.07 42.04 -26.09
N VAL L 50 13.39 41.93 -27.38
CA VAL L 50 14.75 42.13 -27.86
C VAL L 50 14.97 43.59 -28.23
N THR L 51 13.91 44.29 -28.63
CA THR L 51 13.95 45.77 -28.72
C THR L 51 12.64 46.34 -28.27
N GLU L 52 12.67 47.59 -27.82
CA GLU L 52 11.47 48.26 -27.32
C GLU L 52 10.30 48.21 -28.30
N LEU L 53 10.60 48.14 -29.60
CA LEU L 53 9.62 47.79 -30.61
C LEU L 53 8.79 46.54 -30.25
N GLY L 54 9.37 45.58 -29.54
CA GLY L 54 8.70 44.31 -29.29
C GLY L 54 8.12 44.09 -27.89
N ARG L 55 8.39 45.04 -27.00
CA ARG L 55 7.87 45.00 -25.63
C ARG L 55 6.34 44.78 -25.64
N PRO L 56 5.61 45.54 -26.46
CA PRO L 56 4.18 45.25 -26.55
C PRO L 56 3.88 43.76 -26.80
N ASP L 57 4.66 43.12 -27.66
CA ASP L 57 4.41 41.74 -28.04
C ASP L 57 4.75 40.75 -26.93
N ALA L 58 5.87 40.98 -26.26
CA ALA L 58 6.28 40.12 -25.17
C ALA L 58 5.27 40.11 -24.03
N GLU L 59 4.72 41.28 -23.72
CA GLU L 59 3.86 41.44 -22.56
C GLU L 59 2.46 40.87 -22.73
N TYR L 60 1.96 40.94 -23.95
CA TYR L 60 0.64 40.43 -24.24
C TYR L 60 0.76 38.92 -24.28
N TRP L 61 1.86 38.45 -24.85
CA TRP L 61 2.03 37.02 -25.05
C TRP L 61 2.31 36.32 -23.72
N ASN L 62 3.05 37.01 -22.85
CA ASN L 62 3.35 36.50 -21.52
C ASN L 62 2.13 36.38 -20.65
N SER L 63 1.03 37.02 -21.04
CA SER L 63 -0.22 36.96 -20.30
C SER L 63 -1.13 35.88 -20.85
N GLN L 64 -0.65 35.14 -21.86
CA GLN L 64 -1.44 34.05 -22.44
C GLN L 64 -0.96 32.68 -21.92
N LYS L 65 -1.73 32.07 -21.02
CA LYS L 65 -1.40 30.77 -20.40
C LYS L 65 -1.11 29.67 -21.42
N ASP L 66 -2.08 29.40 -22.29
CA ASP L 66 -1.97 28.37 -23.34
C ASP L 66 -0.70 28.58 -24.13
N LEU L 67 -0.47 29.81 -24.56
CA LEU L 67 0.67 30.09 -25.42
C LEU L 67 1.99 29.71 -24.73
N LEU L 68 2.17 30.18 -23.48
CA LEU L 68 3.36 29.87 -22.70
C LEU L 68 3.52 28.38 -22.45
N GLU L 69 2.41 27.69 -22.24
CA GLU L 69 2.48 26.26 -22.00
C GLU L 69 2.73 25.47 -23.27
N GLN L 70 2.10 25.90 -24.37
CA GLN L 70 2.43 25.33 -25.68
C GLN L 70 3.91 25.49 -25.99
N ARG L 71 4.47 26.66 -25.71
CA ARG L 71 5.85 26.93 -26.04
C ARG L 71 6.78 26.13 -25.13
N ARG L 72 6.44 26.04 -23.84
CA ARG L 72 7.28 25.34 -22.86
C ARG L 72 7.40 23.83 -23.10
N ALA L 73 6.33 23.21 -23.59
CA ALA L 73 6.37 21.79 -23.93
C ALA L 73 6.93 21.53 -25.33
N ALA L 74 7.13 22.58 -26.13
CA ALA L 74 7.43 22.38 -27.55
C ALA L 74 8.81 21.72 -27.70
N VAL L 75 9.65 21.90 -26.70
CA VAL L 75 10.93 21.27 -26.69
C VAL L 75 10.78 19.77 -26.89
N ASP L 76 9.66 19.20 -26.42
CA ASP L 76 9.31 17.78 -26.61
C ASP L 76 8.33 17.52 -27.78
N THR L 77 7.16 18.18 -27.71
CA THR L 77 6.07 17.96 -28.67
C THR L 77 6.39 18.49 -30.05
N TYR L 78 7.44 19.27 -30.16
CA TYR L 78 7.80 19.88 -31.44
C TYR L 78 9.25 19.61 -31.85
N CYS L 79 10.21 20.02 -31.01
CA CYS L 79 11.62 19.72 -31.30
C CYS L 79 11.90 18.20 -31.29
N ARG L 80 11.88 17.54 -30.12
CA ARG L 80 12.23 16.11 -30.04
C ARG L 80 11.41 15.27 -31.02
N HIS L 81 10.17 15.71 -31.26
CA HIS L 81 9.29 15.05 -32.22
C HIS L 81 9.88 15.10 -33.63
N ASN L 82 10.06 16.32 -34.17
CA ASN L 82 10.64 16.56 -35.51
C ASN L 82 12.03 15.96 -35.70
N TYR L 83 12.81 15.92 -34.62
CA TYR L 83 14.13 15.27 -34.65
C TYR L 83 13.92 13.82 -35.04
N GLY L 84 12.85 13.22 -34.48
CA GLY L 84 12.61 11.80 -34.56
C GLY L 84 12.17 11.40 -35.94
N VAL L 85 11.40 12.28 -36.57
CA VAL L 85 10.93 12.10 -37.95
C VAL L 85 12.12 12.19 -38.92
N GLY L 86 12.92 13.25 -38.78
CA GLY L 86 13.99 13.60 -39.72
C GLY L 86 15.18 12.69 -39.60
N GLU L 87 15.56 12.45 -38.36
CA GLU L 87 16.65 11.55 -38.00
C GLU L 87 17.30 10.68 -39.10
N SER L 88 16.54 9.74 -39.69
CA SER L 88 17.17 8.71 -40.53
C SER L 88 17.85 9.25 -41.80
N PHE L 89 17.40 10.42 -42.27
CA PHE L 89 17.85 10.98 -43.55
C PHE L 89 18.44 12.39 -43.40
N THR L 90 18.65 12.82 -42.16
CA THR L 90 19.27 14.12 -41.91
C THR L 90 20.39 13.91 -40.91
N VAL L 91 20.04 13.47 -39.71
CA VAL L 91 21.04 13.21 -38.68
C VAL L 91 21.91 12.02 -39.06
N GLN L 92 21.29 10.97 -39.61
CA GLN L 92 21.99 9.73 -39.97
C GLN L 92 22.44 9.64 -41.43
N ARG L 93 22.08 10.64 -42.23
CA ARG L 93 22.58 10.81 -43.60
C ARG L 93 24.11 10.70 -43.75
N ARG L 94 24.54 9.76 -44.61
CA ARG L 94 25.95 9.56 -44.96
C ARG L 94 26.14 9.58 -46.48
N VAL L 95 27.06 10.39 -46.97
CA VAL L 95 27.50 10.35 -48.37
C VAL L 95 29.03 10.42 -48.44
N GLU L 96 29.64 9.39 -49.00
CA GLU L 96 31.10 9.27 -49.04
C GLU L 96 31.70 10.29 -50.01
N PRO L 97 32.69 11.08 -49.56
CA PRO L 97 33.41 12.09 -50.36
C PRO L 97 34.32 11.55 -51.47
N LYS L 98 34.27 12.20 -52.64
CA LYS L 98 35.16 11.92 -53.74
C LYS L 98 36.40 12.79 -53.60
N VAL L 99 37.57 12.14 -53.55
CA VAL L 99 38.85 12.83 -53.34
C VAL L 99 39.76 12.68 -54.56
N THR L 100 40.14 13.79 -55.19
CA THR L 100 41.21 13.77 -56.20
C THR L 100 42.31 14.74 -55.80
N VAL L 101 43.51 14.46 -56.29
CA VAL L 101 44.68 15.28 -56.03
C VAL L 101 45.29 15.61 -57.36
N TYR L 102 45.73 16.86 -57.47
CA TYR L 102 46.41 17.34 -58.68
C TYR L 102 47.14 18.61 -58.31
N PRO L 103 48.17 18.98 -59.05
CA PRO L 103 48.70 20.32 -58.85
C PRO L 103 47.85 21.35 -59.58
N SER L 104 47.79 22.56 -59.04
CA SER L 104 47.08 23.67 -59.66
C SER L 104 47.67 23.99 -61.02
N LYS L 105 48.98 24.24 -61.02
CA LYS L 105 49.72 24.53 -62.23
C LYS L 105 50.89 23.56 -62.43
N THR L 106 51.17 23.24 -63.69
CA THR L 106 52.34 22.52 -64.10
C THR L 106 53.52 23.38 -63.65
N GLN L 107 54.40 22.80 -62.83
CA GLN L 107 55.56 23.50 -62.28
C GLN L 107 56.82 22.65 -62.37
N PRO L 108 57.95 23.27 -62.71
CA PRO L 108 59.18 22.53 -62.94
C PRO L 108 59.30 21.24 -62.12
N LEU L 109 59.96 21.29 -60.96
CA LEU L 109 60.05 20.12 -60.07
C LEU L 109 60.79 20.43 -58.79
N GLN L 110 61.84 21.22 -58.85
CA GLN L 110 62.47 21.64 -57.61
C GLN L 110 62.09 23.08 -57.41
N HIS L 111 60.80 23.34 -57.58
CA HIS L 111 60.24 24.68 -57.60
C HIS L 111 58.91 24.63 -56.85
N HIS L 112 58.35 25.81 -56.56
CA HIS L 112 57.16 25.88 -55.76
C HIS L 112 55.99 25.37 -56.53
N ASN L 113 55.47 24.25 -56.05
CA ASN L 113 54.23 23.69 -56.56
C ASN L 113 53.14 24.02 -55.56
N LEU L 114 51.89 23.86 -55.97
CA LEU L 114 50.75 24.03 -55.10
C LEU L 114 49.88 22.82 -55.37
N LEU L 115 49.76 21.94 -54.38
CA LEU L 115 48.98 20.71 -54.55
C LEU L 115 47.56 20.84 -53.98
N VAL L 116 46.59 20.71 -54.87
CA VAL L 116 45.19 20.70 -54.52
C VAL L 116 44.73 19.31 -54.07
N CYS L 117 44.15 19.22 -52.86
CA CYS L 117 43.34 18.06 -52.50
C CYS L 117 41.89 18.41 -52.59
N SER L 118 41.21 17.83 -53.57
CA SER L 118 39.81 18.16 -53.84
C SER L 118 38.88 17.15 -53.17
N VAL L 119 38.18 17.58 -52.12
CA VAL L 119 37.23 16.71 -51.40
C VAL L 119 35.81 17.19 -51.67
N SER L 120 35.08 16.45 -52.49
CA SER L 120 33.76 16.94 -52.92
C SER L 120 32.63 15.92 -52.84
N GLY L 121 31.42 16.43 -52.67
CA GLY L 121 30.22 15.62 -52.81
C GLY L 121 29.73 14.93 -51.55
N PHE L 122 30.23 15.38 -50.38
CA PHE L 122 30.04 14.63 -49.14
C PHE L 122 29.05 15.23 -48.15
N TYR L 123 28.50 14.34 -47.31
CA TYR L 123 27.63 14.79 -46.26
C TYR L 123 27.59 14.00 -44.96
N PRO L 124 28.09 14.61 -43.90
CA PRO L 124 27.65 15.78 -43.16
C PRO L 124 28.85 16.75 -43.39
N GLY L 125 28.79 17.97 -42.87
CA GLY L 125 29.93 18.89 -42.98
C GLY L 125 31.19 18.54 -42.21
N SER L 126 31.09 17.68 -41.20
CA SER L 126 32.25 17.41 -40.34
C SER L 126 33.28 16.48 -41.01
N ILE L 127 34.43 17.06 -41.33
CA ILE L 127 35.45 16.35 -42.07
C ILE L 127 36.86 16.68 -41.58
N GLU L 128 37.83 15.86 -41.98
CA GLU L 128 39.23 16.16 -41.74
C GLU L 128 40.16 15.75 -42.89
N VAL L 129 40.79 16.76 -43.49
CA VAL L 129 41.74 16.60 -44.58
C VAL L 129 43.15 16.92 -44.08
N ARG L 130 44.04 15.93 -44.14
CA ARG L 130 45.41 16.12 -43.71
C ARG L 130 46.36 15.88 -44.86
N TRP L 131 47.50 16.57 -44.83
CA TRP L 131 48.56 16.37 -45.82
C TRP L 131 49.79 15.64 -45.27
N PHE L 132 50.24 14.64 -46.03
CA PHE L 132 51.41 13.88 -45.61
C PHE L 132 52.54 13.94 -46.65
N ARG L 133 53.78 14.02 -46.16
CA ARG L 133 54.95 13.95 -47.03
C ARG L 133 55.87 12.83 -46.55
N ASN L 134 55.86 11.72 -47.29
CA ASN L 134 56.45 10.46 -46.86
C ASN L 134 56.02 10.10 -45.46
N GLY L 135 54.74 10.26 -45.16
CA GLY L 135 54.19 9.86 -43.87
C GLY L 135 54.29 10.87 -42.75
N GLN L 136 55.22 11.81 -42.87
CA GLN L 136 55.32 12.93 -41.95
C GLN L 136 54.16 13.84 -42.25
N GLU L 137 53.41 14.22 -41.22
CA GLU L 137 52.32 15.17 -41.41
C GLU L 137 52.81 16.57 -41.74
N GLU L 138 52.08 17.23 -42.63
CA GLU L 138 52.43 18.57 -43.07
C GLU L 138 51.56 19.64 -42.41
N LYS L 139 52.20 20.49 -41.60
CA LYS L 139 51.55 21.59 -40.89
C LYS L 139 51.60 22.87 -41.75
N ALA L 140 52.82 23.32 -42.03
CA ALA L 140 53.11 24.55 -42.77
C ALA L 140 52.71 24.53 -44.25
N GLY L 141 52.33 25.68 -44.77
CA GLY L 141 52.00 25.84 -46.19
C GLY L 141 50.77 25.07 -46.61
N VAL L 142 49.91 24.76 -45.63
CA VAL L 142 48.60 24.16 -45.86
C VAL L 142 47.55 25.25 -45.70
N VAL L 143 46.72 25.40 -46.72
CA VAL L 143 45.69 26.44 -46.78
C VAL L 143 44.46 25.78 -47.37
N SER L 144 43.28 26.29 -46.98
CA SER L 144 41.98 25.70 -47.34
C SER L 144 40.89 26.75 -47.50
N THR L 145 40.06 26.56 -48.54
CA THR L 145 38.93 27.45 -48.85
C THR L 145 37.86 27.39 -47.75
N GLY L 146 38.00 26.41 -46.86
CA GLY L 146 37.03 26.18 -45.80
C GLY L 146 35.94 25.24 -46.28
N LEU L 147 34.95 25.01 -45.42
CA LEU L 147 33.82 24.15 -45.76
C LEU L 147 32.88 24.93 -46.65
N ILE L 148 32.36 24.28 -47.68
CA ILE L 148 31.43 24.94 -48.57
C ILE L 148 30.17 24.10 -48.74
N GLN L 149 29.03 24.70 -48.38
CA GLN L 149 27.73 24.05 -48.47
C GLN L 149 27.10 24.27 -49.86
N ASN L 150 26.77 23.17 -50.54
CA ASN L 150 26.33 23.21 -51.93
C ASN L 150 24.87 23.53 -52.11
N GLY L 151 24.10 23.44 -51.01
CA GLY L 151 22.65 23.68 -51.06
C GLY L 151 21.84 22.44 -51.40
N ASP L 152 22.50 21.41 -51.92
CA ASP L 152 21.83 20.17 -52.33
C ASP L 152 22.15 18.99 -51.42
N TRP L 153 22.53 19.28 -50.17
CA TRP L 153 22.83 18.25 -49.17
C TRP L 153 24.16 17.56 -49.42
N THR L 154 25.10 18.31 -50.00
CA THR L 154 26.49 17.85 -50.14
C THR L 154 27.44 19.00 -49.82
N PHE L 155 28.60 18.68 -49.25
CA PHE L 155 29.64 19.67 -49.05
C PHE L 155 30.81 19.42 -50.00
N GLN L 156 31.62 20.46 -50.20
CA GLN L 156 32.88 20.30 -50.90
C GLN L 156 33.93 21.21 -50.25
N THR L 157 35.17 20.76 -50.29
CA THR L 157 36.26 21.54 -49.73
C THR L 157 37.54 21.33 -50.52
N LEU L 158 38.40 22.33 -50.54
CA LEU L 158 39.73 22.22 -51.15
C LEU L 158 40.82 22.55 -50.13
N VAL L 159 41.75 21.63 -49.95
CA VAL L 159 42.94 21.92 -49.17
C VAL L 159 44.17 21.90 -50.07
N MET L 160 44.75 23.08 -50.28
CA MET L 160 46.02 23.24 -50.97
C MET L 160 47.18 23.03 -50.00
N LEU L 161 48.25 22.42 -50.50
CA LEU L 161 49.55 22.41 -49.84
C LEU L 161 50.56 23.01 -50.82
N GLU L 162 51.35 23.98 -50.35
CA GLU L 162 52.44 24.53 -51.18
C GLU L 162 53.77 23.89 -50.83
N THR L 163 54.49 23.45 -51.83
CA THR L 163 55.75 22.73 -51.59
C THR L 163 56.76 22.93 -52.71
N VAL L 164 58.00 22.60 -52.39
CA VAL L 164 59.04 22.44 -53.38
C VAL L 164 59.32 20.93 -53.46
N PRO L 165 58.51 20.19 -54.26
CA PRO L 165 58.60 18.71 -54.36
C PRO L 165 59.92 18.23 -54.88
N ARG L 166 60.34 17.03 -54.49
CA ARG L 166 61.67 16.57 -54.88
C ARG L 166 61.87 15.35 -55.80
N SER L 167 60.98 14.86 -56.62
CA SER L 167 61.29 13.61 -57.39
C SER L 167 61.38 12.37 -56.52
N GLY L 168 60.31 11.58 -56.60
CA GLY L 168 60.17 10.37 -55.84
C GLY L 168 59.37 10.61 -54.58
N GLU L 169 59.37 11.85 -54.09
CA GLU L 169 58.59 12.20 -52.91
C GLU L 169 57.12 11.86 -53.07
N VAL L 170 56.58 11.22 -52.02
CA VAL L 170 55.19 10.80 -52.00
C VAL L 170 54.39 11.71 -51.08
N TYR L 171 53.46 12.46 -51.71
CA TYR L 171 52.54 13.34 -51.01
C TYR L 171 51.20 12.64 -50.83
N THR L 172 50.60 12.78 -49.65
CA THR L 172 49.37 12.04 -49.37
C THR L 172 48.27 12.93 -48.82
N CYS L 173 47.12 12.88 -49.47
CA CYS L 173 45.94 13.52 -48.93
C CYS L 173 45.07 12.48 -48.23
N GLN L 174 44.87 12.70 -46.94
CA GLN L 174 44.11 11.77 -46.08
C GLN L 174 42.78 12.38 -45.61
N VAL L 175 41.70 11.64 -45.78
CA VAL L 175 40.37 12.14 -45.44
C VAL L 175 39.70 11.27 -44.38
N GLU L 176 39.33 11.90 -43.27
CA GLU L 176 38.62 11.25 -42.18
C GLU L 176 37.26 11.88 -42.05
N HIS L 177 36.22 11.06 -42.06
CA HIS L 177 34.84 11.50 -42.23
C HIS L 177 33.86 10.41 -41.79
N PRO L 178 32.72 10.77 -41.14
CA PRO L 178 31.86 9.72 -40.56
C PRO L 178 31.12 8.80 -41.54
N SER L 179 31.46 8.84 -42.83
CA SER L 179 30.89 7.88 -43.80
C SER L 179 31.87 6.77 -44.15
N VAL L 180 33.04 6.80 -43.52
CA VAL L 180 34.05 5.78 -43.73
C VAL L 180 34.62 5.32 -42.38
N THR L 181 35.02 4.05 -42.31
CA THR L 181 35.54 3.49 -41.05
C THR L 181 37.05 3.58 -40.98
N SER L 182 37.69 3.69 -42.14
CA SER L 182 39.13 3.92 -42.22
C SER L 182 39.30 5.16 -43.10
N PRO L 183 40.39 5.92 -42.90
CA PRO L 183 40.60 7.13 -43.71
C PRO L 183 40.80 6.82 -45.18
N LEU L 184 40.45 7.76 -46.05
CA LEU L 184 40.72 7.63 -47.47
C LEU L 184 42.07 8.26 -47.77
N THR L 185 42.89 7.60 -48.58
CA THR L 185 44.15 8.21 -49.01
C THR L 185 44.26 8.33 -50.53
N VAL L 186 44.77 9.47 -51.00
CA VAL L 186 45.18 9.65 -52.40
C VAL L 186 46.57 10.20 -52.36
N GLU L 187 47.45 9.62 -53.18
CA GLU L 187 48.81 10.12 -53.25
C GLU L 187 49.20 10.69 -54.60
N TRP L 188 50.08 11.68 -54.56
CA TRP L 188 50.73 12.23 -55.74
C TRP L 188 52.24 12.05 -55.61
N ARG L 189 52.83 11.29 -56.54
CA ARG L 189 54.26 11.04 -56.53
C ARG L 189 55.01 12.08 -57.37
N ALA L 190 55.91 12.82 -56.72
CA ALA L 190 56.73 13.81 -57.40
C ALA L 190 57.74 13.12 -58.31
N GLY M 1 6.56 8.85 -44.42
CA GLY M 1 6.51 8.12 -43.11
C GLY M 1 5.67 8.91 -42.13
N GLU M 2 6.26 9.30 -41.01
CA GLU M 2 5.59 10.07 -40.00
C GLU M 2 5.39 11.54 -40.41
N LEU M 3 4.69 12.29 -39.55
CA LEU M 3 4.26 13.66 -39.83
C LEU M 3 5.17 14.67 -39.16
N ILE M 4 5.56 15.71 -39.88
CA ILE M 4 6.42 16.74 -39.28
C ILE M 4 5.55 17.80 -38.65
N GLY M 5 6.00 18.34 -37.52
CA GLY M 5 5.24 19.32 -36.72
C GLY M 5 5.53 20.79 -37.00
N THR M 6 4.51 21.60 -36.82
CA THR M 6 4.61 23.04 -36.97
C THR M 6 4.28 23.64 -35.64
N LEU M 7 5.04 24.67 -35.26
CA LEU M 7 4.65 25.50 -34.17
C LEU M 7 3.96 26.69 -34.82
N ASN M 8 2.74 26.97 -34.36
CA ASN M 8 1.91 28.02 -34.95
C ASN M 8 2.24 29.44 -34.50
N ALA M 9 1.95 30.37 -35.41
CA ALA M 9 2.35 31.77 -35.31
C ALA M 9 1.52 32.52 -34.28
N ALA M 10 2.16 33.08 -33.26
CA ALA M 10 1.43 33.87 -32.27
C ALA M 10 1.12 35.29 -32.82
N LYS M 11 -0.16 35.67 -32.75
CA LYS M 11 -0.63 36.97 -33.24
C LYS M 11 -0.14 38.10 -32.37
N VAL M 12 0.28 39.19 -33.00
CA VAL M 12 0.51 40.42 -32.25
C VAL M 12 -0.85 41.02 -31.81
N PRO M 13 -0.87 41.78 -30.71
CA PRO M 13 -2.11 42.43 -30.27
C PRO M 13 -2.67 43.40 -31.31
N ALA M 14 -3.98 43.29 -31.56
CA ALA M 14 -4.73 44.20 -32.44
C ALA M 14 -4.38 45.65 -32.23
N ASP M 15 -4.36 46.34 -33.36
CA ASP M 15 -4.24 47.78 -33.44
C ASP M 15 -5.36 48.31 -32.53
N ILE N 1 -2.78 10.02 -36.42
CA ILE N 1 -4.04 9.22 -36.50
C ILE N 1 -4.65 8.90 -35.11
N GLN N 2 -4.46 7.67 -34.62
CA GLN N 2 -5.21 7.15 -33.48
C GLN N 2 -4.88 7.73 -32.09
N VAL N 3 -5.91 7.74 -31.25
CA VAL N 3 -5.84 8.06 -29.83
C VAL N 3 -6.48 6.89 -29.08
N GLU N 4 -5.67 6.13 -28.36
CA GLU N 4 -6.13 4.88 -27.71
C GLU N 4 -6.48 5.09 -26.22
N GLN N 5 -7.77 5.03 -25.89
CA GLN N 5 -8.22 5.30 -24.51
C GLN N 5 -8.34 4.02 -23.72
N SER N 6 -7.57 3.94 -22.63
CA SER N 6 -7.58 2.76 -21.76
C SER N 6 -8.79 2.99 -20.88
N PRO N 7 -8.95 2.24 -19.77
CA PRO N 7 -10.22 1.58 -19.40
C PRO N 7 -11.44 1.99 -20.24
N PRO N 8 -11.93 1.12 -21.15
CA PRO N 8 -13.12 1.61 -21.89
C PRO N 8 -14.27 1.93 -20.94
N ASP N 9 -14.30 1.23 -19.80
CA ASP N 9 -15.33 1.42 -18.77
C ASP N 9 -14.79 1.39 -17.36
N LEU N 10 -15.40 2.20 -16.49
CA LEU N 10 -15.06 2.20 -15.06
C LEU N 10 -16.28 2.44 -14.17
N ILE N 11 -16.61 1.41 -13.37
CA ILE N 11 -17.63 1.50 -12.31
C ILE N 11 -16.96 1.52 -10.91
N LEU N 12 -16.98 2.69 -10.25
CA LEU N 12 -16.27 2.81 -8.96
C LEU N 12 -17.16 3.41 -7.90
N GLN N 13 -16.90 3.03 -6.65
CA GLN N 13 -17.62 3.56 -5.48
C GLN N 13 -17.12 4.97 -5.14
N GLU N 14 -17.99 5.86 -4.68
CA GLU N 14 -17.56 7.21 -4.26
C GLU N 14 -16.39 7.15 -3.29
N GLY N 15 -15.42 8.05 -3.49
CA GLY N 15 -14.23 8.09 -2.62
C GLY N 15 -13.02 7.34 -3.17
N ALA N 16 -13.25 6.36 -4.02
CA ALA N 16 -12.15 5.68 -4.67
C ALA N 16 -11.38 6.67 -5.55
N ASN N 17 -10.13 6.33 -5.85
CA ASN N 17 -9.31 7.06 -6.84
C ASN N 17 -9.36 6.36 -8.20
N SER N 18 -9.46 7.14 -9.27
CA SER N 18 -9.54 6.53 -10.59
C SER N 18 -8.33 6.91 -11.41
N THR N 19 -8.02 6.06 -12.39
CA THR N 19 -6.89 6.31 -13.27
C THR N 19 -7.22 5.96 -14.71
N LEU N 20 -6.94 6.93 -15.58
CA LEU N 20 -7.43 6.90 -16.93
C LEU N 20 -6.27 7.13 -17.89
N ARG N 21 -6.16 6.25 -18.89
CA ARG N 21 -5.03 6.28 -19.80
C ARG N 21 -5.42 6.63 -21.23
N CYS N 22 -4.60 7.50 -21.82
CA CYS N 22 -4.70 7.90 -23.20
C CYS N 22 -3.35 7.59 -23.79
N ASN N 23 -3.36 6.70 -24.78
CA ASN N 23 -2.15 6.37 -25.53
C ASN N 23 -2.31 6.88 -26.95
N PHE N 24 -1.34 7.67 -27.43
CA PHE N 24 -1.47 8.30 -28.75
C PHE N 24 -0.34 7.97 -29.70
N SER N 25 -0.68 7.96 -30.99
CA SER N 25 0.26 7.74 -32.10
C SER N 25 1.30 8.84 -32.22
N ASP N 26 2.32 8.55 -33.05
CA ASP N 26 3.41 9.47 -33.34
C ASP N 26 2.93 10.69 -34.12
N SER N 27 1.71 10.63 -34.65
CA SER N 27 1.21 11.65 -35.57
C SER N 27 0.43 12.77 -34.86
N VAL N 28 0.21 12.60 -33.57
CA VAL N 28 -0.58 13.59 -32.83
C VAL N 28 0.17 14.04 -31.58
N ASN N 29 -0.23 15.19 -31.07
CA ASN N 29 0.33 15.70 -29.81
C ASN N 29 -0.48 16.84 -29.26
N ASN N 30 -0.01 17.37 -28.12
CA ASN N 30 -0.67 18.46 -27.41
C ASN N 30 -1.93 17.97 -26.75
N LEU N 31 -1.74 16.92 -25.98
CA LEU N 31 -2.81 16.19 -25.37
C LEU N 31 -3.71 17.06 -24.51
N GLN N 32 -5.02 16.84 -24.61
CA GLN N 32 -6.01 17.47 -23.70
C GLN N 32 -6.99 16.45 -23.13
N TRP N 33 -7.52 16.72 -21.93
CA TRP N 33 -8.62 15.90 -21.36
C TRP N 33 -9.92 16.67 -21.22
N PHE N 34 -10.99 16.10 -21.79
CA PHE N 34 -12.32 16.62 -21.59
C PHE N 34 -13.22 15.70 -20.75
N HIS N 35 -14.23 16.32 -20.14
CA HIS N 35 -15.33 15.59 -19.49
C HIS N 35 -16.63 15.79 -20.27
N GLN N 36 -17.31 14.71 -20.69
CA GLN N 36 -18.68 14.91 -21.14
C GLN N 36 -19.64 14.54 -20.02
N ASN N 37 -20.47 15.48 -19.60
CA ASN N 37 -21.36 15.13 -18.47
C ASN N 37 -22.54 14.28 -18.95
N PRO N 38 -23.32 13.67 -18.02
CA PRO N 38 -24.27 12.64 -18.54
C PRO N 38 -25.42 13.28 -19.36
N TRP N 39 -25.38 14.62 -19.44
CA TRP N 39 -26.31 15.42 -20.22
C TRP N 39 -25.68 15.98 -21.51
N GLY N 40 -24.42 15.63 -21.77
CA GLY N 40 -23.76 15.92 -23.06
C GLY N 40 -22.80 17.09 -23.12
N GLN N 41 -22.75 17.93 -22.09
CA GLN N 41 -21.92 19.10 -22.17
C GLN N 41 -20.42 18.77 -22.13
N LEU N 42 -19.64 19.50 -22.94
CA LEU N 42 -18.22 19.23 -23.04
C LEU N 42 -17.37 20.27 -22.27
N ILE N 43 -16.89 19.90 -21.08
CA ILE N 43 -16.01 20.76 -20.29
C ILE N 43 -14.56 20.30 -20.50
N ASN N 44 -13.66 21.26 -20.65
CA ASN N 44 -12.23 20.98 -20.73
C ASN N 44 -11.64 20.86 -19.32
N LEU N 45 -10.95 19.74 -19.07
CA LEU N 45 -10.27 19.54 -17.80
C LEU N 45 -8.87 20.11 -17.84
N PHE N 46 -8.09 19.70 -18.84
CA PHE N 46 -6.71 20.18 -18.98
C PHE N 46 -6.26 20.28 -20.43
N TYR N 47 -5.49 21.33 -20.72
CA TYR N 47 -4.49 21.31 -21.80
C TYR N 47 -3.25 20.81 -21.11
N ILE N 48 -2.74 19.66 -21.52
CA ILE N 48 -1.57 19.09 -20.83
C ILE N 48 -0.56 18.52 -21.82
N PRO N 49 0.14 19.43 -22.52
CA PRO N 49 1.18 19.06 -23.47
C PRO N 49 2.31 18.20 -22.89
N SER N 50 2.83 18.56 -21.73
CA SER N 50 3.94 17.85 -21.10
C SER N 50 3.90 18.04 -19.59
N GLY N 51 4.39 17.07 -18.82
CA GLY N 51 4.46 17.19 -17.36
C GLY N 51 3.14 17.10 -16.64
N THR N 52 3.11 17.57 -15.39
CA THR N 52 1.96 17.38 -14.51
C THR N 52 1.24 18.70 -14.27
N LYS N 53 -0.06 18.61 -14.03
CA LYS N 53 -0.94 19.73 -13.70
C LYS N 53 -2.03 19.16 -12.79
N GLN N 54 -2.47 19.97 -11.83
CA GLN N 54 -3.55 19.60 -10.88
C GLN N 54 -4.67 20.64 -10.89
N ASN N 55 -5.86 20.23 -10.46
CA ASN N 55 -7.02 21.10 -10.34
C ASN N 55 -8.07 20.49 -9.39
N GLY N 56 -7.83 20.67 -8.08
CA GLY N 56 -8.59 20.01 -7.04
C GLY N 56 -8.35 18.52 -7.03
N ARG N 57 -9.45 17.77 -6.95
CA ARG N 57 -9.41 16.31 -7.01
C ARG N 57 -8.84 15.75 -8.34
N LEU N 58 -8.79 16.56 -9.40
CA LEU N 58 -8.25 16.08 -10.69
C LEU N 58 -6.80 16.50 -10.91
N SER N 59 -5.99 15.58 -11.42
CA SER N 59 -4.65 15.97 -11.88
C SER N 59 -4.25 15.14 -13.08
N ALA N 60 -3.17 15.51 -13.76
CA ALA N 60 -2.81 14.82 -14.99
C ALA N 60 -1.32 14.89 -15.33
N THR N 61 -0.82 13.85 -15.99
CA THR N 61 0.56 13.79 -16.41
C THR N 61 0.68 13.30 -17.86
N THR N 62 1.53 13.97 -18.61
CA THR N 62 1.91 13.51 -19.93
C THR N 62 3.44 13.42 -19.98
N VAL N 63 3.88 12.24 -20.41
CA VAL N 63 5.27 12.02 -20.67
C VAL N 63 5.30 12.02 -22.20
N ALA N 64 5.55 13.20 -22.76
CA ALA N 64 5.39 13.43 -24.20
C ALA N 64 6.36 12.55 -25.00
N THR N 65 7.51 12.25 -24.38
CA THR N 65 8.51 11.31 -24.93
C THR N 65 7.91 9.91 -25.11
N GLU N 66 7.21 9.44 -24.07
CA GLU N 66 6.71 8.06 -23.99
C GLU N 66 5.24 7.96 -24.49
N ARG N 67 4.85 8.98 -25.25
CA ARG N 67 3.56 9.16 -25.91
C ARG N 67 2.28 8.57 -25.29
N TYR N 68 2.14 8.84 -23.98
CA TYR N 68 0.94 8.54 -23.23
C TYR N 68 0.59 9.68 -22.26
N SER N 69 -0.66 9.73 -21.83
CA SER N 69 -1.04 10.61 -20.72
C SER N 69 -1.97 9.95 -19.67
N LEU N 70 -1.87 10.40 -18.43
CA LEU N 70 -2.67 9.83 -17.37
C LEU N 70 -3.54 10.88 -16.69
N LEU N 71 -4.84 10.59 -16.59
CA LEU N 71 -5.76 11.40 -15.82
C LEU N 71 -6.03 10.77 -14.46
N TYR N 72 -5.79 11.53 -13.39
CA TYR N 72 -5.98 11.09 -11.99
C TYR N 72 -7.20 11.76 -11.32
N ILE N 73 -8.22 10.97 -11.02
CA ILE N 73 -9.37 11.53 -10.28
C ILE N 73 -9.30 11.02 -8.88
N SER N 74 -9.00 11.92 -7.97
CA SER N 74 -9.05 11.66 -6.55
C SER N 74 -10.47 11.65 -6.06
N SER N 75 -10.70 10.88 -5.00
CA SER N 75 -11.88 11.09 -4.18
C SER N 75 -13.09 11.29 -5.12
N SER N 76 -13.36 10.27 -5.92
CA SER N 76 -14.39 10.38 -6.92
C SER N 76 -15.75 10.72 -6.32
N GLN N 77 -16.52 11.50 -7.05
CA GLN N 77 -17.90 11.76 -6.70
C GLN N 77 -18.83 11.31 -7.81
N THR N 78 -20.10 11.13 -7.44
CA THR N 78 -21.12 10.62 -8.37
C THR N 78 -21.28 11.59 -9.55
N THR N 79 -21.14 12.89 -9.24
CA THR N 79 -21.18 13.95 -10.24
C THR N 79 -20.08 13.84 -11.29
N ASP N 80 -18.90 13.33 -10.90
CA ASP N 80 -17.81 12.99 -11.85
C ASP N 80 -18.23 12.04 -12.95
N SER N 81 -19.38 11.37 -12.80
CA SER N 81 -19.83 10.44 -13.86
C SER N 81 -20.03 11.16 -15.19
N GLY N 82 -19.92 10.41 -16.27
CA GLY N 82 -19.92 10.99 -17.60
C GLY N 82 -18.92 10.22 -18.42
N VAL N 83 -18.74 10.62 -19.70
CA VAL N 83 -17.68 10.08 -20.53
C VAL N 83 -16.48 11.02 -20.46
N TYR N 84 -15.26 10.48 -20.35
CA TYR N 84 -14.04 11.33 -20.38
C TYR N 84 -13.33 11.09 -21.69
N PHE N 85 -12.93 12.17 -22.37
CA PHE N 85 -12.19 12.01 -23.65
C PHE N 85 -10.80 12.57 -23.49
N CYS N 86 -9.82 12.04 -24.23
CA CYS N 86 -8.63 12.82 -24.51
C CYS N 86 -8.67 13.28 -25.97
N ALA N 87 -8.02 14.39 -26.25
CA ALA N 87 -7.94 14.83 -27.64
C ALA N 87 -6.54 15.31 -27.91
N ALA N 88 -6.19 15.31 -29.18
CA ALA N 88 -4.85 15.66 -29.58
C ALA N 88 -4.93 16.27 -30.96
N LEU N 89 -3.99 17.16 -31.25
CA LEU N 89 -3.86 17.80 -32.57
C LEU N 89 -2.99 16.95 -33.50
N ILE N 90 -3.52 16.59 -34.67
CA ILE N 90 -2.69 15.98 -35.69
C ILE N 90 -1.64 17.01 -36.02
N GLN N 91 -0.36 16.60 -35.98
CA GLN N 91 0.80 17.45 -36.25
C GLN N 91 0.68 17.98 -37.66
N GLY N 92 0.85 19.28 -37.83
CA GLY N 92 0.81 19.89 -39.16
C GLY N 92 -0.59 20.28 -39.54
N ALA N 93 -1.48 19.29 -39.63
CA ALA N 93 -2.91 19.46 -39.93
C ALA N 93 -3.62 20.45 -39.04
N GLN N 94 -3.37 20.32 -37.73
CA GLN N 94 -4.10 21.05 -36.68
C GLN N 94 -5.54 20.58 -36.49
N LYS N 95 -5.83 19.38 -37.01
CA LYS N 95 -7.08 18.67 -36.74
C LYS N 95 -7.11 18.25 -35.29
N LEU N 96 -8.12 18.72 -34.54
CA LEU N 96 -8.36 18.26 -33.18
C LEU N 96 -9.09 16.92 -33.24
N VAL N 97 -8.45 15.88 -32.70
CA VAL N 97 -8.94 14.51 -32.84
C VAL N 97 -9.17 13.85 -31.49
N PHE N 98 -10.13 12.93 -31.43
CA PHE N 98 -10.59 12.30 -30.18
C PHE N 98 -10.41 10.79 -30.08
N GLY N 99 -10.08 10.36 -28.88
CA GLY N 99 -10.14 8.96 -28.52
C GLY N 99 -11.60 8.59 -28.26
N GLN N 100 -11.81 7.28 -28.09
CA GLN N 100 -13.14 6.71 -27.94
C GLN N 100 -13.79 7.00 -26.59
N GLY N 101 -12.98 7.36 -25.60
CA GLY N 101 -13.50 7.80 -24.32
C GLY N 101 -13.52 6.72 -23.26
N THR N 102 -13.68 7.15 -22.01
CA THR N 102 -13.94 6.24 -20.91
C THR N 102 -15.24 6.59 -20.23
N ARG N 103 -16.11 5.60 -20.13
CA ARG N 103 -17.42 5.78 -19.51
C ARG N 103 -17.23 5.49 -18.01
N LEU N 104 -17.32 6.53 -17.19
CA LEU N 104 -17.10 6.38 -15.77
C LEU N 104 -18.40 6.43 -15.03
N THR N 105 -18.65 5.45 -14.17
CA THR N 105 -19.80 5.44 -13.27
C THR N 105 -19.27 5.46 -11.82
N ILE N 106 -19.75 6.40 -11.02
CA ILE N 106 -19.31 6.50 -9.62
C ILE N 106 -20.50 6.35 -8.71
N ASN N 107 -20.55 5.19 -8.07
CA ASN N 107 -21.64 4.80 -7.19
C ASN N 107 -21.57 5.43 -5.82
N PRO N 108 -22.73 5.75 -5.24
CA PRO N 108 -22.79 6.15 -3.85
C PRO N 108 -22.58 4.97 -2.90
N ASN N 109 -21.92 5.24 -1.78
CA ASN N 109 -21.83 4.28 -0.71
C ASN N 109 -23.07 4.48 0.13
N ILE N 110 -24.01 3.57 0.00
CA ILE N 110 -25.19 3.56 0.83
C ILE N 110 -24.78 2.81 2.07
N GLN N 111 -24.65 3.54 3.19
CA GLN N 111 -24.17 2.96 4.43
C GLN N 111 -25.21 2.00 4.99
N ASN N 112 -26.45 2.23 4.60
CA ASN N 112 -27.61 1.64 5.24
C ASN N 112 -28.67 1.26 4.22
N PRO N 113 -28.40 0.24 3.41
CA PRO N 113 -29.43 -0.07 2.44
C PRO N 113 -30.74 -0.32 3.17
N ASP N 114 -31.85 0.08 2.54
CA ASP N 114 -33.16 -0.29 3.02
C ASP N 114 -34.12 -0.59 1.85
N PRO N 115 -33.82 -1.64 1.06
CA PRO N 115 -34.53 -1.82 -0.22
C PRO N 115 -36.04 -2.01 -0.08
N ALA N 116 -36.79 -1.14 -0.74
CA ALA N 116 -38.21 -1.33 -0.86
C ALA N 116 -38.68 -1.04 -2.29
N VAL N 117 -39.96 -1.28 -2.54
CA VAL N 117 -40.60 -0.90 -3.78
C VAL N 117 -41.94 -0.33 -3.32
N TYR N 118 -42.21 0.93 -3.63
CA TYR N 118 -43.45 1.51 -3.16
C TYR N 118 -44.41 1.77 -4.30
N GLN N 119 -45.69 1.88 -3.99
CA GLN N 119 -46.68 2.38 -4.94
C GLN N 119 -47.03 3.84 -4.66
N LEU N 120 -46.75 4.70 -5.63
CA LEU N 120 -47.18 6.10 -5.54
C LEU N 120 -48.39 6.27 -6.43
N ARG N 121 -49.35 7.11 -6.02
CA ARG N 121 -50.48 7.33 -6.91
C ARG N 121 -50.48 8.73 -7.52
N ASP N 122 -51.21 8.86 -8.62
CA ASP N 122 -51.36 10.15 -9.27
C ASP N 122 -52.12 11.09 -8.35
N SER N 123 -51.63 12.33 -8.21
CA SER N 123 -52.43 13.35 -7.55
C SER N 123 -53.72 13.66 -8.35
N LYS N 124 -53.84 13.09 -9.55
CA LYS N 124 -55.02 13.23 -10.43
C LYS N 124 -55.64 11.87 -10.78
N SER N 125 -56.90 11.69 -10.38
CA SER N 125 -57.71 10.52 -10.75
C SER N 125 -57.08 9.18 -10.33
N SER N 126 -57.65 8.57 -9.28
CA SER N 126 -57.03 7.48 -8.48
C SER N 126 -55.93 6.57 -9.08
N ASP N 127 -56.28 5.84 -10.14
CA ASP N 127 -55.51 4.67 -10.62
C ASP N 127 -54.01 4.86 -10.93
N LYS N 128 -53.70 5.65 -11.96
CA LYS N 128 -52.32 5.84 -12.51
C LYS N 128 -51.17 5.31 -11.64
N SER N 129 -50.48 4.30 -12.16
CA SER N 129 -49.60 3.46 -11.36
C SER N 129 -48.11 3.65 -11.61
N VAL N 130 -47.46 4.26 -10.62
CA VAL N 130 -46.02 4.36 -10.56
C VAL N 130 -45.56 3.50 -9.40
N CYS N 131 -44.55 2.66 -9.63
CA CYS N 131 -43.85 1.96 -8.54
C CYS N 131 -42.45 2.53 -8.40
N LEU N 132 -41.97 2.68 -7.16
CA LEU N 132 -40.64 3.29 -6.90
C LEU N 132 -39.67 2.35 -6.17
N PHE N 133 -38.77 1.72 -6.92
CA PHE N 133 -37.73 0.93 -6.28
C PHE N 133 -36.66 1.88 -5.78
N THR N 134 -36.43 1.87 -4.46
CA THR N 134 -35.54 2.83 -3.82
C THR N 134 -34.79 2.25 -2.62
N ASP N 135 -33.58 2.76 -2.41
CA ASP N 135 -32.76 2.59 -1.18
C ASP N 135 -31.93 1.31 -1.14
N PHE N 136 -31.87 0.66 -2.29
CA PHE N 136 -30.99 -0.43 -2.56
C PHE N 136 -29.56 0.06 -2.71
N ASP N 137 -28.60 -0.75 -2.26
CA ASP N 137 -27.18 -0.43 -2.42
C ASP N 137 -26.77 -0.47 -3.89
N SER N 138 -25.63 0.15 -4.19
CA SER N 138 -25.17 0.29 -5.57
C SER N 138 -24.78 -1.02 -6.25
N GLN N 139 -24.64 -2.09 -5.49
CA GLN N 139 -24.32 -3.39 -6.09
C GLN N 139 -25.58 -4.11 -6.67
N THR N 140 -26.72 -3.43 -6.58
CA THR N 140 -27.98 -3.89 -7.14
C THR N 140 -28.21 -3.27 -8.52
N ASN N 141 -28.47 -4.10 -9.52
CA ASN N 141 -28.64 -3.61 -10.88
C ASN N 141 -30.12 -3.62 -11.26
N VAL N 142 -30.63 -2.53 -11.83
CA VAL N 142 -31.97 -2.59 -12.43
C VAL N 142 -31.85 -3.11 -13.86
N SER N 143 -32.41 -4.29 -14.10
CA SER N 143 -32.51 -4.85 -15.45
C SER N 143 -33.60 -4.14 -16.24
N GLN N 144 -33.29 -3.88 -17.51
CA GLN N 144 -34.20 -3.24 -18.47
C GLN N 144 -35.52 -3.99 -18.59
N SER N 145 -36.53 -3.35 -19.19
CA SER N 145 -37.88 -3.90 -19.36
C SER N 145 -37.96 -4.99 -20.44
N LYS N 146 -38.08 -6.25 -20.01
CA LYS N 146 -38.23 -7.43 -20.91
C LYS N 146 -39.61 -7.43 -21.58
N ASP N 147 -40.62 -7.02 -20.83
CA ASP N 147 -41.93 -6.74 -21.37
C ASP N 147 -41.95 -5.28 -21.78
N SER N 148 -42.38 -4.99 -23.01
CA SER N 148 -42.37 -3.60 -23.51
C SER N 148 -43.67 -2.81 -23.27
N ASP N 149 -44.56 -3.37 -22.45
CA ASP N 149 -45.71 -2.63 -21.92
C ASP N 149 -45.34 -1.98 -20.57
N VAL N 150 -44.34 -2.55 -19.89
CA VAL N 150 -43.81 -2.00 -18.66
C VAL N 150 -42.69 -1.02 -19.01
N TYR N 151 -42.54 0.05 -18.21
CA TYR N 151 -41.43 0.98 -18.41
C TYR N 151 -40.51 1.01 -17.19
N ILE N 152 -39.22 0.84 -17.43
CA ILE N 152 -38.24 0.77 -16.33
C ILE N 152 -37.00 1.68 -16.52
N THR N 153 -37.11 2.89 -15.97
CA THR N 153 -36.03 3.86 -15.96
C THR N 153 -34.86 3.33 -15.16
N ASP N 154 -33.63 3.65 -15.58
CA ASP N 154 -32.43 3.16 -14.88
C ASP N 154 -32.17 3.93 -13.58
N LYS N 155 -31.46 3.30 -12.66
CA LYS N 155 -31.22 3.92 -11.38
C LYS N 155 -30.67 5.33 -11.55
N CYS N 156 -31.13 6.25 -10.72
CA CYS N 156 -30.38 7.47 -10.58
C CYS N 156 -30.26 7.90 -9.13
N VAL N 157 -29.19 8.67 -8.88
CA VAL N 157 -28.71 8.98 -7.54
C VAL N 157 -29.21 10.37 -7.17
N LEU N 158 -29.99 10.42 -6.10
CA LEU N 158 -30.55 11.66 -5.55
C LEU N 158 -29.76 12.03 -4.29
N ASP N 159 -29.35 13.27 -4.19
CA ASP N 159 -28.54 13.70 -3.04
C ASP N 159 -29.34 14.60 -2.11
N MET N 160 -29.80 14.05 -1.00
CA MET N 160 -30.41 14.86 0.04
C MET N 160 -29.29 15.62 0.75
N ARG N 161 -29.02 16.80 0.21
CA ARG N 161 -27.80 17.53 0.50
C ARG N 161 -27.67 18.02 1.92
N SER N 162 -28.74 18.59 2.48
CA SER N 162 -28.63 19.14 3.81
C SER N 162 -28.54 18.06 4.86
N MET N 163 -28.57 16.80 4.42
CA MET N 163 -28.55 15.67 5.35
C MET N 163 -27.40 14.74 5.07
N ASP N 164 -26.56 15.12 4.10
CA ASP N 164 -25.51 14.25 3.59
C ASP N 164 -26.10 12.84 3.39
N PHE N 165 -27.16 12.79 2.58
CA PHE N 165 -27.87 11.57 2.28
C PHE N 165 -28.09 11.35 0.76
N LYS N 166 -27.61 10.22 0.24
CA LYS N 166 -27.71 9.90 -1.19
C LYS N 166 -28.48 8.62 -1.36
N SER N 167 -29.32 8.54 -2.38
CA SER N 167 -30.15 7.36 -2.54
C SER N 167 -30.46 7.00 -3.99
N ASN N 168 -30.32 5.71 -4.29
CA ASN N 168 -30.66 5.15 -5.61
C ASN N 168 -32.15 4.87 -5.69
N SER N 169 -32.70 5.04 -6.88
CA SER N 169 -34.08 4.65 -7.18
C SER N 169 -34.23 4.29 -8.66
N ALA N 170 -35.36 3.63 -9.00
CA ALA N 170 -35.84 3.44 -10.36
C ALA N 170 -37.39 3.41 -10.41
N VAL N 171 -37.92 3.58 -11.60
CA VAL N 171 -39.35 3.82 -11.74
C VAL N 171 -39.97 2.84 -12.78
N ALA N 172 -41.00 2.13 -12.33
CA ALA N 172 -41.78 1.24 -13.19
C ALA N 172 -43.21 1.75 -13.27
N TRP N 173 -43.75 1.75 -14.50
CA TRP N 173 -45.14 2.10 -14.72
C TRP N 173 -45.68 1.41 -15.96
N SER N 174 -46.97 1.06 -15.90
CA SER N 174 -47.69 0.51 -17.03
C SER N 174 -49.14 0.90 -16.85
N ASN N 175 -49.94 0.78 -17.91
CA ASN N 175 -51.38 1.05 -17.84
C ASN N 175 -52.21 -0.22 -17.88
N LYS N 176 -51.54 -1.36 -17.75
CA LYS N 176 -52.23 -2.61 -17.50
C LYS N 176 -52.95 -2.52 -16.15
N SER N 177 -54.00 -3.32 -15.98
CA SER N 177 -54.64 -3.43 -14.68
C SER N 177 -54.27 -4.75 -13.99
N ASP N 178 -53.47 -5.58 -14.67
CA ASP N 178 -52.87 -6.77 -14.05
C ASP N 178 -51.33 -6.64 -13.93
N PHE N 179 -50.88 -5.44 -13.57
CA PHE N 179 -49.48 -5.14 -13.34
C PHE N 179 -49.32 -4.60 -11.91
N ALA N 180 -48.47 -5.25 -11.12
CA ALA N 180 -48.26 -4.88 -9.73
C ALA N 180 -46.79 -4.52 -9.50
N CYS N 181 -46.42 -4.22 -8.26
CA CYS N 181 -45.02 -3.91 -7.95
C CYS N 181 -44.18 -5.12 -7.47
N ALA N 182 -44.82 -6.17 -6.96
CA ALA N 182 -44.09 -7.37 -6.55
C ALA N 182 -43.41 -8.01 -7.76
N ASN N 183 -44.13 -7.99 -8.87
CA ASN N 183 -43.61 -8.39 -10.17
C ASN N 183 -43.44 -7.16 -11.08
N ALA N 184 -42.77 -6.13 -10.55
CA ALA N 184 -42.42 -4.96 -11.35
C ALA N 184 -40.93 -5.03 -11.68
N PHE N 185 -40.15 -5.49 -10.70
CA PHE N 185 -38.72 -5.57 -10.84
C PHE N 185 -38.24 -7.01 -10.64
N ASN N 186 -39.11 -7.98 -10.94
CA ASN N 186 -38.76 -9.40 -10.81
C ASN N 186 -37.71 -9.88 -11.82
N ASN N 187 -37.72 -9.31 -13.03
CA ASN N 187 -36.69 -9.57 -14.06
C ASN N 187 -35.31 -8.93 -13.76
N SER N 188 -35.24 -8.12 -12.70
CA SER N 188 -33.97 -7.59 -12.17
C SER N 188 -33.59 -8.41 -10.96
N ILE N 189 -32.30 -8.55 -10.73
CA ILE N 189 -31.82 -9.20 -9.50
C ILE N 189 -31.94 -8.17 -8.39
N ILE N 190 -33.07 -8.25 -7.67
CA ILE N 190 -33.34 -7.41 -6.49
C ILE N 190 -32.90 -8.16 -5.23
N PRO N 191 -32.35 -7.42 -4.23
CA PRO N 191 -31.86 -8.11 -3.04
C PRO N 191 -33.02 -8.64 -2.17
N GLU N 192 -33.01 -9.95 -1.96
CA GLU N 192 -34.08 -10.72 -1.26
C GLU N 192 -34.81 -9.98 -0.13
N ASP N 193 -34.04 -9.25 0.69
CA ASP N 193 -34.51 -8.50 1.85
C ASP N 193 -35.44 -7.30 1.52
N THR N 194 -35.76 -7.13 0.23
CA THR N 194 -36.57 -6.00 -0.24
C THR N 194 -37.99 -5.99 0.36
N PHE N 195 -38.35 -4.84 0.95
CA PHE N 195 -39.63 -4.60 1.62
C PHE N 195 -40.75 -4.29 0.61
N PHE N 196 -41.93 -4.85 0.83
CA PHE N 196 -43.10 -4.59 -0.01
C PHE N 196 -44.31 -4.14 0.85
N PRO N 197 -45.02 -3.06 0.43
CA PRO N 197 -46.09 -2.43 1.21
C PRO N 197 -47.38 -3.27 1.31
N SER N 198 -48.54 -2.61 1.37
CA SER N 198 -49.85 -3.26 1.53
C SER N 198 -49.84 -4.78 1.40
N GLY O 3 -15.75 32.41 -24.33
CA GLY O 3 -16.36 31.12 -24.76
C GLY O 3 -16.85 31.04 -26.20
N VAL O 4 -17.12 29.81 -26.65
CA VAL O 4 -17.81 29.51 -27.90
C VAL O 4 -19.31 29.33 -27.69
N THR O 5 -20.13 30.18 -28.30
CA THR O 5 -21.57 30.04 -28.18
C THR O 5 -22.16 29.64 -29.54
N GLN O 6 -22.96 28.57 -29.56
CA GLN O 6 -23.53 28.04 -30.81
C GLN O 6 -25.05 27.95 -30.80
N THR O 7 -25.63 28.31 -31.95
CA THR O 7 -27.07 28.56 -32.08
C THR O 7 -27.76 27.42 -32.84
N PRO O 8 -29.09 27.42 -32.88
CA PRO O 8 -30.02 26.50 -32.29
C PRO O 8 -29.39 25.49 -31.33
N LYS O 9 -29.76 25.58 -30.05
CA LYS O 9 -29.51 24.49 -29.14
C LYS O 9 -30.46 23.33 -29.48
N PHE O 10 -31.68 23.67 -29.88
CA PHE O 10 -32.64 22.67 -30.30
C PHE O 10 -33.21 23.05 -31.64
N ARG O 11 -33.37 22.07 -32.52
CA ARG O 11 -34.04 22.30 -33.79
C ARG O 11 -34.68 21.04 -34.39
N ILE O 12 -35.86 21.23 -34.95
CA ILE O 12 -36.53 20.20 -35.73
C ILE O 12 -36.50 20.61 -37.19
N LEU O 13 -36.25 19.63 -38.06
CA LEU O 13 -36.20 19.85 -39.49
C LEU O 13 -37.02 18.82 -40.24
N LYS O 14 -37.72 19.28 -41.27
CA LYS O 14 -38.40 18.37 -42.17
C LYS O 14 -37.40 17.92 -43.24
N ILE O 15 -37.49 16.66 -43.66
CA ILE O 15 -36.75 16.18 -44.82
C ILE O 15 -36.74 17.24 -45.94
N GLY O 16 -35.58 17.45 -46.54
CA GLY O 16 -35.46 18.43 -47.64
C GLY O 16 -35.14 19.84 -47.20
N GLN O 17 -35.58 20.23 -46.01
CA GLN O 17 -35.36 21.58 -45.47
C GLN O 17 -33.87 21.95 -45.37
N SER O 18 -33.57 23.25 -45.40
CA SER O 18 -32.19 23.71 -45.19
C SER O 18 -31.98 24.43 -43.85
N MET O 19 -30.71 24.51 -43.43
CA MET O 19 -30.42 24.94 -42.08
C MET O 19 -29.00 25.44 -41.95
N THR O 20 -28.81 26.47 -41.14
CA THR O 20 -27.47 26.95 -40.81
C THR O 20 -27.29 26.98 -39.29
N LEU O 21 -26.23 26.33 -38.81
CA LEU O 21 -25.91 26.39 -37.39
C LEU O 21 -24.81 27.40 -37.20
N GLN O 22 -25.06 28.43 -36.40
CA GLN O 22 -24.02 29.42 -36.11
C GLN O 22 -23.03 28.89 -35.13
N CYS O 23 -21.80 29.35 -35.30
CA CYS O 23 -20.77 29.18 -34.29
C CYS O 23 -19.88 30.42 -34.29
N THR O 24 -19.95 31.17 -33.18
CA THR O 24 -19.25 32.44 -33.00
C THR O 24 -18.31 32.32 -31.82
N GLN O 25 -17.13 32.91 -31.94
CA GLN O 25 -16.09 32.71 -30.98
C GLN O 25 -15.40 34.07 -30.74
N ASP O 26 -15.17 34.42 -29.48
CA ASP O 26 -14.55 35.73 -29.14
C ASP O 26 -13.06 35.70 -28.67
N MET O 27 -12.41 34.54 -28.69
CA MET O 27 -11.07 34.44 -28.08
C MET O 27 -9.98 34.56 -29.14
N ASN O 28 -10.38 35.05 -30.30
CA ASN O 28 -9.49 35.14 -31.45
C ASN O 28 -8.90 33.82 -32.01
N HIS O 29 -9.43 32.66 -31.61
CA HIS O 29 -8.82 31.40 -32.02
C HIS O 29 -8.92 31.28 -33.52
N ASN O 30 -7.83 30.84 -34.16
CA ASN O 30 -7.77 30.74 -35.63
C ASN O 30 -8.38 29.44 -36.13
N TYR O 31 -8.21 28.37 -35.36
CA TYR O 31 -8.67 27.03 -35.72
C TYR O 31 -10.07 26.78 -35.15
N MET O 32 -10.99 26.32 -36.01
CA MET O 32 -12.35 26.03 -35.55
C MET O 32 -12.84 24.71 -36.13
N TYR O 33 -13.69 23.98 -35.40
CA TYR O 33 -14.06 22.58 -35.71
C TYR O 33 -15.55 22.31 -35.47
N TRP O 34 -16.15 21.49 -36.34
CA TRP O 34 -17.52 21.01 -36.19
C TRP O 34 -17.54 19.49 -36.02
N TYR O 35 -18.34 18.99 -35.10
CA TYR O 35 -18.51 17.55 -34.92
C TYR O 35 -19.99 17.19 -34.81
N ARG O 36 -20.34 15.98 -35.29
CA ARG O 36 -21.63 15.35 -34.93
C ARG O 36 -21.39 14.21 -33.93
N GLN O 37 -22.41 13.86 -33.14
CA GLN O 37 -22.27 12.76 -32.15
C GLN O 37 -23.59 12.04 -31.93
N ASP O 38 -23.58 10.73 -32.15
CA ASP O 38 -24.76 9.89 -31.93
C ASP O 38 -24.79 9.27 -30.56
N PRO O 39 -26.00 9.00 -30.03
CA PRO O 39 -26.23 8.21 -28.82
C PRO O 39 -25.19 7.10 -28.59
N GLY O 40 -24.38 7.26 -27.54
CA GLY O 40 -23.42 6.24 -27.11
C GLY O 40 -22.14 6.15 -27.91
N MET O 41 -21.91 7.12 -28.78
CA MET O 41 -20.77 7.12 -29.71
C MET O 41 -19.86 8.29 -29.41
N GLY O 42 -18.74 8.35 -30.13
CA GLY O 42 -17.71 9.38 -29.90
C GLY O 42 -17.86 10.56 -30.84
N LEU O 43 -17.10 11.63 -30.57
CA LEU O 43 -17.12 12.83 -31.40
C LEU O 43 -16.49 12.59 -32.76
N LYS O 44 -17.21 12.94 -33.81
CA LYS O 44 -16.77 12.72 -35.19
C LYS O 44 -16.70 14.03 -35.98
N LEU O 45 -15.57 14.27 -36.66
CA LEU O 45 -15.32 15.53 -37.36
C LEU O 45 -15.97 15.64 -38.75
N ILE O 46 -16.71 16.73 -38.97
CA ILE O 46 -17.43 16.99 -40.21
C ILE O 46 -16.64 17.94 -41.11
N TYR O 47 -16.09 18.98 -40.50
CA TYR O 47 -15.36 20.00 -41.22
C TYR O 47 -14.53 20.77 -40.22
N TYR O 48 -13.41 21.30 -40.67
CA TYR O 48 -12.67 22.26 -39.84
C TYR O 48 -12.02 23.36 -40.68
N SER O 49 -11.46 24.34 -39.98
CA SER O 49 -10.78 25.45 -40.62
C SER O 49 -9.61 25.86 -39.77
N VAL O 50 -8.50 26.19 -40.42
CA VAL O 50 -7.34 26.69 -39.66
C VAL O 50 -7.19 28.22 -39.71
N GLY O 51 -8.15 28.89 -40.34
CA GLY O 51 -8.18 30.34 -40.41
C GLY O 51 -9.14 30.84 -41.49
N ALA O 52 -9.36 32.14 -41.50
CA ALA O 52 -10.15 32.81 -42.54
C ALA O 52 -9.82 32.32 -43.96
N GLY O 53 -10.83 31.83 -44.69
CA GLY O 53 -10.64 31.44 -46.10
C GLY O 53 -9.89 30.13 -46.29
N ILE O 54 -9.82 29.31 -45.25
CA ILE O 54 -9.20 27.99 -45.33
C ILE O 54 -10.10 26.98 -44.66
N THR O 55 -10.72 26.11 -45.44
CA THR O 55 -11.59 25.06 -44.90
C THR O 55 -11.13 23.74 -45.44
N ASP O 56 -11.46 22.66 -44.74
CA ASP O 56 -10.98 21.31 -45.07
C ASP O 56 -11.98 20.28 -44.61
N LYS O 57 -12.21 19.27 -45.45
CA LYS O 57 -13.10 18.13 -45.15
C LYS O 57 -12.73 17.39 -43.87
N GLY O 58 -13.75 16.87 -43.17
CA GLY O 58 -13.59 15.90 -42.07
C GLY O 58 -13.93 14.48 -42.51
N GLU O 59 -14.09 13.57 -41.56
CA GLU O 59 -14.58 12.23 -41.84
C GLU O 59 -15.89 12.30 -42.59
N VAL O 60 -16.90 12.96 -42.03
CA VAL O 60 -18.23 12.97 -42.65
C VAL O 60 -18.67 14.31 -43.25
N PRO O 61 -18.26 14.56 -44.51
CA PRO O 61 -18.52 15.86 -45.16
C PRO O 61 -19.81 15.86 -45.98
N ASN O 62 -20.26 14.68 -46.43
CA ASN O 62 -21.49 14.56 -47.23
C ASN O 62 -22.63 15.46 -46.74
N GLY O 63 -23.37 16.02 -47.70
CA GLY O 63 -24.44 16.99 -47.42
C GLY O 63 -24.08 18.15 -46.47
N TYR O 64 -22.83 18.23 -46.04
CA TYR O 64 -22.43 19.35 -45.17
C TYR O 64 -21.66 20.45 -45.93
N ASN O 65 -21.93 21.70 -45.57
CA ASN O 65 -21.17 22.82 -46.08
C ASN O 65 -20.63 23.72 -44.96
N VAL O 66 -19.54 24.40 -45.25
CA VAL O 66 -18.87 25.22 -44.26
C VAL O 66 -18.21 26.42 -44.97
N SER O 67 -18.19 27.56 -44.28
CA SER O 67 -17.40 28.70 -44.72
C SER O 67 -16.78 29.41 -43.52
N ARG O 68 -15.63 30.01 -43.76
CA ARG O 68 -14.91 30.70 -42.73
C ARG O 68 -14.36 31.99 -43.31
N SER O 69 -15.21 32.99 -43.52
CA SER O 69 -14.71 34.27 -44.03
C SER O 69 -14.10 35.15 -42.92
N THR O 70 -14.47 34.90 -41.68
CA THR O 70 -13.94 35.68 -40.58
C THR O 70 -13.29 34.76 -39.57
N THR O 71 -12.43 35.31 -38.72
CA THR O 71 -11.85 34.58 -37.56
C THR O 71 -12.92 34.27 -36.54
N GLU O 72 -13.98 35.06 -36.49
CA GLU O 72 -15.02 34.91 -35.46
C GLU O 72 -15.98 33.71 -35.67
N ASP O 73 -16.46 33.53 -36.91
CA ASP O 73 -17.67 32.72 -37.22
C ASP O 73 -17.49 31.65 -38.28
N PHE O 74 -18.09 30.50 -38.02
CA PHE O 74 -17.85 29.26 -38.75
C PHE O 74 -19.18 28.55 -38.94
N PRO O 75 -20.04 29.11 -39.82
CA PRO O 75 -21.37 28.54 -40.06
C PRO O 75 -21.31 27.12 -40.63
N LEU O 76 -22.13 26.24 -40.07
CA LEU O 76 -22.36 24.92 -40.63
C LEU O 76 -23.71 24.98 -41.29
N ARG O 77 -23.75 24.66 -42.59
CA ARG O 77 -25.01 24.59 -43.35
C ARG O 77 -25.32 23.19 -43.79
N LEU O 78 -26.51 22.72 -43.38
CA LEU O 78 -27.13 21.51 -43.93
C LEU O 78 -28.08 21.90 -45.05
N GLU O 79 -27.85 21.36 -46.25
CA GLU O 79 -28.61 21.73 -47.47
C GLU O 79 -29.95 20.99 -47.58
N LEU O 80 -29.90 19.76 -48.10
CA LEU O 80 -30.99 18.81 -48.02
C LEU O 80 -30.92 18.17 -46.64
N ALA O 81 -32.03 18.19 -45.89
CA ALA O 81 -32.03 17.53 -44.58
C ALA O 81 -32.37 16.05 -44.74
N ALA O 82 -31.87 15.24 -43.81
CA ALA O 82 -31.91 13.77 -43.94
C ALA O 82 -32.05 13.07 -42.58
N PRO O 83 -32.73 11.91 -42.54
CA PRO O 83 -33.02 11.20 -41.28
C PRO O 83 -31.78 10.76 -40.50
N SER O 84 -30.63 10.77 -41.19
CA SER O 84 -29.34 10.35 -40.63
C SER O 84 -28.53 11.55 -40.18
N GLN O 85 -29.00 12.74 -40.54
CA GLN O 85 -28.34 13.94 -40.07
C GLN O 85 -28.79 14.23 -38.63
N THR O 86 -29.81 13.52 -38.16
CA THR O 86 -30.22 13.55 -36.75
C THR O 86 -29.03 13.22 -35.85
N SER O 87 -28.70 14.14 -34.97
CA SER O 87 -27.48 14.03 -34.21
C SER O 87 -27.39 15.24 -33.31
N VAL O 88 -26.34 15.27 -32.53
CA VAL O 88 -26.05 16.42 -31.73
C VAL O 88 -24.76 16.95 -32.32
N TYR O 89 -24.73 18.25 -32.54
CA TYR O 89 -23.60 18.86 -33.21
C TYR O 89 -22.85 19.74 -32.22
N PHE O 90 -21.53 19.63 -32.23
CA PHE O 90 -20.72 20.45 -31.35
C PHE O 90 -19.69 21.19 -32.17
N CYS O 91 -19.50 22.44 -31.80
CA CYS O 91 -18.52 23.27 -32.43
C CYS O 91 -17.49 23.70 -31.40
N ALA O 92 -16.21 23.59 -31.78
CA ALA O 92 -15.10 23.77 -30.85
C ALA O 92 -14.04 24.68 -31.44
N SER O 93 -13.20 25.26 -30.59
CA SER O 93 -12.09 26.04 -31.09
C SER O 93 -10.87 26.09 -30.17
N THR O 94 -9.70 26.12 -30.80
CA THR O 94 -8.43 26.33 -30.13
C THR O 94 -7.51 27.13 -31.01
N TYR O 95 -6.41 27.54 -30.39
CA TYR O 95 -5.26 27.94 -31.14
C TYR O 95 -3.98 27.34 -30.53
N HIS O 96 -3.60 27.81 -29.35
CA HIS O 96 -2.35 27.44 -28.74
C HIS O 96 -2.42 26.27 -27.75
N GLY O 97 -3.61 25.97 -27.23
CA GLY O 97 -3.71 24.93 -26.22
C GLY O 97 -5.13 24.46 -26.02
N THR O 98 -5.75 24.97 -24.95
CA THR O 98 -7.07 24.53 -24.51
C THR O 98 -8.14 24.57 -25.57
N GLY O 99 -8.86 23.45 -25.71
CA GLY O 99 -10.03 23.37 -26.58
C GLY O 99 -11.34 23.75 -25.89
N TYR O 100 -12.15 24.53 -26.58
CA TYR O 100 -13.45 24.92 -26.05
C TYR O 100 -14.59 24.40 -26.93
N PHE O 101 -15.69 23.97 -26.31
CA PHE O 101 -16.87 23.59 -27.07
C PHE O 101 -18.00 24.57 -26.79
N GLY O 102 -18.98 24.63 -27.69
CA GLY O 102 -20.23 25.35 -27.44
C GLY O 102 -21.23 24.37 -26.90
N GLU O 103 -22.33 24.85 -26.37
CA GLU O 103 -23.32 23.97 -25.71
C GLU O 103 -23.92 22.84 -26.59
N GLY O 104 -23.61 22.83 -27.88
CA GLY O 104 -24.08 21.77 -28.76
C GLY O 104 -25.49 22.02 -29.28
N SER O 105 -25.73 21.61 -30.52
CA SER O 105 -27.02 21.74 -31.17
C SER O 105 -27.73 20.40 -31.34
N TRP O 106 -28.77 20.15 -30.55
CA TRP O 106 -29.64 18.97 -30.78
C TRP O 106 -30.52 19.05 -32.02
N LEU O 107 -30.23 18.22 -33.01
CA LEU O 107 -30.94 18.27 -34.29
C LEU O 107 -31.66 16.96 -34.63
N THR O 108 -32.96 17.06 -34.85
CA THR O 108 -33.77 15.91 -35.16
C THR O 108 -34.57 16.15 -36.42
N VAL O 109 -34.25 15.36 -37.45
CA VAL O 109 -34.94 15.37 -38.74
C VAL O 109 -36.04 14.33 -38.77
N VAL O 110 -37.22 14.76 -39.22
CA VAL O 110 -38.43 13.96 -39.21
C VAL O 110 -39.02 13.89 -40.61
N GLU O 111 -39.76 12.80 -40.89
CA GLU O 111 -40.57 12.63 -42.11
C GLU O 111 -41.53 13.80 -42.37
N ASP O 112 -42.41 14.05 -41.40
CA ASP O 112 -43.27 15.23 -41.40
C ASP O 112 -43.47 15.64 -39.95
N LEU O 113 -43.99 16.85 -39.75
CA LEU O 113 -44.15 17.43 -38.42
C LEU O 113 -45.18 16.69 -37.57
N ASN O 114 -46.03 15.89 -38.20
CA ASN O 114 -47.01 15.09 -37.49
C ASN O 114 -46.32 14.00 -36.70
N LYS O 115 -45.00 13.99 -36.76
CA LYS O 115 -44.16 13.16 -35.89
C LYS O 115 -43.99 13.78 -34.53
N VAL O 116 -44.08 15.11 -34.50
CA VAL O 116 -43.71 15.89 -33.31
C VAL O 116 -44.83 15.92 -32.26
N PHE O 117 -44.47 15.52 -31.04
CA PHE O 117 -45.46 15.37 -29.98
C PHE O 117 -44.92 16.02 -28.74
N PRO O 118 -45.78 16.78 -28.03
CA PRO O 118 -45.38 17.40 -26.76
C PRO O 118 -45.51 16.39 -25.63
N PRO O 119 -44.93 16.69 -24.45
CA PRO O 119 -45.06 15.77 -23.34
C PRO O 119 -46.40 15.88 -22.60
N GLU O 120 -46.81 14.79 -21.95
CA GLU O 120 -47.75 14.91 -20.83
C GLU O 120 -47.03 14.71 -19.50
N VAL O 121 -47.39 15.53 -18.52
CA VAL O 121 -46.73 15.54 -17.23
C VAL O 121 -47.71 15.17 -16.13
N ALA O 122 -47.44 14.07 -15.43
CA ALA O 122 -48.21 13.71 -14.25
C ALA O 122 -47.30 13.75 -13.04
N VAL O 123 -47.88 13.91 -11.85
CA VAL O 123 -47.10 13.95 -10.60
C VAL O 123 -47.71 13.02 -9.58
N PHE O 124 -46.84 12.19 -9.01
CA PHE O 124 -47.24 11.08 -8.17
C PHE O 124 -46.80 11.30 -6.72
N GLU O 125 -47.79 11.46 -5.85
CA GLU O 125 -47.58 11.73 -4.44
C GLU O 125 -46.92 10.54 -3.74
N PRO O 126 -46.10 10.80 -2.70
CA PRO O 126 -45.48 9.69 -1.96
C PRO O 126 -46.50 8.70 -1.37
N SER O 127 -46.03 7.48 -1.11
CA SER O 127 -46.80 6.47 -0.38
C SER O 127 -46.61 6.69 1.11
N GLU O 128 -47.59 6.26 1.89
CA GLU O 128 -47.49 6.33 3.33
C GLU O 128 -46.56 5.25 3.89
N ALA O 129 -46.19 4.29 3.03
CA ALA O 129 -45.31 3.18 3.42
C ALA O 129 -43.89 3.67 3.56
N GLU O 130 -43.47 4.50 2.62
CA GLU O 130 -42.18 5.17 2.64
C GLU O 130 -42.12 6.18 3.80
N ILE O 131 -43.24 6.87 4.03
CA ILE O 131 -43.32 7.90 5.04
C ILE O 131 -43.29 7.27 6.43
N SER O 132 -43.93 6.10 6.56
CA SER O 132 -43.94 5.35 7.82
C SER O 132 -42.62 4.63 8.07
N HIS O 133 -42.03 4.10 7.00
CA HIS O 133 -40.83 3.27 7.05
C HIS O 133 -39.53 4.05 7.14
N THR O 134 -39.48 5.22 6.49
CA THR O 134 -38.21 5.95 6.26
C THR O 134 -38.18 7.39 6.77
N GLN O 135 -39.34 7.94 7.13
CA GLN O 135 -39.47 9.36 7.51
C GLN O 135 -39.15 10.23 6.30
N LYS O 136 -39.15 9.62 5.11
CA LYS O 136 -38.84 10.32 3.88
C LYS O 136 -39.93 10.17 2.81
N ALA O 137 -40.01 11.14 1.91
CA ALA O 137 -41.11 11.23 0.97
C ALA O 137 -40.60 11.53 -0.43
N THR O 138 -40.69 10.53 -1.32
CA THR O 138 -40.23 10.70 -2.68
C THR O 138 -41.38 11.03 -3.58
N LEU O 139 -41.31 12.17 -4.24
CA LEU O 139 -42.27 12.53 -5.28
C LEU O 139 -41.72 12.15 -6.65
N VAL O 140 -42.53 11.49 -7.46
CA VAL O 140 -42.09 11.05 -8.78
C VAL O 140 -42.82 11.88 -9.83
N CYS O 141 -42.09 12.24 -10.87
CA CYS O 141 -42.67 13.01 -11.95
C CYS O 141 -42.45 12.24 -13.25
N LEU O 142 -43.50 12.09 -14.03
CA LEU O 142 -43.39 11.41 -15.30
C LEU O 142 -43.67 12.36 -16.44
N ALA O 143 -42.74 12.41 -17.40
CA ALA O 143 -42.96 13.09 -18.66
C ALA O 143 -43.07 12.12 -19.83
N THR O 144 -44.29 11.95 -20.35
CA THR O 144 -44.55 10.87 -21.31
C THR O 144 -45.03 11.33 -22.69
N GLY O 145 -44.70 10.53 -23.70
CA GLY O 145 -45.26 10.66 -25.02
C GLY O 145 -44.79 11.88 -25.78
N PHE O 146 -43.50 12.17 -25.71
CA PHE O 146 -42.96 13.38 -26.36
C PHE O 146 -41.94 13.11 -27.42
N PHE O 147 -42.06 13.83 -28.52
CA PHE O 147 -41.13 13.70 -29.62
C PHE O 147 -40.59 15.05 -30.01
N PRO O 148 -39.35 15.10 -30.52
CA PRO O 148 -38.01 15.43 -30.18
C PRO O 148 -37.68 15.18 -28.72
N ASP O 149 -36.49 14.64 -28.52
CA ASP O 149 -35.92 14.40 -27.21
C ASP O 149 -35.35 15.72 -26.62
N HIS O 150 -36.13 16.80 -26.74
CA HIS O 150 -35.62 18.13 -26.43
C HIS O 150 -36.39 18.72 -25.28
N VAL O 151 -36.16 18.16 -24.10
CA VAL O 151 -36.84 18.63 -22.92
C VAL O 151 -35.88 19.01 -21.84
N GLU O 152 -36.34 19.90 -20.96
CA GLU O 152 -35.62 20.24 -19.75
C GLU O 152 -36.61 20.32 -18.59
N LEU O 153 -36.34 19.52 -17.55
CA LEU O 153 -37.27 19.35 -16.42
C LEU O 153 -36.75 20.07 -15.19
N SER O 154 -37.66 20.65 -14.44
CA SER O 154 -37.32 21.33 -13.19
C SER O 154 -38.36 21.11 -12.10
N TRP O 155 -37.89 21.05 -10.86
CA TRP O 155 -38.73 20.93 -9.70
C TRP O 155 -38.93 22.29 -9.11
N TRP O 156 -40.19 22.62 -8.83
CA TRP O 156 -40.46 23.89 -8.15
C TRP O 156 -41.15 23.68 -6.79
N VAL O 157 -40.44 24.02 -5.72
CA VAL O 157 -41.02 23.91 -4.37
C VAL O 157 -41.37 25.31 -3.92
N ASN O 158 -42.64 25.52 -3.59
CA ASN O 158 -43.16 26.80 -3.10
C ASN O 158 -42.74 27.99 -3.93
N GLY O 159 -42.77 27.80 -5.24
CA GLY O 159 -42.53 28.87 -6.17
C GLY O 159 -41.08 29.13 -6.51
N LYS O 160 -40.16 28.42 -5.84
CA LYS O 160 -38.72 28.58 -6.11
C LYS O 160 -38.09 27.25 -6.50
N GLU O 161 -37.37 27.23 -7.63
CA GLU O 161 -36.77 26.01 -8.17
C GLU O 161 -35.87 25.35 -7.11
N VAL O 162 -35.87 24.03 -7.09
CA VAL O 162 -35.04 23.31 -6.13
C VAL O 162 -34.05 22.39 -6.85
N HIS O 163 -32.92 22.10 -6.20
CA HIS O 163 -31.93 21.20 -6.80
C HIS O 163 -31.56 20.08 -5.83
N SER O 164 -31.37 20.42 -4.56
CA SER O 164 -31.17 19.44 -3.54
C SER O 164 -32.32 18.43 -3.61
N GLY O 165 -31.97 17.16 -3.46
CA GLY O 165 -32.97 16.12 -3.37
C GLY O 165 -33.58 15.69 -4.68
N VAL O 166 -33.08 16.21 -5.80
CA VAL O 166 -33.67 15.91 -7.10
C VAL O 166 -32.86 14.86 -7.87
N CYS O 167 -33.53 14.00 -8.60
CA CYS O 167 -32.81 13.13 -9.54
C CYS O 167 -33.63 12.87 -10.79
N THR O 168 -33.24 13.56 -11.86
CA THR O 168 -33.91 13.47 -13.12
C THR O 168 -33.09 12.54 -13.97
N ASP O 169 -33.76 11.69 -14.73
CA ASP O 169 -33.07 10.71 -15.58
C ASP O 169 -32.22 11.37 -16.60
N PRO O 170 -31.00 10.84 -16.80
CA PRO O 170 -30.07 11.41 -17.76
C PRO O 170 -30.42 10.96 -19.17
N GLN O 171 -31.20 9.88 -19.25
CA GLN O 171 -31.62 9.33 -20.51
C GLN O 171 -33.14 9.05 -20.58
N PRO O 172 -33.80 9.63 -21.59
CA PRO O 172 -35.18 9.29 -21.87
C PRO O 172 -35.28 7.83 -22.33
N LEU O 173 -36.42 7.19 -22.05
CA LEU O 173 -36.67 5.86 -22.60
C LEU O 173 -37.72 5.87 -23.71
N LYS O 174 -37.55 4.98 -24.68
CA LYS O 174 -38.46 4.89 -25.82
C LYS O 174 -39.70 4.15 -25.40
N GLU O 175 -40.87 4.73 -25.66
CA GLU O 175 -42.10 4.06 -25.31
C GLU O 175 -42.17 2.85 -26.22
N GLN O 176 -41.44 2.94 -27.34
CA GLN O 176 -41.38 1.87 -28.33
C GLN O 176 -39.96 1.68 -28.88
N PRO O 177 -39.13 0.94 -28.13
CA PRO O 177 -37.68 0.83 -28.37
C PRO O 177 -37.21 0.28 -29.75
N ALA O 178 -38.12 -0.14 -30.63
CA ALA O 178 -37.69 -0.57 -31.96
C ALA O 178 -37.69 0.55 -33.00
N LEU O 179 -38.57 1.55 -32.81
CA LEU O 179 -38.62 2.67 -33.74
C LEU O 179 -37.50 3.66 -33.47
N ASN O 180 -36.94 4.20 -34.55
CA ASN O 180 -35.91 5.25 -34.49
C ASN O 180 -36.48 6.59 -34.05
N ASP O 181 -37.76 6.84 -34.39
CA ASP O 181 -38.45 8.05 -33.96
C ASP O 181 -39.55 7.79 -32.91
N SER O 182 -39.31 6.84 -32.03
CA SER O 182 -40.27 6.43 -31.01
C SER O 182 -40.50 7.60 -30.09
N ARG O 183 -41.68 7.63 -29.47
CA ARG O 183 -41.94 8.64 -28.46
C ARG O 183 -41.19 8.35 -27.16
N TYR O 184 -41.00 9.40 -26.34
CA TYR O 184 -40.09 9.30 -25.22
C TYR O 184 -40.79 9.45 -23.89
N ALA O 185 -40.13 8.93 -22.83
CA ALA O 185 -40.56 9.10 -21.45
C ALA O 185 -39.38 9.47 -20.52
N LEU O 186 -39.67 10.28 -19.50
CA LEU O 186 -38.64 10.73 -18.55
C LEU O 186 -39.22 10.74 -17.16
N SER O 187 -38.43 10.27 -16.20
CA SER O 187 -38.84 10.28 -14.82
C SER O 187 -37.90 11.15 -14.00
N SER O 188 -38.45 11.65 -12.89
CA SER O 188 -37.75 12.56 -12.04
C SER O 188 -38.25 12.29 -10.65
N ARG O 189 -37.35 12.43 -9.68
CA ARG O 189 -37.70 12.29 -8.28
C ARG O 189 -37.35 13.54 -7.45
N LEU O 190 -38.18 13.78 -6.45
CA LEU O 190 -37.93 14.82 -5.48
C LEU O 190 -38.21 14.17 -4.14
N ARG O 191 -37.20 14.12 -3.29
CA ARG O 191 -37.37 13.48 -2.01
C ARG O 191 -37.23 14.49 -0.91
N VAL O 192 -38.21 14.52 -0.02
CA VAL O 192 -38.17 15.47 1.08
C VAL O 192 -38.48 14.71 2.38
N SER O 193 -38.20 15.34 3.52
CA SER O 193 -38.51 14.70 4.79
C SER O 193 -40.01 14.59 4.91
N ALA O 194 -40.46 13.57 5.64
CA ALA O 194 -41.88 13.31 5.74
C ALA O 194 -42.56 14.57 6.24
N THR O 195 -41.94 15.23 7.22
CA THR O 195 -42.45 16.46 7.87
C THR O 195 -42.88 17.49 6.83
N PHE O 196 -42.00 17.71 5.87
CA PHE O 196 -42.20 18.64 4.80
C PHE O 196 -43.33 18.22 3.83
N TRP O 197 -43.47 16.94 3.56
CA TRP O 197 -44.55 16.54 2.65
C TRP O 197 -45.92 16.61 3.33
N GLN O 198 -45.95 16.40 4.64
CA GLN O 198 -47.19 16.30 5.42
C GLN O 198 -47.73 17.66 5.82
N ASN O 199 -47.29 18.71 5.12
CA ASN O 199 -47.73 20.08 5.36
C ASN O 199 -48.44 20.68 4.14
N PRO O 200 -49.78 20.72 4.16
CA PRO O 200 -50.57 21.22 3.02
C PRO O 200 -50.25 22.65 2.52
N ARG O 201 -49.54 23.45 3.32
CA ARG O 201 -49.09 24.79 2.87
C ARG O 201 -48.00 24.71 1.81
N ASN O 202 -47.39 23.53 1.64
CA ASN O 202 -46.28 23.29 0.71
C ASN O 202 -46.74 22.79 -0.63
N HIS O 203 -46.39 23.54 -1.67
CA HIS O 203 -46.77 23.28 -3.05
C HIS O 203 -45.57 22.80 -3.86
N PHE O 204 -45.82 21.82 -4.71
CA PHE O 204 -44.78 21.11 -5.45
C PHE O 204 -45.15 21.03 -6.90
N ARG O 205 -44.26 21.48 -7.78
CA ARG O 205 -44.57 21.57 -9.19
C ARG O 205 -43.42 20.97 -10.02
N CYS O 206 -43.78 20.09 -10.95
CA CYS O 206 -42.83 19.46 -11.85
C CYS O 206 -42.99 20.00 -13.23
N GLN O 207 -42.18 21.00 -13.51
CA GLN O 207 -42.30 21.76 -14.71
C GLN O 207 -41.36 21.19 -15.73
N VAL O 208 -41.84 21.06 -16.97
CA VAL O 208 -41.07 20.48 -18.08
C VAL O 208 -41.11 21.43 -19.27
N GLN O 209 -39.96 21.70 -19.91
CA GLN O 209 -39.93 22.61 -21.07
C GLN O 209 -39.64 21.90 -22.41
N PHE O 210 -40.65 21.86 -23.27
CA PHE O 210 -40.55 21.21 -24.57
C PHE O 210 -40.03 22.16 -25.65
N TYR O 211 -39.09 21.68 -26.46
CA TYR O 211 -38.69 22.43 -27.64
C TYR O 211 -39.25 21.71 -28.86
N GLY O 212 -40.18 22.39 -29.52
CA GLY O 212 -40.86 21.79 -30.65
C GLY O 212 -40.94 22.80 -31.75
N LEU O 213 -42.17 23.11 -32.15
CA LEU O 213 -42.37 23.91 -33.33
C LEU O 213 -42.38 25.38 -33.02
N SER O 214 -42.00 26.16 -34.03
CA SER O 214 -42.06 27.60 -33.98
C SER O 214 -43.30 28.07 -34.73
N GLU O 215 -43.60 29.36 -34.57
CA GLU O 215 -44.71 29.98 -35.25
C GLU O 215 -44.61 29.79 -36.77
N ASN O 216 -43.38 29.60 -37.26
CA ASN O 216 -43.12 29.50 -38.70
C ASN O 216 -43.61 28.17 -39.29
N ASP O 217 -43.43 27.10 -38.54
CA ASP O 217 -43.88 25.78 -38.96
C ASP O 217 -45.37 25.78 -39.25
N GLU O 218 -45.75 25.22 -40.40
CA GLU O 218 -47.16 25.07 -40.81
C GLU O 218 -47.78 23.86 -40.11
N TRP O 219 -49.08 23.93 -39.80
CA TRP O 219 -49.73 22.88 -39.02
C TRP O 219 -51.18 22.67 -39.44
N THR O 220 -51.57 21.40 -39.59
CA THR O 220 -52.88 21.03 -40.19
C THR O 220 -53.63 19.91 -39.45
N GLN O 221 -53.09 19.42 -38.33
CA GLN O 221 -53.70 18.28 -37.64
C GLN O 221 -54.79 18.73 -36.67
N ASP O 222 -55.63 17.81 -36.22
CA ASP O 222 -56.64 18.12 -35.21
C ASP O 222 -56.00 18.54 -33.89
N ARG O 223 -55.10 17.70 -33.36
CA ARG O 223 -54.47 18.01 -32.08
C ARG O 223 -53.71 19.33 -32.12
N ALA O 224 -53.44 19.84 -30.93
CA ALA O 224 -52.64 21.02 -30.75
C ALA O 224 -51.34 20.94 -31.54
N LYS O 225 -50.97 22.05 -32.15
CA LYS O 225 -49.66 22.19 -32.73
C LYS O 225 -48.65 21.93 -31.60
N PRO O 226 -47.71 21.00 -31.83
CA PRO O 226 -46.68 20.71 -30.84
C PRO O 226 -45.62 21.82 -30.84
N VAL O 227 -45.98 22.94 -30.24
CA VAL O 227 -45.12 24.10 -30.16
C VAL O 227 -44.17 24.03 -28.98
N THR O 228 -43.14 24.85 -29.01
CA THR O 228 -42.31 25.03 -27.84
C THR O 228 -43.24 25.51 -26.72
N GLN O 229 -43.23 24.76 -25.62
CA GLN O 229 -44.12 25.07 -24.50
C GLN O 229 -43.65 24.48 -23.18
N ILE O 230 -44.30 24.92 -22.11
CA ILE O 230 -44.11 24.38 -20.77
C ILE O 230 -45.33 23.57 -20.32
N VAL O 231 -45.11 22.30 -19.97
CA VAL O 231 -46.17 21.48 -19.36
C VAL O 231 -45.81 21.19 -17.90
N SER O 232 -46.79 21.35 -17.02
CA SER O 232 -46.61 21.20 -15.60
C SER O 232 -47.59 20.22 -14.95
N ALA O 233 -47.23 19.75 -13.76
CA ALA O 233 -48.16 19.08 -12.86
C ALA O 233 -47.73 19.36 -11.44
N GLU O 234 -48.69 19.36 -10.52
CA GLU O 234 -48.46 19.85 -9.15
C GLU O 234 -49.19 19.03 -8.09
N ALA O 235 -48.70 19.15 -6.86
CA ALA O 235 -49.31 18.50 -5.72
C ALA O 235 -49.09 19.33 -4.48
N TRP O 236 -50.12 19.42 -3.63
CA TRP O 236 -49.98 20.02 -2.30
C TRP O 236 -49.83 18.91 -1.27
N GLY O 237 -48.99 19.14 -0.26
CA GLY O 237 -48.77 18.14 0.78
C GLY O 237 -50.06 17.61 1.34
N ARG O 238 -50.13 16.29 1.53
CA ARG O 238 -51.26 15.65 2.21
C ARG O 238 -50.97 15.53 3.70
N ALA O 239 -51.99 15.30 4.50
CA ALA O 239 -51.83 15.16 5.95
C ALA O 239 -51.68 13.69 6.39
N ASP O 240 -52.48 12.81 5.78
CA ASP O 240 -52.61 11.42 6.25
C ASP O 240 -53.04 10.48 5.13
N GLU P 3 -31.79 -29.54 15.18
CA GLU P 3 -31.06 -30.03 13.96
C GLU P 3 -31.86 -29.76 12.68
N GLU P 4 -31.69 -30.61 11.67
CA GLU P 4 -32.70 -30.81 10.63
C GLU P 4 -32.33 -31.85 9.59
N HIS P 5 -31.04 -32.19 9.46
CA HIS P 5 -30.64 -33.22 8.50
C HIS P 5 -29.40 -34.07 8.90
N VAL P 6 -29.46 -35.35 8.57
CA VAL P 6 -28.32 -36.24 8.77
C VAL P 6 -28.03 -37.02 7.49
N ILE P 7 -26.78 -36.92 7.03
CA ILE P 7 -26.27 -37.76 5.95
C ILE P 7 -25.28 -38.71 6.63
N ILE P 8 -25.46 -40.01 6.46
CA ILE P 8 -24.57 -40.94 7.12
C ILE P 8 -24.02 -41.94 6.14
N GLN P 9 -22.68 -42.00 6.10
CA GLN P 9 -21.97 -43.03 5.39
C GLN P 9 -21.77 -44.17 6.39
N ALA P 10 -22.35 -45.33 6.09
CA ALA P 10 -22.38 -46.44 7.07
C ALA P 10 -21.86 -47.74 6.48
N GLU P 11 -20.74 -48.19 7.03
CA GLU P 11 -20.06 -49.40 6.63
C GLU P 11 -20.09 -50.37 7.78
N PHE P 12 -20.21 -51.65 7.45
CA PHE P 12 -19.95 -52.71 8.41
C PHE P 12 -19.20 -53.88 7.79
N TYR P 13 -18.61 -54.68 8.67
CA TYR P 13 -18.03 -55.94 8.28
C TYR P 13 -18.37 -56.95 9.36
N LEU P 14 -18.80 -58.12 8.93
CA LEU P 14 -19.27 -59.15 9.85
C LEU P 14 -18.55 -60.47 9.57
N ASN P 15 -17.82 -60.98 10.57
CA ASN P 15 -17.16 -62.27 10.42
C ASN P 15 -18.11 -63.40 10.75
N PRO P 16 -17.62 -64.64 10.76
CA PRO P 16 -17.75 -65.81 9.96
C PRO P 16 -18.25 -65.50 8.55
N ASP P 17 -19.33 -64.74 8.48
CA ASP P 17 -20.10 -64.53 7.25
C ASP P 17 -19.34 -63.84 6.10
N GLN P 18 -18.31 -63.09 6.47
CA GLN P 18 -17.48 -62.30 5.53
C GLN P 18 -18.37 -61.32 4.75
N SER P 19 -19.38 -60.84 5.44
CA SER P 19 -20.37 -59.98 4.86
C SER P 19 -19.93 -58.52 5.08
N GLY P 20 -20.01 -57.75 4.01
CA GLY P 20 -19.53 -56.37 4.03
C GLY P 20 -20.50 -55.44 3.32
N GLU P 21 -20.64 -54.24 3.85
CA GLU P 21 -21.66 -53.35 3.31
C GLU P 21 -21.26 -51.88 3.37
N PHE P 22 -21.67 -51.15 2.32
CA PHE P 22 -21.37 -49.72 2.22
C PHE P 22 -22.62 -49.00 1.79
N MET P 23 -23.01 -47.96 2.51
CA MET P 23 -24.24 -47.21 2.14
C MET P 23 -24.30 -45.76 2.63
N PHE P 24 -25.21 -44.98 2.04
CA PHE P 24 -25.47 -43.59 2.42
C PHE P 24 -26.93 -43.34 2.83
N ASP P 25 -27.11 -42.96 4.08
CA ASP P 25 -28.41 -42.76 4.70
C ASP P 25 -28.68 -41.25 4.82
N PHE P 26 -29.74 -40.75 4.20
CA PHE P 26 -30.18 -39.36 4.41
C PHE P 26 -31.52 -39.38 5.13
N ASP P 27 -31.58 -38.72 6.29
CA ASP P 27 -32.74 -38.72 7.17
C ASP P 27 -33.37 -40.12 7.34
N GLY P 28 -32.53 -41.15 7.35
CA GLY P 28 -33.02 -42.51 7.59
C GLY P 28 -33.57 -43.24 6.38
N ASP P 29 -33.40 -42.62 5.22
CA ASP P 29 -33.76 -43.26 3.97
C ASP P 29 -32.48 -43.52 3.23
N GLU P 30 -32.41 -44.67 2.57
CA GLU P 30 -31.21 -45.05 1.84
C GLU P 30 -31.11 -44.28 0.53
N ILE P 31 -29.98 -43.58 0.32
CA ILE P 31 -29.65 -42.99 -0.99
C ILE P 31 -29.17 -44.09 -1.96
N PHE P 32 -28.13 -44.82 -1.55
CA PHE P 32 -27.58 -45.90 -2.35
C PHE P 32 -26.69 -46.76 -1.47
N HIS P 33 -26.37 -47.96 -1.96
CA HIS P 33 -25.31 -48.78 -1.38
C HIS P 33 -24.35 -49.17 -2.48
N VAL P 34 -23.22 -49.73 -2.07
CA VAL P 34 -22.26 -50.28 -3.00
C VAL P 34 -22.45 -51.78 -2.97
N ASP P 35 -22.70 -52.38 -4.13
CA ASP P 35 -22.85 -53.82 -4.22
C ASP P 35 -21.45 -54.38 -4.28
N MET P 36 -21.09 -55.24 -3.33
CA MET P 36 -19.75 -55.88 -3.32
C MET P 36 -19.57 -56.88 -4.46
N ALA P 37 -20.59 -57.67 -4.73
CA ALA P 37 -20.54 -58.63 -5.82
C ALA P 37 -20.11 -57.97 -7.13
N LYS P 38 -20.84 -56.93 -7.54
CA LYS P 38 -20.66 -56.31 -8.85
C LYS P 38 -19.83 -55.02 -8.77
N LYS P 39 -19.64 -54.51 -7.57
CA LYS P 39 -18.73 -53.38 -7.34
C LYS P 39 -19.25 -52.05 -7.91
N GLU P 40 -20.56 -51.87 -7.85
CA GLU P 40 -21.17 -50.68 -8.44
C GLU P 40 -22.25 -50.09 -7.58
N THR P 41 -22.42 -48.79 -7.75
CA THR P 41 -23.43 -48.01 -7.06
C THR P 41 -24.80 -48.57 -7.42
N VAL P 42 -25.59 -48.88 -6.41
CA VAL P 42 -27.00 -49.23 -6.56
C VAL P 42 -27.93 -48.15 -5.96
N TRP P 43 -28.37 -47.21 -6.78
CA TRP P 43 -29.26 -46.14 -6.30
C TRP P 43 -30.59 -46.70 -5.80
N ARG P 44 -31.11 -46.14 -4.70
CA ARG P 44 -32.39 -46.57 -4.14
C ARG P 44 -33.49 -46.29 -5.12
N LEU P 45 -33.48 -45.07 -5.65
CA LEU P 45 -34.42 -44.63 -6.65
C LEU P 45 -33.65 -44.26 -7.94
N GLU P 46 -34.14 -44.71 -9.09
CA GLU P 46 -33.49 -44.47 -10.40
C GLU P 46 -32.99 -43.05 -10.54
N GLU P 47 -33.79 -42.08 -10.07
CA GLU P 47 -33.53 -40.67 -10.31
C GLU P 47 -32.35 -40.06 -9.57
N PHE P 48 -31.97 -40.64 -8.44
CA PHE P 48 -30.75 -40.12 -7.81
C PHE P 48 -29.58 -40.30 -8.78
N GLY P 49 -29.53 -41.48 -9.39
CA GLY P 49 -28.48 -41.85 -10.34
C GLY P 49 -28.29 -40.91 -11.51
N ARG P 50 -29.38 -40.47 -12.11
CA ARG P 50 -29.26 -39.52 -13.21
C ARG P 50 -28.80 -38.15 -12.68
N PHE P 51 -29.12 -37.86 -11.42
CA PHE P 51 -28.73 -36.59 -10.82
C PHE P 51 -27.31 -36.59 -10.24
N ALA P 52 -27.02 -37.56 -9.38
CA ALA P 52 -25.70 -37.65 -8.74
C ALA P 52 -24.96 -38.91 -9.18
N SER P 53 -23.63 -38.86 -9.15
CA SER P 53 -22.84 -40.07 -9.35
C SER P 53 -21.85 -40.29 -8.22
N PHE P 54 -21.45 -41.56 -8.09
CA PHE P 54 -20.56 -41.98 -7.03
C PHE P 54 -19.57 -43.02 -7.56
N GLU P 55 -18.31 -42.61 -7.69
CA GLU P 55 -17.25 -43.50 -8.13
C GLU P 55 -16.86 -44.34 -6.89
N ALA P 56 -16.92 -45.66 -7.07
CA ALA P 56 -16.96 -46.64 -5.96
C ALA P 56 -15.62 -47.09 -5.38
N GLN P 57 -14.53 -46.75 -6.06
CA GLN P 57 -13.21 -47.22 -5.67
C GLN P 57 -12.92 -47.03 -4.20
N GLY P 58 -13.23 -45.83 -3.68
CA GLY P 58 -12.86 -45.51 -2.30
C GLY P 58 -13.63 -46.33 -1.27
N ALA P 59 -14.84 -46.73 -1.65
CA ALA P 59 -15.71 -47.53 -0.80
C ALA P 59 -15.25 -49.01 -0.82
N LEU P 60 -14.84 -49.48 -1.98
CA LEU P 60 -14.32 -50.82 -2.08
C LEU P 60 -13.11 -50.95 -1.16
N ALA P 61 -12.29 -49.90 -1.10
CA ALA P 61 -11.09 -49.91 -0.27
C ALA P 61 -11.39 -49.73 1.22
N ASN P 62 -12.52 -49.10 1.52
CA ASN P 62 -12.91 -48.91 2.93
C ASN P 62 -13.34 -50.22 3.62
N ILE P 63 -14.10 -51.03 2.88
CA ILE P 63 -14.61 -52.30 3.36
C ILE P 63 -13.42 -53.17 3.69
N ALA P 64 -12.43 -53.13 2.80
CA ALA P 64 -11.18 -53.84 3.03
C ALA P 64 -10.57 -53.41 4.38
N VAL P 65 -10.55 -52.11 4.66
CA VAL P 65 -9.90 -51.64 5.87
C VAL P 65 -10.70 -52.10 7.07
N ASP P 66 -12.03 -51.95 6.97
CA ASP P 66 -13.02 -52.47 7.92
C ASP P 66 -12.77 -53.91 8.36
N LYS P 67 -12.69 -54.84 7.41
CA LYS P 67 -12.40 -56.24 7.67
C LYS P 67 -11.17 -56.41 8.57
N ALA P 68 -10.08 -55.80 8.12
CA ALA P 68 -8.79 -55.76 8.80
C ALA P 68 -8.90 -55.14 10.20
N ASN P 69 -9.78 -54.14 10.33
CA ASN P 69 -9.99 -53.48 11.58
C ASN P 69 -10.73 -54.41 12.52
N LEU P 70 -11.51 -55.34 11.98
CA LEU P 70 -12.40 -56.15 12.82
C LEU P 70 -11.65 -57.30 13.42
N GLU P 71 -10.65 -57.76 12.65
CA GLU P 71 -9.85 -58.91 12.99
C GLU P 71 -8.88 -58.62 14.10
N ILE P 72 -8.37 -57.38 14.09
CA ILE P 72 -7.52 -56.89 15.14
C ILE P 72 -8.38 -56.71 16.39
N MET P 73 -9.54 -56.06 16.20
CA MET P 73 -10.45 -55.76 17.33
C MET P 73 -10.98 -57.01 17.98
N THR P 74 -11.37 -57.97 17.14
CA THR P 74 -11.76 -59.29 17.61
C THR P 74 -10.77 -59.95 18.60
N LYS P 75 -9.50 -60.01 18.18
CA LYS P 75 -8.41 -60.55 19.02
C LYS P 75 -8.28 -59.71 20.28
N ARG P 76 -8.32 -58.38 20.14
CA ARG P 76 -8.19 -57.48 21.31
C ARG P 76 -9.27 -57.76 22.35
N SER P 77 -10.53 -57.88 21.90
CA SER P 77 -11.66 -58.21 22.77
C SER P 77 -11.52 -59.59 23.41
N ASN P 78 -10.36 -60.22 23.23
CA ASN P 78 -10.10 -61.58 23.70
C ASN P 78 -11.12 -62.55 23.13
N TYR P 79 -11.48 -62.30 21.86
CA TYR P 79 -12.45 -63.12 21.12
C TYR P 79 -13.81 -63.18 21.82
N THR P 80 -14.37 -61.99 22.09
CA THR P 80 -15.71 -61.85 22.64
C THR P 80 -16.70 -61.78 21.49
N PRO P 81 -17.67 -62.70 21.47
CA PRO P 81 -18.69 -62.71 20.41
C PRO P 81 -19.76 -61.64 20.63
N ILE P 82 -20.53 -61.32 19.60
CA ILE P 82 -21.61 -60.33 19.74
C ILE P 82 -22.77 -60.94 20.47
N THR P 83 -23.46 -60.17 21.31
CA THR P 83 -24.68 -60.66 21.94
C THR P 83 -25.82 -60.48 20.95
N ASN P 84 -26.59 -61.56 20.78
CA ASN P 84 -27.70 -61.52 19.84
C ASN P 84 -28.80 -60.59 20.31
N VAL P 85 -29.41 -59.88 19.36
CA VAL P 85 -30.52 -58.99 19.67
C VAL P 85 -31.66 -59.23 18.67
N PRO P 86 -32.81 -59.79 19.14
CA PRO P 86 -33.90 -60.16 18.24
C PRO P 86 -34.58 -58.94 17.67
N PRO P 87 -35.18 -59.06 16.48
CA PRO P 87 -35.86 -57.94 15.87
C PRO P 87 -37.31 -57.79 16.30
N GLU P 88 -37.76 -56.53 16.37
CA GLU P 88 -39.17 -56.24 16.24
C GLU P 88 -39.55 -56.28 14.78
N VAL P 89 -40.70 -56.88 14.50
CA VAL P 89 -41.18 -57.04 13.14
C VAL P 89 -42.60 -56.54 13.06
N THR P 90 -42.82 -55.61 12.13
CA THR P 90 -44.14 -55.07 11.85
C THR P 90 -44.44 -55.23 10.37
N VAL P 91 -45.65 -55.69 10.07
CA VAL P 91 -46.15 -55.69 8.72
C VAL P 91 -47.19 -54.59 8.60
N LEU P 92 -47.17 -53.86 7.49
CA LEU P 92 -48.21 -52.88 7.15
C LEU P 92 -48.36 -52.75 5.63
N THR P 93 -49.32 -51.95 5.20
CA THR P 93 -49.53 -51.74 3.78
C THR P 93 -49.09 -50.33 3.36
N ASN P 94 -48.73 -50.19 2.09
CA ASN P 94 -48.40 -48.90 1.46
C ASN P 94 -49.45 -47.80 1.66
N SER P 95 -50.71 -48.16 1.46
CA SER P 95 -51.85 -47.24 1.57
C SER P 95 -53.06 -48.00 2.17
N PRO P 96 -54.16 -47.28 2.50
CA PRO P 96 -55.35 -47.96 3.05
C PRO P 96 -56.00 -48.97 2.07
N VAL P 97 -55.98 -50.23 2.49
CA VAL P 97 -56.34 -51.41 1.68
C VAL P 97 -57.67 -51.27 0.94
N GLU P 98 -57.61 -51.26 -0.39
CA GLU P 98 -58.80 -51.21 -1.24
C GLU P 98 -59.01 -52.57 -1.89
N LEU P 99 -60.17 -53.17 -1.64
CA LEU P 99 -60.55 -54.43 -2.27
C LEU P 99 -60.23 -54.42 -3.76
N ARG P 100 -59.38 -55.34 -4.20
CA ARG P 100 -59.23 -55.61 -5.64
C ARG P 100 -58.37 -54.56 -6.37
N GLU P 101 -57.77 -53.64 -5.63
CA GLU P 101 -56.88 -52.62 -6.21
C GLU P 101 -55.46 -52.74 -5.68
N PRO P 102 -54.47 -52.87 -6.58
CA PRO P 102 -53.06 -53.15 -6.27
C PRO P 102 -52.50 -52.36 -5.08
N ASN P 103 -51.84 -53.08 -4.18
CA ASN P 103 -51.20 -52.49 -3.01
C ASN P 103 -49.87 -53.19 -2.76
N VAL P 104 -49.15 -52.77 -1.73
CA VAL P 104 -47.89 -53.41 -1.34
C VAL P 104 -47.89 -53.69 0.16
N LEU P 105 -47.36 -54.85 0.53
CA LEU P 105 -47.12 -55.18 1.93
C LEU P 105 -45.69 -54.85 2.29
N ILE P 106 -45.50 -54.25 3.46
CA ILE P 106 -44.17 -53.89 3.95
C ILE P 106 -43.85 -54.66 5.21
N CYS P 107 -42.72 -55.34 5.21
CA CYS P 107 -42.24 -56.03 6.41
C CYS P 107 -41.08 -55.27 7.04
N PHE P 108 -41.41 -54.47 8.05
CA PHE P 108 -40.44 -53.64 8.78
C PHE P 108 -39.73 -54.48 9.84
N ILE P 109 -38.43 -54.72 9.61
CA ILE P 109 -37.59 -55.47 10.54
C ILE P 109 -36.66 -54.47 11.25
N ASP P 110 -36.67 -54.47 12.57
CA ASP P 110 -36.14 -53.33 13.35
C ASP P 110 -35.41 -53.73 14.63
N LYS P 111 -34.52 -52.87 15.08
CA LYS P 111 -33.86 -52.97 16.39
C LYS P 111 -33.17 -54.32 16.61
N PHE P 112 -32.30 -54.70 15.68
CA PHE P 112 -31.60 -55.97 15.81
C PHE P 112 -30.14 -55.88 15.45
N THR P 113 -29.35 -56.76 16.07
CA THR P 113 -27.95 -56.94 15.67
C THR P 113 -27.67 -58.43 15.44
N PRO P 114 -26.47 -58.80 14.98
CA PRO P 114 -26.00 -59.25 13.69
C PRO P 114 -26.93 -58.85 12.56
N PRO P 115 -26.41 -58.10 11.59
CA PRO P 115 -27.17 -57.80 10.39
C PRO P 115 -27.28 -59.02 9.46
N VAL P 116 -27.90 -60.07 9.97
CA VAL P 116 -28.22 -61.26 9.18
C VAL P 116 -29.65 -61.72 9.51
N VAL P 117 -30.51 -61.74 8.50
CA VAL P 117 -31.88 -62.23 8.67
C VAL P 117 -32.34 -63.06 7.50
N ASN P 118 -33.20 -64.04 7.78
CA ASN P 118 -33.85 -64.81 6.73
C ASN P 118 -35.32 -64.45 6.73
N VAL P 119 -35.80 -63.95 5.61
CA VAL P 119 -37.14 -63.40 5.54
C VAL P 119 -37.90 -63.96 4.36
N THR P 120 -39.05 -64.57 4.68
CA THR P 120 -39.87 -65.20 3.68
C THR P 120 -41.30 -64.71 3.81
N TRP P 121 -41.91 -64.41 2.66
CA TRP P 121 -43.32 -64.08 2.61
C TRP P 121 -44.11 -65.37 2.48
N LEU P 122 -45.20 -65.47 3.24
CA LEU P 122 -46.08 -66.62 3.18
C LEU P 122 -47.50 -66.18 2.87
N ARG P 123 -48.14 -66.94 1.99
CA ARG P 123 -49.48 -66.65 1.50
C ARG P 123 -50.31 -67.90 1.69
N ASN P 124 -51.21 -67.84 2.68
CA ASN P 124 -52.04 -68.98 3.10
C ASN P 124 -51.26 -70.16 3.66
N GLY P 125 -49.93 -70.07 3.64
CA GLY P 125 -49.07 -71.16 4.07
C GLY P 125 -47.83 -71.26 3.19
N LYS P 126 -48.05 -71.27 1.87
CA LYS P 126 -46.97 -71.37 0.88
C LYS P 126 -46.11 -70.11 0.77
N PRO P 127 -44.79 -70.29 0.56
CA PRO P 127 -43.84 -69.19 0.39
C PRO P 127 -43.71 -68.76 -1.06
N VAL P 128 -44.46 -67.74 -1.45
CA VAL P 128 -44.43 -67.25 -2.84
C VAL P 128 -43.74 -65.89 -2.93
N THR P 129 -42.71 -65.83 -3.78
CA THR P 129 -41.86 -64.65 -3.88
C THR P 129 -41.64 -64.18 -5.32
N THR P 130 -42.67 -63.57 -5.91
CA THR P 130 -42.51 -62.82 -7.15
C THR P 130 -42.81 -61.36 -6.87
N GLY P 131 -42.15 -60.47 -7.59
CA GLY P 131 -42.34 -59.05 -7.36
C GLY P 131 -41.73 -58.58 -6.05
N VAL P 132 -41.34 -59.54 -5.22
CA VAL P 132 -40.66 -59.26 -3.95
C VAL P 132 -39.47 -58.36 -4.16
N SER P 133 -39.19 -57.53 -3.16
CA SER P 133 -38.06 -56.63 -3.19
C SER P 133 -37.58 -56.35 -1.77
N GLU P 134 -36.33 -55.92 -1.64
CA GLU P 134 -35.79 -55.60 -0.32
C GLU P 134 -34.83 -54.40 -0.36
N THR P 135 -34.21 -54.15 0.78
CA THR P 135 -33.25 -53.07 0.95
C THR P 135 -32.07 -53.65 1.69
N VAL P 136 -30.95 -52.92 1.70
CA VAL P 136 -29.82 -53.34 2.52
C VAL P 136 -30.10 -53.07 4.00
N PHE P 137 -29.15 -53.42 4.86
CA PHE P 137 -29.33 -53.21 6.28
C PHE P 137 -29.04 -51.73 6.59
N LEU P 138 -30.02 -51.04 7.15
CA LEU P 138 -29.89 -49.60 7.44
C LEU P 138 -29.42 -49.32 8.90
N PRO P 139 -28.67 -48.23 9.15
CA PRO P 139 -28.17 -47.89 10.51
C PRO P 139 -29.20 -47.32 11.47
N ARG P 140 -28.88 -47.32 12.76
CA ARG P 140 -29.71 -46.65 13.78
C ARG P 140 -28.78 -46.00 14.83
N GLU P 141 -29.32 -45.08 15.63
CA GLU P 141 -28.56 -44.37 16.65
C GLU P 141 -28.00 -45.29 17.76
N ASP P 142 -28.69 -46.39 18.02
CA ASP P 142 -28.27 -47.34 19.07
C ASP P 142 -27.33 -48.41 18.50
N HIS P 143 -27.14 -48.35 17.18
CA HIS P 143 -26.21 -49.22 16.45
C HIS P 143 -26.76 -50.60 16.09
N LEU P 144 -28.04 -50.81 16.34
CA LEU P 144 -28.74 -51.98 15.80
C LEU P 144 -29.08 -51.67 14.34
N PHE P 145 -29.85 -52.51 13.66
CA PHE P 145 -30.15 -52.28 12.25
C PHE P 145 -31.64 -52.23 11.91
N ARG P 146 -31.96 -51.58 10.80
CA ARG P 146 -33.28 -51.63 10.17
C ARG P 146 -33.08 -52.28 8.82
N LYS P 147 -34.13 -52.96 8.36
CA LYS P 147 -34.22 -53.53 7.01
C LYS P 147 -35.69 -53.44 6.57
N PHE P 148 -35.95 -53.53 5.26
CA PHE P 148 -37.31 -53.43 4.72
C PHE P 148 -37.57 -54.54 3.71
N HIS P 149 -38.74 -55.16 3.83
CA HIS P 149 -39.13 -56.20 2.90
C HIS P 149 -40.51 -55.92 2.36
N TYR P 150 -40.65 -56.06 1.05
CA TYR P 150 -41.86 -55.66 0.33
C TYR P 150 -42.50 -56.85 -0.36
N LEU P 151 -43.82 -56.79 -0.52
CA LEU P 151 -44.52 -57.71 -1.41
C LEU P 151 -45.75 -57.04 -2.06
N PRO P 152 -45.71 -56.89 -3.40
CA PRO P 152 -46.89 -56.40 -4.12
C PRO P 152 -47.92 -57.51 -4.22
N PHE P 153 -49.19 -57.14 -4.16
CA PHE P 153 -50.27 -58.11 -4.20
C PHE P 153 -51.59 -57.50 -4.74
N LEU P 154 -52.46 -58.36 -5.26
CA LEU P 154 -53.85 -57.97 -5.46
C LEU P 154 -54.61 -58.30 -4.18
N PRO P 155 -55.22 -57.28 -3.55
CA PRO P 155 -55.96 -57.51 -2.31
C PRO P 155 -57.15 -58.43 -2.55
N SER P 156 -57.04 -59.67 -2.07
CA SER P 156 -58.13 -60.62 -2.18
C SER P 156 -58.75 -60.88 -0.81
N THR P 157 -60.07 -60.99 -0.81
CA THR P 157 -60.83 -61.11 0.42
C THR P 157 -60.43 -62.34 1.24
N GLU P 158 -60.32 -63.49 0.57
CA GLU P 158 -59.89 -64.74 1.21
C GLU P 158 -58.47 -64.75 1.79
N ASP P 159 -57.53 -64.10 1.10
CA ASP P 159 -56.09 -64.24 1.35
C ASP P 159 -55.59 -63.86 2.74
N VAL P 160 -54.66 -64.67 3.25
CA VAL P 160 -53.97 -64.36 4.51
C VAL P 160 -52.45 -64.34 4.24
N TYR P 161 -51.76 -63.34 4.79
CA TYR P 161 -50.33 -63.16 4.58
C TYR P 161 -49.51 -63.18 5.88
N ASP P 162 -48.33 -63.78 5.81
CA ASP P 162 -47.39 -63.86 6.93
C ASP P 162 -45.99 -63.35 6.52
N CYS P 163 -45.39 -62.50 7.36
CA CYS P 163 -43.95 -62.25 7.27
C CYS P 163 -43.29 -63.17 8.29
N ARG P 164 -42.40 -64.04 7.83
CA ARG P 164 -41.71 -64.94 8.71
C ARG P 164 -40.22 -64.58 8.73
N VAL P 165 -39.74 -64.15 9.89
CA VAL P 165 -38.37 -63.67 10.06
C VAL P 165 -37.52 -64.58 10.97
N GLU P 166 -36.35 -64.96 10.47
CA GLU P 166 -35.41 -65.74 11.26
C GLU P 166 -34.25 -64.88 11.71
N HIS P 167 -33.81 -65.13 12.94
CA HIS P 167 -32.72 -64.39 13.55
C HIS P 167 -32.20 -65.13 14.78
N TRP P 168 -30.89 -65.11 14.95
CA TRP P 168 -30.20 -65.89 15.98
C TRP P 168 -30.60 -65.54 17.43
N GLY P 169 -31.11 -64.33 17.63
CA GLY P 169 -31.58 -63.91 18.94
C GLY P 169 -32.97 -64.43 19.27
N LEU P 170 -33.69 -64.79 18.21
CA LEU P 170 -35.05 -65.34 18.30
C LEU P 170 -35.01 -66.80 18.73
N ASP P 171 -36.11 -67.25 19.34
CA ASP P 171 -36.18 -68.62 19.82
C ASP P 171 -36.57 -69.52 18.65
N GLU P 172 -37.85 -69.51 18.30
CA GLU P 172 -38.32 -70.04 17.02
C GLU P 172 -38.55 -68.83 16.11
N PRO P 173 -38.63 -69.05 14.78
CA PRO P 173 -38.92 -67.92 13.89
C PRO P 173 -40.19 -67.14 14.29
N LEU P 174 -40.06 -65.82 14.43
CA LEU P 174 -41.23 -64.95 14.64
C LEU P 174 -42.06 -64.83 13.36
N LEU P 175 -43.37 -65.03 13.50
CA LEU P 175 -44.30 -64.99 12.38
C LEU P 175 -45.32 -63.86 12.58
N LYS P 176 -45.27 -62.86 11.72
CA LYS P 176 -46.13 -61.69 11.88
C LYS P 176 -47.28 -61.67 10.88
N HIS P 177 -48.48 -61.54 11.45
CA HIS P 177 -49.77 -61.78 10.81
C HIS P 177 -50.31 -60.53 10.11
N TRP P 178 -50.86 -60.71 8.91
CA TRP P 178 -51.67 -59.66 8.26
C TRP P 178 -52.81 -60.26 7.44
N GLU P 179 -54.04 -59.79 7.69
CA GLU P 179 -55.22 -60.18 6.90
C GLU P 179 -56.10 -58.96 6.66
N PHE P 180 -56.95 -59.01 5.64
CA PHE P 180 -57.90 -57.93 5.40
C PHE P 180 -58.88 -57.83 6.59
N ASP P 181 -58.70 -56.80 7.40
CA ASP P 181 -59.43 -56.60 8.66
C ASP P 181 -60.95 -56.54 8.45
N THR Q 3 -25.90 -72.58 14.52
CA THR Q 3 -24.80 -71.82 13.83
C THR Q 3 -24.03 -70.89 14.81
N ARG Q 4 -22.87 -70.42 14.35
CA ARG Q 4 -21.72 -70.07 15.20
C ARG Q 4 -21.47 -68.57 15.43
N PRO Q 5 -20.89 -68.21 16.58
CA PRO Q 5 -20.84 -66.82 17.08
C PRO Q 5 -20.29 -65.78 16.09
N ARG Q 6 -20.77 -64.55 16.23
CA ARG Q 6 -20.45 -63.49 15.28
C ARG Q 6 -19.58 -62.38 15.87
N PHE Q 7 -18.85 -61.71 14.98
CA PHE Q 7 -17.98 -60.61 15.34
C PHE Q 7 -18.21 -59.44 14.40
N LEU Q 8 -18.78 -58.34 14.92
CA LEU Q 8 -19.26 -57.27 14.06
C LEU Q 8 -18.52 -55.95 14.24
N TRP Q 9 -18.19 -55.30 13.12
CA TRP Q 9 -17.53 -53.98 13.13
C TRP Q 9 -18.22 -52.92 12.26
N GLN Q 10 -18.52 -51.76 12.86
CA GLN Q 10 -19.15 -50.64 12.15
C GLN Q 10 -18.40 -49.32 12.23
N LEU Q 11 -18.37 -48.65 11.09
CA LEU Q 11 -17.83 -47.31 10.98
C LEU Q 11 -18.89 -46.46 10.29
N LYS Q 12 -19.41 -45.45 10.97
CA LYS Q 12 -20.37 -44.58 10.32
C LYS Q 12 -19.75 -43.21 10.26
N PHE Q 13 -19.98 -42.50 9.16
CA PHE Q 13 -19.64 -41.05 9.05
C PHE Q 13 -20.92 -40.25 9.04
N GLU Q 14 -21.22 -39.60 10.16
CA GLU Q 14 -22.47 -38.85 10.37
C GLU Q 14 -22.26 -37.33 10.16
N CYS Q 15 -22.77 -36.83 9.04
CA CYS Q 15 -22.83 -35.39 8.82
C CYS Q 15 -24.15 -34.83 9.31
N HIS Q 16 -24.05 -33.96 10.31
CA HIS Q 16 -25.20 -33.29 10.89
C HIS Q 16 -25.28 -31.82 10.41
N PHE Q 17 -26.50 -31.31 10.24
CA PHE Q 17 -26.73 -30.03 9.56
C PHE Q 17 -27.76 -29.19 10.27
N PHE Q 18 -27.37 -27.98 10.62
CA PHE Q 18 -28.19 -27.07 11.41
C PHE Q 18 -28.41 -25.79 10.61
N ASN Q 19 -29.67 -25.55 10.24
CA ASN Q 19 -30.05 -24.45 9.33
C ASN Q 19 -29.30 -24.40 7.99
N GLY Q 20 -29.82 -25.10 6.98
CA GLY Q 20 -29.06 -25.33 5.77
C GLY Q 20 -27.72 -26.00 6.05
N THR Q 21 -26.64 -25.37 5.59
CA THR Q 21 -25.27 -25.79 5.85
C THR Q 21 -24.57 -24.75 6.75
N GLU Q 22 -25.35 -24.03 7.56
CA GLU Q 22 -24.79 -22.94 8.37
C GLU Q 22 -23.99 -23.49 9.54
N ARG Q 23 -24.45 -24.58 10.13
CA ARG Q 23 -23.69 -25.25 11.16
C ARG Q 23 -23.63 -26.74 10.81
N VAL Q 24 -22.44 -27.30 10.77
CA VAL Q 24 -22.29 -28.66 10.30
C VAL Q 24 -21.42 -29.40 11.27
N ARG Q 25 -21.77 -30.65 11.54
CA ARG Q 25 -21.00 -31.42 12.51
C ARG Q 25 -20.66 -32.76 11.92
N LEU Q 26 -19.38 -33.11 11.95
CA LEU Q 26 -18.97 -34.45 11.62
C LEU Q 26 -18.89 -35.28 12.92
N LEU Q 27 -19.49 -36.48 12.88
CA LEU Q 27 -19.34 -37.46 13.95
C LEU Q 27 -18.97 -38.81 13.36
N GLU Q 28 -17.68 -39.16 13.49
CA GLU Q 28 -17.14 -40.44 13.02
C GLU Q 28 -17.24 -41.46 14.15
N ARG Q 29 -17.92 -42.57 13.94
CA ARG Q 29 -18.01 -43.59 14.99
C ARG Q 29 -17.53 -44.94 14.54
N CYS Q 30 -16.68 -45.56 15.36
CA CYS Q 30 -16.46 -47.01 15.31
C CYS Q 30 -17.25 -47.76 16.40
N ILE Q 31 -17.87 -48.88 16.02
CA ILE Q 31 -18.64 -49.74 16.95
C ILE Q 31 -18.21 -51.21 16.83
N TYR Q 32 -17.89 -51.82 17.96
CA TYR Q 32 -17.58 -53.24 17.99
C TYR Q 32 -18.65 -53.97 18.78
N ASN Q 33 -19.35 -54.87 18.11
CA ASN Q 33 -20.40 -55.64 18.77
C ASN Q 33 -21.40 -54.76 19.52
N GLN Q 34 -22.02 -53.86 18.75
CA GLN Q 34 -23.01 -52.91 19.29
C GLN Q 34 -22.47 -51.88 20.30
N GLU Q 35 -21.19 -51.96 20.64
CA GLU Q 35 -20.61 -51.01 21.57
C GLU Q 35 -19.71 -50.07 20.78
N GLU Q 36 -20.03 -48.78 20.82
CA GLU Q 36 -19.19 -47.71 20.28
C GLU Q 36 -17.91 -47.52 21.13
N SER Q 37 -16.74 -47.54 20.49
CA SER Q 37 -15.45 -47.58 21.20
C SER Q 37 -14.52 -46.33 21.07
N VAL Q 38 -14.35 -45.84 19.85
CA VAL Q 38 -13.64 -44.59 19.61
C VAL Q 38 -14.42 -43.73 18.64
N ARG Q 39 -14.26 -42.42 18.70
CA ARG Q 39 -15.00 -41.56 17.79
C ARG Q 39 -14.21 -40.34 17.43
N PHE Q 40 -14.63 -39.66 16.37
CA PHE Q 40 -14.16 -38.30 16.08
C PHE Q 40 -15.36 -37.39 15.90
N ASP Q 41 -15.41 -36.30 16.66
CA ASP Q 41 -16.47 -35.34 16.58
C ASP Q 41 -15.92 -33.98 16.16
N SER Q 42 -16.38 -33.46 15.03
CA SER Q 42 -15.83 -32.17 14.59
C SER Q 42 -15.88 -31.13 15.73
N ASP Q 43 -16.87 -31.29 16.63
CA ASP Q 43 -17.10 -30.32 17.68
C ASP Q 43 -16.09 -30.44 18.81
N VAL Q 44 -15.29 -31.50 18.73
CA VAL Q 44 -14.24 -31.79 19.70
C VAL Q 44 -12.89 -31.65 18.99
N GLY Q 45 -12.78 -32.17 17.78
CA GLY Q 45 -11.60 -31.94 16.93
C GLY Q 45 -10.49 -32.98 17.01
N GLU Q 46 -10.75 -34.06 17.72
CA GLU Q 46 -9.80 -35.11 17.87
C GLU Q 46 -10.53 -36.38 18.23
N TYR Q 47 -9.90 -37.52 18.02
CA TYR Q 47 -10.48 -38.77 18.49
C TYR Q 47 -10.50 -38.84 20.01
N ARG Q 48 -11.58 -39.39 20.54
CA ARG Q 48 -11.69 -39.62 21.97
C ARG Q 48 -12.18 -41.03 22.15
N ALA Q 49 -11.56 -41.72 23.10
CA ALA Q 49 -12.03 -43.03 23.51
C ALA Q 49 -13.45 -42.91 24.07
N VAL Q 50 -14.37 -43.72 23.53
CA VAL Q 50 -15.71 -43.93 24.16
C VAL Q 50 -15.65 -45.06 25.22
N THR Q 51 -14.98 -46.16 24.90
CA THR Q 51 -14.66 -47.16 25.92
C THR Q 51 -13.16 -47.48 25.93
N GLU Q 52 -12.67 -48.02 27.03
CA GLU Q 52 -11.23 -48.34 27.14
C GLU Q 52 -10.70 -49.25 26.01
N LEU Q 53 -11.61 -50.00 25.39
CA LEU Q 53 -11.28 -50.79 24.23
C LEU Q 53 -10.70 -49.86 23.17
N GLY Q 54 -11.37 -48.72 22.94
CA GLY Q 54 -11.03 -47.82 21.85
C GLY Q 54 -9.83 -46.95 22.10
N ARG Q 55 -9.39 -46.91 23.35
CA ARG Q 55 -8.31 -46.00 23.76
C ARG Q 55 -7.02 -46.14 22.92
N PRO Q 56 -6.56 -47.37 22.65
CA PRO Q 56 -5.38 -47.46 21.74
C PRO Q 56 -5.60 -46.75 20.41
N ASP Q 57 -6.84 -46.77 19.89
CA ASP Q 57 -7.17 -46.25 18.58
C ASP Q 57 -7.14 -44.73 18.60
N ALA Q 58 -7.85 -44.14 19.55
CA ALA Q 58 -7.73 -42.69 19.79
C ALA Q 58 -6.26 -42.24 19.82
N GLU Q 59 -5.46 -42.84 20.69
CA GLU Q 59 -4.08 -42.38 20.96
C GLU Q 59 -3.18 -42.39 19.71
N TYR Q 60 -3.28 -43.47 18.96
CA TYR Q 60 -2.60 -43.60 17.70
C TYR Q 60 -3.12 -42.60 16.69
N TRP Q 61 -4.42 -42.52 16.59
CA TRP Q 61 -5.05 -41.70 15.55
C TRP Q 61 -4.84 -40.22 15.75
N ASN Q 62 -4.77 -39.80 17.01
CA ASN Q 62 -4.52 -38.42 17.36
C ASN Q 62 -3.08 -38.00 17.14
N SER Q 63 -2.23 -38.93 16.73
CA SER Q 63 -0.81 -38.61 16.51
C SER Q 63 -0.53 -38.57 15.04
N GLN Q 64 -1.58 -38.67 14.25
CA GLN Q 64 -1.41 -38.70 12.82
C GLN Q 64 -1.88 -37.35 12.28
N LYS Q 65 -0.92 -36.43 12.08
CA LYS Q 65 -1.17 -35.12 11.49
C LYS Q 65 -2.22 -35.10 10.39
N ASP Q 66 -1.89 -35.70 9.25
CA ASP Q 66 -2.78 -35.73 8.07
C ASP Q 66 -4.18 -36.21 8.40
N LEU Q 67 -4.30 -37.16 9.31
CA LEU Q 67 -5.62 -37.71 9.65
C LEU Q 67 -6.53 -36.67 10.32
N LEU Q 68 -6.02 -36.04 11.37
CA LEU Q 68 -6.76 -35.04 12.11
C LEU Q 68 -7.19 -33.92 11.18
N GLU Q 69 -6.28 -33.54 10.31
CA GLU Q 69 -6.50 -32.42 9.43
C GLU Q 69 -7.54 -32.74 8.37
N GLN Q 70 -7.39 -33.89 7.73
CA GLN Q 70 -8.40 -34.39 6.79
C GLN Q 70 -9.77 -34.40 7.46
N ARG Q 71 -9.79 -34.96 8.67
CA ARG Q 71 -10.97 -35.00 9.50
C ARG Q 71 -11.46 -33.58 9.80
N ARG Q 72 -10.56 -32.70 10.26
CA ARG Q 72 -10.97 -31.32 10.66
C ARG Q 72 -11.61 -30.45 9.55
N ALA Q 73 -11.32 -30.79 8.30
CA ALA Q 73 -11.85 -30.06 7.15
C ALA Q 73 -12.99 -30.78 6.44
N ALA Q 74 -13.31 -31.99 6.91
CA ALA Q 74 -14.31 -32.82 6.29
C ALA Q 74 -15.70 -32.14 6.34
N VAL Q 75 -16.00 -31.56 7.48
CA VAL Q 75 -17.12 -30.69 7.64
C VAL Q 75 -17.41 -29.80 6.39
N ASP Q 76 -16.36 -29.34 5.70
CA ASP Q 76 -16.53 -28.71 4.37
C ASP Q 76 -16.33 -29.64 3.13
N THR Q 77 -15.19 -30.31 3.08
CA THR Q 77 -14.80 -31.10 1.90
C THR Q 77 -15.66 -32.34 1.72
N TYR Q 78 -16.39 -32.72 2.77
CA TYR Q 78 -17.18 -33.94 2.76
C TYR Q 78 -18.66 -33.64 2.99
N CYS Q 79 -18.98 -33.18 4.20
CA CYS Q 79 -20.37 -32.85 4.56
C CYS Q 79 -21.00 -31.79 3.65
N ARG Q 80 -20.44 -30.57 3.67
CA ARG Q 80 -21.02 -29.48 2.86
C ARG Q 80 -20.97 -29.81 1.37
N HIS Q 81 -19.91 -30.49 0.96
CA HIS Q 81 -19.79 -30.87 -0.42
C HIS Q 81 -20.93 -31.79 -0.84
N ASN Q 82 -21.17 -32.86 -0.05
CA ASN Q 82 -22.24 -33.81 -0.32
C ASN Q 82 -23.66 -33.26 -0.09
N TYR Q 83 -23.81 -32.25 0.76
CA TYR Q 83 -25.13 -31.65 0.94
C TYR Q 83 -25.50 -30.94 -0.36
N GLY Q 84 -24.55 -30.19 -0.93
CA GLY Q 84 -24.77 -29.46 -2.18
C GLY Q 84 -25.01 -30.34 -3.40
N VAL Q 85 -24.63 -31.60 -3.29
CA VAL Q 85 -24.79 -32.57 -4.36
C VAL Q 85 -26.17 -33.19 -4.24
N GLY Q 86 -26.45 -33.80 -3.09
CA GLY Q 86 -27.73 -34.44 -2.83
C GLY Q 86 -28.91 -33.49 -2.73
N GLU Q 87 -28.62 -32.22 -2.48
CA GLU Q 87 -29.64 -31.22 -2.13
C GLU Q 87 -30.96 -31.26 -2.94
N SER Q 88 -30.87 -31.26 -4.27
CA SER Q 88 -32.07 -31.10 -5.09
C SER Q 88 -33.06 -32.26 -4.99
N PHE Q 89 -32.60 -33.43 -4.59
CA PHE Q 89 -33.46 -34.61 -4.54
C PHE Q 89 -33.60 -35.20 -3.16
N THR Q 90 -33.04 -34.52 -2.16
CA THR Q 90 -33.18 -34.98 -0.78
C THR Q 90 -33.79 -33.87 0.06
N VAL Q 91 -33.04 -32.78 0.23
CA VAL Q 91 -33.48 -31.69 1.08
C VAL Q 91 -34.67 -31.03 0.45
N GLN Q 92 -34.68 -30.99 -0.87
CA GLN Q 92 -35.73 -30.29 -1.61
C GLN Q 92 -36.81 -31.25 -2.11
N ARG Q 93 -36.71 -32.50 -1.68
CA ARG Q 93 -37.62 -33.52 -2.17
C ARG Q 93 -39.02 -33.25 -1.62
N ARG Q 94 -39.98 -33.27 -2.55
CA ARG Q 94 -41.37 -32.98 -2.25
C ARG Q 94 -42.28 -34.03 -2.88
N VAL Q 95 -42.91 -34.87 -2.05
CA VAL Q 95 -44.01 -35.69 -2.56
C VAL Q 95 -45.31 -35.40 -1.80
N GLU Q 96 -46.30 -34.88 -2.53
CA GLU Q 96 -47.58 -34.49 -1.95
C GLU Q 96 -48.38 -35.69 -1.41
N PRO Q 97 -48.96 -35.56 -0.19
CA PRO Q 97 -49.65 -36.67 0.42
C PRO Q 97 -51.03 -36.90 -0.17
N LYS Q 98 -51.37 -38.18 -0.36
CA LYS Q 98 -52.74 -38.59 -0.65
C LYS Q 98 -53.55 -38.65 0.65
N VAL Q 99 -54.49 -37.72 0.81
CA VAL Q 99 -55.38 -37.65 1.99
C VAL Q 99 -56.79 -38.20 1.71
N THR Q 100 -57.15 -39.29 2.37
CA THR Q 100 -58.52 -39.80 2.34
C THR Q 100 -59.05 -39.91 3.77
N VAL Q 101 -60.38 -39.81 3.89
CA VAL Q 101 -61.08 -39.91 5.16
C VAL Q 101 -62.18 -40.97 5.09
N TYR Q 102 -62.22 -41.83 6.11
CA TYR Q 102 -63.25 -42.86 6.25
C TYR Q 102 -63.41 -43.21 7.73
N PRO Q 103 -64.61 -43.68 8.14
CA PRO Q 103 -64.75 -44.19 9.51
C PRO Q 103 -64.14 -45.57 9.63
N SER Q 104 -63.51 -45.84 10.78
CA SER Q 104 -62.90 -47.14 11.07
C SER Q 104 -63.85 -48.31 10.80
N LYS Q 105 -65.06 -48.21 11.33
CA LYS Q 105 -66.13 -49.20 11.13
C LYS Q 105 -67.51 -48.53 10.99
N THR Q 106 -68.41 -49.22 10.29
CA THR Q 106 -69.79 -48.79 10.16
C THR Q 106 -70.48 -48.90 11.54
N GLN Q 107 -70.49 -47.79 12.29
CA GLN Q 107 -71.20 -47.72 13.59
C GLN Q 107 -72.48 -46.90 13.44
N PRO Q 108 -73.53 -47.23 14.22
CA PRO Q 108 -74.82 -46.54 14.06
C PRO Q 108 -74.72 -45.06 13.63
N LEU Q 109 -74.90 -44.11 14.53
CA LEU Q 109 -74.81 -42.68 14.13
C LEU Q 109 -74.99 -41.65 15.25
N GLN Q 110 -75.56 -42.03 16.38
CA GLN Q 110 -75.44 -41.13 17.51
C GLN Q 110 -74.65 -41.92 18.51
N HIS Q 111 -73.55 -42.47 18.01
CA HIS Q 111 -72.76 -43.45 18.73
C HIS Q 111 -71.31 -43.26 18.37
N HIS Q 112 -70.44 -43.76 19.23
CA HIS Q 112 -69.00 -43.60 19.08
C HIS Q 112 -68.49 -44.01 17.73
N ASN Q 113 -68.12 -43.02 16.93
CA ASN Q 113 -67.48 -43.26 15.65
C ASN Q 113 -65.98 -42.98 15.77
N LEU Q 114 -65.19 -43.71 14.97
CA LEU Q 114 -63.76 -43.45 14.89
C LEU Q 114 -63.47 -42.99 13.47
N LEU Q 115 -63.15 -41.72 13.33
CA LEU Q 115 -62.78 -41.19 12.02
C LEU Q 115 -61.27 -41.24 11.75
N VAL Q 116 -60.93 -42.01 10.73
CA VAL Q 116 -59.57 -42.17 10.27
C VAL Q 116 -59.22 -41.11 9.22
N CYS Q 117 -58.20 -40.30 9.51
CA CYS Q 117 -57.56 -39.53 8.45
C CYS Q 117 -56.33 -40.25 7.93
N SER Q 118 -56.43 -40.80 6.72
CA SER Q 118 -55.30 -41.49 6.12
C SER Q 118 -54.51 -40.53 5.27
N VAL Q 119 -53.26 -40.32 5.66
CA VAL Q 119 -52.38 -39.42 4.92
C VAL Q 119 -51.23 -40.27 4.43
N SER Q 120 -51.15 -40.50 3.11
CA SER Q 120 -50.09 -41.39 2.60
C SER Q 120 -49.36 -40.95 1.34
N GLY Q 121 -48.12 -41.40 1.22
CA GLY Q 121 -47.29 -41.21 0.04
C GLY Q 121 -46.50 -39.92 0.01
N PHE Q 122 -46.30 -39.31 1.19
CA PHE Q 122 -45.63 -37.99 1.23
C PHE Q 122 -44.17 -38.05 1.62
N TYR Q 123 -43.38 -37.13 1.03
CA TYR Q 123 -42.03 -36.95 1.46
C TYR Q 123 -41.58 -35.54 1.55
N PRO Q 124 -41.51 -35.04 2.76
CA PRO Q 124 -40.58 -35.02 3.86
C PRO Q 124 -41.46 -35.46 5.06
N GLY Q 125 -40.88 -36.01 6.10
CA GLY Q 125 -41.64 -36.49 7.24
C GLY Q 125 -42.47 -35.44 7.97
N SER Q 126 -42.00 -34.20 7.97
CA SER Q 126 -42.64 -33.16 8.78
C SER Q 126 -44.03 -32.80 8.23
N ILE Q 127 -45.02 -32.89 9.10
CA ILE Q 127 -46.41 -32.74 8.70
C ILE Q 127 -47.21 -32.30 9.92
N GLU Q 128 -48.39 -31.73 9.66
CA GLU Q 128 -49.35 -31.42 10.71
C GLU Q 128 -50.76 -31.82 10.27
N VAL Q 129 -51.36 -32.74 11.01
CA VAL Q 129 -52.74 -33.13 10.74
C VAL Q 129 -53.63 -32.70 11.90
N ARG Q 130 -54.68 -31.95 11.58
CA ARG Q 130 -55.55 -31.37 12.59
C ARG Q 130 -56.98 -31.72 12.21
N TRP Q 131 -57.77 -32.14 13.20
CA TRP Q 131 -59.19 -32.45 12.98
C TRP Q 131 -60.11 -31.27 13.33
N PHE Q 132 -61.17 -31.10 12.54
CA PHE Q 132 -62.10 -30.02 12.77
C PHE Q 132 -63.53 -30.53 12.72
N ARG Q 133 -64.36 -30.06 13.65
CA ARG Q 133 -65.80 -30.37 13.68
C ARG Q 133 -66.52 -29.03 13.51
N ASN Q 134 -67.21 -28.88 12.38
CA ASN Q 134 -67.87 -27.63 12.00
C ASN Q 134 -66.93 -26.43 12.04
N GLY Q 135 -65.68 -26.65 11.62
CA GLY Q 135 -64.70 -25.58 11.51
C GLY Q 135 -63.93 -25.23 12.76
N GLN Q 136 -64.23 -25.92 13.86
CA GLN Q 136 -63.48 -25.68 15.10
C GLN Q 136 -62.56 -26.85 15.48
N GLU Q 137 -61.35 -26.53 15.92
CA GLU Q 137 -60.31 -27.52 16.27
C GLU Q 137 -60.72 -28.61 17.25
N GLU Q 138 -60.59 -29.86 16.83
CA GLU Q 138 -60.63 -31.01 17.75
C GLU Q 138 -59.25 -31.26 18.40
N LYS Q 139 -59.22 -31.22 19.73
CA LYS Q 139 -57.99 -31.41 20.52
C LYS Q 139 -58.09 -32.63 21.46
N ALA Q 140 -59.30 -33.00 21.80
CA ALA Q 140 -59.58 -34.25 22.52
C ALA Q 140 -59.82 -35.36 21.52
N GLY Q 141 -60.01 -36.59 22.01
CA GLY Q 141 -60.41 -37.72 21.17
C GLY Q 141 -59.56 -37.97 19.94
N VAL Q 142 -58.41 -37.29 19.88
CA VAL Q 142 -57.49 -37.35 18.74
C VAL Q 142 -56.26 -38.20 19.08
N VAL Q 143 -56.00 -39.20 18.23
CA VAL Q 143 -54.85 -40.12 18.40
C VAL Q 143 -54.23 -40.42 17.05
N SER Q 144 -52.91 -40.24 16.95
CA SER Q 144 -52.13 -40.61 15.75
C SER Q 144 -51.34 -41.91 15.94
N THR Q 145 -51.20 -42.66 14.85
CA THR Q 145 -50.42 -43.91 14.84
C THR Q 145 -48.93 -43.64 14.85
N GLY Q 146 -48.55 -42.37 14.77
CA GLY Q 146 -47.15 -41.97 14.64
C GLY Q 146 -46.69 -41.99 13.18
N LEU Q 147 -45.64 -41.21 12.89
CA LEU Q 147 -45.06 -41.11 11.55
C LEU Q 147 -44.39 -42.41 11.12
N ILE Q 148 -44.89 -43.00 10.03
CA ILE Q 148 -44.37 -44.28 9.56
C ILE Q 148 -43.54 -44.11 8.28
N GLN Q 149 -42.22 -44.33 8.43
CA GLN Q 149 -41.30 -44.30 7.32
C GLN Q 149 -41.34 -45.62 6.57
N ASN Q 150 -41.75 -45.56 5.31
CA ASN Q 150 -42.00 -46.75 4.52
C ASN Q 150 -40.74 -47.44 4.01
N GLY Q 151 -39.61 -46.72 4.06
CA GLY Q 151 -38.32 -47.23 3.61
C GLY Q 151 -38.00 -46.91 2.17
N ASP Q 152 -38.93 -46.23 1.50
CA ASP Q 152 -38.88 -46.07 0.05
C ASP Q 152 -38.93 -44.59 -0.32
N TRP Q 153 -38.47 -43.72 0.58
CA TRP Q 153 -38.58 -42.27 0.44
C TRP Q 153 -40.02 -41.76 0.44
N THR Q 154 -40.90 -42.45 1.16
CA THR Q 154 -42.24 -41.94 1.47
C THR Q 154 -42.59 -42.21 2.93
N PHE Q 155 -43.52 -41.43 3.45
CA PHE Q 155 -44.04 -41.61 4.80
C PHE Q 155 -45.55 -41.76 4.68
N GLN Q 156 -46.15 -42.39 5.67
CA GLN Q 156 -47.59 -42.50 5.76
C GLN Q 156 -47.93 -42.42 7.22
N THR Q 157 -49.14 -42.00 7.52
CA THR Q 157 -49.61 -41.82 8.89
C THR Q 157 -51.12 -41.76 8.89
N LEU Q 158 -51.71 -42.25 9.98
CA LEU Q 158 -53.14 -42.21 10.17
C LEU Q 158 -53.44 -41.45 11.48
N VAL Q 159 -54.36 -40.48 11.42
CA VAL Q 159 -54.77 -39.74 12.63
C VAL Q 159 -56.26 -39.98 12.91
N MET Q 160 -56.54 -40.69 14.01
CA MET Q 160 -57.91 -41.04 14.41
C MET Q 160 -58.54 -40.00 15.34
N LEU Q 161 -59.84 -39.82 15.18
CA LEU Q 161 -60.64 -38.97 16.04
C LEU Q 161 -61.89 -39.74 16.47
N GLU Q 162 -62.02 -40.01 17.77
CA GLU Q 162 -63.26 -40.59 18.29
C GLU Q 162 -64.26 -39.48 18.66
N THR Q 163 -65.44 -39.54 18.04
CA THR Q 163 -66.55 -38.63 18.33
C THR Q 163 -67.89 -39.36 18.36
N VAL Q 164 -68.90 -38.59 18.76
CA VAL Q 164 -70.29 -38.99 18.66
C VAL Q 164 -70.97 -38.06 17.64
N PRO Q 165 -70.95 -38.47 16.35
CA PRO Q 165 -71.45 -37.64 15.25
C PRO Q 165 -72.95 -37.43 15.30
N ARG Q 166 -73.41 -36.23 14.98
CA ARG Q 166 -74.84 -35.95 14.98
C ARG Q 166 -75.24 -35.69 13.54
N SER Q 167 -76.28 -36.27 12.97
CA SER Q 167 -76.62 -35.98 11.58
C SER Q 167 -76.31 -34.56 11.01
N GLY Q 168 -75.61 -34.50 9.87
CA GLY Q 168 -75.31 -33.25 9.16
C GLY Q 168 -73.97 -32.62 9.50
N GLU Q 169 -73.45 -32.99 10.66
CA GLU Q 169 -72.15 -32.53 11.13
C GLU Q 169 -71.03 -32.79 10.12
N VAL Q 170 -70.20 -31.78 9.88
CA VAL Q 170 -69.12 -31.86 8.89
C VAL Q 170 -67.80 -31.91 9.62
N TYR Q 171 -67.09 -33.01 9.46
CA TYR Q 171 -65.80 -33.21 10.10
C TYR Q 171 -64.70 -33.01 9.06
N THR Q 172 -63.61 -32.31 9.42
CA THR Q 172 -62.60 -31.90 8.42
C THR Q 172 -61.16 -32.30 8.75
N CYS Q 173 -60.54 -33.13 7.93
CA CYS Q 173 -59.13 -33.42 8.11
C CYS Q 173 -58.23 -32.43 7.35
N GLN Q 174 -57.50 -31.62 8.10
CA GLN Q 174 -56.67 -30.54 7.55
C GLN Q 174 -55.18 -30.86 7.63
N VAL Q 175 -54.52 -30.87 6.46
CA VAL Q 175 -53.10 -31.25 6.38
C VAL Q 175 -52.21 -30.14 5.81
N GLU Q 176 -51.23 -29.74 6.63
CA GLU Q 176 -50.20 -28.78 6.24
C GLU Q 176 -48.90 -29.53 6.09
N HIS Q 177 -48.18 -29.22 5.02
CA HIS Q 177 -47.02 -29.97 4.57
C HIS Q 177 -46.30 -29.18 3.47
N PRO Q 178 -44.96 -29.07 3.56
CA PRO Q 178 -44.24 -28.16 2.65
C PRO Q 178 -44.25 -28.50 1.14
N SER Q 179 -45.06 -29.46 0.71
CA SER Q 179 -45.20 -29.72 -0.73
C SER Q 179 -46.35 -28.90 -1.30
N VAL Q 180 -47.11 -28.27 -0.41
CA VAL Q 180 -48.24 -27.43 -0.81
C VAL Q 180 -48.28 -26.12 -0.04
N THR Q 181 -48.90 -25.11 -0.64
CA THR Q 181 -48.98 -23.78 -0.03
C THR Q 181 -50.36 -23.51 0.60
N SER Q 182 -51.40 -24.08 0.00
CA SER Q 182 -52.67 -24.21 0.70
C SER Q 182 -52.75 -25.58 1.38
N PRO Q 183 -53.13 -25.61 2.68
CA PRO Q 183 -53.51 -26.84 3.40
C PRO Q 183 -54.55 -27.67 2.64
N LEU Q 184 -54.30 -28.96 2.47
CA LEU Q 184 -55.21 -29.87 1.80
C LEU Q 184 -56.30 -30.27 2.78
N THR Q 185 -57.55 -30.30 2.31
CA THR Q 185 -58.68 -30.60 3.20
C THR Q 185 -59.59 -31.67 2.60
N VAL Q 186 -59.92 -32.66 3.41
CA VAL Q 186 -60.93 -33.66 3.06
C VAL Q 186 -61.96 -33.68 4.19
N GLU Q 187 -63.23 -33.53 3.82
CA GLU Q 187 -64.29 -33.49 4.83
C GLU Q 187 -65.22 -34.69 4.72
N TRP Q 188 -65.68 -35.18 5.88
CA TRP Q 188 -66.63 -36.28 5.95
C TRP Q 188 -67.86 -35.80 6.72
N ARG Q 189 -69.01 -35.97 6.10
CA ARG Q 189 -70.29 -35.44 6.59
C ARG Q 189 -71.07 -36.58 7.23
N ALA Q 190 -71.63 -36.33 8.41
CA ALA Q 190 -72.20 -37.39 9.24
C ALA Q 190 -73.62 -37.77 8.83
N GLY R 1 -24.26 -37.52 -12.51
CA GLY R 1 -23.98 -36.04 -12.43
C GLY R 1 -22.83 -35.81 -11.48
N GLU R 2 -22.86 -34.72 -10.71
CA GLU R 2 -21.77 -34.43 -9.82
C GLU R 2 -21.49 -35.56 -8.82
N LEU R 3 -20.22 -35.69 -8.45
CA LEU R 3 -19.69 -36.80 -7.70
C LEU R 3 -20.01 -36.69 -6.22
N ILE R 4 -20.31 -37.82 -5.59
CA ILE R 4 -20.49 -37.90 -4.14
C ILE R 4 -19.23 -38.41 -3.48
N GLY R 5 -18.90 -37.78 -2.35
CA GLY R 5 -17.65 -38.02 -1.65
C GLY R 5 -17.66 -39.13 -0.59
N THR R 6 -16.49 -39.69 -0.38
CA THR R 6 -16.24 -40.67 0.65
C THR R 6 -15.25 -40.08 1.66
N LEU R 7 -15.43 -40.41 2.93
CA LEU R 7 -14.38 -40.19 3.91
C LEU R 7 -13.79 -41.57 4.17
N ASN R 8 -12.47 -41.68 4.11
CA ASN R 8 -11.84 -42.99 4.14
C ASN R 8 -11.50 -43.53 5.53
N ALA R 9 -11.48 -44.86 5.61
CA ALA R 9 -11.45 -45.58 6.87
C ALA R 9 -10.07 -45.60 7.52
N ALA R 10 -9.99 -45.11 8.74
CA ALA R 10 -8.74 -45.07 9.47
C ALA R 10 -8.34 -46.48 9.90
N LYS R 11 -7.09 -46.83 9.66
CA LYS R 11 -6.60 -48.14 10.06
C LYS R 11 -6.31 -48.14 11.55
N VAL R 12 -6.74 -49.19 12.23
CA VAL R 12 -6.35 -49.34 13.62
C VAL R 12 -4.87 -49.76 13.57
N PRO R 13 -4.10 -49.48 14.64
CA PRO R 13 -2.70 -49.91 14.71
C PRO R 13 -2.57 -51.45 14.79
N ALA R 14 -1.50 -52.01 14.23
CA ALA R 14 -1.30 -53.46 14.25
C ALA R 14 -0.95 -53.98 15.65
N ASP R 15 -1.23 -55.27 15.85
CA ASP R 15 -0.63 -56.04 16.94
C ASP R 15 0.90 -56.06 16.67
N ILE S 1 -12.80 -34.02 -12.67
CA ILE S 1 -12.31 -33.06 -13.71
C ILE S 1 -11.25 -32.05 -13.18
N GLN S 2 -11.31 -30.81 -13.66
CA GLN S 2 -10.14 -29.93 -13.78
C GLN S 2 -9.57 -29.26 -12.50
N VAL S 3 -8.30 -28.90 -12.62
CA VAL S 3 -7.62 -28.01 -11.71
C VAL S 3 -7.02 -26.85 -12.52
N GLU S 4 -7.64 -25.67 -12.45
CA GLU S 4 -7.16 -24.48 -13.17
C GLU S 4 -6.09 -23.71 -12.37
N GLN S 5 -4.97 -23.40 -13.02
CA GLN S 5 -3.89 -22.70 -12.34
C GLN S 5 -3.57 -21.34 -12.90
N SER S 6 -3.45 -20.38 -11.99
CA SER S 6 -3.24 -18.99 -12.34
C SER S 6 -1.74 -18.73 -12.16
N PRO S 7 -1.24 -17.53 -12.51
CA PRO S 7 -0.11 -17.34 -13.39
C PRO S 7 0.45 -18.60 -14.07
N PRO S 8 0.01 -18.92 -15.29
CA PRO S 8 0.74 -20.00 -15.99
C PRO S 8 2.27 -19.84 -15.91
N ASP S 9 2.75 -18.60 -15.99
CA ASP S 9 4.19 -18.30 -15.92
C ASP S 9 4.36 -17.10 -15.03
N LEU S 10 5.50 -16.98 -14.37
CA LEU S 10 5.67 -15.91 -13.38
C LEU S 10 7.12 -15.60 -13.03
N ILE S 11 7.59 -14.45 -13.49
CA ILE S 11 9.00 -14.05 -13.47
C ILE S 11 9.15 -12.85 -12.53
N LEU S 12 9.92 -13.03 -11.46
CA LEU S 12 10.04 -11.99 -10.45
C LEU S 12 11.47 -11.93 -9.97
N GLN S 13 11.92 -10.73 -9.62
CA GLN S 13 13.22 -10.52 -8.99
C GLN S 13 13.15 -10.95 -7.52
N GLU S 14 14.30 -11.34 -6.94
CA GLU S 14 14.34 -11.78 -5.53
C GLU S 14 13.76 -10.74 -4.56
N GLY S 15 13.26 -11.21 -3.41
CA GLY S 15 12.66 -10.34 -2.40
C GLY S 15 11.18 -10.12 -2.64
N ALA S 16 10.76 -10.28 -3.90
CA ALA S 16 9.38 -10.01 -4.29
C ALA S 16 8.50 -11.07 -3.66
N ASN S 17 7.19 -10.81 -3.62
CA ASN S 17 6.20 -11.76 -3.07
C ASN S 17 5.42 -12.45 -4.19
N SER S 18 5.27 -13.76 -4.09
CA SER S 18 4.59 -14.51 -5.15
C SER S 18 3.15 -14.84 -4.75
N THR S 19 2.24 -14.79 -5.71
CA THR S 19 0.92 -15.39 -5.47
C THR S 19 0.47 -16.29 -6.59
N LEU S 20 0.26 -17.56 -6.23
CA LEU S 20 -0.11 -18.59 -7.18
C LEU S 20 -1.51 -19.12 -6.84
N ARG S 21 -2.42 -19.05 -7.82
CA ARG S 21 -3.82 -19.40 -7.61
C ARG S 21 -4.17 -20.80 -8.21
N CYS S 22 -5.08 -21.51 -7.54
CA CYS S 22 -5.54 -22.80 -8.00
C CYS S 22 -7.05 -22.84 -7.81
N ASN S 23 -7.78 -22.81 -8.92
CA ASN S 23 -9.23 -23.01 -8.92
C ASN S 23 -9.53 -24.47 -9.28
N PHE S 24 -10.38 -25.14 -8.50
CA PHE S 24 -10.68 -26.57 -8.74
C PHE S 24 -12.16 -26.84 -8.87
N SER S 25 -12.50 -27.86 -9.66
CA SER S 25 -13.91 -28.17 -9.94
C SER S 25 -14.52 -28.83 -8.73
N ASP S 26 -15.84 -28.84 -8.73
CA ASP S 26 -16.60 -29.47 -7.67
C ASP S 26 -16.32 -30.98 -7.55
N SER S 27 -15.77 -31.57 -8.60
CA SER S 27 -15.42 -33.00 -8.66
C SER S 27 -14.28 -33.41 -7.74
N VAL S 28 -13.46 -32.43 -7.33
CA VAL S 28 -12.26 -32.74 -6.57
C VAL S 28 -12.13 -31.92 -5.29
N ASN S 29 -11.23 -32.34 -4.41
CA ASN S 29 -10.98 -31.64 -3.16
C ASN S 29 -9.70 -32.06 -2.45
N ASN S 30 -9.48 -31.56 -1.24
CA ASN S 30 -8.28 -31.88 -0.46
C ASN S 30 -6.99 -31.45 -1.12
N LEU S 31 -7.01 -30.19 -1.56
CA LEU S 31 -5.91 -29.54 -2.21
C LEU S 31 -4.52 -29.74 -1.59
N GLN S 32 -3.52 -29.90 -2.46
CA GLN S 32 -2.13 -29.90 -2.02
C GLN S 32 -1.33 -29.04 -2.97
N TRP S 33 -0.20 -28.51 -2.49
CA TRP S 33 0.77 -27.77 -3.31
C TRP S 33 2.10 -28.50 -3.36
N PHE S 34 2.53 -28.80 -4.59
CA PHE S 34 3.86 -29.34 -4.86
C PHE S 34 4.78 -28.36 -5.62
N HIS S 35 6.07 -28.45 -5.30
CA HIS S 35 7.13 -27.74 -6.03
C HIS S 35 7.90 -28.77 -6.84
N GLN S 36 8.01 -28.57 -8.17
CA GLN S 36 8.89 -29.44 -8.93
C GLN S 36 10.17 -28.70 -9.21
N ASN S 37 11.25 -29.05 -8.52
CA ASN S 37 12.52 -28.33 -8.74
C ASN S 37 13.03 -28.41 -10.19
N PRO S 38 13.99 -27.53 -10.58
CA PRO S 38 14.39 -27.53 -11.98
C PRO S 38 14.92 -28.89 -12.46
N TRP S 39 15.24 -29.79 -11.53
CA TRP S 39 15.78 -31.11 -11.86
C TRP S 39 14.77 -32.28 -11.85
N GLY S 40 13.48 -31.94 -11.71
CA GLY S 40 12.38 -32.91 -11.81
C GLY S 40 11.90 -33.42 -10.46
N GLN S 41 12.66 -33.14 -9.41
CA GLN S 41 12.36 -33.66 -8.09
C GLN S 41 11.10 -33.03 -7.49
N LEU S 42 10.24 -33.86 -6.92
CA LEU S 42 8.92 -33.42 -6.41
C LEU S 42 8.78 -33.39 -4.87
N ILE S 43 8.57 -32.20 -4.33
CA ILE S 43 8.53 -32.01 -2.89
C ILE S 43 7.15 -31.51 -2.51
N ASN S 44 6.63 -31.97 -1.37
CA ASN S 44 5.37 -31.45 -0.88
C ASN S 44 5.54 -30.18 -0.08
N LEU S 45 4.68 -29.21 -0.37
CA LEU S 45 4.64 -27.94 0.34
C LEU S 45 3.56 -27.97 1.39
N PHE S 46 2.31 -28.15 0.95
CA PHE S 46 1.16 -28.25 1.84
C PHE S 46 0.13 -29.29 1.42
N TYR S 47 -0.41 -29.97 2.44
CA TYR S 47 -1.74 -30.56 2.38
C TYR S 47 -2.60 -29.55 3.09
N ILE S 48 -3.48 -28.89 2.34
CA ILE S 48 -4.31 -27.80 2.89
C ILE S 48 -5.77 -27.97 2.50
N PRO S 49 -6.51 -28.78 3.27
CA PRO S 49 -7.89 -29.06 2.90
C PRO S 49 -8.76 -27.79 2.97
N SER S 50 -8.69 -27.08 4.09
CA SER S 50 -9.35 -25.81 4.24
C SER S 50 -8.51 -24.90 5.13
N GLY S 51 -8.82 -23.61 5.12
CA GLY S 51 -8.10 -22.65 5.95
C GLY S 51 -6.71 -22.30 5.46
N THR S 52 -5.83 -22.07 6.42
CA THR S 52 -4.55 -21.40 6.23
C THR S 52 -3.48 -22.24 6.90
N LYS S 53 -2.23 -21.98 6.56
CA LYS S 53 -1.07 -22.73 7.06
C LYS S 53 0.19 -22.03 6.58
N GLN S 54 1.25 -22.13 7.36
CA GLN S 54 2.47 -21.43 7.06
C GLN S 54 3.68 -22.28 7.35
N ASN S 55 4.69 -22.14 6.50
CA ASN S 55 5.98 -22.79 6.70
C ASN S 55 7.10 -21.83 6.27
N GLY S 56 7.49 -20.98 7.23
CA GLY S 56 8.42 -19.91 6.95
C GLY S 56 7.89 -19.02 5.82
N ARG S 57 8.71 -18.87 4.78
CA ARG S 57 8.43 -17.95 3.67
C ARG S 57 7.21 -18.33 2.86
N LEU S 58 6.71 -19.54 3.09
CA LEU S 58 5.60 -20.10 2.33
C LEU S 58 4.38 -20.22 3.21
N SER S 59 3.23 -19.96 2.63
CA SER S 59 1.96 -20.24 3.30
C SER S 59 0.89 -20.63 2.25
N ALA S 60 -0.29 -21.00 2.71
CA ALA S 60 -1.37 -21.34 1.81
C ALA S 60 -2.71 -21.16 2.49
N THR S 61 -3.71 -20.79 1.70
CA THR S 61 -5.08 -20.57 2.19
C THR S 61 -6.08 -21.24 1.25
N THR S 62 -6.88 -22.16 1.76
CA THR S 62 -8.00 -22.69 0.97
C THR S 62 -9.37 -22.34 1.57
N VAL S 63 -10.17 -21.70 0.74
CA VAL S 63 -11.58 -21.57 1.00
C VAL S 63 -12.27 -22.70 0.20
N ALA S 64 -12.45 -23.84 0.86
CA ALA S 64 -13.05 -24.99 0.21
C ALA S 64 -14.49 -24.74 -0.26
N THR S 65 -15.22 -23.91 0.48
CA THR S 65 -16.57 -23.43 0.08
C THR S 65 -16.48 -22.77 -1.30
N GLU S 66 -15.48 -21.91 -1.49
CA GLU S 66 -15.37 -21.08 -2.68
C GLU S 66 -14.33 -21.67 -3.65
N ARG S 67 -14.22 -22.99 -3.61
CA ARG S 67 -13.31 -23.80 -4.44
C ARG S 67 -12.12 -23.11 -5.14
N TYR S 68 -11.24 -22.53 -4.33
CA TYR S 68 -9.93 -22.07 -4.80
C TYR S 68 -8.94 -22.16 -3.65
N SER S 69 -7.67 -22.25 -3.99
CA SER S 69 -6.59 -22.18 -3.02
C SER S 69 -5.50 -21.22 -3.49
N LEU S 70 -4.86 -20.56 -2.54
CA LEU S 70 -3.81 -19.61 -2.86
C LEU S 70 -2.51 -20.05 -2.22
N LEU S 71 -1.39 -19.86 -2.91
CA LEU S 71 -0.08 -20.07 -2.28
C LEU S 71 0.70 -18.75 -2.24
N TYR S 72 1.26 -18.42 -1.08
CA TYR S 72 2.08 -17.22 -0.96
C TYR S 72 3.54 -17.58 -0.68
N ILE S 73 4.43 -16.99 -1.45
CA ILE S 73 5.84 -17.05 -1.13
C ILE S 73 6.28 -15.62 -0.87
N SER S 74 6.77 -15.39 0.34
CA SER S 74 7.43 -14.13 0.67
C SER S 74 8.88 -14.24 0.25
N SER S 75 9.50 -13.08 0.09
CA SER S 75 10.95 -13.00 0.07
C SER S 75 11.50 -14.07 -0.89
N SER S 76 10.84 -14.24 -2.02
CA SER S 76 11.29 -15.15 -3.06
C SER S 76 12.81 -15.28 -3.20
N GLN S 77 13.27 -16.51 -3.24
CA GLN S 77 14.67 -16.80 -3.44
C GLN S 77 14.81 -17.48 -4.79
N THR S 78 15.91 -17.22 -5.48
CA THR S 78 16.25 -17.86 -6.77
C THR S 78 16.00 -19.36 -6.68
N THR S 79 16.35 -19.94 -5.53
CA THR S 79 16.20 -21.36 -5.31
C THR S 79 14.72 -21.78 -5.30
N ASP S 80 13.79 -20.83 -5.13
CA ASP S 80 12.33 -21.12 -5.22
C ASP S 80 11.89 -21.38 -6.66
N SER S 81 12.79 -21.25 -7.62
CA SER S 81 12.41 -21.46 -9.04
C SER S 81 12.06 -22.91 -9.38
N GLY S 82 11.06 -23.11 -10.20
CA GLY S 82 10.72 -24.45 -10.66
C GLY S 82 9.29 -24.48 -11.14
N VAL S 83 8.59 -25.58 -10.93
CA VAL S 83 7.19 -25.62 -11.27
C VAL S 83 6.39 -25.97 -10.04
N TYR S 84 5.33 -25.20 -9.79
CA TYR S 84 4.42 -25.44 -8.67
C TYR S 84 3.14 -26.02 -9.20
N PHE S 85 2.78 -27.19 -8.71
CA PHE S 85 1.52 -27.82 -9.10
C PHE S 85 0.65 -27.87 -7.88
N CYS S 86 -0.66 -27.61 -8.00
CA CYS S 86 -1.60 -28.13 -7.00
C CYS S 86 -2.13 -29.45 -7.47
N ALA S 87 -2.24 -30.37 -6.52
CA ALA S 87 -2.92 -31.60 -6.81
C ALA S 87 -4.20 -31.59 -6.02
N ALA S 88 -5.15 -32.43 -6.43
CA ALA S 88 -6.32 -32.70 -5.60
C ALA S 88 -6.80 -34.11 -5.83
N LEU S 89 -7.72 -34.56 -4.97
CA LEU S 89 -8.35 -35.88 -5.05
C LEU S 89 -9.75 -35.80 -5.66
N ILE S 90 -10.00 -36.52 -6.75
CA ILE S 90 -11.36 -36.68 -7.29
C ILE S 90 -12.23 -37.32 -6.21
N GLN S 91 -13.36 -36.70 -5.86
CA GLN S 91 -14.24 -37.20 -4.80
C GLN S 91 -14.72 -38.57 -5.19
N GLY S 92 -14.73 -39.50 -4.23
CA GLY S 92 -15.30 -40.82 -4.46
C GLY S 92 -14.26 -41.79 -4.95
N ALA S 93 -13.84 -41.63 -6.21
CA ALA S 93 -12.61 -42.27 -6.72
C ALA S 93 -11.52 -41.63 -5.90
N GLN S 94 -10.31 -42.16 -5.92
CA GLN S 94 -9.30 -41.40 -5.18
C GLN S 94 -8.14 -41.05 -6.06
N LYS S 95 -8.45 -40.61 -7.29
CA LYS S 95 -7.44 -40.26 -8.25
C LYS S 95 -6.78 -38.97 -7.79
N LEU S 96 -5.47 -39.04 -7.52
CA LEU S 96 -4.66 -37.86 -7.26
C LEU S 96 -4.25 -37.12 -8.58
N VAL S 97 -5.00 -36.05 -8.84
CA VAL S 97 -4.99 -35.28 -10.06
C VAL S 97 -4.24 -33.95 -9.86
N PHE S 98 -3.49 -33.58 -10.91
CA PHE S 98 -2.63 -32.40 -10.97
C PHE S 98 -3.12 -31.36 -11.94
N GLY S 99 -2.92 -30.10 -11.54
CA GLY S 99 -3.17 -28.96 -12.39
C GLY S 99 -1.98 -28.73 -13.29
N GLN S 100 -2.00 -27.64 -14.05
CA GLN S 100 -0.99 -27.47 -15.10
C GLN S 100 0.34 -26.89 -14.63
N GLY S 101 0.35 -26.35 -13.43
CA GLY S 101 1.58 -25.90 -12.80
C GLY S 101 1.83 -24.44 -13.13
N THR S 102 2.66 -23.81 -12.31
CA THR S 102 3.12 -22.46 -12.58
C THR S 102 4.63 -22.48 -12.62
N ARG S 103 5.17 -22.13 -13.78
CA ARG S 103 6.62 -21.98 -13.90
C ARG S 103 6.95 -20.63 -13.29
N LEU S 104 7.58 -20.67 -12.11
CA LEU S 104 8.06 -19.48 -11.46
C LEU S 104 9.54 -19.32 -11.75
N THR S 105 10.00 -18.08 -11.89
CA THR S 105 11.42 -17.79 -12.13
C THR S 105 11.82 -16.55 -11.33
N ILE S 106 12.78 -16.75 -10.42
CA ILE S 106 13.19 -15.69 -9.51
C ILE S 106 14.61 -15.28 -9.79
N ASN S 107 14.74 -14.34 -10.72
CA ASN S 107 16.02 -13.76 -11.12
C ASN S 107 16.64 -12.97 -9.97
N PRO S 108 17.99 -12.91 -9.92
CA PRO S 108 18.62 -12.11 -8.87
C PRO S 108 18.69 -10.60 -9.17
N ASN S 109 18.96 -9.87 -8.10
CA ASN S 109 19.11 -8.45 -8.11
C ASN S 109 20.60 -8.14 -8.15
N ILE S 110 21.08 -7.95 -9.36
CA ILE S 110 22.47 -7.65 -9.61
C ILE S 110 22.65 -6.16 -9.35
N GLN S 111 23.17 -5.88 -8.14
CA GLN S 111 23.44 -4.52 -7.67
C GLN S 111 24.36 -3.78 -8.64
N ASN S 112 25.42 -4.45 -9.09
CA ASN S 112 26.45 -3.78 -9.86
C ASN S 112 26.79 -4.54 -11.12
N PRO S 113 25.92 -4.46 -12.14
CA PRO S 113 26.15 -5.29 -13.32
C PRO S 113 27.47 -4.93 -13.99
N ASP S 114 28.22 -5.95 -14.38
CA ASP S 114 29.41 -5.72 -15.18
C ASP S 114 29.44 -6.62 -16.43
N PRO S 115 28.42 -6.50 -17.30
CA PRO S 115 28.36 -7.49 -18.35
C PRO S 115 29.64 -7.46 -19.14
N ALA S 116 30.21 -8.64 -19.37
CA ALA S 116 31.37 -8.78 -20.21
C ALA S 116 31.31 -10.16 -20.82
N VAL S 117 31.98 -10.35 -21.94
CA VAL S 117 32.06 -11.68 -22.53
C VAL S 117 33.50 -12.09 -22.54
N TYR S 118 33.80 -13.21 -21.89
CA TYR S 118 35.16 -13.68 -21.78
C TYR S 118 35.37 -14.94 -22.57
N GLN S 119 36.48 -14.98 -23.33
CA GLN S 119 36.95 -16.24 -23.92
C GLN S 119 37.76 -17.05 -22.89
N LEU S 120 37.41 -18.32 -22.75
CA LEU S 120 38.14 -19.27 -21.90
C LEU S 120 38.78 -20.36 -22.77
N ARG S 121 39.96 -20.83 -22.40
CA ARG S 121 40.56 -21.93 -23.16
C ARG S 121 40.55 -23.25 -22.40
N ASP S 122 40.69 -24.34 -23.16
CA ASP S 122 40.74 -25.66 -22.58
C ASP S 122 42.03 -25.80 -21.76
N SER S 123 41.90 -26.34 -20.55
CA SER S 123 43.09 -26.74 -19.79
C SER S 123 43.85 -27.89 -20.48
N LYS S 124 43.29 -28.39 -21.59
CA LYS S 124 43.91 -29.43 -22.44
C LYS S 124 44.03 -28.97 -23.90
N SER S 125 45.27 -28.94 -24.40
CA SER S 125 45.56 -28.67 -25.83
C SER S 125 44.97 -27.34 -26.36
N SER S 126 45.84 -26.35 -26.54
CA SER S 126 45.51 -24.91 -26.70
C SER S 126 44.10 -24.48 -27.17
N ASP S 127 43.77 -24.82 -28.42
CA ASP S 127 42.63 -24.23 -29.18
C ASP S 127 41.22 -24.21 -28.54
N LYS S 128 40.64 -25.38 -28.25
CA LYS S 128 39.22 -25.53 -27.82
C LYS S 128 38.55 -24.25 -27.30
N SER S 129 37.50 -23.81 -28.02
CA SER S 129 36.95 -22.45 -27.85
C SER S 129 35.57 -22.33 -27.20
N VAL S 130 35.58 -21.90 -25.94
CA VAL S 130 34.39 -21.57 -25.17
C VAL S 130 34.37 -20.08 -24.90
N CYS S 131 33.19 -19.47 -24.99
CA CYS S 131 33.02 -18.09 -24.52
C CYS S 131 32.07 -18.04 -23.33
N LEU S 132 32.25 -17.06 -22.46
CA LEU S 132 31.40 -16.93 -21.26
C LEU S 132 30.86 -15.51 -21.01
N PHE S 133 29.55 -15.37 -21.17
CA PHE S 133 28.86 -14.14 -20.87
C PHE S 133 28.41 -14.15 -19.41
N THR S 134 28.68 -13.06 -18.69
CA THR S 134 28.55 -13.04 -17.23
C THR S 134 28.27 -11.63 -16.67
N ASP S 135 27.90 -11.58 -15.40
CA ASP S 135 27.68 -10.32 -14.63
C ASP S 135 26.71 -9.30 -15.24
N PHE S 136 25.81 -9.78 -16.10
CA PHE S 136 24.69 -8.98 -16.59
C PHE S 136 23.45 -8.94 -15.69
N ASP S 137 22.74 -7.81 -15.74
CA ASP S 137 21.42 -7.63 -15.11
C ASP S 137 20.44 -8.71 -15.55
N SER S 138 19.46 -9.01 -14.70
CA SER S 138 18.49 -10.04 -15.02
C SER S 138 17.51 -9.67 -16.12
N GLN S 139 17.46 -8.39 -16.53
CA GLN S 139 16.55 -7.93 -17.59
C GLN S 139 17.09 -8.27 -18.98
N THR S 140 18.20 -9.01 -18.99
CA THR S 140 18.86 -9.48 -20.18
C THR S 140 18.50 -10.92 -20.44
N ASN S 141 18.13 -11.20 -21.67
CA ASN S 141 17.83 -12.55 -22.09
C ASN S 141 18.77 -13.05 -23.19
N VAL S 142 19.38 -14.21 -22.94
CA VAL S 142 20.17 -14.92 -23.93
C VAL S 142 19.21 -15.58 -24.93
N SER S 143 19.69 -15.91 -26.13
CA SER S 143 18.84 -16.43 -27.19
C SER S 143 19.51 -17.58 -27.94
N GLN S 144 18.72 -18.58 -28.33
CA GLN S 144 19.23 -19.74 -29.08
C GLN S 144 19.78 -19.34 -30.44
N SER S 145 20.80 -20.03 -30.93
CA SER S 145 21.49 -19.59 -32.15
C SER S 145 20.81 -20.05 -33.43
N LYS S 146 20.72 -19.15 -34.40
CA LYS S 146 20.37 -19.53 -35.77
C LYS S 146 21.26 -20.69 -36.16
N ASP S 147 22.57 -20.45 -36.12
CA ASP S 147 23.58 -21.40 -36.54
C ASP S 147 23.47 -22.69 -35.71
N SER S 148 23.42 -23.81 -36.42
CA SER S 148 23.29 -25.12 -35.78
C SER S 148 24.59 -25.60 -35.12
N ASP S 149 25.73 -25.21 -35.69
CA ASP S 149 27.06 -25.48 -35.12
C ASP S 149 27.31 -24.79 -33.78
N VAL S 150 26.75 -23.59 -33.60
CA VAL S 150 26.89 -22.84 -32.35
C VAL S 150 25.94 -23.42 -31.30
N TYR S 151 26.36 -23.34 -30.05
CA TYR S 151 25.61 -23.85 -28.91
C TYR S 151 25.54 -22.78 -27.84
N ILE S 152 24.34 -22.45 -27.41
CA ILE S 152 24.16 -21.38 -26.42
C ILE S 152 23.24 -21.77 -25.26
N THR S 153 23.87 -22.32 -24.22
CA THR S 153 23.20 -22.67 -22.99
C THR S 153 22.57 -21.44 -22.37
N ASP S 154 21.37 -21.61 -21.79
CA ASP S 154 20.58 -20.50 -21.24
C ASP S 154 21.02 -20.14 -19.84
N LYS S 155 20.88 -18.86 -19.51
CA LYS S 155 21.45 -18.33 -18.28
C LYS S 155 21.14 -19.13 -17.03
N CYS S 156 22.18 -19.30 -16.22
CA CYS S 156 21.97 -19.77 -14.88
C CYS S 156 22.73 -18.94 -13.85
N VAL S 157 22.26 -19.02 -12.60
CA VAL S 157 22.60 -18.10 -11.51
C VAL S 157 23.48 -18.85 -10.50
N LEU S 158 24.64 -18.28 -10.15
CA LEU S 158 25.45 -18.87 -9.09
C LEU S 158 25.61 -18.00 -7.86
N ASP S 159 25.45 -18.60 -6.70
CA ASP S 159 25.58 -17.87 -5.45
C ASP S 159 26.97 -18.08 -4.84
N MET S 160 27.81 -17.04 -4.87
CA MET S 160 29.06 -17.04 -4.13
C MET S 160 28.71 -16.73 -2.65
N ARG S 161 28.40 -17.78 -1.89
CA ARG S 161 27.77 -17.67 -0.56
C ARG S 161 28.50 -16.87 0.54
N SER S 162 29.83 -16.94 0.60
CA SER S 162 30.62 -16.27 1.64
C SER S 162 30.88 -14.79 1.37
N MET S 163 30.54 -14.32 0.17
CA MET S 163 30.75 -12.94 -0.20
C MET S 163 29.40 -12.33 -0.48
N ASP S 164 28.37 -13.17 -0.28
CA ASP S 164 26.98 -12.79 -0.52
C ASP S 164 26.93 -12.18 -1.91
N PHE S 165 27.33 -12.97 -2.90
CA PHE S 165 27.43 -12.47 -4.25
C PHE S 165 26.76 -13.42 -5.24
N LYS S 166 25.79 -12.89 -5.99
CA LYS S 166 25.04 -13.69 -6.97
C LYS S 166 25.35 -13.18 -8.35
N SER S 167 25.40 -14.07 -9.34
CA SER S 167 25.62 -13.60 -10.72
C SER S 167 25.20 -14.58 -11.80
N ASN S 168 24.64 -14.01 -12.87
CA ASN S 168 24.17 -14.71 -14.07
C ASN S 168 25.33 -14.94 -15.04
N SER S 169 25.25 -16.04 -15.79
CA SER S 169 26.18 -16.32 -16.88
C SER S 169 25.51 -17.17 -17.97
N ALA S 170 26.17 -17.24 -19.13
CA ALA S 170 25.77 -18.14 -20.21
C ALA S 170 26.99 -18.70 -20.93
N VAL S 171 26.78 -19.81 -21.62
CA VAL S 171 27.85 -20.45 -22.34
C VAL S 171 27.51 -20.66 -23.82
N ALA S 172 28.37 -20.14 -24.69
CA ALA S 172 28.32 -20.41 -26.11
C ALA S 172 29.66 -21.02 -26.57
N TRP S 173 29.57 -22.11 -27.30
CA TRP S 173 30.76 -22.72 -27.86
C TRP S 173 30.49 -23.28 -29.25
N SER S 174 31.57 -23.49 -30.00
CA SER S 174 31.50 -24.12 -31.32
C SER S 174 32.88 -24.63 -31.67
N ASN S 175 32.95 -25.52 -32.66
CA ASN S 175 34.24 -26.02 -33.18
C ASN S 175 34.59 -25.43 -34.54
N LYS S 176 33.84 -24.42 -34.96
CA LYS S 176 34.25 -23.64 -36.12
C LYS S 176 35.54 -22.90 -35.76
N SER S 177 36.32 -22.56 -36.77
CA SER S 177 37.48 -21.71 -36.58
C SER S 177 37.21 -20.26 -37.05
N ASP S 178 35.99 -20.01 -37.55
CA ASP S 178 35.52 -18.64 -37.81
C ASP S 178 34.37 -18.21 -36.88
N PHE S 179 34.48 -18.64 -35.63
CA PHE S 179 33.52 -18.28 -34.59
C PHE S 179 34.25 -17.56 -33.44
N ALA S 180 33.83 -16.33 -33.16
CA ALA S 180 34.46 -15.52 -32.10
C ALA S 180 33.45 -15.21 -31.00
N CYS S 181 33.86 -14.43 -30.01
CA CYS S 181 32.95 -14.04 -28.93
C CYS S 181 32.18 -12.71 -29.15
N ALA S 182 32.72 -11.80 -29.97
CA ALA S 182 32.02 -10.55 -30.32
C ALA S 182 30.68 -10.85 -30.97
N ASN S 183 30.72 -11.83 -31.88
CA ASN S 183 29.54 -12.38 -32.53
C ASN S 183 29.23 -13.80 -31.99
N ALA S 184 29.18 -13.91 -30.66
CA ALA S 184 28.77 -15.16 -30.01
C ALA S 184 27.36 -14.98 -29.45
N PHE S 185 27.10 -13.78 -28.92
CA PHE S 185 25.81 -13.45 -28.34
C PHE S 185 25.18 -12.27 -29.06
N ASN S 186 25.53 -12.07 -30.33
CA ASN S 186 24.98 -10.95 -31.10
C ASN S 186 23.46 -11.08 -31.39
N ASN S 187 22.99 -12.31 -31.58
CA ASN S 187 21.54 -12.60 -31.72
C ASN S 187 20.70 -12.40 -30.43
N SER S 188 21.38 -12.17 -29.30
CA SER S 188 20.75 -11.78 -28.03
C SER S 188 20.87 -10.28 -27.87
N ILE S 189 19.88 -9.68 -27.22
CA ILE S 189 19.98 -8.27 -26.85
C ILE S 189 20.91 -8.17 -25.63
N ILE S 190 22.19 -7.91 -25.92
CA ILE S 190 23.22 -7.68 -24.90
C ILE S 190 23.33 -6.19 -24.60
N PRO S 191 23.56 -5.81 -23.32
CA PRO S 191 23.63 -4.37 -23.01
C PRO S 191 24.90 -3.71 -23.57
N GLU S 192 24.70 -2.71 -24.42
CA GLU S 192 25.75 -1.99 -25.19
C GLU S 192 27.11 -1.83 -24.49
N ASP S 193 27.07 -1.53 -23.20
CA ASP S 193 28.25 -1.32 -22.34
C ASP S 193 29.11 -2.59 -22.09
N THR S 194 28.75 -3.70 -22.74
CA THR S 194 29.45 -4.97 -22.55
C THR S 194 30.93 -4.92 -22.97
N PHE S 195 31.79 -5.34 -22.05
CA PHE S 195 33.25 -5.34 -22.21
C PHE S 195 33.73 -6.56 -23.00
N PHE S 196 34.67 -6.33 -23.93
CA PHE S 196 35.28 -7.41 -24.73
C PHE S 196 36.82 -7.40 -24.61
N PRO S 197 37.43 -8.60 -24.39
CA PRO S 197 38.86 -8.72 -24.10
C PRO S 197 39.77 -8.44 -25.31
N SER S 198 40.92 -9.13 -25.38
CA SER S 198 41.94 -8.95 -26.45
C SER S 198 41.49 -8.10 -27.62
N GLY T 3 8.99 -41.92 3.47
CA GLY T 3 9.36 -41.85 2.02
C GLY T 3 8.81 -42.94 1.10
N VAL T 4 8.69 -42.60 -0.18
CA VAL T 4 8.42 -43.57 -1.23
C VAL T 4 9.71 -43.69 -2.00
N THR T 5 10.16 -44.89 -2.30
CA THR T 5 11.39 -45.02 -3.07
C THR T 5 11.15 -45.91 -4.27
N GLN T 6 11.58 -45.43 -5.44
CA GLN T 6 11.34 -46.15 -6.70
C GLN T 6 12.61 -46.47 -7.50
N THR T 7 12.65 -47.67 -8.05
CA THR T 7 13.85 -48.21 -8.66
C THR T 7 13.75 -48.12 -10.18
N PRO T 8 14.82 -48.47 -10.90
CA PRO T 8 15.69 -47.65 -11.72
C PRO T 8 15.42 -46.15 -11.67
N LYS T 9 16.39 -45.40 -11.18
CA LYS T 9 16.34 -43.97 -11.33
C LYS T 9 16.70 -43.64 -12.78
N PHE T 10 17.59 -44.43 -13.35
CA PHE T 10 17.94 -44.28 -14.74
C PHE T 10 17.87 -45.62 -15.42
N ARG T 11 17.40 -45.64 -16.66
CA ARG T 11 17.28 -46.87 -17.43
C ARG T 11 17.22 -46.62 -18.93
N ILE T 12 17.85 -47.53 -19.69
CA ILE T 12 17.81 -47.56 -21.14
C ILE T 12 17.09 -48.84 -21.58
N LEU T 13 16.30 -48.74 -22.64
CA LEU T 13 15.53 -49.89 -23.11
C LEU T 13 15.54 -50.03 -24.62
N LYS T 14 15.92 -51.22 -25.08
CA LYS T 14 15.86 -51.56 -26.50
C LYS T 14 14.41 -51.90 -26.85
N ILE T 15 13.93 -51.38 -27.97
CA ILE T 15 12.56 -51.62 -28.44
C ILE T 15 12.13 -53.09 -28.29
N GLY T 16 10.92 -53.29 -27.78
CA GLY T 16 10.35 -54.64 -27.67
C GLY T 16 10.75 -55.41 -26.43
N GLN T 17 11.65 -54.84 -25.65
CA GLN T 17 12.11 -55.40 -24.40
C GLN T 17 11.03 -55.22 -23.33
N SER T 18 11.02 -56.10 -22.32
CA SER T 18 10.10 -55.93 -21.18
C SER T 18 10.80 -55.29 -19.98
N MET T 19 10.03 -54.60 -19.14
CA MET T 19 10.60 -53.94 -17.98
C MET T 19 9.66 -53.80 -16.79
N THR T 20 10.23 -53.83 -15.60
CA THR T 20 9.49 -53.51 -14.40
C THR T 20 10.14 -52.36 -13.65
N LEU T 21 9.32 -51.43 -13.20
CA LEU T 21 9.74 -50.39 -12.28
C LEU T 21 9.18 -50.72 -10.91
N GLN T 22 10.00 -50.57 -9.87
CA GLN T 22 9.58 -50.86 -8.51
C GLN T 22 9.35 -49.59 -7.79
N CYS T 23 8.41 -49.64 -6.86
CA CYS T 23 7.99 -48.48 -6.11
C CYS T 23 7.41 -49.03 -4.83
N THR T 24 8.10 -48.76 -3.73
CA THR T 24 7.79 -49.35 -2.43
C THR T 24 7.55 -48.20 -1.52
N GLN T 25 6.65 -48.41 -0.57
CA GLN T 25 6.31 -47.41 0.43
C GLN T 25 6.13 -48.12 1.77
N ASP T 26 6.54 -47.44 2.83
CA ASP T 26 6.60 -47.99 4.19
C ASP T 26 5.68 -47.22 5.19
N MET T 27 4.85 -46.31 4.68
CA MET T 27 4.03 -45.43 5.50
C MET T 27 2.64 -46.01 5.74
N ASN T 28 2.43 -47.24 5.28
CA ASN T 28 1.11 -47.87 5.27
C ASN T 28 0.00 -47.15 4.50
N HIS T 29 0.35 -46.44 3.43
CA HIS T 29 -0.64 -45.73 2.64
C HIS T 29 -1.34 -46.73 1.78
N ASN T 30 -2.67 -46.62 1.72
CA ASN T 30 -3.45 -47.55 0.92
C ASN T 30 -3.51 -47.19 -0.56
N TYR T 31 -3.47 -45.87 -0.84
CA TYR T 31 -3.56 -45.35 -2.21
C TYR T 31 -2.18 -45.10 -2.83
N MET T 32 -1.94 -45.71 -4.01
CA MET T 32 -0.71 -45.54 -4.76
C MET T 32 -0.92 -45.19 -6.23
N TYR T 33 0.05 -44.50 -6.83
CA TYR T 33 -0.14 -43.87 -8.13
C TYR T 33 1.13 -43.92 -8.96
N TRP T 34 0.98 -44.06 -10.27
CA TRP T 34 2.07 -43.98 -11.24
C TRP T 34 1.76 -42.89 -12.24
N TYR T 35 2.75 -42.06 -12.57
CA TYR T 35 2.57 -41.03 -13.61
C TYR T 35 3.79 -41.03 -14.46
N ARG T 36 3.66 -40.37 -15.61
CA ARG T 36 4.78 -40.08 -16.49
C ARG T 36 4.70 -38.62 -16.89
N GLN T 37 5.83 -38.04 -17.29
CA GLN T 37 5.88 -36.61 -17.61
C GLN T 37 6.95 -36.33 -18.67
N ASP T 38 6.49 -35.92 -19.86
CA ASP T 38 7.37 -35.39 -20.91
C ASP T 38 7.98 -34.05 -20.48
N PRO T 39 9.11 -33.67 -21.10
CA PRO T 39 9.67 -32.32 -20.96
C PRO T 39 8.57 -31.22 -20.93
N GLY T 40 8.54 -30.42 -19.86
CA GLY T 40 7.72 -29.19 -19.84
C GLY T 40 6.20 -29.33 -19.92
N MET T 41 5.70 -30.53 -19.62
CA MET T 41 4.26 -30.79 -19.54
C MET T 41 3.95 -31.21 -18.11
N GLY T 42 2.65 -31.48 -17.85
CA GLY T 42 2.17 -31.81 -16.49
C GLY T 42 2.32 -33.28 -16.14
N LEU T 43 1.65 -33.70 -15.07
CA LEU T 43 1.73 -35.09 -14.65
C LEU T 43 0.48 -35.83 -15.06
N LYS T 44 0.60 -36.68 -16.07
CA LYS T 44 -0.56 -37.44 -16.53
C LYS T 44 -0.50 -38.77 -15.79
N LEU T 45 -1.67 -39.31 -15.43
CA LEU T 45 -1.79 -40.54 -14.61
C LEU T 45 -1.90 -41.80 -15.47
N ILE T 46 -1.10 -42.82 -15.14
CA ILE T 46 -0.95 -44.04 -15.95
C ILE T 46 -1.85 -45.16 -15.44
N TYR T 47 -1.78 -45.41 -14.13
CA TYR T 47 -2.46 -46.49 -13.46
C TYR T 47 -2.32 -46.11 -11.99
N TYR T 48 -3.27 -46.56 -11.18
CA TYR T 48 -3.29 -46.22 -9.75
C TYR T 48 -4.01 -47.33 -8.96
N SER T 49 -3.97 -47.25 -7.62
CA SER T 49 -4.45 -48.33 -6.79
C SER T 49 -4.92 -47.85 -5.43
N VAL T 50 -6.16 -48.15 -5.11
CA VAL T 50 -6.70 -47.73 -3.81
C VAL T 50 -6.56 -48.78 -2.68
N GLY T 51 -5.94 -49.92 -2.96
CA GLY T 51 -5.59 -50.91 -1.93
C GLY T 51 -5.10 -52.19 -2.58
N ALA T 52 -4.81 -53.20 -1.76
CA ALA T 52 -4.49 -54.55 -2.26
C ALA T 52 -5.62 -55.13 -3.13
N GLY T 53 -5.26 -55.85 -4.20
CA GLY T 53 -6.22 -56.45 -5.12
C GLY T 53 -7.07 -55.49 -5.93
N ILE T 54 -6.92 -54.18 -5.71
CA ILE T 54 -7.70 -53.16 -6.43
C ILE T 54 -6.82 -52.25 -7.29
N THR T 55 -7.06 -52.25 -8.60
CA THR T 55 -6.32 -51.40 -9.51
C THR T 55 -7.27 -50.86 -10.57
N ASP T 56 -6.91 -49.69 -11.11
CA ASP T 56 -7.79 -48.98 -12.05
C ASP T 56 -7.01 -48.17 -13.06
N LYS T 57 -7.50 -48.22 -14.30
CA LYS T 57 -6.88 -47.57 -15.46
C LYS T 57 -6.78 -46.08 -15.19
N GLY T 58 -5.72 -45.44 -15.69
CA GLY T 58 -5.57 -43.99 -15.55
C GLY T 58 -6.10 -43.28 -16.79
N GLU T 59 -5.50 -42.15 -17.13
CA GLU T 59 -5.78 -41.48 -18.40
C GLU T 59 -4.94 -42.08 -19.53
N VAL T 60 -3.89 -42.83 -19.20
CA VAL T 60 -3.07 -43.48 -20.26
C VAL T 60 -2.55 -44.90 -19.98
N PRO T 61 -3.44 -45.89 -19.77
CA PRO T 61 -2.91 -47.22 -19.42
C PRO T 61 -2.13 -47.95 -20.54
N ASN T 62 -2.46 -47.69 -21.81
CA ASN T 62 -1.89 -48.43 -22.96
C ASN T 62 -0.38 -48.78 -22.89
N GLY T 63 -0.08 -50.08 -23.05
CA GLY T 63 1.29 -50.61 -22.93
C GLY T 63 1.77 -50.80 -21.50
N TYR T 64 0.94 -50.42 -20.54
CA TYR T 64 1.33 -50.54 -19.15
C TYR T 64 0.50 -51.57 -18.41
N ASN T 65 1.14 -52.26 -17.49
CA ASN T 65 0.48 -53.18 -16.60
C ASN T 65 0.80 -52.81 -15.17
N VAL T 66 -0.04 -53.27 -14.25
CA VAL T 66 0.20 -52.97 -12.86
C VAL T 66 -0.36 -54.07 -11.96
N SER T 67 0.23 -54.22 -10.78
CA SER T 67 -0.32 -55.09 -9.75
C SER T 67 -0.12 -54.48 -8.36
N ARG T 68 -1.02 -54.80 -7.47
CA ARG T 68 -0.87 -54.37 -6.11
C ARG T 68 -1.34 -55.51 -5.23
N SER T 69 -0.48 -56.52 -5.04
CA SER T 69 -0.81 -57.63 -4.14
C SER T 69 -0.50 -57.37 -2.64
N THR T 70 0.05 -56.19 -2.34
CA THR T 70 0.41 -55.82 -0.96
C THR T 70 0.14 -54.33 -0.75
N THR T 71 0.20 -53.85 0.49
CA THR T 71 0.06 -52.40 0.72
C THR T 71 1.36 -51.66 0.39
N GLU T 72 2.49 -52.35 0.45
CA GLU T 72 3.81 -51.74 0.27
C GLU T 72 4.16 -51.41 -1.17
N ASP T 73 3.80 -52.30 -2.09
CA ASP T 73 4.39 -52.34 -3.42
C ASP T 73 3.42 -52.27 -4.56
N PHE T 74 3.77 -51.44 -5.54
CA PHE T 74 2.97 -51.16 -6.74
C PHE T 74 3.91 -51.09 -7.92
N PRO T 75 4.31 -52.26 -8.46
CA PRO T 75 5.22 -52.32 -9.58
C PRO T 75 4.56 -51.91 -10.87
N LEU T 76 5.20 -51.02 -11.63
CA LEU T 76 4.79 -50.75 -12.99
C LEU T 76 5.60 -51.62 -13.93
N ARG T 77 4.90 -52.30 -14.84
CA ARG T 77 5.56 -53.17 -15.78
C ARG T 77 5.30 -52.70 -17.21
N LEU T 78 6.37 -52.48 -17.96
CA LEU T 78 6.29 -52.15 -19.38
C LEU T 78 6.66 -53.40 -20.16
N GLU T 79 5.69 -53.97 -20.88
CA GLU T 79 5.86 -55.29 -21.51
C GLU T 79 6.52 -55.23 -22.88
N LEU T 80 6.15 -54.23 -23.68
CA LEU T 80 6.67 -54.08 -25.03
C LEU T 80 7.15 -52.66 -25.26
N ALA T 81 8.41 -52.41 -24.91
CA ALA T 81 9.03 -51.09 -25.06
C ALA T 81 8.87 -50.51 -26.47
N ALA T 82 8.18 -49.38 -26.55
CA ALA T 82 8.05 -48.59 -27.77
C ALA T 82 8.47 -47.14 -27.48
N PRO T 83 9.04 -46.44 -28.49
CA PRO T 83 9.68 -45.13 -28.37
C PRO T 83 8.81 -44.06 -27.74
N SER T 84 7.49 -44.24 -27.83
CA SER T 84 6.53 -43.29 -27.28
C SER T 84 6.55 -43.21 -25.75
N GLN T 85 7.37 -44.07 -25.13
CA GLN T 85 7.43 -44.20 -23.67
C GLN T 85 8.58 -43.42 -23.03
N THR T 86 9.36 -42.71 -23.85
CA THR T 86 10.55 -42.00 -23.36
C THR T 86 10.16 -40.85 -22.41
N SER T 87 9.93 -41.21 -21.16
CA SER T 87 9.51 -40.21 -20.21
C SER T 87 10.13 -40.41 -18.82
N VAL T 88 9.97 -39.39 -17.99
CA VAL T 88 10.28 -39.50 -16.59
C VAL T 88 8.99 -39.99 -15.92
N TYR T 89 9.11 -41.08 -15.16
CA TYR T 89 7.96 -41.71 -14.46
C TYR T 89 8.03 -41.50 -12.96
N PHE T 90 6.89 -41.11 -12.39
CA PHE T 90 6.81 -40.87 -10.98
C PHE T 90 5.81 -41.75 -10.25
N CYS T 91 6.25 -42.23 -9.09
CA CYS T 91 5.38 -43.00 -8.22
C CYS T 91 5.05 -42.24 -6.96
N ALA T 92 3.77 -42.15 -6.63
CA ALA T 92 3.30 -41.44 -5.45
C ALA T 92 2.38 -42.32 -4.58
N SER T 93 2.29 -41.97 -3.30
CA SER T 93 1.37 -42.60 -2.41
C SER T 93 0.83 -41.57 -1.42
N THR T 94 -0.39 -41.80 -0.94
CA THR T 94 -1.02 -41.01 0.10
C THR T 94 -2.19 -41.82 0.62
N TYR T 95 -2.78 -41.31 1.68
CA TYR T 95 -4.02 -41.88 2.18
C TYR T 95 -4.99 -40.77 2.69
N HIS T 96 -4.58 -40.12 3.76
CA HIS T 96 -5.45 -39.27 4.50
C HIS T 96 -5.25 -37.83 4.11
N GLY T 97 -4.01 -37.48 3.77
CA GLY T 97 -3.64 -36.10 3.46
C GLY T 97 -2.50 -36.04 2.48
N THR T 98 -1.28 -35.89 2.99
CA THR T 98 -0.09 -35.60 2.19
C THR T 98 0.29 -36.59 1.06
N GLY T 99 0.73 -36.00 -0.05
CA GLY T 99 1.22 -36.71 -1.20
C GLY T 99 2.72 -36.89 -1.13
N TYR T 100 3.18 -38.11 -1.36
CA TYR T 100 4.59 -38.40 -1.44
C TYR T 100 5.00 -38.90 -2.83
N PHE T 101 6.13 -38.42 -3.31
CA PHE T 101 6.64 -38.84 -4.61
C PHE T 101 7.99 -39.52 -4.41
N GLY T 102 8.19 -40.63 -5.11
CA GLY T 102 9.52 -41.23 -5.25
C GLY T 102 10.39 -40.29 -6.08
N GLU T 103 11.65 -40.66 -6.26
CA GLU T 103 12.60 -39.78 -6.92
C GLU T 103 12.48 -39.81 -8.45
N GLY T 104 11.57 -40.62 -8.98
CA GLY T 104 11.40 -40.70 -10.41
C GLY T 104 12.31 -41.68 -11.11
N SER T 105 12.01 -41.97 -12.36
CA SER T 105 12.79 -42.92 -13.11
C SER T 105 12.90 -42.39 -14.49
N TRP T 106 14.10 -41.97 -14.88
CA TRP T 106 14.34 -41.52 -16.26
C TRP T 106 14.46 -42.68 -17.25
N LEU T 107 13.39 -42.89 -18.02
CA LEU T 107 13.37 -43.93 -19.03
C LEU T 107 13.60 -43.37 -20.43
N THR T 108 14.65 -43.83 -21.09
CA THR T 108 14.83 -43.54 -22.50
C THR T 108 14.83 -44.84 -23.30
N VAL T 109 13.89 -44.92 -24.24
CA VAL T 109 13.79 -46.06 -25.17
C VAL T 109 14.42 -45.73 -26.52
N VAL T 110 15.21 -46.66 -27.04
CA VAL T 110 16.05 -46.48 -28.23
C VAL T 110 15.75 -47.55 -29.30
N GLU T 111 16.14 -47.29 -30.56
CA GLU T 111 15.95 -48.27 -31.64
C GLU T 111 16.91 -49.44 -31.51
N ASP T 112 18.16 -49.13 -31.24
CA ASP T 112 19.12 -50.11 -30.81
C ASP T 112 20.13 -49.43 -29.90
N LEU T 113 20.99 -50.26 -29.32
CA LEU T 113 21.88 -49.83 -28.25
C LEU T 113 23.02 -48.95 -28.76
N ASN T 114 23.12 -48.83 -30.07
CA ASN T 114 24.12 -48.01 -30.75
C ASN T 114 24.02 -46.53 -30.45
N LYS T 115 22.82 -46.08 -30.04
CA LYS T 115 22.53 -44.67 -29.82
C LYS T 115 23.18 -44.12 -28.55
N VAL T 116 23.56 -45.03 -27.66
CA VAL T 116 24.09 -44.67 -26.35
C VAL T 116 25.56 -44.33 -26.42
N PHE T 117 25.90 -43.14 -25.93
CA PHE T 117 27.27 -42.62 -25.94
C PHE T 117 27.53 -41.93 -24.61
N PRO T 118 28.73 -42.12 -24.03
CA PRO T 118 29.05 -41.44 -22.77
C PRO T 118 29.51 -40.00 -23.02
N PRO T 119 29.60 -39.19 -21.96
CA PRO T 119 30.06 -37.80 -22.13
C PRO T 119 31.57 -37.66 -22.31
N GLU T 120 31.99 -36.66 -23.08
CA GLU T 120 33.36 -36.18 -22.99
C GLU T 120 33.32 -35.00 -22.02
N VAL T 121 34.33 -34.89 -21.17
CA VAL T 121 34.36 -33.84 -20.15
C VAL T 121 35.61 -32.98 -20.34
N ALA T 122 35.43 -31.66 -20.42
CA ALA T 122 36.55 -30.72 -20.55
C ALA T 122 36.38 -29.54 -19.60
N VAL T 123 37.50 -28.98 -19.18
CA VAL T 123 37.52 -27.91 -18.18
C VAL T 123 38.30 -26.75 -18.76
N PHE T 124 37.67 -25.59 -18.72
CA PHE T 124 38.26 -24.40 -19.31
C PHE T 124 38.71 -23.48 -18.20
N GLU T 125 39.93 -22.96 -18.33
CA GLU T 125 40.47 -22.09 -17.29
C GLU T 125 39.85 -20.71 -17.36
N PRO T 126 39.70 -20.03 -16.22
CA PRO T 126 39.27 -18.63 -16.21
C PRO T 126 40.13 -17.72 -17.09
N SER T 127 39.50 -16.70 -17.67
CA SER T 127 40.23 -15.76 -18.50
C SER T 127 40.95 -14.72 -17.64
N GLU T 128 42.20 -14.40 -17.98
CA GLU T 128 42.89 -13.30 -17.29
C GLU T 128 42.20 -11.93 -17.44
N ALA T 129 41.44 -11.75 -18.51
CA ALA T 129 40.62 -10.54 -18.65
C ALA T 129 39.59 -10.47 -17.52
N GLU T 130 38.94 -11.61 -17.24
CA GLU T 130 37.99 -11.75 -16.13
C GLU T 130 38.64 -11.57 -14.78
N ILE T 131 39.88 -12.05 -14.65
CA ILE T 131 40.62 -11.96 -13.41
C ILE T 131 40.92 -10.50 -13.07
N SER T 132 41.42 -9.75 -14.04
CA SER T 132 41.84 -8.36 -13.80
C SER T 132 40.73 -7.35 -13.71
N HIS T 133 39.68 -7.55 -14.50
CA HIS T 133 38.53 -6.66 -14.43
C HIS T 133 37.68 -6.88 -13.17
N THR T 134 37.47 -8.13 -12.79
CA THR T 134 36.47 -8.45 -11.75
C THR T 134 37.00 -9.12 -10.49
N GLN T 135 38.34 -9.24 -10.37
CA GLN T 135 39.02 -10.04 -9.34
C GLN T 135 38.35 -11.37 -8.95
N LYS T 136 37.58 -11.93 -9.88
CA LYS T 136 36.98 -13.26 -9.70
C LYS T 136 37.37 -14.22 -10.85
N ALA T 137 37.28 -15.52 -10.61
CA ALA T 137 37.71 -16.52 -11.61
C ALA T 137 36.70 -17.65 -11.89
N THR T 138 36.05 -17.59 -13.04
CA THR T 138 35.02 -18.53 -13.35
C THR T 138 35.58 -19.66 -14.18
N LEU T 139 35.51 -20.87 -13.64
CA LEU T 139 35.89 -22.05 -14.38
C LEU T 139 34.67 -22.60 -15.07
N VAL T 140 34.81 -23.01 -16.32
CA VAL T 140 33.71 -23.65 -17.05
C VAL T 140 34.02 -25.13 -17.36
N CYS T 141 33.01 -25.97 -17.22
CA CYS T 141 33.12 -27.37 -17.59
C CYS T 141 32.08 -27.74 -18.62
N LEU T 142 32.48 -28.61 -19.55
CA LEU T 142 31.61 -29.04 -20.64
C LEU T 142 31.52 -30.55 -20.83
N ALA T 143 30.34 -31.08 -20.59
CA ALA T 143 30.08 -32.45 -20.96
C ALA T 143 29.36 -32.46 -22.30
N THR T 144 29.96 -33.15 -23.26
CA THR T 144 29.46 -33.17 -24.64
C THR T 144 29.31 -34.58 -25.19
N GLY T 145 28.47 -34.71 -26.21
CA GLY T 145 28.37 -35.94 -26.98
C GLY T 145 27.65 -37.08 -26.29
N PHE T 146 26.92 -36.81 -25.21
CA PHE T 146 26.25 -37.91 -24.52
C PHE T 146 24.80 -38.13 -24.90
N PHE T 147 24.51 -39.32 -25.42
CA PHE T 147 23.14 -39.80 -25.42
C PHE T 147 23.11 -40.67 -24.19
N PRO T 148 21.99 -41.34 -23.88
CA PRO T 148 21.13 -41.14 -22.76
C PRO T 148 21.32 -39.85 -22.01
N ASP T 149 20.20 -39.19 -21.80
CA ASP T 149 20.13 -37.91 -21.16
C ASP T 149 20.34 -37.99 -19.64
N HIS T 150 21.21 -38.89 -19.18
CA HIS T 150 21.31 -39.18 -17.74
C HIS T 150 22.68 -38.90 -17.15
N VAL T 151 22.87 -37.68 -16.66
CA VAL T 151 24.15 -37.25 -16.13
C VAL T 151 23.99 -36.53 -14.83
N GLU T 152 25.00 -36.58 -13.98
CA GLU T 152 25.02 -35.85 -12.71
C GLU T 152 26.41 -35.26 -12.51
N LEU T 153 26.49 -33.94 -12.47
CA LEU T 153 27.77 -33.23 -12.50
C LEU T 153 28.11 -32.59 -11.16
N SER T 154 29.37 -32.67 -10.77
CA SER T 154 29.79 -32.15 -9.46
C SER T 154 31.16 -31.46 -9.58
N TRP T 155 31.43 -30.53 -8.67
CA TRP T 155 32.72 -29.86 -8.65
C TRP T 155 33.47 -30.26 -7.38
N TRP T 156 34.73 -30.64 -7.59
CA TRP T 156 35.62 -31.01 -6.53
C TRP T 156 36.76 -30.01 -6.45
N VAL T 157 36.96 -29.43 -5.26
CA VAL T 157 38.09 -28.55 -4.98
C VAL T 157 38.89 -29.19 -3.86
N ASN T 158 40.17 -29.39 -4.14
CA ASN T 158 41.11 -30.12 -3.27
C ASN T 158 40.54 -31.47 -2.79
N GLY T 159 39.97 -32.18 -3.75
CA GLY T 159 39.39 -33.50 -3.54
C GLY T 159 38.15 -33.54 -2.68
N LYS T 160 37.72 -32.38 -2.18
CA LYS T 160 36.50 -32.26 -1.38
C LYS T 160 35.47 -31.51 -2.18
N GLU T 161 34.28 -32.06 -2.28
CA GLU T 161 33.29 -31.53 -3.17
C GLU T 161 32.89 -30.10 -2.80
N VAL T 162 32.36 -29.36 -3.77
CA VAL T 162 31.91 -28.00 -3.53
C VAL T 162 30.46 -27.75 -3.99
N HIS T 163 29.77 -26.81 -3.34
CA HIS T 163 28.46 -26.38 -3.81
C HIS T 163 28.37 -24.88 -3.97
N SER T 164 29.13 -24.16 -3.15
CA SER T 164 29.17 -22.70 -3.16
C SER T 164 29.71 -22.15 -4.48
N GLY T 165 29.04 -21.14 -5.01
CA GLY T 165 29.44 -20.49 -6.27
C GLY T 165 29.54 -21.42 -7.46
N VAL T 166 28.52 -22.26 -7.64
CA VAL T 166 28.49 -23.31 -8.66
C VAL T 166 27.16 -23.21 -9.39
N CYS T 167 27.15 -23.44 -10.69
CA CYS T 167 25.87 -23.37 -11.42
C CYS T 167 25.79 -24.28 -12.61
N THR T 168 25.09 -25.40 -12.46
CA THR T 168 24.97 -26.34 -13.56
C THR T 168 23.66 -26.13 -14.32
N ASP T 169 23.72 -26.25 -15.63
CA ASP T 169 22.52 -26.19 -16.47
C ASP T 169 21.54 -27.30 -16.14
N PRO T 170 20.29 -26.90 -15.83
CA PRO T 170 19.18 -27.85 -15.69
C PRO T 170 18.78 -28.37 -17.07
N GLN T 171 18.99 -27.53 -18.07
CA GLN T 171 18.74 -27.91 -19.44
C GLN T 171 19.98 -28.54 -20.11
N PRO T 172 19.83 -29.79 -20.61
CA PRO T 172 20.79 -30.33 -21.55
C PRO T 172 20.38 -29.89 -22.96
N LEU T 173 21.34 -29.57 -23.83
CA LEU T 173 20.96 -29.24 -25.18
C LEU T 173 21.35 -30.27 -26.23
N LYS T 174 20.41 -30.51 -27.14
CA LYS T 174 20.62 -31.36 -28.28
C LYS T 174 21.71 -30.72 -29.12
N GLU T 175 22.83 -31.43 -29.25
CA GLU T 175 23.88 -31.01 -30.15
C GLU T 175 23.24 -30.88 -31.52
N GLN T 176 22.06 -31.48 -31.68
CA GLN T 176 21.34 -31.46 -32.95
C GLN T 176 19.82 -31.48 -32.74
N PRO T 177 19.20 -30.29 -32.56
CA PRO T 177 17.76 -30.21 -32.24
C PRO T 177 16.86 -30.76 -33.35
N ALA T 178 17.23 -30.54 -34.62
CA ALA T 178 16.54 -31.15 -35.74
C ALA T 178 17.06 -32.58 -35.93
N LEU T 179 16.86 -33.40 -34.90
CA LEU T 179 17.22 -34.83 -34.84
C LEU T 179 16.52 -35.49 -33.64
N ASN T 180 16.02 -36.70 -33.85
CA ASN T 180 15.25 -37.40 -32.82
C ASN T 180 16.02 -37.61 -31.50
N ASP T 181 16.95 -38.56 -31.55
CA ASP T 181 17.74 -39.04 -30.42
C ASP T 181 19.14 -38.38 -30.45
N SER T 182 19.16 -37.12 -30.86
CA SER T 182 20.38 -36.33 -30.87
C SER T 182 21.09 -36.44 -29.55
N ARG T 183 22.41 -36.48 -29.62
CA ARG T 183 23.26 -36.46 -28.44
C ARG T 183 23.17 -35.08 -27.75
N TYR T 184 23.62 -35.02 -26.49
CA TYR T 184 23.43 -33.86 -25.65
C TYR T 184 24.75 -33.28 -25.19
N ALA T 185 24.69 -32.04 -24.70
CA ALA T 185 25.80 -31.33 -24.04
C ALA T 185 25.32 -30.57 -22.80
N LEU T 186 26.25 -30.21 -21.90
CA LEU T 186 25.86 -29.61 -20.60
C LEU T 186 27.04 -28.85 -19.99
N SER T 187 26.80 -27.63 -19.55
CA SER T 187 27.87 -26.85 -18.93
C SER T 187 27.63 -26.54 -17.46
N SER T 188 28.71 -26.15 -16.79
CA SER T 188 28.67 -25.74 -15.41
C SER T 188 29.67 -24.62 -15.26
N ARG T 189 29.53 -23.88 -14.16
CA ARG T 189 30.48 -22.88 -13.76
C ARG T 189 30.84 -23.06 -12.27
N LEU T 190 32.09 -22.78 -11.93
CA LEU T 190 32.53 -22.71 -10.54
C LEU T 190 33.33 -21.43 -10.44
N ARG T 191 32.82 -20.48 -9.67
CA ARG T 191 33.45 -19.17 -9.57
C ARG T 191 34.13 -19.03 -8.22
N VAL T 192 35.37 -18.55 -8.25
CA VAL T 192 36.14 -18.36 -7.03
C VAL T 192 36.81 -16.98 -7.08
N SER T 193 37.43 -16.57 -5.98
CA SER T 193 38.14 -15.30 -6.00
C SER T 193 39.42 -15.48 -6.81
N ALA T 194 39.95 -14.37 -7.34
CA ALA T 194 41.17 -14.41 -8.15
C ALA T 194 42.33 -14.93 -7.33
N THR T 195 42.28 -14.65 -6.03
CA THR T 195 43.29 -15.09 -5.07
C THR T 195 43.35 -16.63 -4.96
N PHE T 196 42.19 -17.26 -4.94
CA PHE T 196 42.11 -18.71 -4.87
C PHE T 196 42.63 -19.41 -6.12
N TRP T 197 42.23 -18.95 -7.29
CA TRP T 197 42.66 -19.59 -8.53
C TRP T 197 44.13 -19.29 -8.89
N GLN T 198 44.67 -18.20 -8.35
CA GLN T 198 46.05 -17.84 -8.67
C GLN T 198 47.04 -18.63 -7.82
N ASN T 199 46.55 -19.71 -7.22
CA ASN T 199 47.36 -20.63 -6.43
C ASN T 199 47.49 -22.01 -7.11
N PRO T 200 48.66 -22.27 -7.73
CA PRO T 200 48.98 -23.56 -8.37
C PRO T 200 48.68 -24.81 -7.54
N ARG T 201 48.79 -24.72 -6.21
CA ARG T 201 48.52 -25.86 -5.32
C ARG T 201 47.05 -26.28 -5.29
N ASN T 202 46.17 -25.38 -5.74
CA ASN T 202 44.73 -25.65 -5.78
C ASN T 202 44.30 -26.45 -7.02
N HIS T 203 43.69 -27.60 -6.75
CA HIS T 203 43.23 -28.53 -7.76
C HIS T 203 41.70 -28.50 -7.92
N PHE T 204 41.25 -28.36 -9.17
CA PHE T 204 39.83 -28.27 -9.55
C PHE T 204 39.45 -29.40 -10.47
N ARG T 205 38.36 -30.09 -10.18
CA ARG T 205 38.00 -31.29 -10.91
C ARG T 205 36.51 -31.31 -11.22
N CYS T 206 36.19 -31.37 -12.49
CA CYS T 206 34.82 -31.41 -12.95
C CYS T 206 34.41 -32.83 -13.27
N GLN T 207 33.46 -33.36 -12.49
CA GLN T 207 33.14 -34.78 -12.53
C GLN T 207 31.69 -35.02 -12.97
N VAL T 208 31.48 -36.06 -13.76
CA VAL T 208 30.18 -36.34 -14.42
C VAL T 208 29.84 -37.83 -14.35
N GLN T 209 28.77 -38.17 -13.66
CA GLN T 209 28.37 -39.56 -13.47
C GLN T 209 27.40 -39.94 -14.58
N PHE T 210 27.82 -40.85 -15.44
CA PHE T 210 27.00 -41.25 -16.59
C PHE T 210 26.25 -42.55 -16.41
N TYR T 211 24.94 -42.49 -16.45
CA TYR T 211 24.15 -43.72 -16.45
C TYR T 211 23.92 -44.17 -17.87
N GLY T 212 24.63 -45.25 -18.21
CA GLY T 212 24.56 -45.87 -19.51
C GLY T 212 24.30 -47.33 -19.29
N LEU T 213 24.71 -48.14 -20.26
CA LEU T 213 24.52 -49.58 -20.23
C LEU T 213 25.12 -50.26 -19.00
N SER T 214 24.80 -51.53 -18.86
CA SER T 214 25.18 -52.29 -17.70
C SER T 214 25.93 -53.52 -18.18
N GLU T 215 26.35 -54.33 -17.21
CA GLU T 215 27.12 -55.53 -17.46
C GLU T 215 26.36 -56.53 -18.33
N ASN T 216 25.03 -56.53 -18.21
CA ASN T 216 24.18 -57.47 -18.94
C ASN T 216 23.83 -57.11 -20.39
N ASP T 217 24.26 -55.93 -20.85
CA ASP T 217 23.96 -55.49 -22.22
C ASP T 217 25.03 -55.95 -23.22
N GLU T 218 24.61 -56.75 -24.19
CA GLU T 218 25.47 -57.22 -25.28
C GLU T 218 26.02 -56.03 -26.08
N TRP T 219 27.35 -55.92 -26.14
CA TRP T 219 28.01 -54.83 -26.86
C TRP T 219 28.75 -55.30 -28.09
N THR T 220 28.27 -54.88 -29.25
CA THR T 220 28.76 -55.32 -30.56
C THR T 220 29.74 -54.35 -31.25
N GLN T 221 29.54 -53.05 -31.04
CA GLN T 221 30.29 -51.98 -31.72
C GLN T 221 31.78 -51.92 -31.35
N ASP T 222 32.57 -51.33 -32.25
CA ASP T 222 34.02 -51.19 -32.07
C ASP T 222 34.48 -50.25 -30.96
N ARG T 223 33.75 -49.17 -30.72
CA ARG T 223 34.13 -48.20 -29.69
C ARG T 223 33.96 -48.74 -28.27
N ALA T 224 34.40 -47.94 -27.30
CA ALA T 224 34.27 -48.30 -25.89
C ALA T 224 32.81 -48.46 -25.51
N LYS T 225 32.44 -49.66 -25.08
CA LYS T 225 31.11 -49.90 -24.52
C LYS T 225 30.73 -48.77 -23.58
N PRO T 226 29.66 -48.02 -23.90
CA PRO T 226 29.12 -46.94 -23.07
C PRO T 226 28.35 -47.46 -21.86
N VAL T 227 29.12 -48.04 -20.94
CA VAL T 227 28.58 -48.50 -19.68
C VAL T 227 28.41 -47.33 -18.70
N THR T 228 27.86 -47.62 -17.52
CA THR T 228 27.79 -46.57 -16.49
C THR T 228 29.20 -46.30 -15.94
N GLN T 229 29.58 -45.03 -15.89
CA GLN T 229 30.95 -44.59 -15.54
C GLN T 229 31.07 -43.15 -15.05
N ILE T 230 32.31 -42.77 -14.76
CA ILE T 230 32.70 -41.44 -14.36
C ILE T 230 33.76 -40.88 -15.33
N VAL T 231 33.34 -39.94 -16.17
CA VAL T 231 34.27 -39.20 -17.02
C VAL T 231 34.43 -37.84 -16.34
N SER T 232 35.65 -37.32 -16.32
CA SER T 232 35.94 -36.07 -15.61
C SER T 232 37.14 -35.32 -16.23
N ALA T 233 37.35 -34.08 -15.78
CA ALA T 233 38.50 -33.27 -16.22
C ALA T 233 38.96 -32.34 -15.12
N GLU T 234 40.18 -31.80 -15.30
CA GLU T 234 40.85 -31.10 -14.22
C GLU T 234 41.77 -29.97 -14.67
N ALA T 235 41.96 -29.01 -13.78
CA ALA T 235 42.94 -27.95 -13.98
C ALA T 235 43.53 -27.61 -12.62
N TRP T 236 44.83 -27.35 -12.62
CA TRP T 236 45.45 -26.79 -11.43
C TRP T 236 45.35 -25.24 -11.45
N GLY T 237 45.85 -24.56 -10.43
CA GLY T 237 45.88 -23.09 -10.42
C GLY T 237 47.05 -22.54 -11.22
N ARG T 238 47.02 -21.22 -11.47
CA ARG T 238 48.03 -20.55 -12.28
C ARG T 238 48.32 -19.14 -11.77
N ALA T 239 49.61 -18.77 -11.77
CA ALA T 239 50.02 -17.42 -11.37
C ALA T 239 50.34 -16.54 -12.58
N ASP T 240 51.27 -17.03 -13.41
CA ASP T 240 51.86 -16.33 -14.58
C ASP T 240 51.83 -14.79 -14.60
#